data_2OII
#
_entry.id   2OII
#
_entity_poly.entity_id   1
_entity_poly.type   'polypeptide(L)'
_entity_poly.pdbx_seq_one_letter_code
;MRGSHHHHHHGSPVPQVAFSAALSLPRSEPGTVPFDRVLLNDGGYYDPETGVFTAPLAGRYLLSAVLTGHRHEKVEAVLS
RSNQGVARVDSGGYEPEGLENKPVAESQPSPGTLGVFSLILPLQAGDTVCVDLVMGQLAHSEEPLTIFSGALLYGDPELE
HA
;
_entity_poly.pdbx_strand_id   A,B,C
#
# COMPACT_ATOMS: atom_id res chain seq x y z
N PRO A 13 -8.76 -20.00 -18.13
CA PRO A 13 -9.56 -20.37 -16.92
C PRO A 13 -9.47 -19.24 -15.88
N VAL A 14 -10.14 -19.41 -14.77
CA VAL A 14 -10.10 -18.35 -13.72
C VAL A 14 -9.73 -18.97 -12.36
N PRO A 15 -8.51 -18.75 -11.92
CA PRO A 15 -8.06 -19.31 -10.62
C PRO A 15 -8.78 -18.63 -9.45
N GLN A 16 -9.30 -17.43 -9.67
CA GLN A 16 -10.04 -16.65 -8.60
C GLN A 16 -9.62 -17.02 -7.16
N VAL A 17 -8.41 -16.70 -6.78
CA VAL A 17 -7.93 -17.06 -5.40
C VAL A 17 -7.56 -15.81 -4.61
N ALA A 18 -7.99 -15.75 -3.37
CA ALA A 18 -7.63 -14.59 -2.50
C ALA A 18 -7.17 -15.20 -1.18
N PHE A 19 -6.31 -14.56 -0.41
CA PHE A 19 -5.90 -15.20 0.88
C PHE A 19 -5.45 -14.11 1.86
N SER A 20 -5.86 -14.21 3.10
CA SER A 20 -5.47 -13.19 4.12
C SER A 20 -5.94 -13.67 5.48
N ALA A 21 -5.10 -13.62 6.50
CA ALA A 21 -5.54 -14.08 7.85
C ALA A 21 -5.08 -13.08 8.91
N ALA A 22 -5.76 -13.01 10.02
CA ALA A 22 -5.37 -12.03 11.08
C ALA A 22 -5.08 -12.72 12.42
N LEU A 23 -4.08 -12.24 13.11
CA LEU A 23 -3.74 -12.83 14.44
C LEU A 23 -4.08 -11.84 15.54
N SER A 24 -4.64 -12.31 16.63
CA SER A 24 -5.02 -11.39 17.75
C SER A 24 -5.09 -12.14 19.09
N LEU A 25 -4.47 -13.31 19.20
CA LEU A 25 -4.49 -14.11 20.49
C LEU A 25 -4.50 -13.22 21.76
N PRO A 26 -4.94 -13.78 22.87
CA PRO A 26 -5.04 -13.01 24.14
C PRO A 26 -3.69 -12.46 24.65
N ARG A 27 -2.96 -13.19 25.45
CA ARG A 27 -1.68 -12.65 26.01
C ARG A 27 -0.49 -13.62 25.76
N SER A 28 0.43 -13.74 26.72
CA SER A 28 1.63 -14.64 26.56
C SER A 28 1.31 -15.93 25.80
N GLU A 29 1.98 -16.16 24.70
CA GLU A 29 1.75 -17.40 23.93
C GLU A 29 2.91 -18.37 24.22
N PRO A 30 2.69 -19.65 23.99
CA PRO A 30 3.77 -20.64 24.25
C PRO A 30 4.92 -20.50 23.23
N GLY A 31 4.68 -19.81 22.14
CA GLY A 31 5.75 -19.62 21.12
C GLY A 31 5.25 -18.72 20.00
N THR A 32 5.50 -19.06 18.77
CA THR A 32 5.06 -18.20 17.64
C THR A 32 3.54 -18.21 17.50
N VAL A 33 2.99 -17.18 16.92
CA VAL A 33 1.50 -17.06 16.83
C VAL A 33 0.91 -17.66 15.54
N PRO A 34 -0.19 -18.38 15.68
CA PRO A 34 -0.87 -18.96 14.51
C PRO A 34 -1.89 -17.92 13.99
N PHE A 35 -2.99 -18.32 13.38
CA PHE A 35 -3.96 -17.31 12.89
C PHE A 35 -5.39 -17.86 12.97
N ASP A 36 -6.27 -17.20 13.68
CA ASP A 36 -7.67 -17.72 13.79
C ASP A 36 -8.68 -16.81 13.09
N ARG A 37 -8.25 -15.69 12.55
CA ARG A 37 -9.22 -14.78 11.86
C ARG A 37 -9.33 -15.12 10.37
N VAL A 38 -10.20 -16.02 9.99
CA VAL A 38 -10.34 -16.35 8.53
C VAL A 38 -11.11 -15.24 7.82
N LEU A 39 -10.40 -14.32 7.22
CA LEU A 39 -11.08 -13.19 6.51
C LEU A 39 -11.44 -13.59 5.08
N LEU A 40 -10.53 -14.21 4.36
CA LEU A 40 -10.83 -14.64 2.96
C LEU A 40 -9.67 -15.50 2.46
N ASN A 41 -9.89 -16.79 2.32
CA ASN A 41 -8.80 -17.72 1.87
C ASN A 41 -9.30 -19.17 1.94
N ASP A 42 -10.04 -19.61 0.95
CA ASP A 42 -10.55 -21.02 1.00
C ASP A 42 -9.41 -22.05 0.84
N GLY A 43 -8.58 -21.88 -0.16
CA GLY A 43 -7.47 -22.85 -0.39
C GLY A 43 -6.38 -22.66 0.67
N GLY A 44 -6.23 -21.48 1.23
CA GLY A 44 -5.16 -21.27 2.25
C GLY A 44 -3.83 -21.09 1.50
N TYR A 45 -3.40 -22.11 0.80
CA TYR A 45 -2.14 -22.07 0.00
C TYR A 45 -0.87 -21.83 0.84
N TYR A 46 -0.79 -20.71 1.54
CA TYR A 46 0.45 -20.44 2.32
C TYR A 46 0.25 -20.50 3.85
N ASP A 47 0.71 -21.56 4.46
CA ASP A 47 0.53 -21.72 5.94
C ASP A 47 1.41 -20.71 6.70
N PRO A 48 0.78 -19.76 7.38
CA PRO A 48 1.55 -18.75 8.16
C PRO A 48 2.04 -19.33 9.50
N GLU A 49 1.68 -20.56 9.80
CA GLU A 49 2.15 -21.21 11.06
C GLU A 49 3.59 -21.65 10.85
N THR A 50 3.88 -22.06 9.65
CA THR A 50 5.27 -22.44 9.27
C THR A 50 5.83 -21.41 8.27
N GLY A 51 4.95 -20.65 7.64
CA GLY A 51 5.42 -19.64 6.63
C GLY A 51 5.72 -20.33 5.29
N VAL A 52 5.47 -21.61 5.20
CA VAL A 52 5.78 -22.31 3.92
C VAL A 52 4.74 -21.91 2.87
N PHE A 53 5.10 -20.91 2.09
CA PHE A 53 4.16 -20.37 1.07
C PHE A 53 4.29 -21.11 -0.26
N THR A 54 3.34 -21.95 -0.60
CA THR A 54 3.39 -22.66 -1.91
C THR A 54 2.49 -21.90 -2.88
N ALA A 55 3.05 -21.08 -3.72
CA ALA A 55 2.20 -20.26 -4.64
C ALA A 55 2.07 -20.83 -6.07
N PRO A 56 0.90 -21.37 -6.39
CA PRO A 56 0.64 -21.88 -7.76
C PRO A 56 0.05 -20.74 -8.62
N LEU A 57 -0.37 -19.66 -7.99
CA LEU A 57 -1.03 -18.51 -8.72
C LEU A 57 -0.44 -18.25 -10.12
N ALA A 58 0.86 -18.14 -10.24
CA ALA A 58 1.49 -17.88 -11.59
C ALA A 58 0.81 -16.67 -12.27
N GLY A 59 1.41 -15.51 -12.13
CA GLY A 59 0.83 -14.29 -12.73
C GLY A 59 1.38 -13.10 -11.93
N ARG A 60 0.61 -12.06 -11.82
CA ARG A 60 1.03 -10.88 -11.01
C ARG A 60 0.12 -10.80 -9.79
N TYR A 61 0.67 -10.73 -8.59
CA TYR A 61 -0.21 -10.69 -7.39
C TYR A 61 0.19 -9.53 -6.45
N LEU A 62 -0.73 -9.03 -5.67
CA LEU A 62 -0.43 -7.90 -4.75
C LEU A 62 -0.11 -8.43 -3.35
N LEU A 63 1.11 -8.25 -2.91
CA LEU A 63 1.51 -8.77 -1.56
C LEU A 63 1.73 -7.60 -0.58
N SER A 64 1.34 -7.79 0.66
CA SER A 64 1.51 -6.73 1.69
C SER A 64 1.77 -7.33 3.07
N ALA A 65 2.94 -7.09 3.62
CA ALA A 65 3.26 -7.63 4.97
C ALA A 65 3.26 -6.47 5.99
N VAL A 66 2.88 -6.73 7.21
CA VAL A 66 2.85 -5.63 8.22
C VAL A 66 4.17 -5.56 9.00
N LEU A 67 4.86 -4.46 8.94
CA LEU A 67 6.21 -4.36 9.60
C LEU A 67 6.17 -3.86 11.04
N THR A 68 6.50 -4.73 11.97
CA THR A 68 6.56 -4.31 13.41
C THR A 68 7.74 -3.34 13.53
N GLY A 69 7.60 -2.31 14.33
CA GLY A 69 8.71 -1.32 14.50
C GLY A 69 9.90 -1.96 15.22
N HIS A 70 9.74 -2.33 16.47
CA HIS A 70 10.86 -2.97 17.24
C HIS A 70 12.19 -2.21 17.04
N ARG A 71 12.25 -0.99 17.52
CA ARG A 71 13.50 -0.17 17.34
C ARG A 71 14.67 -0.72 18.18
N HIS A 72 14.44 -1.71 19.01
CA HIS A 72 15.54 -2.28 19.86
C HIS A 72 16.70 -2.88 19.04
N GLU A 73 16.71 -2.80 17.72
CA GLU A 73 17.83 -3.35 16.83
C GLU A 73 17.51 -4.77 16.32
N LYS A 74 18.52 -5.46 15.82
CA LYS A 74 18.39 -6.84 15.21
C LYS A 74 18.08 -6.69 13.72
N VAL A 75 18.29 -7.71 12.92
CA VAL A 75 18.00 -7.58 11.45
C VAL A 75 16.99 -8.64 11.00
N GLU A 76 15.86 -8.19 10.54
CA GLU A 76 14.82 -9.14 10.02
C GLU A 76 14.83 -9.02 8.49
N ALA A 77 14.87 -10.14 7.81
CA ALA A 77 14.84 -10.17 6.31
C ALA A 77 14.32 -11.55 5.90
N VAL A 78 13.22 -11.59 5.18
CA VAL A 78 12.64 -12.89 4.75
C VAL A 78 13.42 -13.49 3.56
N LEU A 79 13.76 -14.76 3.63
CA LEU A 79 14.48 -15.41 2.50
C LEU A 79 13.56 -15.42 1.28
N SER A 80 14.11 -15.49 0.09
CA SER A 80 13.26 -15.57 -1.12
C SER A 80 13.68 -16.79 -1.94
N ARG A 81 12.76 -17.57 -2.44
CA ARG A 81 13.16 -18.79 -3.22
C ARG A 81 13.96 -18.42 -4.49
N SER A 82 14.82 -19.34 -4.92
CA SER A 82 15.69 -19.17 -6.15
C SER A 82 16.99 -18.39 -5.84
N ASN A 83 16.97 -17.49 -4.89
CA ASN A 83 18.22 -16.71 -4.60
C ASN A 83 18.58 -16.79 -3.11
N GLN A 84 17.68 -17.09 -2.20
CA GLN A 84 18.03 -17.04 -0.73
C GLN A 84 18.27 -15.55 -0.40
N GLY A 85 18.39 -15.07 0.83
CA GLY A 85 18.57 -13.57 1.00
C GLY A 85 17.38 -12.91 0.28
N VAL A 86 17.63 -11.95 -0.58
CA VAL A 86 16.50 -11.26 -1.29
C VAL A 86 15.45 -10.80 -0.26
N ALA A 87 15.54 -9.58 0.19
CA ALA A 87 14.56 -9.10 1.21
C ALA A 87 13.36 -8.42 0.55
N ARG A 88 12.30 -9.15 0.30
CA ARG A 88 11.07 -8.50 -0.26
C ARG A 88 10.37 -7.85 0.92
N VAL A 89 10.30 -8.57 2.02
CA VAL A 89 9.75 -7.99 3.27
C VAL A 89 10.97 -7.65 4.12
N ASP A 90 11.60 -6.55 3.79
CA ASP A 90 12.86 -6.15 4.50
C ASP A 90 12.58 -5.32 5.75
N SER A 91 13.26 -5.65 6.80
CA SER A 91 13.12 -4.90 8.08
C SER A 91 14.50 -4.89 8.75
N GLY A 92 15.18 -3.78 8.68
CA GLY A 92 16.53 -3.68 9.30
C GLY A 92 16.42 -2.90 10.59
N GLY A 93 16.03 -3.56 11.64
CA GLY A 93 15.90 -2.87 12.95
C GLY A 93 17.25 -2.91 13.66
N THR A 113 22.77 -9.71 -7.82
CA THR A 113 21.84 -10.88 -7.79
C THR A 113 20.88 -10.76 -6.61
N LEU A 114 21.28 -10.10 -5.56
CA LEU A 114 20.38 -9.94 -4.37
C LEU A 114 19.89 -8.50 -4.26
N GLY A 115 18.61 -8.31 -4.12
CA GLY A 115 18.04 -6.93 -4.00
C GLY A 115 16.75 -6.98 -3.19
N VAL A 116 16.22 -5.84 -2.81
CA VAL A 116 14.96 -5.83 -2.01
C VAL A 116 13.84 -5.09 -2.78
N PHE A 117 12.68 -5.68 -2.83
CA PHE A 117 11.52 -5.04 -3.54
C PHE A 117 10.27 -5.17 -2.66
N SER A 118 9.33 -4.27 -2.79
CA SER A 118 8.10 -4.34 -1.94
C SER A 118 6.82 -4.45 -2.77
N LEU A 119 6.62 -3.55 -3.71
CA LEU A 119 5.36 -3.57 -4.52
C LEU A 119 5.20 -4.87 -5.32
N ILE A 120 5.92 -5.02 -6.41
CA ILE A 120 5.79 -6.22 -7.32
C ILE A 120 5.92 -7.59 -6.59
N LEU A 121 6.50 -8.59 -7.24
CA LEU A 121 6.67 -9.95 -6.61
C LEU A 121 7.15 -11.00 -7.62
N PRO A 122 8.45 -11.06 -7.86
CA PRO A 122 8.98 -12.08 -8.79
C PRO A 122 8.99 -13.44 -8.08
N LEU A 123 7.97 -14.25 -8.27
CA LEU A 123 7.92 -15.59 -7.61
C LEU A 123 7.79 -16.69 -8.65
N GLN A 124 8.42 -17.82 -8.41
CA GLN A 124 8.37 -18.95 -9.38
C GLN A 124 7.13 -19.83 -9.15
N ALA A 125 6.57 -20.52 -10.12
CA ALA A 125 5.34 -21.35 -9.79
C ALA A 125 5.69 -22.54 -8.90
N GLY A 126 5.10 -22.61 -7.73
CA GLY A 126 5.34 -23.75 -6.79
C GLY A 126 6.47 -23.43 -5.81
N ASP A 127 7.33 -22.52 -6.15
CA ASP A 127 8.47 -22.18 -5.24
C ASP A 127 7.94 -21.80 -3.83
N THR A 128 8.78 -21.67 -2.83
CA THR A 128 8.27 -21.36 -1.46
C THR A 128 9.11 -20.29 -0.75
N VAL A 129 8.46 -19.38 -0.06
CA VAL A 129 9.22 -18.32 0.67
C VAL A 129 9.35 -18.65 2.16
N CYS A 130 10.46 -18.28 2.75
CA CYS A 130 10.70 -18.59 4.20
C CYS A 130 11.33 -17.37 4.88
N VAL A 131 10.99 -17.12 6.13
CA VAL A 131 11.55 -15.94 6.86
C VAL A 131 12.83 -16.30 7.63
N ASP A 132 13.81 -15.45 7.53
CA ASP A 132 15.05 -15.61 8.36
C ASP A 132 14.79 -14.72 9.57
N LEU A 133 14.92 -15.29 10.74
CA LEU A 133 14.75 -14.51 12.00
C LEU A 133 15.90 -14.86 12.95
N VAL A 134 17.11 -14.58 12.53
CA VAL A 134 18.32 -14.87 13.37
C VAL A 134 19.46 -13.96 12.90
N MET A 135 19.69 -12.83 13.54
CA MET A 135 20.81 -11.95 13.11
C MET A 135 21.42 -11.33 14.36
N GLY A 136 21.89 -12.16 15.26
CA GLY A 136 22.49 -11.69 16.54
C GLY A 136 21.89 -12.55 17.65
N GLN A 137 22.70 -13.27 18.39
CA GLN A 137 22.14 -14.14 19.48
C GLN A 137 21.89 -13.31 20.75
N LEU A 138 22.91 -12.65 21.26
CA LEU A 138 22.72 -11.83 22.50
C LEU A 138 21.67 -10.74 22.26
N ALA A 139 20.42 -11.05 22.53
CA ALA A 139 19.34 -10.05 22.33
C ALA A 139 18.29 -10.17 23.44
N HIS A 140 17.06 -9.82 23.17
CA HIS A 140 15.99 -9.91 24.20
C HIS A 140 14.90 -10.89 23.76
N SER A 141 14.03 -11.27 24.66
CA SER A 141 12.94 -12.22 24.29
C SER A 141 11.62 -11.46 24.11
N GLU A 142 10.93 -11.69 23.02
CA GLU A 142 9.65 -10.97 22.78
C GLU A 142 8.76 -11.77 21.82
N GLU A 143 7.48 -11.50 21.84
CA GLU A 143 6.53 -12.23 20.92
C GLU A 143 5.52 -11.24 20.33
N PRO A 144 5.90 -10.60 19.25
CA PRO A 144 4.99 -9.61 18.61
C PRO A 144 3.85 -10.31 17.87
N LEU A 145 3.08 -9.54 17.13
CA LEU A 145 1.96 -10.09 16.32
C LEU A 145 2.16 -9.61 14.89
N THR A 146 1.61 -10.30 13.90
CA THR A 146 1.81 -9.83 12.49
C THR A 146 0.62 -10.22 11.61
N ILE A 147 0.23 -9.35 10.71
CA ILE A 147 -0.92 -9.64 9.81
C ILE A 147 -0.38 -9.92 8.40
N PHE A 148 -0.78 -11.02 7.80
CA PHE A 148 -0.25 -11.35 6.43
C PHE A 148 -1.37 -11.44 5.39
N SER A 149 -1.60 -10.39 4.65
CA SER A 149 -2.66 -10.42 3.59
C SER A 149 -1.99 -10.44 2.22
N GLY A 150 -2.67 -10.89 1.20
CA GLY A 150 -2.07 -10.92 -0.17
C GLY A 150 -3.18 -11.37 -1.14
N ALA A 151 -3.65 -10.48 -1.99
CA ALA A 151 -4.80 -10.84 -2.87
C ALA A 151 -4.42 -11.05 -4.35
N LEU A 152 -5.10 -11.91 -5.07
CA LEU A 152 -4.74 -12.11 -6.52
C LEU A 152 -5.15 -10.88 -7.33
N LEU A 153 -4.29 -10.44 -8.22
CA LEU A 153 -4.61 -9.26 -9.06
C LEU A 153 -4.91 -9.71 -10.50
N TYR A 154 -3.97 -10.36 -11.13
CA TYR A 154 -4.17 -10.86 -12.52
C TYR A 154 -3.46 -12.21 -12.64
N GLY A 155 -3.96 -13.15 -13.41
CA GLY A 155 -3.27 -14.47 -13.54
C GLY A 155 -2.74 -14.58 -14.98
N ASP A 156 -1.82 -15.46 -15.24
CA ASP A 156 -1.29 -15.62 -16.63
C ASP A 156 -2.31 -16.40 -17.49
N PRO A 157 -2.92 -15.73 -18.44
CA PRO A 157 -3.92 -16.38 -19.29
C PRO A 157 -3.29 -16.96 -20.57
N GLU A 158 -2.54 -18.03 -20.41
CA GLU A 158 -1.80 -18.67 -21.56
C GLU A 158 -0.71 -17.71 -22.02
N LEU A 159 -1.10 -16.66 -22.68
CA LEU A 159 -0.11 -15.65 -23.19
C LEU A 159 1.04 -16.30 -23.97
N GLU A 160 0.86 -17.51 -24.47
CA GLU A 160 1.96 -18.17 -25.24
C GLU A 160 1.76 -17.94 -26.74
N HIS A 161 2.81 -18.04 -27.51
CA HIS A 161 2.69 -17.83 -28.98
C HIS A 161 3.65 -18.77 -29.73
N ALA A 162 3.19 -19.92 -30.16
CA ALA A 162 4.08 -20.88 -30.89
C ALA A 162 4.78 -20.17 -32.06
N PRO B 13 -22.35 -6.15 -16.35
CA PRO B 13 -22.28 -4.68 -16.53
C PRO B 13 -20.96 -4.16 -15.97
N VAL B 14 -20.73 -2.87 -16.08
CA VAL B 14 -19.46 -2.29 -15.55
C VAL B 14 -19.77 -1.09 -14.64
N PRO B 15 -19.63 -1.28 -13.34
CA PRO B 15 -19.91 -0.19 -12.39
C PRO B 15 -18.84 0.92 -12.50
N GLN B 16 -17.67 0.60 -13.04
CA GLN B 16 -16.56 1.61 -13.22
C GLN B 16 -16.61 2.78 -12.20
N VAL B 17 -16.40 2.51 -10.95
CA VAL B 17 -16.46 3.60 -9.93
C VAL B 17 -15.12 3.78 -9.20
N ALA B 18 -14.68 5.00 -9.05
CA ALA B 18 -13.42 5.26 -8.31
C ALA B 18 -13.74 6.38 -7.33
N PHE B 19 -13.06 6.51 -6.21
CA PHE B 19 -13.40 7.63 -5.30
C PHE B 19 -12.18 7.97 -4.42
N SER B 20 -11.90 9.23 -4.25
CA SER B 20 -10.73 9.65 -3.43
C SER B 20 -10.78 11.17 -3.26
N ALA B 21 -10.59 11.68 -2.06
CA ALA B 21 -10.64 13.17 -1.87
C ALA B 21 -9.48 13.59 -0.97
N ALA B 22 -9.05 14.82 -1.09
CA ALA B 22 -7.90 15.29 -0.25
C ALA B 22 -8.25 16.52 0.59
N LEU B 23 -7.77 16.56 1.80
CA LEU B 23 -8.05 17.73 2.68
C LEU B 23 -6.77 18.54 2.88
N SER B 24 -6.87 19.85 2.85
CA SER B 24 -5.65 20.70 3.03
C SER B 24 -6.02 22.10 3.54
N LEU B 25 -7.20 22.28 4.11
CA LEU B 25 -7.65 23.64 4.63
C LEU B 25 -6.48 24.48 5.21
N PRO B 26 -6.68 25.78 5.29
CA PRO B 26 -5.60 26.70 5.77
C PRO B 26 -5.14 26.41 7.21
N ARG B 27 -5.75 27.02 8.22
CA ARG B 27 -5.29 26.80 9.62
C ARG B 27 -6.45 26.38 10.55
N SER B 28 -6.46 26.86 11.79
CA SER B 28 -7.54 26.49 12.78
C SER B 28 -8.92 26.34 12.12
N GLU B 29 -9.52 25.19 12.24
CA GLU B 29 -10.87 24.98 11.67
C GLU B 29 -11.90 25.03 12.82
N PRO B 30 -13.14 25.29 12.49
CA PRO B 30 -14.19 25.36 13.54
C PRO B 30 -14.48 23.96 14.12
N GLY B 31 -14.05 22.93 13.45
CA GLY B 31 -14.29 21.55 13.97
C GLY B 31 -13.63 20.52 13.05
N THR B 32 -14.31 19.46 12.73
CA THR B 32 -13.69 18.41 11.85
C THR B 32 -13.52 18.93 10.43
N VAL B 33 -12.60 18.35 9.70
CA VAL B 33 -12.28 18.85 8.32
C VAL B 33 -13.09 18.16 7.21
N PRO B 34 -13.59 18.95 6.28
CA PRO B 34 -14.33 18.39 5.13
C PRO B 34 -13.32 18.06 4.02
N PHE B 35 -13.69 18.11 2.76
CA PHE B 35 -12.69 17.79 1.69
C PHE B 35 -12.99 18.60 0.42
N ASP B 36 -12.05 19.40 -0.03
CA ASP B 36 -12.31 20.23 -1.26
C ASP B 36 -11.46 19.77 -2.45
N ARG B 37 -10.59 18.81 -2.27
CA ARG B 37 -9.75 18.35 -3.43
C ARG B 37 -10.44 17.21 -4.19
N VAL B 38 -11.25 17.50 -5.17
CA VAL B 38 -11.93 16.41 -5.93
C VAL B 38 -10.93 15.79 -6.90
N LEU B 39 -10.31 14.71 -6.51
CA LEU B 39 -9.31 14.06 -7.41
C LEU B 39 -9.98 13.07 -8.37
N LEU B 40 -10.90 12.27 -7.88
CA LEU B 40 -11.60 11.30 -8.78
C LEU B 40 -12.73 10.64 -7.99
N ASN B 41 -13.97 10.99 -8.27
CA ASN B 41 -15.14 10.42 -7.51
C ASN B 41 -16.43 11.11 -7.97
N ASP B 42 -16.99 10.69 -9.08
CA ASP B 42 -18.25 11.36 -9.55
C ASP B 42 -19.43 11.04 -8.63
N GLY B 43 -19.65 9.79 -8.32
CA GLY B 43 -20.80 9.41 -7.44
C GLY B 43 -20.52 9.82 -5.99
N GLY B 44 -19.28 9.91 -5.59
CA GLY B 44 -18.98 10.27 -4.17
C GLY B 44 -19.18 9.02 -3.30
N TYR B 45 -20.41 8.54 -3.25
CA TYR B 45 -20.76 7.30 -2.47
C TYR B 45 -20.50 7.44 -0.96
N TYR B 46 -19.28 7.69 -0.54
CA TYR B 46 -19.01 7.76 0.92
C TYR B 46 -18.64 9.18 1.42
N ASP B 47 -19.58 9.83 2.07
CA ASP B 47 -19.34 11.23 2.55
C ASP B 47 -18.30 11.22 3.69
N PRO B 48 -17.12 11.79 3.46
CA PRO B 48 -16.08 11.85 4.51
C PRO B 48 -16.37 12.98 5.53
N GLU B 49 -17.41 13.74 5.31
CA GLU B 49 -17.78 14.82 6.27
C GLU B 49 -18.48 14.17 7.47
N THR B 50 -19.22 13.13 7.19
CA THR B 50 -19.89 12.34 8.25
C THR B 50 -19.23 10.95 8.33
N GLY B 51 -18.54 10.55 7.28
CA GLY B 51 -17.89 9.19 7.27
C GLY B 51 -18.93 8.11 6.95
N VAL B 52 -20.15 8.50 6.66
CA VAL B 52 -21.19 7.48 6.37
C VAL B 52 -20.90 6.88 4.98
N PHE B 53 -20.20 5.78 4.98
CA PHE B 53 -19.81 5.13 3.69
C PHE B 53 -20.86 4.14 3.21
N THR B 54 -21.62 4.49 2.20
CA THR B 54 -22.63 3.55 1.65
C THR B 54 -22.01 2.87 0.42
N ALA B 55 -21.53 1.66 0.58
CA ALA B 55 -20.84 0.97 -0.57
C ALA B 55 -21.73 -0.03 -1.33
N PRO B 56 -22.15 0.34 -2.52
CA PRO B 56 -22.94 -0.59 -3.37
C PRO B 56 -21.98 -1.41 -4.26
N LEU B 57 -20.71 -1.01 -4.33
CA LEU B 57 -19.70 -1.71 -5.22
C LEU B 57 -19.90 -3.23 -5.30
N ALA B 58 -20.02 -3.91 -4.17
CA ALA B 58 -20.20 -5.40 -4.21
C ALA B 58 -19.11 -6.06 -5.08
N GLY B 59 -18.06 -6.53 -4.46
CA GLY B 59 -16.95 -7.16 -5.21
C GLY B 59 -15.71 -7.04 -4.34
N ARG B 60 -14.57 -6.94 -4.95
CA ARG B 60 -13.30 -6.76 -4.19
C ARG B 60 -12.78 -5.34 -4.47
N TYR B 61 -12.49 -4.57 -3.46
CA TYR B 61 -12.02 -3.17 -3.71
C TYR B 61 -10.73 -2.87 -2.91
N LEU B 62 -9.93 -1.95 -3.39
CA LEU B 62 -8.66 -1.60 -2.69
C LEU B 62 -8.86 -0.37 -1.80
N LEU B 63 -8.76 -0.55 -0.51
CA LEU B 63 -8.97 0.60 0.44
C LEU B 63 -7.64 1.02 1.08
N SER B 64 -7.47 2.29 1.30
CA SER B 64 -6.20 2.79 1.93
C SER B 64 -6.47 4.07 2.75
N ALA B 65 -6.29 3.98 4.04
CA ALA B 65 -6.50 5.17 4.92
C ALA B 65 -5.15 5.70 5.40
N VAL B 66 -5.03 6.99 5.59
CA VAL B 66 -3.72 7.55 6.04
C VAL B 66 -3.65 7.65 7.57
N LEU B 67 -2.71 7.00 8.19
CA LEU B 67 -2.66 6.97 9.69
C LEU B 67 -1.81 8.09 10.30
N THR B 68 -2.46 9.02 10.98
CA THR B 68 -1.71 10.09 11.68
C THR B 68 -0.93 9.43 12.82
N GLY B 69 0.28 9.88 13.06
CA GLY B 69 1.11 9.28 14.15
C GLY B 69 0.49 9.59 15.52
N HIS B 70 0.49 10.84 15.92
CA HIS B 70 -0.11 11.22 17.26
C HIS B 70 0.38 10.28 18.37
N ARG B 71 1.65 10.31 18.67
CA ARG B 71 2.21 9.41 19.73
C ARG B 71 1.73 9.80 21.14
N HIS B 72 1.02 10.90 21.28
CA HIS B 72 0.52 11.35 22.62
C HIS B 72 -0.43 10.34 23.29
N GLU B 73 -0.69 9.18 22.72
CA GLU B 73 -1.60 8.10 23.32
C GLU B 73 -3.04 8.21 22.77
N LYS B 74 -3.98 7.55 23.45
CA LYS B 74 -5.45 7.49 23.03
C LYS B 74 -5.62 6.28 22.10
N VAL B 75 -6.84 5.81 21.91
CA VAL B 75 -7.03 4.62 21.00
C VAL B 75 -8.01 4.96 19.87
N GLU B 76 -7.52 4.91 18.66
CA GLU B 76 -8.40 5.16 17.48
C GLU B 76 -8.68 3.80 16.82
N ALA B 77 -9.92 3.53 16.52
CA ALA B 77 -10.33 2.26 15.84
C ALA B 77 -11.67 2.53 15.15
N VAL B 78 -11.71 2.37 13.86
CA VAL B 78 -12.99 2.61 13.11
C VAL B 78 -13.97 1.44 13.28
N LEU B 79 -15.22 1.73 13.57
CA LEU B 79 -16.24 0.64 13.72
C LEU B 79 -16.42 -0.03 12.36
N SER B 80 -16.86 -1.26 12.32
CA SER B 80 -17.11 -1.93 11.01
C SER B 80 -18.56 -2.45 11.01
N ARG B 81 -19.27 -2.29 9.93
CA ARG B 81 -20.70 -2.76 9.92
C ARG B 81 -20.80 -4.29 10.10
N SER B 82 -21.91 -4.75 10.65
CA SER B 82 -22.19 -6.22 10.91
C SER B 82 -21.56 -6.72 12.22
N ASN B 83 -20.45 -6.16 12.65
CA ASN B 83 -19.83 -6.65 13.92
C ASN B 83 -19.59 -5.49 14.90
N GLN B 84 -19.52 -4.25 14.48
CA GLN B 84 -19.14 -3.14 15.44
C GLN B 84 -17.67 -3.39 15.83
N GLY B 85 -16.93 -2.52 16.50
CA GLY B 85 -15.47 -2.87 16.77
C GLY B 85 -14.85 -3.19 15.41
N VAL B 86 -14.17 -4.33 15.26
CA VAL B 86 -13.52 -4.68 13.95
C VAL B 86 -12.67 -3.48 13.49
N ALA B 87 -11.40 -3.49 13.79
CA ALA B 87 -10.54 -2.35 13.38
C ALA B 87 -9.88 -2.62 12.02
N ARG B 88 -10.48 -2.17 10.94
CA ARG B 88 -9.82 -2.35 9.62
C ARG B 88 -8.79 -1.22 9.52
N VAL B 89 -9.19 -0.04 9.92
CA VAL B 89 -8.24 1.11 9.98
C VAL B 89 -7.88 1.24 11.46
N ASP B 90 -7.01 0.37 11.91
CA ASP B 90 -6.64 0.34 13.36
C ASP B 90 -5.49 1.29 13.68
N SER B 91 -5.64 2.01 14.75
CA SER B 91 -4.59 2.95 15.21
C SER B 91 -4.61 2.95 16.73
N GLY B 92 -3.66 2.29 17.35
CA GLY B 92 -3.63 2.24 18.83
C GLY B 92 -2.54 3.17 19.33
N GLY B 93 -2.84 4.43 19.42
CA GLY B 93 -1.83 5.42 19.90
C GLY B 93 -1.89 5.47 21.42
N THR B 113 -14.62 -13.35 16.76
CA THR B 113 -15.60 -12.60 15.93
C THR B 113 -15.06 -11.21 15.57
N LEU B 114 -14.19 -10.68 16.40
CA LEU B 114 -13.62 -9.33 16.12
C LEU B 114 -12.14 -9.44 15.77
N GLY B 115 -11.73 -8.84 14.68
CA GLY B 115 -10.30 -8.91 14.26
C GLY B 115 -9.95 -7.65 13.45
N VAL B 116 -8.68 -7.44 13.17
CA VAL B 116 -8.28 -6.23 12.39
C VAL B 116 -7.60 -6.64 11.08
N PHE B 117 -8.01 -6.04 9.99
CA PHE B 117 -7.40 -6.35 8.65
C PHE B 117 -7.12 -5.04 7.91
N SER B 118 -6.14 -5.03 7.04
CA SER B 118 -5.82 -3.76 6.31
C SER B 118 -5.94 -3.91 4.79
N LEU B 119 -5.28 -4.90 4.23
CA LEU B 119 -5.32 -5.07 2.73
C LEU B 119 -6.74 -5.33 2.21
N ILE B 120 -7.27 -6.52 2.36
CA ILE B 120 -8.62 -6.90 1.81
C ILE B 120 -9.76 -5.93 2.22
N LEU B 121 -10.98 -6.43 2.43
CA LEU B 121 -12.13 -5.56 2.83
C LEU B 121 -13.48 -6.34 2.79
N PRO B 122 -13.78 -7.05 3.85
CA PRO B 122 -15.07 -7.78 3.90
C PRO B 122 -16.19 -6.78 4.18
N LEU B 123 -16.86 -6.29 3.16
CA LEU B 123 -17.97 -5.30 3.39
C LEU B 123 -19.28 -5.82 2.77
N GLN B 124 -20.38 -5.55 3.42
CA GLN B 124 -21.70 -6.04 2.92
C GLN B 124 -22.31 -5.07 1.89
N ALA B 125 -23.12 -5.46 0.93
CA ALA B 125 -23.64 -4.44 -0.04
C ALA B 125 -24.62 -3.46 0.64
N GLY B 126 -24.30 -2.19 0.63
CA GLY B 126 -25.20 -1.15 1.22
C GLY B 126 -24.83 -0.86 2.68
N ASP B 127 -24.14 -1.78 3.33
CA ASP B 127 -23.77 -1.57 4.75
C ASP B 127 -22.98 -0.25 4.90
N THR B 128 -22.73 0.23 6.10
CA THR B 128 -22.01 1.53 6.25
C THR B 128 -20.93 1.49 7.34
N VAL B 129 -19.79 2.08 7.08
CA VAL B 129 -18.69 2.09 8.11
C VAL B 129 -18.66 3.41 8.88
N CYS B 130 -18.32 3.36 10.14
CA CYS B 130 -18.29 4.60 10.98
C CYS B 130 -17.05 4.58 11.88
N VAL B 131 -16.44 5.72 12.14
CA VAL B 131 -15.21 5.77 12.99
C VAL B 131 -15.56 6.00 14.47
N ASP B 132 -14.91 5.26 15.33
CA ASP B 132 -15.04 5.51 16.80
C ASP B 132 -13.85 6.42 17.12
N LEU B 133 -14.12 7.54 17.74
CA LEU B 133 -13.04 8.46 18.15
C LEU B 133 -13.31 8.90 19.61
N VAL B 134 -13.32 7.96 20.52
CA VAL B 134 -13.57 8.27 21.96
C VAL B 134 -12.98 7.13 22.80
N MET B 135 -11.79 7.25 23.31
CA MET B 135 -11.21 6.16 24.15
C MET B 135 -10.39 6.80 25.27
N GLY B 136 -11.03 7.62 26.07
CA GLY B 136 -10.35 8.34 27.17
C GLY B 136 -10.81 9.80 27.11
N GLN B 137 -11.43 10.31 28.14
CA GLN B 137 -11.90 11.73 28.10
C GLN B 137 -10.76 12.68 28.45
N LEU B 138 -10.15 12.52 29.61
CA LEU B 138 -9.02 13.41 30.00
C LEU B 138 -7.89 13.34 28.97
N ALA B 139 -7.93 14.18 27.97
CA ALA B 139 -6.86 14.16 26.93
C ALA B 139 -6.54 15.60 26.48
N HIS B 140 -6.08 15.77 25.26
CA HIS B 140 -5.75 17.13 24.75
C HIS B 140 -6.64 17.48 23.55
N SER B 141 -6.65 18.73 23.16
CA SER B 141 -7.49 19.15 21.99
C SER B 141 -6.61 19.31 20.75
N GLU B 142 -6.99 18.72 19.65
CA GLU B 142 -6.18 18.83 18.40
C GLU B 142 -7.05 18.60 17.17
N GLU B 143 -6.60 19.08 16.03
CA GLU B 143 -7.39 18.89 14.77
C GLU B 143 -6.44 18.52 13.62
N PRO B 144 -6.15 17.24 13.50
CA PRO B 144 -5.22 16.77 12.43
C PRO B 144 -5.91 16.81 11.05
N LEU B 145 -5.25 16.27 10.07
CA LEU B 145 -5.81 16.21 8.69
C LEU B 145 -5.74 14.74 8.24
N THR B 146 -6.56 14.31 7.31
CA THR B 146 -6.51 12.89 6.87
C THR B 146 -6.92 12.74 5.40
N ILE B 147 -6.26 11.86 4.69
CA ILE B 147 -6.60 11.64 3.25
C ILE B 147 -7.30 10.29 3.11
N PHE B 148 -8.43 10.26 2.45
CA PHE B 148 -9.17 8.96 2.31
C PHE B 148 -9.35 8.56 0.84
N SER B 149 -8.50 7.70 0.35
CA SER B 149 -8.64 7.24 -1.06
C SER B 149 -9.09 5.78 -1.07
N GLY B 150 -9.68 5.31 -2.15
CA GLY B 150 -10.15 3.89 -2.21
C GLY B 150 -10.64 3.65 -3.64
N ALA B 151 -9.94 2.85 -4.41
CA ALA B 151 -10.35 2.67 -5.85
C ALA B 151 -10.97 1.31 -6.17
N LEU B 152 -11.87 1.21 -7.11
CA LEU B 152 -12.48 -0.12 -7.42
C LEU B 152 -11.45 -1.02 -8.12
N LEU B 153 -11.37 -2.26 -7.73
CA LEU B 153 -10.41 -3.21 -8.37
C LEU B 153 -11.16 -4.18 -9.28
N TYR B 154 -12.09 -4.92 -8.72
CA TYR B 154 -12.88 -5.90 -9.53
C TYR B 154 -14.31 -5.91 -8.96
N GLY B 155 -15.32 -6.08 -9.78
CA GLY B 155 -16.72 -6.11 -9.25
C GLY B 155 -17.26 -7.54 -9.41
N ASP B 156 -18.32 -7.88 -8.72
CA ASP B 156 -18.90 -9.25 -8.87
C ASP B 156 -19.69 -9.35 -10.17
N PRO B 157 -19.21 -10.12 -11.13
CA PRO B 157 -19.91 -10.24 -12.42
C PRO B 157 -20.88 -11.43 -12.42
N GLU B 158 -21.97 -11.30 -11.71
CA GLU B 158 -22.97 -12.40 -11.58
C GLU B 158 -22.34 -13.54 -10.77
N LEU B 159 -21.43 -14.26 -11.38
CA LEU B 159 -20.74 -15.39 -10.69
C LEU B 159 -21.74 -16.35 -10.02
N GLU B 160 -22.99 -16.35 -10.42
CA GLU B 160 -23.98 -17.28 -9.79
C GLU B 160 -24.11 -18.55 -10.63
N HIS B 161 -24.55 -19.62 -10.02
CA HIS B 161 -24.71 -20.91 -10.78
C HIS B 161 -25.93 -21.67 -10.27
N ALA B 162 -27.08 -21.52 -10.90
CA ALA B 162 -28.31 -22.25 -10.44
C ALA B 162 -28.02 -23.75 -10.30
N PRO C 13 -6.55 -2.84 -27.43
CA PRO C 13 -5.19 -3.44 -27.43
C PRO C 13 -4.74 -3.67 -25.98
N VAL C 14 -3.57 -4.24 -25.80
CA VAL C 14 -3.07 -4.49 -24.42
C VAL C 14 -1.63 -3.98 -24.27
N PRO C 15 -1.47 -2.86 -23.60
CA PRO C 15 -0.10 -2.28 -23.42
C PRO C 15 0.75 -3.15 -22.48
N GLN C 16 0.11 -4.00 -21.67
CA GLN C 16 0.84 -4.91 -20.70
C GLN C 16 2.22 -4.35 -20.27
N VAL C 17 2.25 -3.28 -19.52
CA VAL C 17 3.56 -2.69 -19.11
C VAL C 17 3.73 -2.73 -17.58
N ALA C 18 4.89 -3.13 -17.14
CA ALA C 18 5.17 -3.14 -15.68
C ALA C 18 6.53 -2.50 -15.51
N PHE C 19 6.84 -1.84 -14.42
CA PHE C 19 8.20 -1.23 -14.29
C PHE C 19 8.51 -1.02 -12.80
N SER C 20 9.69 -1.40 -12.39
CA SER C 20 10.08 -1.25 -10.94
C SER C 20 11.55 -1.64 -10.81
N ALA C 21 12.35 -0.87 -10.11
CA ALA C 21 13.79 -1.23 -9.97
C ALA C 21 14.22 -1.02 -8.51
N ALA C 22 15.30 -1.66 -8.11
CA ALA C 22 15.76 -1.51 -6.69
C ALA C 22 17.21 -1.00 -6.59
N LEU C 23 17.46 -0.14 -5.64
CA LEU C 23 18.84 0.41 -5.45
C LEU C 23 19.47 -0.21 -4.21
N SER C 24 20.73 -0.56 -4.28
CA SER C 24 21.40 -1.18 -3.09
C SER C 24 22.94 -1.05 -3.17
N LEU C 25 23.46 -0.15 -4.00
CA LEU C 25 24.96 0.05 -4.15
C LEU C 25 25.71 -0.16 -2.80
N PRO C 26 27.01 -0.41 -2.88
CA PRO C 26 27.82 -0.67 -1.65
C PRO C 26 27.82 0.51 -0.66
N ARG C 27 28.72 1.45 -0.78
CA ARG C 27 28.76 2.58 0.20
C ARG C 27 28.82 3.95 -0.49
N SER C 28 29.56 4.91 0.07
CA SER C 28 29.67 6.31 -0.50
C SER C 28 29.60 6.34 -2.03
N GLU C 29 28.63 7.04 -2.57
CA GLU C 29 28.53 7.18 -4.04
C GLU C 29 29.01 8.60 -4.40
N PRO C 30 29.39 8.80 -5.63
CA PRO C 30 29.87 10.15 -6.06
C PRO C 30 28.73 11.18 -6.09
N GLY C 31 27.50 10.72 -6.03
CA GLY C 31 26.34 11.68 -6.04
C GLY C 31 25.03 10.91 -5.89
N THR C 32 24.04 11.23 -6.67
CA THR C 32 22.72 10.52 -6.53
C THR C 32 22.84 9.08 -7.04
N VAL C 33 21.96 8.21 -6.60
CA VAL C 33 22.08 6.77 -6.96
C VAL C 33 21.25 6.34 -8.19
N PRO C 34 21.83 5.44 -8.99
CA PRO C 34 21.12 4.91 -10.17
C PRO C 34 20.33 3.66 -9.73
N PHE C 35 20.11 2.70 -10.60
CA PHE C 35 19.36 1.48 -10.17
C PHE C 35 19.86 0.26 -10.96
N ASP C 36 20.35 -0.76 -10.29
CA ASP C 36 20.88 -1.95 -11.03
C ASP C 36 20.02 -3.20 -10.82
N ARG C 37 19.00 -3.15 -10.00
CA ARG C 37 18.15 -4.37 -9.77
C ARG C 37 16.98 -4.40 -10.75
N VAL C 38 17.14 -4.97 -11.92
CA VAL C 38 16.00 -5.03 -12.89
C VAL C 38 15.01 -6.10 -12.44
N LEU C 39 13.97 -5.72 -11.74
CA LEU C 39 12.97 -6.72 -11.26
C LEU C 39 11.92 -6.98 -12.35
N LEU C 40 11.41 -5.95 -12.98
CA LEU C 40 10.40 -6.15 -14.07
C LEU C 40 10.14 -4.80 -14.75
N ASN C 41 10.67 -4.61 -15.93
CA ASN C 41 10.49 -3.30 -16.66
C ASN C 41 11.25 -3.34 -17.97
N ASP C 42 10.67 -3.91 -19.01
CA ASP C 42 11.39 -3.98 -20.31
C ASP C 42 11.47 -2.60 -20.99
N GLY C 43 10.38 -1.90 -21.11
CA GLY C 43 10.40 -0.56 -21.78
C GLY C 43 11.07 0.48 -20.87
N GLY C 44 11.05 0.29 -19.58
CA GLY C 44 11.67 1.31 -18.68
C GLY C 44 10.67 2.46 -18.48
N TYR C 45 10.33 3.12 -19.56
CA TYR C 45 9.33 4.24 -19.53
C TYR C 45 9.78 5.43 -18.67
N TYR C 46 9.96 5.24 -17.39
CA TYR C 46 10.34 6.41 -16.52
C TYR C 46 11.78 6.32 -15.99
N ASP C 47 12.67 7.11 -16.55
CA ASP C 47 14.09 7.07 -16.11
C ASP C 47 14.24 7.59 -14.66
N PRO C 48 14.60 6.70 -13.75
CA PRO C 48 14.77 7.11 -12.33
C PRO C 48 16.12 7.83 -12.10
N GLU C 49 16.93 7.91 -13.13
CA GLU C 49 18.25 8.63 -13.00
C GLU C 49 17.99 10.13 -13.11
N THR C 50 17.03 10.47 -13.93
CA THR C 50 16.61 11.89 -14.08
C THR C 50 15.20 12.06 -13.48
N GLY C 51 14.48 10.98 -13.32
CA GLY C 51 13.09 11.06 -12.76
C GLY C 51 12.10 11.50 -13.84
N VAL C 52 12.56 11.64 -15.07
CA VAL C 52 11.63 12.09 -16.14
C VAL C 52 10.70 10.93 -16.50
N PHE C 53 9.55 10.90 -15.88
CA PHE C 53 8.57 9.79 -16.11
C PHE C 53 7.64 10.10 -17.27
N THR C 54 7.84 9.45 -18.40
CA THR C 54 6.92 9.66 -19.56
C THR C 54 5.91 8.52 -19.57
N ALA C 55 4.72 8.74 -19.08
CA ALA C 55 3.70 7.64 -18.99
C ALA C 55 2.69 7.64 -20.16
N PRO C 56 2.82 6.68 -21.05
CA PRO C 56 1.85 6.55 -22.16
C PRO C 56 0.69 5.63 -21.72
N LEU C 57 0.84 4.93 -20.61
CA LEU C 57 -0.22 3.97 -20.14
C LEU C 57 -1.66 4.45 -20.40
N ALA C 58 -2.00 5.67 -20.05
CA ALA C 58 -3.39 6.17 -20.29
C ALA C 58 -4.42 5.19 -19.71
N GLY C 59 -4.87 5.44 -18.51
CA GLY C 59 -5.85 4.54 -17.86
C GLY C 59 -5.70 4.72 -16.36
N ARG C 60 -5.91 3.68 -15.61
CA ARG C 60 -5.72 3.74 -14.14
C ARG C 60 -4.46 2.94 -13.81
N TYR C 61 -3.52 3.50 -13.10
CA TYR C 61 -2.27 2.75 -12.79
C TYR C 61 -1.93 2.82 -11.29
N LEU C 62 -1.20 1.85 -10.80
CA LEU C 62 -0.84 1.84 -9.34
C LEU C 62 0.59 2.35 -9.14
N LEU C 63 0.75 3.43 -8.43
CA LEU C 63 2.12 4.01 -8.19
C LEU C 63 2.46 3.95 -6.70
N SER C 64 3.69 3.63 -6.37
CA SER C 64 4.10 3.55 -4.93
C SER C 64 5.56 3.97 -4.74
N ALA C 65 5.79 5.01 -3.98
CA ALA C 65 7.17 5.48 -3.73
C ALA C 65 7.56 5.17 -2.27
N VAL C 66 8.82 4.88 -2.02
CA VAL C 66 9.23 4.56 -0.62
C VAL C 66 9.72 5.82 0.12
N LEU C 67 9.10 6.16 1.22
CA LEU C 67 9.47 7.42 1.93
C LEU C 67 10.57 7.27 3.00
N THR C 68 11.71 7.83 2.72
CA THR C 68 12.82 7.81 3.72
C THR C 68 12.38 8.66 4.91
N GLY C 69 12.70 8.24 6.12
CA GLY C 69 12.29 9.02 7.32
C GLY C 69 13.04 10.34 7.39
N HIS C 70 14.35 10.30 7.61
CA HIS C 70 15.16 11.56 7.69
C HIS C 70 14.47 12.62 8.57
N ARG C 71 14.36 12.35 9.85
CA ARG C 71 13.67 13.31 10.77
C ARG C 71 14.50 14.61 10.97
N HIS C 72 15.69 14.67 10.45
CA HIS C 72 16.55 15.90 10.62
C HIS C 72 15.90 17.19 10.07
N GLU C 73 14.66 17.19 9.59
CA GLU C 73 13.95 18.44 9.05
C GLU C 73 14.12 18.57 7.52
N LYS C 74 13.77 19.74 7.00
CA LYS C 74 13.81 20.03 5.51
C LYS C 74 12.45 19.62 4.91
N VAL C 75 12.09 20.12 3.75
CA VAL C 75 10.77 19.74 3.16
C VAL C 75 10.96 19.08 1.79
N GLU C 76 10.59 17.83 1.69
CA GLU C 76 10.67 17.12 0.38
C GLU C 76 9.25 17.03 -0.18
N ALA C 77 9.08 17.39 -1.43
CA ALA C 77 7.77 17.33 -2.12
C ALA C 77 8.06 17.21 -3.62
N VAL C 78 7.56 16.17 -4.22
CA VAL C 78 7.81 15.96 -5.69
C VAL C 78 6.90 16.88 -6.52
N LEU C 79 7.45 17.58 -7.50
CA LEU C 79 6.61 18.47 -8.36
C LEU C 79 5.65 17.60 -9.16
N SER C 80 4.55 18.16 -9.61
CA SER C 80 3.62 17.39 -10.48
C SER C 80 3.37 18.21 -11.75
N ARG C 81 3.44 17.61 -12.91
CA ARG C 81 3.21 18.41 -14.16
C ARG C 81 1.82 19.07 -14.19
N SER C 82 1.70 20.17 -14.93
CA SER C 82 0.41 20.94 -15.09
C SER C 82 0.17 21.93 -13.93
N ASN C 83 0.63 21.64 -12.73
CA ASN C 83 0.40 22.58 -11.59
C ASN C 83 1.71 22.95 -10.90
N GLN C 84 2.76 22.15 -10.98
CA GLN C 84 4.02 22.46 -10.17
C GLN C 84 3.63 22.25 -8.70
N GLY C 85 4.52 22.20 -7.71
CA GLY C 85 4.01 21.91 -6.31
C GLY C 85 3.26 20.58 -6.37
N VAL C 86 2.02 20.52 -5.90
CA VAL C 86 1.25 19.23 -5.92
C VAL C 86 2.11 18.12 -5.31
N ALA C 87 1.96 17.85 -4.04
CA ALA C 87 2.77 16.78 -3.42
C ALA C 87 2.04 15.44 -3.42
N ARG C 88 2.27 14.62 -4.42
CA ARG C 88 1.63 13.27 -4.42
C ARG C 88 2.54 12.38 -3.56
N VAL C 89 3.83 12.53 -3.75
CA VAL C 89 4.81 11.82 -2.89
C VAL C 89 5.29 12.89 -1.90
N ASP C 90 4.46 13.20 -0.95
CA ASP C 90 4.78 14.28 0.03
C ASP C 90 5.58 13.78 1.22
N SER C 91 6.58 14.53 1.59
CA SER C 91 7.42 14.18 2.76
C SER C 91 7.84 15.48 3.45
N GLY C 92 7.22 15.80 4.55
CA GLY C 92 7.56 17.06 5.27
C GLY C 92 8.31 16.70 6.54
N GLY C 93 9.60 16.55 6.45
CA GLY C 93 10.41 16.18 7.65
C GLY C 93 10.78 17.46 8.40
N THR C 113 -6.38 24.42 -6.13
CA THR C 113 -5.70 23.89 -7.35
C THR C 113 -4.54 22.97 -6.96
N LEU C 114 -3.96 23.17 -5.80
CA LEU C 114 -2.83 22.31 -5.37
C LEU C 114 -3.25 21.41 -4.21
N GLY C 115 -3.00 20.14 -4.31
CA GLY C 115 -3.39 19.20 -3.21
C GLY C 115 -2.43 18.00 -3.21
N VAL C 116 -2.48 17.18 -2.20
CA VAL C 116 -1.58 16.00 -2.14
C VAL C 116 -2.39 14.69 -2.13
N PHE C 117 -2.02 13.75 -2.96
CA PHE C 117 -2.74 12.44 -3.01
C PHE C 117 -1.71 11.30 -3.02
N SER C 118 -2.06 10.16 -2.49
CA SER C 118 -1.08 9.02 -2.45
C SER C 118 -1.58 7.80 -3.22
N LEU C 119 -2.76 7.33 -2.93
CA LEU C 119 -3.28 6.10 -3.62
C LEU C 119 -3.45 6.33 -5.13
N ILE C 120 -4.47 7.05 -5.56
CA ILE C 120 -4.75 7.26 -7.04
C ILE C 120 -3.53 7.78 -7.85
N LEU C 121 -3.77 8.61 -8.87
CA LEU C 121 -2.66 9.17 -9.72
C LEU C 121 -3.19 9.86 -10.99
N PRO C 122 -3.64 11.09 -10.85
CA PRO C 122 -4.16 11.82 -12.04
C PRO C 122 -2.97 12.24 -12.92
N LEU C 123 -2.68 11.50 -13.98
CA LEU C 123 -1.53 11.83 -14.87
C LEU C 123 -2.01 11.96 -16.34
N GLN C 124 -1.45 12.90 -17.05
CA GLN C 124 -1.86 13.11 -18.48
C GLN C 124 -1.11 12.18 -19.44
N ALA C 125 -1.63 11.73 -20.57
CA ALA C 125 -0.80 10.82 -21.44
C ALA C 125 0.46 11.53 -21.93
N GLY C 126 1.62 10.98 -21.64
CA GLY C 126 2.90 11.63 -22.08
C GLY C 126 3.42 12.56 -20.98
N ASP C 127 2.61 12.83 -19.99
CA ASP C 127 3.01 13.76 -18.88
C ASP C 127 4.41 13.43 -18.33
N THR C 128 4.98 14.31 -17.53
CA THR C 128 6.34 14.03 -16.97
C THR C 128 6.38 14.44 -15.49
N VAL C 129 6.81 13.55 -14.63
CA VAL C 129 6.86 13.91 -13.17
C VAL C 129 8.31 14.26 -12.76
N CYS C 130 8.46 15.23 -11.89
CA CYS C 130 9.82 15.64 -11.45
C CYS C 130 9.82 15.95 -9.95
N VAL C 131 10.89 15.68 -9.26
CA VAL C 131 10.94 15.93 -7.79
C VAL C 131 11.69 17.22 -7.46
N ASP C 132 11.13 17.99 -6.54
CA ASP C 132 11.84 19.20 -6.03
C ASP C 132 12.52 18.72 -4.74
N LEU C 133 13.79 18.96 -4.64
CA LEU C 133 14.55 18.60 -3.41
C LEU C 133 15.40 19.81 -2.99
N VAL C 134 14.74 20.89 -2.63
CA VAL C 134 15.46 22.13 -2.19
C VAL C 134 14.49 22.96 -1.35
N MET C 135 14.55 22.87 -0.04
CA MET C 135 13.63 23.68 0.81
C MET C 135 14.39 24.13 2.06
N GLY C 136 15.47 24.84 1.85
CA GLY C 136 16.33 25.30 2.98
C GLY C 136 17.78 25.05 2.57
N GLN C 137 18.60 26.08 2.50
CA GLN C 137 20.02 25.87 2.09
C GLN C 137 20.86 25.38 3.28
N LEU C 138 20.89 26.15 4.33
CA LEU C 138 21.70 25.75 5.54
C LEU C 138 21.22 24.40 6.07
N ALA C 139 21.79 23.33 5.60
CA ALA C 139 21.37 21.97 6.07
C ALA C 139 22.59 21.05 6.18
N HIS C 140 22.39 19.76 6.04
CA HIS C 140 23.53 18.80 6.13
C HIS C 140 23.69 18.03 4.81
N SER C 141 24.79 17.35 4.64
CA SER C 141 25.00 16.56 3.38
C SER C 141 24.75 15.08 3.65
N GLU C 142 23.95 14.44 2.83
CA GLU C 142 23.66 13.00 3.03
C GLU C 142 23.23 12.34 1.71
N GLU C 143 23.34 11.04 1.63
CA GLU C 143 22.94 10.31 0.38
C GLU C 143 22.16 9.04 0.74
N PRO C 144 20.87 9.18 0.93
CA PRO C 144 20.03 8.02 1.30
C PRO C 144 19.82 7.09 0.11
N LEU C 145 18.95 6.13 0.26
CA LEU C 145 18.63 5.18 -0.85
C LEU C 145 17.11 5.20 -1.05
N THR C 146 16.61 4.85 -2.21
CA THR C 146 15.13 4.88 -2.43
C THR C 146 14.70 3.81 -3.42
N ILE C 147 13.58 3.19 -3.16
CA ILE C 147 13.06 2.13 -4.08
C ILE C 147 11.85 2.68 -4.86
N PHE C 148 11.86 2.55 -6.16
CA PHE C 148 10.71 3.11 -6.97
C PHE C 148 10.00 2.02 -7.76
N SER C 149 8.91 1.50 -7.22
CA SER C 149 8.14 0.46 -7.96
C SER C 149 6.82 1.07 -8.44
N GLY C 150 6.21 0.52 -9.46
CA GLY C 150 4.92 1.08 -9.97
C GLY C 150 4.39 0.09 -11.02
N ALA C 151 3.30 -0.57 -10.76
CA ALA C 151 2.81 -1.60 -11.74
C ALA C 151 1.52 -1.19 -12.47
N LEU C 152 1.34 -1.59 -13.72
CA LEU C 152 0.09 -1.20 -14.44
C LEU C 152 -1.12 -1.95 -13.87
N LEU C 153 -2.22 -1.27 -13.67
CA LEU C 153 -3.43 -1.93 -13.11
C LEU C 153 -4.49 -2.12 -14.22
N TYR C 154 -4.94 -1.05 -14.81
CA TYR C 154 -5.95 -1.13 -15.90
C TYR C 154 -5.64 -0.04 -16.93
N GLY C 155 -5.87 -0.25 -18.20
CA GLY C 155 -5.59 0.81 -19.21
C GLY C 155 -6.92 1.29 -19.80
N ASP C 156 -6.95 2.44 -20.43
CA ASP C 156 -8.24 2.92 -21.04
C ASP C 156 -8.50 2.19 -22.36
N PRO C 157 -9.51 1.35 -22.41
CA PRO C 157 -9.81 0.59 -23.64
C PRO C 157 -10.82 1.33 -24.52
N GLU C 158 -10.38 2.38 -25.16
CA GLU C 158 -11.29 3.23 -26.03
C GLU C 158 -12.29 3.94 -25.12
N LEU C 159 -13.25 3.22 -24.61
CA LEU C 159 -14.28 3.82 -23.71
C LEU C 159 -14.92 5.07 -24.34
N GLU C 160 -14.86 5.24 -25.63
CA GLU C 160 -15.47 6.44 -26.27
C GLU C 160 -16.88 6.09 -26.78
N HIS C 161 -17.72 7.07 -26.93
CA HIS C 161 -19.11 6.81 -27.42
C HIS C 161 -19.61 7.98 -28.28
N ALA C 162 -19.46 7.91 -29.58
CA ALA C 162 -19.93 9.04 -30.47
C ALA C 162 -21.39 9.39 -30.16
N PRO A 13 -8.52 -20.29 -17.86
CA PRO A 13 -9.19 -20.73 -16.60
C PRO A 13 -9.12 -19.63 -15.56
N VAL A 14 -9.77 -19.81 -14.44
CA VAL A 14 -9.75 -18.76 -13.37
C VAL A 14 -9.45 -19.41 -12.00
N PRO A 15 -8.22 -19.25 -11.53
CA PRO A 15 -7.85 -19.84 -10.23
C PRO A 15 -8.54 -19.11 -9.06
N GLN A 16 -9.02 -17.89 -9.29
CA GLN A 16 -9.73 -17.07 -8.23
C GLN A 16 -9.32 -17.46 -6.80
N VAL A 17 -8.10 -17.15 -6.42
CA VAL A 17 -7.64 -17.53 -5.03
C VAL A 17 -7.30 -16.29 -4.20
N ALA A 18 -7.70 -16.31 -2.95
CA ALA A 18 -7.37 -15.19 -2.03
C ALA A 18 -6.73 -15.83 -0.80
N PHE A 19 -5.91 -15.16 -0.03
CA PHE A 19 -5.32 -15.83 1.17
C PHE A 19 -4.82 -14.75 2.13
N SER A 20 -5.22 -14.84 3.38
CA SER A 20 -4.80 -13.83 4.40
C SER A 20 -5.33 -14.29 5.76
N ALA A 21 -4.53 -14.25 6.79
CA ALA A 21 -5.03 -14.66 8.14
C ALA A 21 -4.60 -13.64 9.19
N ALA A 22 -5.28 -13.61 10.31
CA ALA A 22 -4.91 -12.62 11.37
C ALA A 22 -4.58 -13.31 12.70
N LEU A 23 -3.60 -12.80 13.39
CA LEU A 23 -3.20 -13.38 14.70
C LEU A 23 -3.63 -12.43 15.82
N SER A 24 -4.20 -12.94 16.87
CA SER A 24 -4.63 -12.07 18.01
C SER A 24 -4.65 -12.85 19.34
N LEU A 25 -3.99 -13.98 19.41
CA LEU A 25 -3.93 -14.83 20.67
C LEU A 25 -4.05 -13.99 21.98
N PRO A 26 -4.54 -14.62 23.04
CA PRO A 26 -4.75 -13.91 24.33
C PRO A 26 -3.45 -13.35 24.94
N ARG A 27 -2.75 -14.11 25.75
CA ARG A 27 -1.51 -13.56 26.40
C ARG A 27 -0.30 -14.48 26.16
N SER A 28 0.58 -14.64 27.14
CA SER A 28 1.82 -15.51 26.98
C SER A 28 1.52 -16.78 26.17
N GLU A 29 2.18 -16.93 25.06
CA GLU A 29 1.98 -18.16 24.23
C GLU A 29 3.12 -19.15 24.56
N PRO A 30 2.85 -20.44 24.47
CA PRO A 30 3.91 -21.43 24.78
C PRO A 30 5.04 -21.38 23.73
N GLY A 31 4.81 -20.72 22.62
CA GLY A 31 5.88 -20.64 21.57
C GLY A 31 5.46 -19.71 20.44
N THR A 32 5.72 -20.09 19.21
CA THR A 32 5.37 -19.20 18.07
C THR A 32 3.85 -19.07 17.88
N VAL A 33 3.44 -18.03 17.20
CA VAL A 33 1.97 -17.77 17.05
C VAL A 33 1.34 -18.44 15.81
N PRO A 34 0.22 -19.10 16.02
CA PRO A 34 -0.50 -19.73 14.89
C PRO A 34 -1.46 -18.68 14.31
N PHE A 35 -2.55 -19.07 13.68
CA PHE A 35 -3.48 -18.04 13.14
C PHE A 35 -4.92 -18.57 13.17
N ASP A 36 -5.80 -17.91 13.89
CA ASP A 36 -7.21 -18.40 13.97
C ASP A 36 -8.20 -17.46 13.27
N ARG A 37 -7.76 -16.33 12.76
CA ARG A 37 -8.71 -15.40 12.09
C ARG A 37 -8.82 -15.72 10.59
N VAL A 38 -9.69 -16.60 10.19
CA VAL A 38 -9.81 -16.93 8.73
C VAL A 38 -10.51 -15.79 8.00
N LEU A 39 -9.76 -14.90 7.39
CA LEU A 39 -10.39 -13.76 6.66
C LEU A 39 -10.79 -14.20 5.24
N LEU A 40 -9.91 -14.86 4.53
CA LEU A 40 -10.24 -15.35 3.16
C LEU A 40 -9.08 -16.19 2.64
N ASN A 41 -9.23 -17.49 2.62
CA ASN A 41 -8.12 -18.40 2.15
C ASN A 41 -8.56 -19.86 2.27
N ASP A 42 -9.30 -20.35 1.30
CA ASP A 42 -9.77 -21.77 1.38
C ASP A 42 -8.59 -22.75 1.28
N GLY A 43 -7.70 -22.56 0.33
CA GLY A 43 -6.56 -23.49 0.16
C GLY A 43 -5.48 -23.29 1.24
N GLY A 44 -5.38 -22.12 1.82
CA GLY A 44 -4.31 -21.89 2.85
C GLY A 44 -3.02 -21.51 2.12
N TYR A 45 -2.55 -22.39 1.26
CA TYR A 45 -1.31 -22.14 0.44
C TYR A 45 -0.04 -21.90 1.26
N TYR A 46 0.04 -20.82 2.01
CA TYR A 46 1.32 -20.55 2.74
C TYR A 46 1.23 -20.65 4.28
N ASP A 47 1.82 -21.66 4.84
CA ASP A 47 1.78 -21.85 6.32
C ASP A 47 2.53 -20.71 7.02
N PRO A 48 1.82 -19.93 7.84
CA PRO A 48 2.45 -18.80 8.57
C PRO A 48 3.30 -19.26 9.77
N GLU A 49 3.37 -20.55 10.01
CA GLU A 49 4.21 -21.04 11.16
C GLU A 49 5.66 -20.97 10.69
N THR A 50 5.98 -21.76 9.72
CA THR A 50 7.36 -21.75 9.15
C THR A 50 7.38 -20.79 7.94
N GLY A 51 6.23 -20.45 7.38
CA GLY A 51 6.21 -19.52 6.22
C GLY A 51 6.45 -20.26 4.91
N VAL A 52 6.21 -21.56 4.90
CA VAL A 52 6.46 -22.31 3.63
C VAL A 52 5.36 -21.94 2.63
N PHE A 53 5.63 -20.91 1.85
CA PHE A 53 4.63 -20.41 0.87
C PHE A 53 4.77 -21.07 -0.50
N THR A 54 3.88 -21.98 -0.82
CA THR A 54 3.93 -22.63 -2.17
C THR A 54 2.98 -21.87 -3.10
N ALA A 55 3.51 -21.00 -3.93
CA ALA A 55 2.62 -20.17 -4.81
C ALA A 55 2.50 -20.71 -6.25
N PRO A 56 1.35 -21.28 -6.57
CA PRO A 56 1.08 -21.74 -7.96
C PRO A 56 0.46 -20.58 -8.77
N LEU A 57 0.04 -19.53 -8.09
CA LEU A 57 -0.64 -18.35 -8.77
C LEU A 57 -0.10 -18.05 -10.17
N ALA A 58 1.19 -17.91 -10.33
CA ALA A 58 1.77 -17.60 -11.69
C ALA A 58 1.06 -16.39 -12.30
N GLY A 59 1.62 -15.22 -12.14
CA GLY A 59 1.00 -13.98 -12.66
C GLY A 59 1.52 -12.82 -11.83
N ARG A 60 0.71 -11.83 -11.64
CA ARG A 60 1.10 -10.67 -10.80
C ARG A 60 0.28 -10.73 -9.51
N TYR A 61 0.91 -10.67 -8.35
CA TYR A 61 0.14 -10.74 -7.08
C TYR A 61 0.57 -9.60 -6.13
N LEU A 62 -0.37 -9.07 -5.38
CA LEU A 62 -0.03 -7.97 -4.43
C LEU A 62 0.13 -8.52 -3.01
N LEU A 63 1.33 -8.45 -2.48
CA LEU A 63 1.57 -9.00 -1.10
C LEU A 63 1.86 -7.85 -0.12
N SER A 64 1.45 -7.99 1.11
CA SER A 64 1.69 -6.92 2.13
C SER A 64 1.94 -7.54 3.51
N ALA A 65 3.10 -7.28 4.06
CA ALA A 65 3.43 -7.83 5.41
C ALA A 65 3.43 -6.68 6.43
N VAL A 66 3.05 -6.96 7.66
CA VAL A 66 3.02 -5.88 8.69
C VAL A 66 4.36 -5.81 9.45
N LEU A 67 5.02 -4.68 9.41
CA LEU A 67 6.38 -4.59 10.04
C LEU A 67 6.38 -4.06 11.48
N THR A 68 6.70 -4.92 12.42
CA THR A 68 6.80 -4.48 13.84
C THR A 68 8.01 -3.53 13.94
N GLY A 69 7.90 -2.49 14.72
CA GLY A 69 9.02 -1.52 14.86
C GLY A 69 10.22 -2.17 15.57
N HIS A 70 10.06 -2.53 16.82
CA HIS A 70 11.19 -3.17 17.59
C HIS A 70 12.51 -2.40 17.38
N ARG A 71 12.56 -1.18 17.88
CA ARG A 71 13.80 -0.35 17.71
C ARG A 71 14.98 -0.89 18.54
N HIS A 72 14.77 -1.90 19.35
CA HIS A 72 15.89 -2.47 20.20
C HIS A 72 17.03 -3.07 19.36
N GLU A 73 17.04 -2.97 18.04
CA GLU A 73 18.15 -3.50 17.14
C GLU A 73 17.82 -4.92 16.60
N LYS A 74 18.83 -5.60 16.09
CA LYS A 74 18.67 -6.97 15.44
C LYS A 74 18.28 -6.77 13.98
N VAL A 75 18.53 -7.73 13.11
CA VAL A 75 18.17 -7.55 11.68
C VAL A 75 17.21 -8.65 11.19
N GLU A 76 16.02 -8.25 10.80
CA GLU A 76 15.04 -9.23 10.25
C GLU A 76 15.06 -9.08 8.72
N ALA A 77 15.13 -10.19 8.01
CA ALA A 77 15.13 -10.18 6.52
C ALA A 77 14.61 -11.55 6.07
N VAL A 78 13.57 -11.56 5.30
CA VAL A 78 12.98 -12.85 4.81
C VAL A 78 13.72 -13.34 3.55
N LEU A 79 14.10 -14.60 3.53
CA LEU A 79 14.80 -15.16 2.33
C LEU A 79 13.83 -15.20 1.15
N SER A 80 14.34 -15.22 -0.06
CA SER A 80 13.47 -15.33 -1.26
C SER A 80 13.93 -16.54 -2.08
N ARG A 81 13.04 -17.36 -2.59
CA ARG A 81 13.51 -18.55 -3.37
C ARG A 81 14.25 -18.13 -4.66
N SER A 82 15.12 -18.99 -5.16
CA SER A 82 15.94 -18.75 -6.42
C SER A 82 17.20 -17.91 -6.14
N ASN A 83 17.17 -17.03 -5.17
CA ASN A 83 18.40 -16.20 -4.89
C ASN A 83 18.86 -16.37 -3.44
N GLN A 84 18.01 -16.79 -2.51
CA GLN A 84 18.44 -16.82 -1.06
C GLN A 84 18.64 -15.34 -0.65
N GLY A 85 18.75 -14.95 0.63
CA GLY A 85 18.89 -13.47 0.91
C GLY A 85 17.69 -12.77 0.24
N VAL A 86 17.94 -11.79 -0.62
CA VAL A 86 16.81 -11.04 -1.27
C VAL A 86 15.84 -10.54 -0.19
N ALA A 87 16.00 -9.33 0.25
CA ALA A 87 15.09 -8.81 1.33
C ALA A 87 13.87 -8.13 0.71
N ARG A 88 12.80 -8.86 0.48
CA ARG A 88 11.56 -8.22 -0.04
C ARG A 88 10.81 -7.69 1.19
N VAL A 89 10.79 -8.49 2.23
CA VAL A 89 10.17 -8.04 3.52
C VAL A 89 11.35 -7.67 4.43
N ASP A 90 11.96 -6.55 4.16
CA ASP A 90 13.15 -6.12 4.94
C ASP A 90 12.74 -5.37 6.21
N SER A 91 13.37 -5.71 7.31
CA SER A 91 13.08 -5.04 8.60
C SER A 91 14.35 -4.98 9.43
N GLY A 92 14.95 -3.83 9.53
CA GLY A 92 16.19 -3.67 10.33
C GLY A 92 15.84 -3.00 11.64
N GLY A 93 15.40 -3.77 12.59
CA GLY A 93 15.02 -3.21 13.91
C GLY A 93 16.25 -3.14 14.79
N THR A 113 22.83 -9.03 -8.06
CA THR A 113 22.00 -10.27 -7.93
C THR A 113 21.07 -10.16 -6.72
N LEU A 114 21.47 -9.39 -5.72
CA LEU A 114 20.62 -9.25 -4.51
C LEU A 114 20.08 -7.82 -4.40
N GLY A 115 18.80 -7.68 -4.20
CA GLY A 115 18.19 -6.32 -4.09
C GLY A 115 16.94 -6.39 -3.21
N VAL A 116 16.41 -5.27 -2.82
CA VAL A 116 15.19 -5.29 -1.95
C VAL A 116 14.01 -4.59 -2.66
N PHE A 117 12.87 -5.23 -2.70
CA PHE A 117 11.68 -4.63 -3.36
C PHE A 117 10.45 -4.83 -2.47
N SER A 118 9.48 -3.96 -2.57
CA SER A 118 8.27 -4.09 -1.70
C SER A 118 6.99 -4.29 -2.53
N LEU A 119 6.72 -3.41 -3.45
CA LEU A 119 5.46 -3.53 -4.26
C LEU A 119 5.42 -4.83 -5.08
N ILE A 120 6.18 -4.93 -6.16
CA ILE A 120 6.15 -6.15 -7.06
C ILE A 120 6.33 -7.51 -6.31
N LEU A 121 6.92 -8.50 -6.96
CA LEU A 121 7.16 -9.86 -6.32
C LEU A 121 7.55 -10.93 -7.37
N PRO A 122 8.83 -11.09 -7.62
CA PRO A 122 9.27 -12.13 -8.59
C PRO A 122 9.25 -13.50 -7.90
N LEU A 123 8.22 -14.28 -8.10
CA LEU A 123 8.15 -15.62 -7.44
C LEU A 123 8.01 -16.72 -8.51
N GLN A 124 8.67 -17.83 -8.30
CA GLN A 124 8.62 -18.95 -9.29
C GLN A 124 7.39 -19.84 -9.09
N ALA A 125 6.81 -20.50 -10.09
CA ALA A 125 5.60 -21.34 -9.77
C ALA A 125 5.97 -22.56 -8.91
N GLY A 126 5.41 -22.65 -7.73
CA GLY A 126 5.67 -23.81 -6.82
C GLY A 126 6.84 -23.50 -5.86
N ASP A 127 7.68 -22.56 -6.20
CA ASP A 127 8.83 -22.22 -5.30
C ASP A 127 8.32 -21.86 -3.90
N THR A 128 9.20 -21.72 -2.92
CA THR A 128 8.70 -21.41 -1.54
C THR A 128 9.54 -20.32 -0.87
N VAL A 129 8.89 -19.40 -0.19
CA VAL A 129 9.63 -18.31 0.51
C VAL A 129 9.80 -18.65 2.00
N CYS A 130 10.90 -18.26 2.58
CA CYS A 130 11.15 -18.57 4.03
C CYS A 130 11.75 -17.35 4.72
N VAL A 131 11.42 -17.13 5.97
CA VAL A 131 11.95 -15.95 6.71
C VAL A 131 13.22 -16.32 7.49
N ASP A 132 14.21 -15.45 7.42
CA ASP A 132 15.44 -15.65 8.25
C ASP A 132 15.15 -14.83 9.51
N LEU A 133 15.28 -15.46 10.65
CA LEU A 133 15.09 -14.75 11.95
C LEU A 133 16.26 -15.09 12.86
N VAL A 134 17.45 -14.74 12.45
CA VAL A 134 18.69 -15.01 13.26
C VAL A 134 19.78 -14.03 12.80
N MET A 135 19.97 -12.93 13.47
CA MET A 135 21.05 -11.98 13.07
C MET A 135 21.67 -11.38 14.33
N GLY A 136 22.19 -12.21 15.18
CA GLY A 136 22.79 -11.77 16.47
C GLY A 136 22.29 -12.71 17.56
N GLN A 137 23.18 -13.42 18.24
CA GLN A 137 22.71 -14.36 19.29
C GLN A 137 22.43 -13.61 20.60
N LEU A 138 23.43 -12.94 21.13
CA LEU A 138 23.23 -12.17 22.40
C LEU A 138 22.12 -11.14 22.23
N ALA A 139 20.90 -11.50 22.53
CA ALA A 139 19.77 -10.54 22.38
C ALA A 139 18.77 -10.73 23.53
N HIS A 140 17.52 -10.39 23.31
CA HIS A 140 16.49 -10.54 24.38
C HIS A 140 15.38 -11.48 23.92
N SER A 141 14.50 -11.87 24.81
CA SER A 141 13.39 -12.78 24.44
C SER A 141 12.09 -12.00 24.26
N GLU A 142 11.40 -12.20 23.17
CA GLU A 142 10.13 -11.46 22.93
C GLU A 142 9.22 -12.24 21.96
N GLU A 143 7.94 -11.95 21.98
CA GLU A 143 7.00 -12.67 21.06
C GLU A 143 5.98 -11.67 20.49
N PRO A 144 6.35 -11.01 19.41
CA PRO A 144 5.44 -10.02 18.78
C PRO A 144 4.29 -10.71 18.05
N LEU A 145 3.51 -9.93 17.34
CA LEU A 145 2.38 -10.49 16.54
C LEU A 145 2.52 -9.97 15.11
N THR A 146 1.98 -10.65 14.12
CA THR A 146 2.13 -10.15 12.72
C THR A 146 0.94 -10.57 11.86
N ILE A 147 0.50 -9.68 10.99
CA ILE A 147 -0.66 -10.01 10.10
C ILE A 147 -0.15 -10.23 8.67
N PHE A 148 -0.51 -11.32 8.05
CA PHE A 148 -0.01 -11.61 6.68
C PHE A 148 -1.16 -11.72 5.66
N SER A 149 -1.41 -10.67 4.92
CA SER A 149 -2.50 -10.71 3.89
C SER A 149 -1.84 -10.77 2.51
N GLY A 150 -2.54 -11.25 1.50
CA GLY A 150 -1.96 -11.32 0.12
C GLY A 150 -3.10 -11.73 -0.81
N ALA A 151 -3.55 -10.85 -1.67
CA ALA A 151 -4.72 -11.18 -2.53
C ALA A 151 -4.39 -11.34 -4.03
N LEU A 152 -5.10 -12.18 -4.75
CA LEU A 152 -4.79 -12.33 -6.21
C LEU A 152 -5.21 -11.07 -6.97
N LEU A 153 -4.35 -10.57 -7.83
CA LEU A 153 -4.68 -9.34 -8.62
C LEU A 153 -4.96 -9.72 -10.08
N TYR A 154 -4.01 -10.32 -10.74
CA TYR A 154 -4.19 -10.73 -12.16
C TYR A 154 -3.43 -12.05 -12.35
N GLY A 155 -3.91 -12.96 -13.16
CA GLY A 155 -3.16 -14.24 -13.37
C GLY A 155 -2.66 -14.27 -14.82
N ASP A 156 -1.72 -15.12 -15.14
CA ASP A 156 -1.22 -15.18 -16.55
C ASP A 156 -2.26 -15.91 -17.43
N PRO A 157 -2.87 -15.19 -18.34
CA PRO A 157 -3.90 -15.81 -19.21
C PRO A 157 -3.28 -16.38 -20.49
N GLU A 158 -2.54 -17.46 -20.35
CA GLU A 158 -1.83 -18.10 -21.51
C GLU A 158 -0.72 -17.15 -21.98
N LEU A 159 -1.10 -16.09 -22.64
CA LEU A 159 -0.09 -15.09 -23.15
C LEU A 159 1.04 -15.78 -23.94
N GLU A 160 0.82 -16.97 -24.44
CA GLU A 160 1.90 -17.65 -25.22
C GLU A 160 1.71 -17.38 -26.72
N HIS A 161 2.76 -17.49 -27.49
CA HIS A 161 2.65 -17.24 -28.96
C HIS A 161 3.61 -18.15 -29.72
N ALA A 162 3.16 -19.30 -30.18
CA ALA A 162 4.06 -20.23 -30.94
C ALA A 162 4.75 -19.50 -32.09
N PRO B 13 -23.11 -5.51 -16.53
CA PRO B 13 -23.04 -4.03 -16.64
C PRO B 13 -21.69 -3.54 -16.08
N VAL B 14 -21.42 -2.27 -16.20
CA VAL B 14 -20.13 -1.73 -15.68
C VAL B 14 -20.37 -0.46 -14.86
N PRO B 15 -20.31 -0.59 -13.54
CA PRO B 15 -20.53 0.58 -12.65
C PRO B 15 -19.39 1.59 -12.77
N GLN B 16 -18.22 1.16 -13.24
CA GLN B 16 -17.01 2.06 -13.41
C GLN B 16 -17.01 3.25 -12.44
N VAL B 17 -16.82 3.00 -11.16
CA VAL B 17 -16.84 4.13 -10.17
C VAL B 17 -15.49 4.28 -9.46
N ALA B 18 -15.07 5.51 -9.29
CA ALA B 18 -13.79 5.78 -8.55
C ALA B 18 -14.15 6.81 -7.48
N PHE B 19 -13.44 6.90 -6.38
CA PHE B 19 -13.82 7.94 -5.36
C PHE B 19 -12.61 8.19 -4.47
N SER B 20 -12.26 9.44 -4.29
CA SER B 20 -11.08 9.79 -3.44
C SER B 20 -10.99 11.33 -3.36
N ALA B 21 -10.79 11.88 -2.19
CA ALA B 21 -10.70 13.37 -2.08
C ALA B 21 -9.51 13.74 -1.20
N ALA B 22 -9.02 14.95 -1.33
CA ALA B 22 -7.84 15.37 -0.51
C ALA B 22 -8.14 16.61 0.33
N LEU B 23 -7.63 16.63 1.53
CA LEU B 23 -7.85 17.81 2.43
C LEU B 23 -6.55 18.60 2.56
N SER B 24 -6.62 19.90 2.46
CA SER B 24 -5.38 20.74 2.58
C SER B 24 -5.71 22.14 3.10
N LEU B 25 -6.88 22.34 3.71
CA LEU B 25 -7.29 23.69 4.27
C LEU B 25 -6.10 24.56 4.74
N PRO B 26 -6.29 25.87 4.73
CA PRO B 26 -5.19 26.81 5.12
C PRO B 26 -4.72 26.63 6.57
N ARG B 27 -5.32 27.30 7.53
CA ARG B 27 -4.84 27.20 8.94
C ARG B 27 -5.99 26.83 9.90
N SER B 28 -6.01 27.39 11.11
CA SER B 28 -7.08 27.07 12.12
C SER B 28 -8.46 26.93 11.47
N GLU B 29 -9.06 25.78 11.57
CA GLU B 29 -10.42 25.58 11.00
C GLU B 29 -11.45 25.77 12.13
N PRO B 30 -12.63 26.23 11.80
CA PRO B 30 -13.66 26.43 12.85
C PRO B 30 -14.14 25.09 13.42
N GLY B 31 -13.82 24.00 12.78
CA GLY B 31 -14.25 22.66 13.30
C GLY B 31 -13.63 21.52 12.48
N THR B 32 -14.40 20.52 12.16
CA THR B 32 -13.84 19.36 11.39
C THR B 32 -13.51 19.75 9.95
N VAL B 33 -12.67 18.98 9.31
CA VAL B 33 -12.20 19.32 7.93
C VAL B 33 -13.09 18.75 6.83
N PRO B 34 -13.45 19.59 5.86
CA PRO B 34 -14.24 19.12 4.71
C PRO B 34 -13.26 18.64 3.63
N PHE B 35 -13.62 18.66 2.37
CA PHE B 35 -12.64 18.19 1.33
C PHE B 35 -12.87 18.97 0.02
N ASP B 36 -11.87 19.69 -0.44
CA ASP B 36 -12.07 20.49 -1.70
C ASP B 36 -11.21 19.94 -2.85
N ARG B 37 -10.39 18.95 -2.63
CA ARG B 37 -9.55 18.42 -3.75
C ARG B 37 -10.27 17.29 -4.48
N VAL B 38 -11.06 17.60 -5.48
CA VAL B 38 -11.78 16.53 -6.23
C VAL B 38 -10.81 15.78 -7.14
N LEU B 39 -10.30 14.65 -6.69
CA LEU B 39 -9.34 13.89 -7.52
C LEU B 39 -10.09 12.98 -8.51
N LEU B 40 -11.08 12.27 -8.04
CA LEU B 40 -11.89 11.38 -8.95
C LEU B 40 -13.04 10.78 -8.14
N ASN B 41 -14.25 11.28 -8.33
CA ASN B 41 -15.44 10.75 -7.57
C ASN B 41 -16.68 11.54 -7.98
N ASP B 42 -17.30 11.17 -9.06
CA ASP B 42 -18.53 11.91 -9.50
C ASP B 42 -19.68 11.70 -8.52
N GLY B 43 -19.95 10.48 -8.12
CA GLY B 43 -21.08 10.21 -7.19
C GLY B 43 -20.75 10.64 -5.75
N GLY B 44 -19.50 10.69 -5.37
CA GLY B 44 -19.17 11.07 -3.96
C GLY B 44 -19.27 9.82 -3.09
N TYR B 45 -20.44 9.22 -3.06
CA TYR B 45 -20.67 7.95 -2.29
C TYR B 45 -20.43 8.08 -0.78
N TYR B 46 -19.21 8.30 -0.34
CA TYR B 46 -18.96 8.33 1.14
C TYR B 46 -18.58 9.72 1.70
N ASP B 47 -19.48 10.32 2.44
CA ASP B 47 -19.20 11.67 3.02
C ASP B 47 -18.05 11.58 4.05
N PRO B 48 -16.96 12.28 3.79
CA PRO B 48 -15.79 12.25 4.72
C PRO B 48 -16.01 13.12 5.98
N GLU B 49 -17.16 13.74 6.09
CA GLU B 49 -17.43 14.56 7.31
C GLU B 49 -17.77 13.58 8.43
N THR B 50 -18.86 12.89 8.27
CA THR B 50 -19.26 11.86 9.27
C THR B 50 -18.74 10.49 8.81
N GLY B 51 -18.37 10.36 7.55
CA GLY B 51 -17.84 9.04 7.07
C GLY B 51 -18.98 8.09 6.71
N VAL B 52 -20.14 8.62 6.43
CA VAL B 52 -21.27 7.70 6.08
C VAL B 52 -21.03 7.15 4.68
N PHE B 53 -20.34 6.02 4.64
CA PHE B 53 -19.98 5.40 3.33
C PHE B 53 -21.04 4.41 2.84
N THR B 54 -21.84 4.79 1.87
CA THR B 54 -22.86 3.84 1.32
C THR B 54 -22.26 3.16 0.10
N ALA B 55 -21.78 1.94 0.25
CA ALA B 55 -21.11 1.25 -0.90
C ALA B 55 -22.01 0.25 -1.65
N PRO B 56 -22.43 0.63 -2.85
CA PRO B 56 -23.24 -0.29 -3.69
C PRO B 56 -22.28 -1.13 -4.56
N LEU B 57 -21.01 -0.77 -4.61
CA LEU B 57 -20.00 -1.49 -5.48
C LEU B 57 -20.23 -3.00 -5.57
N ALA B 58 -20.39 -3.69 -4.46
CA ALA B 58 -20.60 -5.18 -4.51
C ALA B 58 -19.52 -5.84 -5.38
N GLY B 59 -18.48 -6.33 -4.75
CA GLY B 59 -17.37 -6.97 -5.49
C GLY B 59 -16.12 -6.86 -4.63
N ARG B 60 -14.99 -6.73 -5.24
CA ARG B 60 -13.72 -6.57 -4.48
C ARG B 60 -13.24 -5.13 -4.67
N TYR B 61 -12.96 -4.41 -3.61
CA TYR B 61 -12.50 -2.99 -3.77
C TYR B 61 -11.23 -2.75 -2.93
N LEU B 62 -10.34 -1.92 -3.43
CA LEU B 62 -9.08 -1.64 -2.67
C LEU B 62 -9.22 -0.29 -1.94
N LEU B 63 -9.20 -0.32 -0.63
CA LEU B 63 -9.33 0.94 0.16
C LEU B 63 -8.03 1.27 0.89
N SER B 64 -7.70 2.53 1.02
CA SER B 64 -6.45 2.93 1.72
C SER B 64 -6.65 4.22 2.51
N ALA B 65 -6.47 4.15 3.81
CA ALA B 65 -6.63 5.37 4.66
C ALA B 65 -5.26 5.85 5.13
N VAL B 66 -5.08 7.13 5.31
CA VAL B 66 -3.75 7.65 5.76
C VAL B 66 -3.70 7.76 7.29
N LEU B 67 -2.76 7.07 7.92
CA LEU B 67 -2.75 7.05 9.41
C LEU B 67 -1.81 8.10 10.05
N THR B 68 -2.40 9.07 10.71
CA THR B 68 -1.58 10.08 11.43
C THR B 68 -0.88 9.38 12.59
N GLY B 69 0.34 9.72 12.86
CA GLY B 69 1.09 9.07 13.98
C GLY B 69 0.49 9.44 15.34
N HIS B 70 0.56 10.69 15.71
CA HIS B 70 -0.02 11.13 17.04
C HIS B 70 0.41 10.17 18.18
N ARG B 71 1.68 10.15 18.48
CA ARG B 71 2.19 9.24 19.55
C ARG B 71 1.71 9.67 20.95
N HIS B 72 1.05 10.80 21.08
CA HIS B 72 0.58 11.29 22.42
C HIS B 72 -0.43 10.33 23.09
N GLU B 73 -0.75 9.17 22.52
CA GLU B 73 -1.72 8.16 23.13
C GLU B 73 -3.14 8.32 22.55
N LYS B 74 -4.12 7.70 23.21
CA LYS B 74 -5.57 7.70 22.74
C LYS B 74 -5.76 6.54 21.76
N VAL B 75 -6.95 6.04 21.59
CA VAL B 75 -7.15 4.88 20.66
C VAL B 75 -8.15 5.22 19.54
N GLU B 76 -7.68 5.21 18.32
CA GLU B 76 -8.58 5.47 17.16
C GLU B 76 -8.92 4.11 16.53
N ALA B 77 -10.17 3.86 16.25
CA ALA B 77 -10.61 2.59 15.61
C ALA B 77 -11.93 2.88 14.90
N VAL B 78 -11.98 2.63 13.62
CA VAL B 78 -13.23 2.88 12.84
C VAL B 78 -14.21 1.70 12.95
N LEU B 79 -15.46 1.97 13.25
CA LEU B 79 -16.48 0.87 13.33
C LEU B 79 -16.68 0.24 11.96
N SER B 80 -17.16 -0.98 11.91
CA SER B 80 -17.46 -1.62 10.59
C SER B 80 -18.93 -2.08 10.61
N ARG B 81 -19.69 -1.89 9.57
CA ARG B 81 -21.12 -2.33 9.61
C ARG B 81 -21.24 -3.86 9.74
N SER B 82 -22.36 -4.31 10.28
CA SER B 82 -22.65 -5.80 10.49
C SER B 82 -22.02 -6.33 11.79
N ASN B 83 -20.89 -5.82 12.21
CA ASN B 83 -20.26 -6.34 13.46
C ASN B 83 -20.06 -5.22 14.49
N GLN B 84 -20.01 -3.96 14.11
CA GLN B 84 -19.68 -2.87 15.12
C GLN B 84 -18.23 -3.10 15.53
N GLY B 85 -17.49 -2.21 16.19
CA GLY B 85 -16.04 -2.54 16.50
C GLY B 85 -15.37 -2.88 15.15
N VAL B 86 -14.76 -4.05 15.04
CA VAL B 86 -14.04 -4.42 13.77
C VAL B 86 -13.09 -3.29 13.38
N ALA B 87 -11.84 -3.40 13.75
CA ALA B 87 -10.87 -2.31 13.41
C ALA B 87 -10.19 -2.60 12.07
N ARG B 88 -10.77 -2.12 10.98
CA ARG B 88 -10.09 -2.30 9.66
C ARG B 88 -9.09 -1.15 9.53
N VAL B 89 -9.52 0.02 9.92
CA VAL B 89 -8.62 1.20 9.93
C VAL B 89 -8.21 1.40 11.39
N ASP B 90 -7.35 0.54 11.88
CA ASP B 90 -6.92 0.60 13.31
C ASP B 90 -5.78 1.58 13.51
N SER B 91 -5.87 2.39 14.53
CA SER B 91 -4.80 3.38 14.84
C SER B 91 -4.73 3.56 16.35
N GLY B 92 -3.73 3.01 16.96
CA GLY B 92 -3.56 3.15 18.43
C GLY B 92 -2.48 4.19 18.70
N GLY B 93 -2.83 5.44 18.68
CA GLY B 93 -1.84 6.52 18.93
C GLY B 93 -1.73 6.76 20.43
N THR B 113 -15.29 -13.26 16.39
CA THR B 113 -16.25 -12.40 15.64
C THR B 113 -15.61 -11.04 15.32
N LEU B 114 -14.70 -10.60 16.14
CA LEU B 114 -14.03 -9.29 15.90
C LEU B 114 -12.57 -9.48 15.50
N GLY B 115 -12.15 -8.86 14.43
CA GLY B 115 -10.73 -9.01 13.97
C GLY B 115 -10.31 -7.74 13.22
N VAL B 116 -9.04 -7.59 12.96
CA VAL B 116 -8.57 -6.37 12.22
C VAL B 116 -7.92 -6.76 10.89
N PHE B 117 -8.33 -6.13 9.82
CA PHE B 117 -7.75 -6.44 8.48
C PHE B 117 -7.44 -5.13 7.74
N SER B 118 -6.48 -5.14 6.86
CA SER B 118 -6.12 -3.89 6.12
C SER B 118 -6.32 -4.03 4.61
N LEU B 119 -5.73 -5.03 4.01
CA LEU B 119 -5.86 -5.19 2.52
C LEU B 119 -7.31 -5.41 2.08
N ILE B 120 -7.88 -6.59 2.31
CA ILE B 120 -9.28 -6.92 1.85
C ILE B 120 -10.35 -5.88 2.28
N LEU B 121 -11.59 -6.31 2.50
CA LEU B 121 -12.71 -5.38 2.95
C LEU B 121 -14.10 -6.06 2.80
N PRO B 122 -14.55 -6.72 3.84
CA PRO B 122 -15.90 -7.36 3.80
C PRO B 122 -16.96 -6.28 4.02
N LEU B 123 -17.58 -5.77 2.97
CA LEU B 123 -18.63 -4.73 3.13
C LEU B 123 -19.95 -5.20 2.52
N GLN B 124 -21.05 -4.89 3.16
CA GLN B 124 -22.39 -5.34 2.65
C GLN B 124 -22.94 -4.38 1.58
N ALA B 125 -23.75 -4.77 0.63
CA ALA B 125 -24.23 -3.74 -0.37
C ALA B 125 -25.18 -2.72 0.28
N GLY B 126 -24.79 -1.46 0.27
CA GLY B 126 -25.67 -0.39 0.86
C GLY B 126 -25.30 -0.12 2.33
N ASP B 127 -24.66 -1.07 2.98
CA ASP B 127 -24.30 -0.87 4.42
C ASP B 127 -23.44 0.40 4.58
N THR B 128 -23.18 0.84 5.78
CA THR B 128 -22.39 2.10 5.94
C THR B 128 -21.31 1.98 7.03
N VAL B 129 -20.14 2.50 6.76
CA VAL B 129 -19.03 2.42 7.77
C VAL B 129 -18.94 3.74 8.55
N CYS B 130 -18.60 3.67 9.82
CA CYS B 130 -18.50 4.91 10.65
C CYS B 130 -17.25 4.85 11.53
N VAL B 131 -16.62 5.97 11.76
CA VAL B 131 -15.39 5.99 12.61
C VAL B 131 -15.74 6.28 14.07
N ASP B 132 -15.12 5.54 14.97
CA ASP B 132 -15.27 5.84 16.42
C ASP B 132 -14.08 6.75 16.73
N LEU B 133 -14.34 7.88 17.31
CA LEU B 133 -13.25 8.81 17.72
C LEU B 133 -13.51 9.26 19.16
N VAL B 134 -13.52 8.32 20.07
CA VAL B 134 -13.76 8.63 21.52
C VAL B 134 -13.18 7.47 22.35
N MET B 135 -11.97 7.60 22.85
CA MET B 135 -11.40 6.49 23.69
C MET B 135 -10.57 7.12 24.81
N GLY B 136 -11.20 7.94 25.61
CA GLY B 136 -10.50 8.64 26.72
C GLY B 136 -10.98 10.09 26.70
N GLN B 137 -11.59 10.58 27.76
CA GLN B 137 -12.07 11.99 27.76
C GLN B 137 -10.93 12.95 28.10
N LEU B 138 -10.32 12.77 29.25
CA LEU B 138 -9.18 13.67 29.64
C LEU B 138 -8.06 13.60 28.60
N ALA B 139 -8.10 14.45 27.61
CA ALA B 139 -7.04 14.44 26.56
C ALA B 139 -6.70 15.88 26.14
N HIS B 140 -6.21 16.05 24.93
CA HIS B 140 -5.85 17.42 24.46
C HIS B 140 -6.67 17.79 23.22
N SER B 141 -6.60 19.02 22.79
CA SER B 141 -7.37 19.45 21.60
C SER B 141 -6.46 19.53 20.37
N GLU B 142 -6.85 18.93 19.28
CA GLU B 142 -6.00 18.97 18.05
C GLU B 142 -6.85 18.76 16.80
N GLU B 143 -6.35 19.19 15.65
CA GLU B 143 -7.13 19.02 14.38
C GLU B 143 -6.18 18.58 13.26
N PRO B 144 -5.95 17.29 13.15
CA PRO B 144 -5.05 16.75 12.10
C PRO B 144 -5.70 16.83 10.72
N LEU B 145 -5.04 16.25 9.75
CA LEU B 145 -5.59 16.20 8.35
C LEU B 145 -5.56 14.74 7.89
N THR B 146 -6.40 14.35 6.95
CA THR B 146 -6.38 12.92 6.51
C THR B 146 -6.81 12.79 5.05
N ILE B 147 -6.17 11.91 4.31
CA ILE B 147 -6.53 11.71 2.88
C ILE B 147 -7.26 10.37 2.73
N PHE B 148 -8.41 10.38 2.09
CA PHE B 148 -9.17 9.11 1.94
C PHE B 148 -9.37 8.72 0.47
N SER B 149 -8.56 7.83 -0.03
CA SER B 149 -8.72 7.38 -1.46
C SER B 149 -9.31 5.96 -1.47
N GLY B 150 -9.92 5.54 -2.54
CA GLY B 150 -10.52 4.17 -2.61
C GLY B 150 -10.97 3.95 -4.05
N ALA B 151 -10.31 3.09 -4.78
CA ALA B 151 -10.68 2.93 -6.23
C ALA B 151 -11.34 1.57 -6.57
N LEU B 152 -12.21 1.52 -7.56
CA LEU B 152 -12.85 0.21 -7.90
C LEU B 152 -11.82 -0.71 -8.55
N LEU B 153 -11.77 -1.96 -8.13
CA LEU B 153 -10.79 -2.91 -8.73
C LEU B 153 -11.52 -3.92 -9.62
N TYR B 154 -12.45 -4.65 -9.06
CA TYR B 154 -13.23 -5.65 -9.84
C TYR B 154 -14.66 -5.66 -9.29
N GLY B 155 -15.68 -5.84 -10.09
CA GLY B 155 -17.07 -5.86 -9.56
C GLY B 155 -17.61 -7.29 -9.73
N ASP B 156 -18.68 -7.63 -9.04
CA ASP B 156 -19.25 -9.01 -9.19
C ASP B 156 -20.01 -9.10 -10.53
N PRO B 157 -19.50 -9.88 -11.46
CA PRO B 157 -20.15 -10.01 -12.77
C PRO B 157 -21.19 -11.15 -12.79
N GLU B 158 -22.28 -10.94 -12.10
CA GLU B 158 -23.36 -11.99 -11.97
C GLU B 158 -22.80 -13.15 -11.14
N LEU B 159 -21.95 -13.93 -11.72
CA LEU B 159 -21.34 -15.10 -10.99
C LEU B 159 -22.42 -15.98 -10.34
N GLU B 160 -23.66 -15.91 -10.78
CA GLU B 160 -24.73 -16.76 -10.17
C GLU B 160 -24.89 -18.06 -10.98
N HIS B 161 -25.40 -19.09 -10.37
CA HIS B 161 -25.58 -20.39 -11.08
C HIS B 161 -26.84 -21.11 -10.58
N ALA B 162 -27.98 -20.90 -11.22
CA ALA B 162 -29.24 -21.58 -10.76
C ALA B 162 -29.02 -23.09 -10.62
N PRO C 13 -7.31 -3.52 -26.89
CA PRO C 13 -5.90 -3.94 -26.99
C PRO C 13 -5.33 -4.25 -25.60
N VAL C 14 -4.12 -4.72 -25.52
CA VAL C 14 -3.52 -5.04 -24.19
C VAL C 14 -2.17 -4.33 -24.03
N PRO C 15 -2.13 -3.29 -23.21
CA PRO C 15 -0.87 -2.53 -23.00
C PRO C 15 0.15 -3.37 -22.21
N GLN C 16 -0.32 -4.37 -21.47
CA GLN C 16 0.58 -5.29 -20.67
C GLN C 16 1.94 -4.65 -20.29
N VAL C 17 1.93 -3.61 -19.48
CA VAL C 17 3.22 -2.95 -19.09
C VAL C 17 3.41 -2.99 -17.57
N ALA C 18 4.61 -3.33 -17.14
CA ALA C 18 4.91 -3.33 -15.68
C ALA C 18 6.17 -2.50 -15.53
N PHE C 19 6.46 -1.89 -14.40
CA PHE C 19 7.73 -1.12 -14.29
C PHE C 19 8.05 -0.91 -12.80
N SER C 20 9.24 -1.27 -12.40
CA SER C 20 9.66 -1.13 -10.97
C SER C 20 11.12 -1.56 -10.85
N ALA C 21 11.94 -0.83 -10.15
CA ALA C 21 13.37 -1.23 -10.03
C ALA C 21 13.80 -1.17 -8.56
N ALA C 22 14.85 -1.88 -8.22
CA ALA C 22 15.32 -1.88 -6.79
C ALA C 22 16.78 -1.42 -6.70
N LEU C 23 17.08 -0.63 -5.71
CA LEU C 23 18.47 -0.13 -5.54
C LEU C 23 19.11 -0.73 -4.28
N SER C 24 20.36 -1.10 -4.35
CA SER C 24 21.04 -1.69 -3.16
C SER C 24 22.57 -1.51 -3.25
N LEU C 25 23.05 -0.57 -4.05
CA LEU C 25 24.53 -0.31 -4.21
C LEU C 25 25.33 -0.51 -2.90
N PRO C 26 26.63 -0.68 -3.02
CA PRO C 26 27.49 -0.92 -1.84
C PRO C 26 27.47 0.24 -0.81
N ARG C 27 28.32 1.23 -0.95
CA ARG C 27 28.36 2.34 0.06
C ARG C 27 28.31 3.73 -0.60
N SER C 28 29.03 4.71 -0.06
CA SER C 28 29.03 6.12 -0.61
C SER C 28 28.98 6.14 -2.14
N GLU C 29 28.08 6.90 -2.69
CA GLU C 29 28.01 7.03 -4.18
C GLU C 29 28.56 8.42 -4.57
N PRO C 30 28.95 8.57 -5.81
CA PRO C 30 29.52 9.87 -6.27
C PRO C 30 28.43 10.96 -6.36
N GLY C 31 27.18 10.57 -6.31
CA GLY C 31 26.08 11.57 -6.39
C GLY C 31 24.73 10.87 -6.26
N THR C 32 23.77 11.22 -7.06
CA THR C 32 22.42 10.58 -6.96
C THR C 32 22.51 9.11 -7.40
N VAL C 33 21.62 8.29 -6.91
CA VAL C 33 21.72 6.82 -7.19
C VAL C 33 20.79 6.37 -8.34
N PRO C 34 21.31 5.48 -9.19
CA PRO C 34 20.50 4.93 -10.29
C PRO C 34 19.81 3.63 -9.81
N PHE C 35 19.59 2.65 -10.67
CA PHE C 35 18.95 1.38 -10.19
C PHE C 35 19.44 0.20 -11.03
N ASP C 36 19.96 -0.84 -10.41
CA ASP C 36 20.48 -1.99 -11.21
C ASP C 36 19.63 -3.27 -11.01
N ARG C 37 18.63 -3.24 -10.15
CA ARG C 37 17.81 -4.48 -9.95
C ARG C 37 16.61 -4.50 -10.89
N VAL C 38 16.73 -5.04 -12.08
CA VAL C 38 15.57 -5.06 -13.01
C VAL C 38 14.51 -6.06 -12.51
N LEU C 39 13.50 -5.58 -11.83
CA LEU C 39 12.45 -6.50 -11.31
C LEU C 39 11.41 -6.78 -12.39
N LEU C 40 10.94 -5.75 -13.07
CA LEU C 40 9.95 -5.95 -14.17
C LEU C 40 9.70 -4.60 -14.84
N ASN C 41 10.27 -4.39 -16.01
CA ASN C 41 10.10 -3.08 -16.73
C ASN C 41 10.90 -3.10 -18.03
N ASP C 42 10.35 -3.67 -19.07
CA ASP C 42 11.11 -3.73 -20.36
C ASP C 42 11.29 -2.34 -20.96
N GLY C 43 10.24 -1.55 -21.00
CA GLY C 43 10.36 -0.18 -21.60
C GLY C 43 11.09 0.79 -20.67
N GLY C 44 11.08 0.56 -19.38
CA GLY C 44 11.76 1.52 -18.45
C GLY C 44 10.81 2.69 -18.18
N TYR C 45 10.45 3.40 -19.22
CA TYR C 45 9.48 4.54 -19.13
C TYR C 45 9.95 5.70 -18.21
N TYR C 46 10.08 5.48 -16.92
CA TYR C 46 10.45 6.62 -16.02
C TYR C 46 11.86 6.51 -15.39
N ASP C 47 12.76 7.35 -15.83
CA ASP C 47 14.16 7.33 -15.27
C ASP C 47 14.13 7.80 -13.80
N PRO C 48 14.53 6.93 -12.89
CA PRO C 48 14.55 7.28 -11.44
C PRO C 48 15.75 8.18 -11.07
N GLU C 49 16.59 8.53 -12.03
CA GLU C 49 17.74 9.43 -11.71
C GLU C 49 17.16 10.82 -11.52
N THR C 50 16.60 11.35 -12.58
CA THR C 50 15.95 12.68 -12.51
C THR C 50 14.44 12.46 -12.27
N GLY C 51 13.93 11.27 -12.53
CA GLY C 51 12.49 11.01 -12.29
C GLY C 51 11.64 11.45 -13.48
N VAL C 52 12.23 11.58 -14.64
CA VAL C 52 11.43 12.03 -15.81
C VAL C 52 10.50 10.88 -16.23
N PHE C 53 9.33 10.85 -15.64
CA PHE C 53 8.36 9.75 -15.91
C PHE C 53 7.43 10.08 -17.08
N THR C 54 7.65 9.50 -18.23
CA THR C 54 6.74 9.74 -19.39
C THR C 54 5.72 8.59 -19.43
N ALA C 55 4.52 8.82 -18.97
CA ALA C 55 3.52 7.71 -18.91
C ALA C 55 2.50 7.72 -20.07
N PRO C 56 2.68 6.85 -21.05
CA PRO C 56 1.71 6.74 -22.15
C PRO C 56 0.55 5.81 -21.71
N LEU C 57 0.72 5.10 -20.60
CA LEU C 57 -0.31 4.13 -20.11
C LEU C 57 -1.76 4.61 -20.32
N ALA C 58 -2.08 5.82 -19.92
CA ALA C 58 -3.49 6.33 -20.10
C ALA C 58 -4.49 5.34 -19.49
N GLY C 59 -4.92 5.59 -18.28
CA GLY C 59 -5.87 4.68 -17.61
C GLY C 59 -5.69 4.88 -16.11
N ARG C 60 -5.90 3.84 -15.36
CA ARG C 60 -5.70 3.92 -13.87
C ARG C 60 -4.42 3.14 -13.53
N TYR C 61 -3.51 3.74 -12.80
CA TYR C 61 -2.25 3.01 -12.46
C TYR C 61 -1.97 3.12 -10.95
N LEU C 62 -1.43 2.08 -10.36
CA LEU C 62 -1.11 2.10 -8.90
C LEU C 62 0.37 2.43 -8.72
N LEU C 63 0.66 3.58 -8.16
CA LEU C 63 2.09 3.98 -7.94
C LEU C 63 2.43 3.96 -6.45
N SER C 64 3.63 3.58 -6.11
CA SER C 64 4.04 3.51 -4.68
C SER C 64 5.51 3.89 -4.51
N ALA C 65 5.78 4.94 -3.77
CA ALA C 65 7.19 5.36 -3.53
C ALA C 65 7.56 5.04 -2.08
N VAL C 66 8.80 4.69 -1.84
CA VAL C 66 9.21 4.34 -0.44
C VAL C 66 9.74 5.58 0.30
N LEU C 67 9.12 5.96 1.39
CA LEU C 67 9.53 7.22 2.09
C LEU C 67 10.55 7.00 3.21
N THR C 68 11.76 7.48 2.98
CA THR C 68 12.81 7.37 4.04
C THR C 68 12.34 8.21 5.23
N GLY C 69 12.55 7.73 6.43
CA GLY C 69 12.11 8.50 7.63
C GLY C 69 12.84 9.84 7.70
N HIS C 70 14.13 9.83 7.88
CA HIS C 70 14.92 11.11 7.95
C HIS C 70 14.23 12.14 8.87
N ARG C 71 14.13 11.84 10.13
CA ARG C 71 13.45 12.78 11.09
C ARG C 71 14.25 14.08 11.29
N HIS C 72 15.45 14.16 10.75
CA HIS C 72 16.29 15.41 10.91
C HIS C 72 15.62 16.69 10.34
N GLU C 73 14.38 16.66 9.85
CA GLU C 73 13.67 17.89 9.29
C GLU C 73 13.88 18.04 7.77
N LYS C 74 13.59 19.23 7.24
CA LYS C 74 13.66 19.54 5.75
C LYS C 74 12.30 19.22 5.13
N VAL C 75 12.01 19.72 3.95
CA VAL C 75 10.67 19.42 3.33
C VAL C 75 10.85 18.76 1.96
N GLU C 76 10.42 17.53 1.84
CA GLU C 76 10.49 16.82 0.53
C GLU C 76 9.06 16.80 -0.05
N ALA C 77 8.93 17.17 -1.30
CA ALA C 77 7.61 17.16 -2.00
C ALA C 77 7.90 17.05 -3.50
N VAL C 78 7.39 16.01 -4.12
CA VAL C 78 7.61 15.81 -5.58
C VAL C 78 6.69 16.73 -6.41
N LEU C 79 7.24 17.43 -7.38
CA LEU C 79 6.40 18.33 -8.24
C LEU C 79 5.47 17.45 -9.10
N SER C 80 4.39 18.01 -9.58
CA SER C 80 3.48 17.22 -10.48
C SER C 80 3.23 18.05 -11.75
N ARG C 81 3.27 17.48 -12.92
CA ARG C 81 3.04 18.29 -14.16
C ARG C 81 1.62 18.88 -14.19
N SER C 82 1.45 19.99 -14.89
CA SER C 82 0.11 20.70 -15.03
C SER C 82 -0.18 21.63 -13.83
N ASN C 83 0.30 21.31 -12.66
CA ASN C 83 0.02 22.20 -11.48
C ASN C 83 1.32 22.67 -10.82
N GLN C 84 2.44 21.99 -10.97
CA GLN C 84 3.69 22.40 -10.20
C GLN C 84 3.39 22.12 -8.73
N GLY C 85 4.31 22.09 -7.78
CA GLY C 85 3.88 21.74 -6.36
C GLY C 85 3.14 20.39 -6.42
N VAL C 86 1.93 20.32 -5.92
CA VAL C 86 1.18 19.02 -5.93
C VAL C 86 2.06 17.92 -5.32
N ALA C 87 1.93 17.67 -4.04
CA ALA C 87 2.76 16.62 -3.41
C ALA C 87 2.01 15.29 -3.33
N ARG C 88 2.18 14.40 -4.29
CA ARG C 88 1.53 13.07 -4.17
C ARG C 88 2.46 12.22 -3.31
N VAL C 89 3.74 12.35 -3.55
CA VAL C 89 4.74 11.67 -2.70
C VAL C 89 5.21 12.72 -1.69
N ASP C 90 4.38 13.01 -0.73
CA ASP C 90 4.69 14.09 0.26
C ASP C 90 5.44 13.54 1.49
N SER C 91 6.46 14.25 1.89
CA SER C 91 7.25 13.86 3.09
C SER C 91 7.72 15.13 3.77
N GLY C 92 7.08 15.50 4.85
CA GLY C 92 7.48 16.73 5.58
C GLY C 92 8.08 16.34 6.93
N GLY C 93 9.37 16.17 6.97
CA GLY C 93 10.03 15.78 8.25
C GLY C 93 10.30 17.02 9.09
N THR C 113 -6.25 24.56 -5.04
CA THR C 113 -5.59 24.22 -6.33
C THR C 113 -4.47 23.19 -6.10
N LEU C 114 -3.90 23.17 -4.92
CA LEU C 114 -2.81 22.20 -4.63
C LEU C 114 -3.26 21.17 -3.57
N GLY C 115 -3.04 19.91 -3.83
CA GLY C 115 -3.45 18.85 -2.86
C GLY C 115 -2.53 17.65 -3.01
N VAL C 116 -2.62 16.70 -2.11
CA VAL C 116 -1.73 15.50 -2.19
C VAL C 116 -2.55 14.21 -2.36
N PHE C 117 -2.16 13.38 -3.29
CA PHE C 117 -2.87 12.09 -3.51
C PHE C 117 -1.85 10.96 -3.59
N SER C 118 -2.21 9.77 -3.14
CA SER C 118 -1.23 8.64 -3.16
C SER C 118 -1.73 7.44 -3.97
N LEU C 119 -2.92 6.96 -3.67
CA LEU C 119 -3.45 5.76 -4.38
C LEU C 119 -3.57 5.98 -5.90
N ILE C 120 -4.60 6.68 -6.35
CA ILE C 120 -4.85 6.90 -7.82
C ILE C 120 -3.63 7.50 -8.60
N LEU C 121 -3.86 8.41 -9.53
CA LEU C 121 -2.73 9.04 -10.30
C LEU C 121 -3.26 10.01 -11.38
N PRO C 122 -3.69 11.18 -10.98
CA PRO C 122 -4.19 12.17 -11.97
C PRO C 122 -3.01 12.72 -12.78
N LEU C 123 -2.64 12.03 -13.85
CA LEU C 123 -1.49 12.50 -14.69
C LEU C 123 -1.91 12.62 -16.16
N GLN C 124 -1.26 13.49 -16.89
CA GLN C 124 -1.60 13.71 -18.33
C GLN C 124 -0.96 12.63 -19.23
N ALA C 125 -1.50 12.25 -20.37
CA ALA C 125 -0.79 11.18 -21.17
C ALA C 125 0.54 11.70 -21.75
N GLY C 126 1.64 11.10 -21.38
CA GLY C 126 2.98 11.51 -21.90
C GLY C 126 3.62 12.56 -20.98
N ASP C 127 2.83 13.25 -20.20
CA ASP C 127 3.40 14.30 -19.29
C ASP C 127 4.53 13.71 -18.43
N THR C 128 5.24 14.52 -17.68
CA THR C 128 6.38 13.97 -16.89
C THR C 128 6.37 14.46 -15.44
N VAL C 129 6.67 13.57 -14.51
CA VAL C 129 6.68 13.98 -13.07
C VAL C 129 8.12 14.31 -12.64
N CYS C 130 8.29 15.27 -11.78
CA CYS C 130 9.66 15.67 -11.33
C CYS C 130 9.68 15.92 -9.82
N VAL C 131 10.76 15.61 -9.15
CA VAL C 131 10.84 15.80 -7.67
C VAL C 131 11.59 17.09 -7.32
N ASP C 132 11.05 17.82 -6.38
CA ASP C 132 11.75 19.02 -5.84
C ASP C 132 12.42 18.49 -4.57
N LEU C 133 13.71 18.69 -4.48
CA LEU C 133 14.47 18.28 -3.27
C LEU C 133 15.35 19.45 -2.84
N VAL C 134 14.74 20.54 -2.48
CA VAL C 134 15.50 21.76 -2.03
C VAL C 134 14.55 22.62 -1.18
N MET C 135 14.59 22.52 0.11
CA MET C 135 13.68 23.36 0.96
C MET C 135 14.45 23.79 2.21
N GLY C 136 15.55 24.46 2.02
CA GLY C 136 16.42 24.90 3.14
C GLY C 136 17.87 24.58 2.76
N GLN C 137 18.72 25.57 2.68
CA GLN C 137 20.14 25.28 2.29
C GLN C 137 20.95 24.83 3.51
N LEU C 138 21.01 25.63 4.54
CA LEU C 138 21.79 25.24 5.76
C LEU C 138 21.23 23.93 6.35
N ALA C 139 21.75 22.81 5.91
CA ALA C 139 21.27 21.50 6.43
C ALA C 139 22.44 20.52 6.58
N HIS C 140 22.19 19.24 6.48
CA HIS C 140 23.29 18.24 6.62
C HIS C 140 23.46 17.46 5.31
N SER C 141 24.52 16.71 5.19
CA SER C 141 24.75 15.92 3.95
C SER C 141 24.39 14.45 4.18
N GLU C 142 23.61 13.87 3.31
CA GLU C 142 23.21 12.45 3.48
C GLU C 142 22.81 11.83 2.13
N GLU C 143 22.96 10.54 2.00
CA GLU C 143 22.58 9.86 0.72
C GLU C 143 21.86 8.54 1.03
N PRO C 144 20.56 8.62 1.21
CA PRO C 144 19.76 7.41 1.53
C PRO C 144 19.55 6.54 0.27
N LEU C 145 18.72 5.54 0.40
CA LEU C 145 18.39 4.66 -0.76
C LEU C 145 16.87 4.69 -0.93
N THR C 146 16.36 4.38 -2.11
CA THR C 146 14.87 4.43 -2.28
C THR C 146 14.40 3.42 -3.34
N ILE C 147 13.28 2.78 -3.10
CA ILE C 147 12.75 1.78 -4.08
C ILE C 147 11.57 2.40 -4.83
N PHE C 148 11.59 2.34 -6.14
CA PHE C 148 10.47 2.94 -6.93
C PHE C 148 9.74 1.90 -7.77
N SER C 149 8.62 1.42 -7.30
CA SER C 149 7.85 0.41 -8.09
C SER C 149 6.56 1.07 -8.60
N GLY C 150 5.94 0.52 -9.63
CA GLY C 150 4.67 1.11 -10.17
C GLY C 150 4.12 0.10 -11.18
N ALA C 151 3.01 -0.53 -10.87
CA ALA C 151 2.48 -1.59 -11.80
C ALA C 151 1.22 -1.18 -12.57
N LEU C 152 1.02 -1.63 -13.79
CA LEU C 152 -0.22 -1.25 -14.53
C LEU C 152 -1.44 -1.96 -13.94
N LEU C 153 -2.52 -1.24 -13.75
CA LEU C 153 -3.75 -1.88 -13.17
C LEU C 153 -4.81 -2.05 -14.27
N TYR C 154 -5.26 -0.97 -14.85
CA TYR C 154 -6.29 -1.04 -15.93
C TYR C 154 -5.99 0.07 -16.93
N GLY C 155 -6.24 -0.11 -18.20
CA GLY C 155 -5.97 0.97 -19.20
C GLY C 155 -7.32 1.46 -19.75
N ASP C 156 -7.35 2.62 -20.36
CA ASP C 156 -8.65 3.13 -20.93
C ASP C 156 -8.97 2.35 -22.22
N PRO C 157 -10.02 1.56 -22.20
CA PRO C 157 -10.39 0.77 -23.38
C PRO C 157 -11.36 1.55 -24.30
N GLU C 158 -10.85 2.56 -24.96
CA GLU C 158 -11.69 3.43 -25.85
C GLU C 158 -12.66 4.23 -24.98
N LEU C 159 -13.67 3.56 -24.47
CA LEU C 159 -14.69 4.23 -23.60
C LEU C 159 -15.24 5.51 -24.26
N GLU C 160 -15.14 5.65 -25.56
CA GLU C 160 -15.67 6.88 -26.22
C GLU C 160 -17.10 6.62 -26.71
N HIS C 161 -17.88 7.67 -26.88
CA HIS C 161 -19.28 7.51 -27.35
C HIS C 161 -19.69 8.68 -28.23
N ALA C 162 -19.53 8.58 -29.54
CA ALA C 162 -19.91 9.72 -30.45
C ALA C 162 -21.35 10.16 -30.18
N PRO A 13 -8.51 -20.56 -17.71
CA PRO A 13 -9.08 -21.03 -16.42
C PRO A 13 -9.01 -19.91 -15.39
N VAL A 14 -9.68 -20.07 -14.27
CA VAL A 14 -9.65 -19.01 -13.21
C VAL A 14 -9.36 -19.65 -11.84
N PRO A 15 -8.13 -19.52 -11.37
CA PRO A 15 -7.77 -20.09 -10.05
C PRO A 15 -8.46 -19.32 -8.90
N GLN A 16 -8.88 -18.10 -9.15
CA GLN A 16 -9.59 -17.25 -8.11
C GLN A 16 -9.17 -17.60 -6.67
N VAL A 17 -7.94 -17.32 -6.29
CA VAL A 17 -7.49 -17.67 -4.90
C VAL A 17 -7.05 -16.42 -4.13
N ALA A 18 -7.46 -16.33 -2.89
CA ALA A 18 -7.03 -15.19 -2.03
C ALA A 18 -6.45 -15.81 -0.77
N PHE A 19 -5.63 -15.12 0.00
CA PHE A 19 -5.09 -15.75 1.23
C PHE A 19 -4.66 -14.65 2.20
N SER A 20 -5.07 -14.76 3.44
CA SER A 20 -4.72 -13.72 4.46
C SER A 20 -5.25 -14.19 5.81
N ALA A 21 -4.46 -14.14 6.86
CA ALA A 21 -4.95 -14.58 8.19
C ALA A 21 -4.58 -13.54 9.24
N ALA A 22 -5.30 -13.49 10.33
CA ALA A 22 -5.00 -12.49 11.40
C ALA A 22 -4.77 -13.17 12.75
N LEU A 23 -3.81 -12.68 13.49
CA LEU A 23 -3.51 -13.28 14.83
C LEU A 23 -3.88 -12.29 15.94
N SER A 24 -4.45 -12.78 17.01
CA SER A 24 -4.83 -11.88 18.15
C SER A 24 -4.95 -12.66 19.48
N LEU A 25 -4.40 -13.86 19.56
CA LEU A 25 -4.46 -14.69 20.82
C LEU A 25 -4.38 -13.83 22.12
N PRO A 26 -4.80 -14.39 23.23
CA PRO A 26 -4.80 -13.64 24.52
C PRO A 26 -3.40 -13.15 24.95
N ARG A 27 -2.64 -13.95 25.68
CA ARG A 27 -1.30 -13.46 26.14
C ARG A 27 -0.22 -14.54 25.94
N SER A 28 0.72 -14.67 26.89
CA SER A 28 1.85 -15.67 26.79
C SER A 28 1.45 -16.96 26.07
N GLU A 29 2.14 -17.29 25.01
CA GLU A 29 1.85 -18.56 24.29
C GLU A 29 2.95 -19.57 24.65
N PRO A 30 2.68 -20.84 24.46
CA PRO A 30 3.70 -21.88 24.80
C PRO A 30 4.89 -21.83 23.83
N GLY A 31 4.76 -21.14 22.72
CA GLY A 31 5.90 -21.06 21.76
C GLY A 31 5.53 -20.15 20.58
N THR A 32 5.81 -20.55 19.38
CA THR A 32 5.49 -19.68 18.20
C THR A 32 3.97 -19.58 18.02
N VAL A 33 3.52 -18.54 17.37
CA VAL A 33 2.05 -18.31 17.25
C VAL A 33 1.46 -18.75 15.89
N PRO A 34 0.29 -19.36 15.94
CA PRO A 34 -0.41 -19.79 14.70
C PRO A 34 -1.35 -18.66 14.22
N PHE A 35 -2.46 -18.98 13.59
CA PHE A 35 -3.40 -17.90 13.14
C PHE A 35 -4.84 -18.44 13.14
N ASP A 36 -5.75 -17.79 13.84
CA ASP A 36 -7.15 -18.32 13.89
C ASP A 36 -8.16 -17.39 13.20
N ARG A 37 -7.75 -16.25 12.69
CA ARG A 37 -8.74 -15.34 12.02
C ARG A 37 -8.83 -15.63 10.52
N VAL A 38 -9.70 -16.51 10.10
CA VAL A 38 -9.79 -16.82 8.64
C VAL A 38 -10.43 -15.63 7.90
N LEU A 39 -9.63 -14.78 7.31
CA LEU A 39 -10.19 -13.61 6.58
C LEU A 39 -10.58 -14.03 5.16
N LEU A 40 -9.71 -14.73 4.47
CA LEU A 40 -10.03 -15.21 3.08
C LEU A 40 -8.88 -16.08 2.60
N ASN A 41 -9.06 -17.38 2.61
CA ASN A 41 -7.97 -18.33 2.17
C ASN A 41 -8.45 -19.77 2.33
N ASP A 42 -9.20 -20.26 1.38
CA ASP A 42 -9.70 -21.67 1.50
C ASP A 42 -8.55 -22.68 1.44
N GLY A 43 -7.66 -22.53 0.50
CA GLY A 43 -6.53 -23.50 0.36
C GLY A 43 -5.46 -23.29 1.44
N GLY A 44 -5.35 -22.11 2.00
CA GLY A 44 -4.28 -21.88 3.03
C GLY A 44 -2.96 -21.60 2.30
N TYR A 45 -2.50 -22.56 1.54
CA TYR A 45 -1.26 -22.41 0.71
C TYR A 45 0.03 -22.14 1.52
N TYR A 46 0.11 -21.04 2.25
CA TYR A 46 1.39 -20.74 2.96
C TYR A 46 1.31 -20.86 4.50
N ASP A 47 1.94 -21.86 5.04
CA ASP A 47 1.94 -22.05 6.53
C ASP A 47 2.72 -20.91 7.20
N PRO A 48 2.05 -20.13 8.04
CA PRO A 48 2.71 -19.00 8.74
C PRO A 48 3.58 -19.48 9.93
N GLU A 49 3.65 -20.77 10.16
CA GLU A 49 4.51 -21.27 11.28
C GLU A 49 5.95 -21.19 10.80
N THR A 50 6.26 -21.96 9.80
CA THR A 50 7.63 -21.91 9.20
C THR A 50 7.61 -20.97 7.99
N GLY A 51 6.44 -20.66 7.45
CA GLY A 51 6.38 -19.74 6.28
C GLY A 51 6.59 -20.51 4.98
N VAL A 52 6.33 -21.80 4.97
CA VAL A 52 6.55 -22.56 3.72
C VAL A 52 5.43 -22.20 2.73
N PHE A 53 5.68 -21.16 1.98
CA PHE A 53 4.66 -20.64 1.02
C PHE A 53 4.77 -21.31 -0.36
N THR A 54 3.86 -22.18 -0.69
CA THR A 54 3.88 -22.83 -2.04
C THR A 54 2.88 -22.07 -2.93
N ALA A 55 3.35 -21.16 -3.74
CA ALA A 55 2.41 -20.34 -4.58
C ALA A 55 2.22 -20.86 -6.01
N PRO A 56 1.06 -21.42 -6.28
CA PRO A 56 0.74 -21.89 -7.66
C PRO A 56 0.09 -20.73 -8.45
N LEU A 57 -0.32 -19.68 -7.77
CA LEU A 57 -1.02 -18.51 -8.43
C LEU A 57 -0.49 -18.19 -9.83
N ALA A 58 0.81 -18.05 -9.99
CA ALA A 58 1.38 -17.72 -11.34
C ALA A 58 0.67 -16.50 -11.95
N GLY A 59 1.22 -15.34 -11.79
CA GLY A 59 0.61 -14.10 -12.33
C GLY A 59 1.16 -12.94 -11.52
N ARG A 60 0.42 -11.88 -11.42
CA ARG A 60 0.86 -10.72 -10.60
C ARG A 60 -0.09 -10.56 -9.43
N TYR A 61 0.41 -10.53 -8.21
CA TYR A 61 -0.53 -10.40 -7.04
C TYR A 61 -0.05 -9.30 -6.07
N LEU A 62 -0.93 -8.82 -5.24
CA LEU A 62 -0.57 -7.75 -4.27
C LEU A 62 -0.14 -8.38 -2.93
N LEU A 63 1.06 -8.13 -2.51
CA LEU A 63 1.57 -8.71 -1.23
C LEU A 63 1.72 -7.61 -0.18
N SER A 64 1.45 -7.91 1.06
CA SER A 64 1.56 -6.89 2.14
C SER A 64 1.92 -7.54 3.48
N ALA A 65 3.09 -7.26 3.99
CA ALA A 65 3.50 -7.83 5.30
C ALA A 65 3.48 -6.72 6.36
N VAL A 66 3.15 -7.04 7.59
CA VAL A 66 3.10 -5.98 8.64
C VAL A 66 4.43 -5.91 9.42
N LEU A 67 5.08 -4.78 9.40
CA LEU A 67 6.43 -4.69 10.05
C LEU A 67 6.40 -4.15 11.48
N THR A 68 6.71 -5.00 12.43
CA THR A 68 6.78 -4.56 13.86
C THR A 68 7.94 -3.57 13.97
N GLY A 69 7.77 -2.52 14.75
CA GLY A 69 8.87 -1.51 14.90
C GLY A 69 10.07 -2.12 15.62
N HIS A 70 9.91 -2.46 16.89
CA HIS A 70 11.05 -3.07 17.66
C HIS A 70 12.35 -2.26 17.47
N ARG A 71 12.37 -1.04 17.97
CA ARG A 71 13.59 -0.17 17.81
C ARG A 71 14.78 -0.69 18.64
N HIS A 72 14.58 -1.70 19.46
CA HIS A 72 15.70 -2.24 20.32
C HIS A 72 16.85 -2.83 19.49
N GLU A 73 16.86 -2.74 18.16
CA GLU A 73 17.98 -3.27 17.27
C GLU A 73 17.66 -4.69 16.74
N LYS A 74 18.68 -5.37 16.24
CA LYS A 74 18.53 -6.76 15.63
C LYS A 74 18.13 -6.58 14.15
N VAL A 75 18.41 -7.53 13.30
CA VAL A 75 18.03 -7.36 11.85
C VAL A 75 17.13 -8.50 11.38
N GLU A 76 15.91 -8.17 11.03
CA GLU A 76 14.98 -9.19 10.48
C GLU A 76 15.03 -9.07 8.95
N ALA A 77 15.12 -10.18 8.25
CA ALA A 77 15.16 -10.19 6.76
C ALA A 77 14.62 -11.55 6.30
N VAL A 78 13.59 -11.51 5.48
CA VAL A 78 12.99 -12.79 4.98
C VAL A 78 13.82 -13.36 3.80
N LEU A 79 14.16 -14.63 3.86
CA LEU A 79 14.94 -15.25 2.73
C LEU A 79 14.09 -15.20 1.46
N SER A 80 14.70 -15.25 0.30
CA SER A 80 13.92 -15.28 -0.96
C SER A 80 14.43 -16.45 -1.80
N ARG A 81 13.57 -17.29 -2.33
CA ARG A 81 14.07 -18.45 -3.14
C ARG A 81 14.75 -17.99 -4.44
N SER A 82 15.62 -18.83 -4.98
CA SER A 82 16.40 -18.55 -6.26
C SER A 82 17.65 -17.70 -6.00
N ASN A 83 17.63 -16.81 -5.04
CA ASN A 83 18.83 -15.96 -4.78
C ASN A 83 19.34 -16.11 -3.34
N GLN A 84 18.54 -16.57 -2.40
CA GLN A 84 19.00 -16.60 -0.95
C GLN A 84 19.15 -15.12 -0.54
N GLY A 85 19.26 -14.72 0.73
CA GLY A 85 19.35 -13.23 1.02
C GLY A 85 18.14 -12.57 0.34
N VAL A 86 18.36 -11.60 -0.53
CA VAL A 86 17.21 -10.90 -1.20
C VAL A 86 16.21 -10.43 -0.13
N ALA A 87 16.33 -9.21 0.32
CA ALA A 87 15.38 -8.72 1.36
C ALA A 87 14.19 -8.01 0.73
N ARG A 88 13.13 -8.73 0.46
CA ARG A 88 11.91 -8.06 -0.09
C ARG A 88 11.14 -7.53 1.13
N VAL A 89 11.07 -8.34 2.16
CA VAL A 89 10.44 -7.90 3.43
C VAL A 89 11.59 -7.53 4.38
N ASP A 90 12.21 -6.42 4.11
CA ASP A 90 13.38 -5.99 4.93
C ASP A 90 12.94 -5.17 6.15
N SER A 91 13.47 -5.51 7.29
CA SER A 91 13.14 -4.79 8.55
C SER A 91 14.37 -4.79 9.45
N GLY A 92 15.02 -3.67 9.56
CA GLY A 92 16.22 -3.57 10.42
C GLY A 92 15.84 -2.86 11.72
N GLY A 93 15.32 -3.60 12.66
CA GLY A 93 14.91 -2.99 13.95
C GLY A 93 16.10 -2.95 14.89
N THR A 113 22.82 -8.63 -8.35
CA THR A 113 22.04 -9.91 -8.24
C THR A 113 21.13 -9.87 -7.02
N LEU A 114 21.48 -9.10 -6.02
CA LEU A 114 20.63 -9.02 -4.79
C LEU A 114 19.95 -7.65 -4.71
N GLY A 115 18.67 -7.63 -4.49
CA GLY A 115 17.93 -6.33 -4.39
C GLY A 115 16.70 -6.50 -3.51
N VAL A 116 16.06 -5.42 -3.14
CA VAL A 116 14.85 -5.52 -2.28
C VAL A 116 13.62 -4.95 -3.00
N PHE A 117 12.55 -5.69 -3.02
CA PHE A 117 11.31 -5.21 -3.70
C PHE A 117 10.11 -5.37 -2.74
N SER A 118 9.18 -4.45 -2.77
CA SER A 118 8.01 -4.54 -1.85
C SER A 118 6.68 -4.59 -2.61
N LEU A 119 6.45 -3.65 -3.50
CA LEU A 119 5.15 -3.59 -4.24
C LEU A 119 4.92 -4.86 -5.08
N ILE A 120 5.58 -5.00 -6.21
CA ILE A 120 5.36 -6.15 -7.15
C ILE A 120 5.50 -7.56 -6.47
N LEU A 121 6.08 -8.53 -7.17
CA LEU A 121 6.26 -9.91 -6.59
C LEU A 121 6.83 -10.88 -7.64
N PRO A 122 8.11 -10.76 -7.94
CA PRO A 122 8.74 -11.68 -8.93
C PRO A 122 8.90 -13.07 -8.30
N LEU A 123 7.94 -13.95 -8.50
CA LEU A 123 8.03 -15.31 -7.90
C LEU A 123 7.86 -16.38 -9.00
N GLN A 124 8.62 -17.44 -8.91
CA GLN A 124 8.55 -18.53 -9.92
C GLN A 124 7.35 -19.47 -9.64
N ALA A 125 6.75 -20.15 -10.59
CA ALA A 125 5.57 -21.02 -10.22
C ALA A 125 5.99 -22.21 -9.33
N GLY A 126 5.43 -22.31 -8.16
CA GLY A 126 5.75 -23.45 -7.23
C GLY A 126 6.87 -23.08 -6.25
N ASP A 127 7.63 -22.05 -6.56
CA ASP A 127 8.75 -21.65 -5.65
C ASP A 127 8.26 -21.47 -4.20
N THR A 128 9.15 -21.37 -3.24
CA THR A 128 8.69 -21.21 -1.82
C THR A 128 9.47 -20.13 -1.09
N VAL A 129 8.79 -19.29 -0.33
CA VAL A 129 9.50 -18.20 0.41
C VAL A 129 9.69 -18.57 1.89
N CYS A 130 10.80 -18.15 2.46
CA CYS A 130 11.08 -18.49 3.89
C CYS A 130 11.67 -17.27 4.61
N VAL A 131 11.41 -17.11 5.89
CA VAL A 131 11.93 -15.93 6.63
C VAL A 131 13.18 -16.32 7.44
N ASP A 132 14.17 -15.45 7.41
CA ASP A 132 15.38 -15.66 8.27
C ASP A 132 15.05 -14.91 9.57
N LEU A 133 15.20 -15.58 10.67
CA LEU A 133 14.98 -14.92 12.00
C LEU A 133 16.18 -15.24 12.90
N VAL A 134 17.34 -14.84 12.48
CA VAL A 134 18.60 -15.08 13.27
C VAL A 134 19.65 -14.06 12.81
N MET A 135 19.83 -12.97 13.49
CA MET A 135 20.87 -11.98 13.07
C MET A 135 21.49 -11.36 14.33
N GLY A 136 22.06 -12.19 15.16
CA GLY A 136 22.66 -11.73 16.45
C GLY A 136 22.23 -12.71 17.54
N GLN A 137 23.15 -13.38 18.18
CA GLN A 137 22.75 -14.35 19.25
C GLN A 137 22.47 -13.62 20.56
N LEU A 138 23.46 -12.92 21.08
CA LEU A 138 23.26 -12.18 22.37
C LEU A 138 22.12 -11.17 22.22
N ALA A 139 20.91 -11.57 22.53
CA ALA A 139 19.75 -10.64 22.41
C ALA A 139 18.76 -10.86 23.57
N HIS A 140 17.51 -10.54 23.37
CA HIS A 140 16.50 -10.72 24.45
C HIS A 140 15.40 -11.67 23.99
N SER A 141 14.51 -12.05 24.88
CA SER A 141 13.40 -12.98 24.50
C SER A 141 12.10 -12.18 24.31
N GLU A 142 11.42 -12.38 23.21
CA GLU A 142 10.15 -11.63 22.96
C GLU A 142 9.26 -12.41 22.00
N GLU A 143 7.98 -12.12 22.01
CA GLU A 143 7.03 -12.83 21.09
C GLU A 143 6.03 -11.82 20.49
N PRO A 144 6.42 -11.19 19.41
CA PRO A 144 5.55 -10.18 18.76
C PRO A 144 4.37 -10.85 18.03
N LEU A 145 3.61 -10.06 17.32
CA LEU A 145 2.46 -10.59 16.54
C LEU A 145 2.60 -10.07 15.10
N THR A 146 2.07 -10.76 14.12
CA THR A 146 2.22 -10.25 12.71
C THR A 146 1.02 -10.66 11.85
N ILE A 147 0.59 -9.78 10.97
CA ILE A 147 -0.56 -10.10 10.08
C ILE A 147 -0.03 -10.34 8.66
N PHE A 148 -0.40 -11.45 8.05
CA PHE A 148 0.11 -11.76 6.68
C PHE A 148 -1.02 -11.86 5.66
N SER A 149 -1.29 -10.79 4.95
CA SER A 149 -2.36 -10.83 3.90
C SER A 149 -1.71 -10.79 2.51
N GLY A 150 -2.39 -11.24 1.49
CA GLY A 150 -1.80 -11.23 0.11
C GLY A 150 -2.90 -11.76 -0.82
N ALA A 151 -3.48 -10.90 -1.63
CA ALA A 151 -4.61 -11.36 -2.48
C ALA A 151 -4.29 -11.47 -3.98
N LEU A 152 -4.97 -12.32 -4.72
CA LEU A 152 -4.66 -12.43 -6.18
C LEU A 152 -5.18 -11.20 -6.92
N LEU A 153 -4.39 -10.64 -7.80
CA LEU A 153 -4.83 -9.44 -8.57
C LEU A 153 -5.16 -9.84 -10.01
N TYR A 154 -4.20 -10.36 -10.72
CA TYR A 154 -4.42 -10.80 -12.13
C TYR A 154 -3.61 -12.08 -12.36
N GLY A 155 -4.06 -13.02 -13.16
CA GLY A 155 -3.27 -14.26 -13.40
C GLY A 155 -2.78 -14.25 -14.85
N ASP A 156 -1.81 -15.06 -15.19
CA ASP A 156 -1.32 -15.09 -16.61
C ASP A 156 -2.35 -15.82 -17.49
N PRO A 157 -2.99 -15.09 -18.39
CA PRO A 157 -4.01 -15.71 -19.27
C PRO A 157 -3.38 -16.27 -20.55
N GLU A 158 -2.63 -17.34 -20.42
CA GLU A 158 -1.92 -17.96 -21.59
C GLU A 158 -0.83 -17.00 -22.05
N LEU A 159 -1.22 -15.94 -22.72
CA LEU A 159 -0.23 -14.94 -23.22
C LEU A 159 0.90 -15.60 -24.03
N GLU A 160 0.69 -16.80 -24.54
CA GLU A 160 1.77 -17.46 -25.34
C GLU A 160 1.57 -17.16 -26.83
N HIS A 161 2.63 -17.25 -27.60
CA HIS A 161 2.51 -16.96 -29.06
C HIS A 161 3.49 -17.85 -29.85
N ALA A 162 3.06 -19.00 -30.31
CA ALA A 162 3.98 -19.90 -31.09
C ALA A 162 4.63 -19.14 -32.24
N PRO B 13 -23.30 -5.40 -16.44
CA PRO B 13 -23.25 -3.92 -16.44
C PRO B 13 -21.91 -3.46 -15.88
N VAL B 14 -21.60 -2.19 -16.02
CA VAL B 14 -20.30 -1.68 -15.50
C VAL B 14 -20.52 -0.38 -14.68
N PRO B 15 -20.48 -0.50 -13.37
CA PRO B 15 -20.69 0.69 -12.51
C PRO B 15 -19.50 1.66 -12.61
N GLN B 16 -18.34 1.18 -13.05
CA GLN B 16 -17.10 2.04 -13.20
C GLN B 16 -17.08 3.23 -12.23
N VAL B 17 -16.92 2.99 -10.95
CA VAL B 17 -16.92 4.11 -9.97
C VAL B 17 -15.60 4.17 -9.19
N ALA B 18 -15.06 5.35 -9.04
CA ALA B 18 -13.81 5.51 -8.23
C ALA B 18 -14.12 6.58 -7.19
N PHE B 19 -13.41 6.69 -6.09
CA PHE B 19 -13.72 7.76 -5.12
C PHE B 19 -12.48 8.04 -4.27
N SER B 20 -12.12 9.29 -4.12
CA SER B 20 -10.92 9.66 -3.33
C SER B 20 -10.85 11.19 -3.25
N ALA B 21 -10.63 11.76 -2.09
CA ALA B 21 -10.54 13.23 -1.99
C ALA B 21 -9.32 13.62 -1.15
N ALA B 22 -8.82 14.82 -1.35
CA ALA B 22 -7.62 15.26 -0.59
C ALA B 22 -7.88 16.57 0.17
N LEU B 23 -7.37 16.65 1.37
CA LEU B 23 -7.58 17.89 2.18
C LEU B 23 -6.25 18.63 2.37
N SER B 24 -6.29 19.95 2.28
CA SER B 24 -5.03 20.74 2.45
C SER B 24 -5.33 22.19 2.87
N LEU B 25 -6.53 22.47 3.36
CA LEU B 25 -6.91 23.88 3.80
C LEU B 25 -5.73 24.65 4.46
N PRO B 26 -5.84 25.96 4.51
CA PRO B 26 -4.75 26.79 5.10
C PRO B 26 -4.43 26.44 6.57
N ARG B 27 -5.08 27.07 7.53
CA ARG B 27 -4.74 26.77 8.96
C ARG B 27 -6.01 26.57 9.82
N SER B 28 -6.02 27.06 11.05
CA SER B 28 -7.20 26.90 11.99
C SER B 28 -8.54 26.90 11.27
N GLU B 29 -9.31 25.84 11.41
CA GLU B 29 -10.66 25.79 10.79
C GLU B 29 -11.70 26.03 11.90
N PRO B 30 -12.89 26.42 11.52
CA PRO B 30 -13.95 26.69 12.54
C PRO B 30 -14.43 25.40 13.22
N GLY B 31 -14.10 24.25 12.66
CA GLY B 31 -14.52 22.97 13.29
C GLY B 31 -13.95 21.79 12.50
N THR B 32 -14.76 20.79 12.22
CA THR B 32 -14.24 19.61 11.47
C THR B 32 -13.91 19.99 10.03
N VAL B 33 -13.05 19.24 9.38
CA VAL B 33 -12.60 19.62 8.01
C VAL B 33 -13.31 18.83 6.89
N PRO B 34 -13.64 19.54 5.81
CA PRO B 34 -14.30 18.91 4.64
C PRO B 34 -13.21 18.45 3.63
N PHE B 35 -13.49 18.46 2.36
CA PHE B 35 -12.44 18.05 1.36
C PHE B 35 -12.68 18.80 0.03
N ASP B 36 -11.68 19.50 -0.47
CA ASP B 36 -11.90 20.27 -1.74
C ASP B 36 -11.05 19.74 -2.90
N ARG B 37 -10.22 18.74 -2.69
CA ARG B 37 -9.39 18.22 -3.82
C ARG B 37 -10.10 17.08 -4.55
N VAL B 38 -10.89 17.36 -5.56
CA VAL B 38 -11.59 16.26 -6.29
C VAL B 38 -10.59 15.46 -7.13
N LEU B 39 -10.11 14.35 -6.60
CA LEU B 39 -9.14 13.52 -7.37
C LEU B 39 -9.88 12.60 -8.34
N LEU B 40 -10.91 11.93 -7.88
CA LEU B 40 -11.71 11.04 -8.78
C LEU B 40 -12.91 10.50 -7.97
N ASN B 41 -14.09 11.03 -8.20
CA ASN B 41 -15.31 10.58 -7.44
C ASN B 41 -16.51 11.40 -7.87
N ASP B 42 -17.12 11.05 -8.97
CA ASP B 42 -18.30 11.85 -9.44
C ASP B 42 -19.48 11.71 -8.46
N GLY B 43 -19.81 10.51 -8.05
CA GLY B 43 -20.96 10.31 -7.13
C GLY B 43 -20.64 10.76 -5.70
N GLY B 44 -19.38 10.77 -5.30
CA GLY B 44 -19.06 11.16 -3.88
C GLY B 44 -19.26 9.94 -3.00
N TYR B 45 -20.47 9.45 -2.95
CA TYR B 45 -20.83 8.21 -2.16
C TYR B 45 -20.56 8.32 -0.65
N TYR B 46 -19.33 8.52 -0.22
CA TYR B 46 -19.07 8.53 1.25
C TYR B 46 -18.70 9.91 1.84
N ASP B 47 -19.59 10.50 2.59
CA ASP B 47 -19.32 11.83 3.20
C ASP B 47 -18.20 11.71 4.26
N PRO B 48 -17.08 12.40 4.03
CA PRO B 48 -15.93 12.35 4.99
C PRO B 48 -16.20 13.20 6.25
N GLU B 49 -17.34 13.83 6.35
CA GLU B 49 -17.63 14.63 7.58
C GLU B 49 -17.97 13.64 8.69
N THR B 50 -19.06 12.94 8.51
CA THR B 50 -19.45 11.90 9.50
C THR B 50 -18.94 10.53 9.01
N GLY B 51 -18.59 10.41 7.74
CA GLY B 51 -18.07 9.11 7.22
C GLY B 51 -19.22 8.18 6.83
N VAL B 52 -20.37 8.74 6.53
CA VAL B 52 -21.51 7.85 6.17
C VAL B 52 -21.25 7.31 4.76
N PHE B 53 -20.56 6.20 4.70
CA PHE B 53 -20.18 5.59 3.40
C PHE B 53 -21.24 4.61 2.88
N THR B 54 -22.00 4.98 1.88
CA THR B 54 -23.00 4.04 1.31
C THR B 54 -22.38 3.41 0.06
N ALA B 55 -21.86 2.21 0.18
CA ALA B 55 -21.17 1.56 -0.99
C ALA B 55 -22.06 0.59 -1.80
N PRO B 56 -22.45 1.00 -2.99
CA PRO B 56 -23.24 0.12 -3.88
C PRO B 56 -22.28 -0.73 -4.74
N LEU B 57 -21.01 -0.35 -4.78
CA LEU B 57 -19.99 -1.06 -5.64
C LEU B 57 -20.22 -2.58 -5.74
N ALA B 58 -20.37 -3.26 -4.62
CA ALA B 58 -20.58 -4.75 -4.67
C ALA B 58 -19.49 -5.42 -5.52
N GLY B 59 -18.46 -5.91 -4.89
CA GLY B 59 -17.36 -6.57 -5.62
C GLY B 59 -16.13 -6.51 -4.73
N ARG B 60 -14.97 -6.52 -5.31
CA ARG B 60 -13.71 -6.40 -4.51
C ARG B 60 -13.03 -5.08 -4.87
N TYR B 61 -12.72 -4.25 -3.91
CA TYR B 61 -12.07 -2.94 -4.24
C TYR B 61 -10.85 -2.67 -3.35
N LEU B 62 -9.98 -1.80 -3.78
CA LEU B 62 -8.75 -1.48 -2.98
C LEU B 62 -9.02 -0.28 -2.07
N LEU B 63 -8.89 -0.48 -0.78
CA LEU B 63 -9.15 0.63 0.19
C LEU B 63 -7.83 1.08 0.83
N SER B 64 -7.67 2.35 1.07
CA SER B 64 -6.41 2.87 1.68
C SER B 64 -6.68 4.11 2.54
N ALA B 65 -6.48 3.99 3.83
CA ALA B 65 -6.70 5.16 4.74
C ALA B 65 -5.33 5.67 5.21
N VAL B 66 -5.20 6.96 5.42
CA VAL B 66 -3.88 7.51 5.86
C VAL B 66 -3.82 7.64 7.40
N LEU B 67 -2.90 6.97 8.04
CA LEU B 67 -2.87 6.98 9.54
C LEU B 67 -1.93 8.02 10.14
N THR B 68 -2.50 9.02 10.78
CA THR B 68 -1.66 10.05 11.46
C THR B 68 -0.92 9.36 12.62
N GLY B 69 0.32 9.71 12.84
CA GLY B 69 1.11 9.07 13.94
C GLY B 69 0.54 9.45 15.30
N HIS B 70 0.63 10.70 15.68
CA HIS B 70 0.08 11.14 17.01
C HIS B 70 0.55 10.19 18.14
N ARG B 71 1.82 10.19 18.43
CA ARG B 71 2.35 9.28 19.50
C ARG B 71 1.89 9.71 20.89
N HIS B 72 1.24 10.85 21.02
CA HIS B 72 0.79 11.34 22.37
C HIS B 72 -0.23 10.40 23.05
N GLU B 73 -0.54 9.23 22.49
CA GLU B 73 -1.52 8.23 23.10
C GLU B 73 -2.94 8.40 22.54
N LYS B 74 -3.93 7.83 23.21
CA LYS B 74 -5.38 7.85 22.76
C LYS B 74 -5.58 6.68 21.77
N VAL B 75 -6.79 6.19 21.62
CA VAL B 75 -6.99 5.04 20.68
C VAL B 75 -8.04 5.38 19.60
N GLU B 76 -7.61 5.42 18.38
CA GLU B 76 -8.56 5.67 17.25
C GLU B 76 -8.92 4.30 16.66
N ALA B 77 -10.18 4.07 16.38
CA ALA B 77 -10.65 2.78 15.79
C ALA B 77 -11.95 3.07 15.05
N VAL B 78 -11.97 2.75 13.79
CA VAL B 78 -13.20 2.99 12.97
C VAL B 78 -14.25 1.89 13.20
N LEU B 79 -15.48 2.25 13.47
CA LEU B 79 -16.55 1.21 13.66
C LEU B 79 -16.73 0.44 12.36
N SER B 80 -17.24 -0.77 12.43
CA SER B 80 -17.51 -1.54 11.18
C SER B 80 -18.95 -2.05 11.23
N ARG B 81 -19.74 -1.86 10.20
CA ARG B 81 -21.16 -2.33 10.25
C ARG B 81 -21.25 -3.86 10.34
N SER B 82 -22.36 -4.36 10.88
CA SER B 82 -22.64 -5.84 11.05
C SER B 82 -22.00 -6.41 12.33
N ASN B 83 -20.87 -5.90 12.75
CA ASN B 83 -20.22 -6.44 13.98
C ASN B 83 -20.02 -5.35 15.04
N GLN B 84 -20.02 -4.08 14.69
CA GLN B 84 -19.69 -3.01 15.74
C GLN B 84 -18.21 -3.23 16.11
N GLY B 85 -17.47 -2.33 16.76
CA GLY B 85 -16.02 -2.65 17.02
C GLY B 85 -15.38 -3.00 15.67
N VAL B 86 -14.78 -4.17 15.55
CA VAL B 86 -14.10 -4.55 14.26
C VAL B 86 -13.15 -3.42 13.82
N ALA B 87 -11.90 -3.51 14.18
CA ALA B 87 -10.95 -2.43 13.78
C ALA B 87 -10.26 -2.77 12.47
N ARG B 88 -10.81 -2.34 11.36
CA ARG B 88 -10.12 -2.58 10.06
C ARG B 88 -9.11 -1.43 9.89
N VAL B 89 -9.54 -0.24 10.23
CA VAL B 89 -8.63 0.94 10.21
C VAL B 89 -8.21 1.18 11.67
N ASP B 90 -7.38 0.31 12.18
CA ASP B 90 -6.94 0.42 13.60
C ASP B 90 -5.74 1.35 13.75
N SER B 91 -5.80 2.22 14.71
CA SER B 91 -4.68 3.17 14.96
C SER B 91 -4.63 3.48 16.46
N GLY B 92 -3.68 2.92 17.14
CA GLY B 92 -3.54 3.16 18.61
C GLY B 92 -2.42 4.16 18.83
N GLY B 93 -2.72 5.42 18.72
CA GLY B 93 -1.69 6.47 18.93
C GLY B 93 -1.60 6.80 20.41
N THR B 113 -15.21 -13.60 16.39
CA THR B 113 -16.21 -12.77 15.68
C THR B 113 -15.63 -11.39 15.36
N LEU B 114 -14.70 -10.93 16.16
CA LEU B 114 -14.09 -9.58 15.90
C LEU B 114 -12.66 -9.75 15.38
N GLY B 115 -12.33 -9.08 14.31
CA GLY B 115 -10.95 -9.18 13.74
C GLY B 115 -10.61 -7.89 12.99
N VAL B 116 -9.37 -7.71 12.64
CA VAL B 116 -8.97 -6.47 11.90
C VAL B 116 -8.42 -6.82 10.51
N PHE B 117 -8.91 -6.17 9.49
CA PHE B 117 -8.43 -6.44 8.10
C PHE B 117 -8.07 -5.11 7.43
N SER B 118 -7.05 -5.11 6.60
CA SER B 118 -6.64 -3.84 5.94
C SER B 118 -6.66 -3.96 4.41
N LEU B 119 -6.02 -4.97 3.88
CA LEU B 119 -5.95 -5.12 2.38
C LEU B 119 -7.34 -5.32 1.76
N ILE B 120 -7.93 -6.48 1.87
CA ILE B 120 -9.26 -6.79 1.22
C ILE B 120 -10.38 -5.77 1.57
N LEU B 121 -11.62 -6.24 1.76
CA LEU B 121 -12.77 -5.32 2.12
C LEU B 121 -14.09 -6.09 2.14
N PRO B 122 -14.31 -6.87 3.18
CA PRO B 122 -15.59 -7.63 3.28
C PRO B 122 -16.72 -6.67 3.63
N LEU B 123 -17.42 -6.16 2.64
CA LEU B 123 -18.55 -5.21 2.91
C LEU B 123 -19.84 -5.69 2.24
N GLN B 124 -20.94 -5.54 2.93
CA GLN B 124 -22.26 -5.98 2.39
C GLN B 124 -22.82 -4.96 1.38
N ALA B 125 -23.63 -5.29 0.40
CA ALA B 125 -24.11 -4.22 -0.55
C ALA B 125 -25.04 -3.20 0.15
N GLY B 126 -24.66 -1.95 0.14
CA GLY B 126 -25.51 -0.88 0.76
C GLY B 126 -25.07 -0.60 2.21
N ASP B 127 -24.36 -1.52 2.81
CA ASP B 127 -23.92 -1.31 4.24
C ASP B 127 -23.22 0.05 4.40
N THR B 128 -22.98 0.49 5.63
CA THR B 128 -22.33 1.83 5.81
C THR B 128 -21.25 1.77 6.90
N VAL B 129 -20.11 2.37 6.63
CA VAL B 129 -18.99 2.35 7.64
C VAL B 129 -18.92 3.67 8.42
N CYS B 130 -18.57 3.59 9.68
CA CYS B 130 -18.51 4.83 10.52
C CYS B 130 -17.27 4.78 11.42
N VAL B 131 -16.68 5.92 11.72
CA VAL B 131 -15.45 5.94 12.57
C VAL B 131 -15.80 6.28 14.02
N ASP B 132 -15.19 5.57 14.95
CA ASP B 132 -15.34 5.92 16.40
C ASP B 132 -14.18 6.88 16.68
N LEU B 133 -14.50 8.01 17.26
CA LEU B 133 -13.45 9.00 17.64
C LEU B 133 -13.69 9.42 19.09
N VAL B 134 -13.67 8.47 19.99
CA VAL B 134 -13.88 8.76 21.44
C VAL B 134 -13.28 7.61 22.25
N MET B 135 -12.07 7.73 22.75
CA MET B 135 -11.47 6.63 23.55
C MET B 135 -10.63 7.25 24.68
N GLY B 136 -11.26 8.03 25.50
CA GLY B 136 -10.56 8.73 26.62
C GLY B 136 -11.07 10.18 26.63
N GLN B 137 -11.67 10.62 27.72
CA GLN B 137 -12.18 12.03 27.76
C GLN B 137 -11.04 12.99 28.10
N LEU B 138 -10.41 12.81 29.24
CA LEU B 138 -9.30 13.72 29.64
C LEU B 138 -8.18 13.67 28.60
N ALA B 139 -8.24 14.54 27.61
CA ALA B 139 -7.18 14.55 26.55
C ALA B 139 -6.86 15.99 26.15
N HIS B 140 -6.38 16.18 24.93
CA HIS B 140 -6.03 17.57 24.47
C HIS B 140 -6.86 17.93 23.23
N SER B 141 -6.77 19.16 22.80
CA SER B 141 -7.53 19.59 21.59
C SER B 141 -6.61 19.63 20.37
N GLU B 142 -7.01 19.03 19.28
CA GLU B 142 -6.15 19.04 18.06
C GLU B 142 -7.00 18.84 16.80
N GLU B 143 -6.48 19.22 15.66
CA GLU B 143 -7.25 19.06 14.38
C GLU B 143 -6.30 18.57 13.27
N PRO B 144 -6.11 17.27 13.20
CA PRO B 144 -5.20 16.70 12.17
C PRO B 144 -5.83 16.77 10.78
N LEU B 145 -5.16 16.17 9.82
CA LEU B 145 -5.68 16.12 8.42
C LEU B 145 -5.65 14.66 7.97
N THR B 146 -6.49 14.26 7.04
CA THR B 146 -6.48 12.83 6.60
C THR B 146 -6.90 12.69 5.14
N ILE B 147 -6.26 11.79 4.42
CA ILE B 147 -6.62 11.58 2.98
C ILE B 147 -7.37 10.26 2.84
N PHE B 148 -8.52 10.27 2.21
CA PHE B 148 -9.31 9.01 2.08
C PHE B 148 -9.51 8.61 0.61
N SER B 149 -8.68 7.73 0.12
CA SER B 149 -8.83 7.26 -1.29
C SER B 149 -9.34 5.82 -1.28
N GLY B 150 -9.95 5.36 -2.35
CA GLY B 150 -10.46 3.96 -2.41
C GLY B 150 -11.03 3.76 -3.82
N ALA B 151 -10.36 2.99 -4.65
CA ALA B 151 -10.83 2.86 -6.07
C ALA B 151 -11.44 1.50 -6.41
N LEU B 152 -12.34 1.42 -7.36
CA LEU B 152 -12.94 0.10 -7.72
C LEU B 152 -11.91 -0.77 -8.45
N LEU B 153 -11.81 -2.03 -8.08
CA LEU B 153 -10.85 -2.94 -8.75
C LEU B 153 -11.59 -3.90 -9.68
N TYR B 154 -12.48 -4.68 -9.14
CA TYR B 154 -13.28 -5.65 -9.95
C TYR B 154 -14.68 -5.70 -9.36
N GLY B 155 -15.72 -5.88 -10.16
CA GLY B 155 -17.10 -5.95 -9.60
C GLY B 155 -17.62 -7.38 -9.77
N ASP B 156 -18.66 -7.76 -9.07
CA ASP B 156 -19.21 -9.14 -9.22
C ASP B 156 -19.97 -9.25 -10.56
N PRO B 157 -19.45 -10.03 -11.48
CA PRO B 157 -20.10 -10.16 -12.80
C PRO B 157 -21.12 -11.30 -12.81
N GLU B 158 -22.23 -11.10 -12.12
CA GLU B 158 -23.30 -12.14 -11.99
C GLU B 158 -22.75 -13.30 -11.17
N LEU B 159 -21.88 -14.09 -11.75
CA LEU B 159 -21.28 -15.26 -11.04
C LEU B 159 -22.36 -16.15 -10.38
N GLU B 160 -23.59 -16.08 -10.83
CA GLU B 160 -24.65 -16.94 -10.23
C GLU B 160 -24.79 -18.24 -11.02
N HIS B 161 -25.30 -19.26 -10.40
CA HIS B 161 -25.46 -20.57 -11.10
C HIS B 161 -26.71 -21.31 -10.61
N ALA B 162 -27.85 -21.12 -11.24
CA ALA B 162 -29.09 -21.82 -10.78
C ALA B 162 -28.85 -23.33 -10.64
N PRO C 13 -7.44 -3.75 -26.73
CA PRO C 13 -6.00 -4.11 -26.83
C PRO C 13 -5.44 -4.41 -25.44
N VAL C 14 -4.22 -4.86 -25.37
CA VAL C 14 -3.60 -5.19 -24.05
C VAL C 14 -2.27 -4.44 -23.89
N PRO C 15 -2.27 -3.40 -23.07
CA PRO C 15 -1.02 -2.62 -22.86
C PRO C 15 0.00 -3.44 -22.06
N GLN C 16 -0.45 -4.43 -21.30
CA GLN C 16 0.45 -5.32 -20.48
C GLN C 16 1.80 -4.67 -20.10
N VAL C 17 1.78 -3.64 -19.29
CA VAL C 17 3.06 -2.95 -18.91
C VAL C 17 3.29 -3.01 -17.39
N ALA C 18 4.51 -3.32 -17.00
CA ALA C 18 4.85 -3.33 -15.54
C ALA C 18 6.09 -2.47 -15.39
N PHE C 19 6.38 -1.87 -14.26
CA PHE C 19 7.62 -1.05 -14.16
C PHE C 19 7.98 -0.89 -12.68
N SER C 20 9.20 -1.22 -12.32
CA SER C 20 9.64 -1.12 -10.90
C SER C 20 11.11 -1.50 -10.82
N ALA C 21 11.92 -0.76 -10.13
CA ALA C 21 13.38 -1.12 -10.03
C ALA C 21 13.81 -1.10 -8.57
N ALA C 22 14.88 -1.79 -8.26
CA ALA C 22 15.36 -1.83 -6.83
C ALA C 22 16.79 -1.31 -6.73
N LEU C 23 17.06 -0.58 -5.68
CA LEU C 23 18.44 -0.02 -5.50
C LEU C 23 19.10 -0.66 -4.28
N SER C 24 20.35 -1.05 -4.40
CA SER C 24 21.07 -1.68 -3.25
C SER C 24 22.59 -1.44 -3.35
N LEU C 25 23.03 -0.47 -4.14
CA LEU C 25 24.50 -0.16 -4.30
C LEU C 25 25.32 -0.39 -3.00
N PRO C 26 26.62 -0.55 -3.15
CA PRO C 26 27.49 -0.81 -1.97
C PRO C 26 27.52 0.35 -0.96
N ARG C 27 28.39 1.32 -1.13
CA ARG C 27 28.47 2.43 -0.12
C ARG C 27 28.53 3.81 -0.82
N SER C 28 29.31 4.75 -0.30
CA SER C 28 29.41 6.14 -0.89
C SER C 28 29.35 6.13 -2.42
N GLU C 29 28.43 6.85 -2.99
CA GLU C 29 28.35 6.94 -4.47
C GLU C 29 28.92 8.31 -4.91
N PRO C 30 29.30 8.44 -6.15
CA PRO C 30 29.87 9.72 -6.63
C PRO C 30 28.79 10.82 -6.69
N GLY C 31 27.54 10.46 -6.60
CA GLY C 31 26.46 11.48 -6.64
C GLY C 31 25.10 10.82 -6.46
N THR C 32 24.12 11.22 -7.23
CA THR C 32 22.76 10.62 -7.07
C THR C 32 22.78 9.14 -7.44
N VAL C 33 21.83 8.40 -6.93
CA VAL C 33 21.83 6.92 -7.16
C VAL C 33 20.93 6.48 -8.34
N PRO C 34 21.46 5.60 -9.17
CA PRO C 34 20.68 5.07 -10.30
C PRO C 34 19.94 3.79 -9.85
N PHE C 35 19.71 2.83 -10.71
CA PHE C 35 19.00 1.58 -10.27
C PHE C 35 19.47 0.39 -11.11
N ASP C 36 19.97 -0.66 -10.50
CA ASP C 36 20.46 -1.82 -11.31
C ASP C 36 19.63 -3.10 -11.11
N ARG C 37 18.64 -3.08 -10.24
CA ARG C 37 17.82 -4.32 -10.04
C ARG C 37 16.62 -4.35 -10.99
N VAL C 38 16.76 -4.88 -12.17
CA VAL C 38 15.59 -4.91 -13.11
C VAL C 38 14.57 -5.95 -12.63
N LEU C 39 13.55 -5.52 -11.93
CA LEU C 39 12.53 -6.48 -11.42
C LEU C 39 11.44 -6.72 -12.48
N LEU C 40 10.95 -5.69 -13.10
CA LEU C 40 9.91 -5.86 -14.17
C LEU C 40 9.64 -4.49 -14.81
N ASN C 41 10.19 -4.27 -15.98
CA ASN C 41 10.00 -2.95 -16.69
C ASN C 41 10.79 -2.97 -17.99
N ASP C 42 10.25 -3.53 -19.03
CA ASP C 42 11.01 -3.59 -20.32
C ASP C 42 11.26 -2.17 -20.88
N GLY C 43 10.24 -1.35 -20.89
CA GLY C 43 10.41 0.03 -21.45
C GLY C 43 11.21 0.95 -20.51
N GLY C 44 11.20 0.69 -19.22
CA GLY C 44 11.95 1.61 -18.28
C GLY C 44 11.08 2.85 -18.05
N TYR C 45 10.85 3.60 -19.09
CA TYR C 45 9.97 4.82 -19.04
C TYR C 45 10.45 5.91 -18.08
N TYR C 46 10.50 5.66 -16.79
CA TYR C 46 10.88 6.77 -15.84
C TYR C 46 12.28 6.64 -15.20
N ASP C 47 13.18 7.47 -15.62
CA ASP C 47 14.57 7.45 -15.08
C ASP C 47 14.57 7.98 -13.62
N PRO C 48 14.96 7.12 -12.68
CA PRO C 48 15.00 7.51 -11.24
C PRO C 48 16.22 8.41 -10.91
N GLU C 49 17.04 8.72 -11.88
CA GLU C 49 18.21 9.61 -11.59
C GLU C 49 17.65 11.02 -11.42
N THR C 50 17.11 11.56 -12.48
CA THR C 50 16.48 12.89 -12.41
C THR C 50 14.96 12.72 -12.21
N GLY C 51 14.43 11.54 -12.45
CA GLY C 51 12.97 11.33 -12.25
C GLY C 51 12.19 11.77 -13.49
N VAL C 52 12.83 11.81 -14.64
CA VAL C 52 12.08 12.24 -15.85
C VAL C 52 11.13 11.10 -16.25
N PHE C 53 9.97 11.12 -15.67
CA PHE C 53 8.96 10.05 -15.92
C PHE C 53 8.09 10.36 -17.14
N THR C 54 8.26 9.66 -18.23
CA THR C 54 7.40 9.88 -19.42
C THR C 54 6.42 8.72 -19.52
N ALA C 55 5.20 8.92 -19.06
CA ALA C 55 4.22 7.78 -19.06
C ALA C 55 3.24 7.77 -20.24
N PRO C 56 3.49 6.93 -21.22
CA PRO C 56 2.55 6.77 -22.36
C PRO C 56 1.39 5.86 -21.92
N LEU C 57 1.55 5.15 -20.82
CA LEU C 57 0.50 4.17 -20.34
C LEU C 57 -0.93 4.68 -20.54
N ALA C 58 -1.24 5.89 -20.15
CA ALA C 58 -2.64 6.43 -20.34
C ALA C 58 -3.66 5.46 -19.73
N GLY C 59 -4.09 5.72 -18.53
CA GLY C 59 -5.07 4.86 -17.86
C GLY C 59 -4.96 5.13 -16.36
N ARG C 60 -5.32 4.18 -15.56
CA ARG C 60 -5.20 4.34 -14.08
C ARG C 60 -4.19 3.30 -13.56
N TYR C 61 -3.16 3.72 -12.87
CA TYR C 61 -2.17 2.72 -12.36
C TYR C 61 -1.86 2.98 -10.89
N LEU C 62 -1.46 1.96 -10.17
CA LEU C 62 -1.12 2.12 -8.73
C LEU C 62 0.40 2.23 -8.56
N LEU C 63 0.86 3.37 -8.13
CA LEU C 63 2.32 3.56 -7.94
C LEU C 63 2.63 3.85 -6.47
N SER C 64 3.74 3.38 -5.97
CA SER C 64 4.10 3.61 -4.54
C SER C 64 5.60 3.89 -4.38
N ALA C 65 5.93 5.00 -3.78
CA ALA C 65 7.37 5.34 -3.55
C ALA C 65 7.72 5.02 -2.10
N VAL C 66 8.95 4.64 -1.83
CA VAL C 66 9.32 4.31 -0.43
C VAL C 66 9.90 5.53 0.30
N LEU C 67 9.29 5.95 1.38
CA LEU C 67 9.74 7.19 2.07
C LEU C 67 10.76 6.94 3.18
N THR C 68 11.97 7.40 2.97
CA THR C 68 13.02 7.26 4.03
C THR C 68 12.56 8.05 5.26
N GLY C 69 12.79 7.53 6.43
CA GLY C 69 12.36 8.23 7.67
C GLY C 69 13.01 9.60 7.77
N HIS C 70 14.32 9.64 7.92
CA HIS C 70 15.05 10.96 8.02
C HIS C 70 14.33 11.92 9.00
N ARG C 71 14.30 11.57 10.26
CA ARG C 71 13.61 12.43 11.27
C ARG C 71 14.33 13.78 11.47
N HIS C 72 15.50 13.95 10.89
CA HIS C 72 16.24 15.24 11.05
C HIS C 72 15.49 16.45 10.43
N GLU C 73 14.26 16.30 9.92
CA GLU C 73 13.47 17.46 9.32
C GLU C 73 13.75 17.62 7.81
N LYS C 74 13.61 18.83 7.26
CA LYS C 74 13.78 19.11 5.78
C LYS C 74 12.42 18.94 5.10
N VAL C 75 12.23 19.43 3.90
CA VAL C 75 10.89 19.27 3.23
C VAL C 75 11.04 18.56 1.88
N GLU C 76 10.49 17.39 1.78
CA GLU C 76 10.51 16.63 0.49
C GLU C 76 9.09 16.64 -0.07
N ALA C 77 8.94 16.99 -1.33
CA ALA C 77 7.60 17.01 -2.00
C ALA C 77 7.86 16.90 -3.51
N VAL C 78 7.31 15.88 -4.12
CA VAL C 78 7.52 15.69 -5.60
C VAL C 78 6.55 16.58 -6.41
N LEU C 79 7.07 17.29 -7.39
CA LEU C 79 6.19 18.16 -8.25
C LEU C 79 5.27 17.25 -9.09
N SER C 80 4.16 17.78 -9.56
CA SER C 80 3.27 16.96 -10.44
C SER C 80 3.01 17.77 -11.74
N ARG C 81 3.01 17.13 -12.88
CA ARG C 81 2.78 17.92 -14.15
C ARG C 81 1.38 18.55 -14.18
N SER C 82 1.24 19.65 -14.91
CA SER C 82 -0.09 20.39 -15.06
C SER C 82 -0.36 21.35 -13.88
N ASN C 83 0.11 21.05 -12.70
CA ASN C 83 -0.17 21.97 -11.54
C ASN C 83 1.12 22.45 -10.89
N GLN C 84 2.24 21.78 -11.04
CA GLN C 84 3.49 22.20 -10.28
C GLN C 84 3.19 21.93 -8.79
N GLY C 85 4.12 21.94 -7.85
CA GLY C 85 3.70 21.61 -6.42
C GLY C 85 2.96 20.26 -6.47
N VAL C 86 1.75 20.19 -5.95
CA VAL C 86 1.00 18.89 -5.93
C VAL C 86 1.89 17.80 -5.31
N ALA C 87 1.77 17.58 -4.02
CA ALA C 87 2.62 16.54 -3.38
C ALA C 87 1.90 15.20 -3.33
N ARG C 88 2.12 14.33 -4.29
CA ARG C 88 1.49 12.98 -4.21
C ARG C 88 2.37 12.18 -3.25
N VAL C 89 3.66 12.33 -3.39
CA VAL C 89 4.60 11.69 -2.44
C VAL C 89 5.01 12.80 -1.46
N ASP C 90 4.15 13.08 -0.52
CA ASP C 90 4.40 14.20 0.43
C ASP C 90 5.16 13.75 1.68
N SER C 91 6.13 14.55 2.07
CA SER C 91 6.93 14.25 3.29
C SER C 91 7.32 15.60 3.91
N GLY C 92 6.65 15.99 4.97
CA GLY C 92 6.96 17.29 5.62
C GLY C 92 7.67 17.04 6.95
N GLY C 93 8.95 16.82 6.91
CA GLY C 93 9.72 16.57 8.15
C GLY C 93 10.16 17.91 8.75
N THR C 113 -6.13 24.75 -4.97
CA THR C 113 -5.50 24.39 -6.28
C THR C 113 -4.40 23.35 -6.06
N LEU C 114 -3.81 23.31 -4.90
CA LEU C 114 -2.74 22.32 -4.63
C LEU C 114 -3.18 21.33 -3.55
N GLY C 115 -3.00 20.05 -3.81
CA GLY C 115 -3.41 19.02 -2.80
C GLY C 115 -2.53 17.78 -2.96
N VAL C 116 -2.61 16.86 -2.04
CA VAL C 116 -1.77 15.63 -2.12
C VAL C 116 -2.65 14.37 -2.26
N PHE C 117 -2.26 13.48 -3.14
CA PHE C 117 -3.04 12.22 -3.34
C PHE C 117 -2.08 11.02 -3.37
N SER C 118 -2.52 9.87 -2.94
CA SER C 118 -1.62 8.68 -2.93
C SER C 118 -2.13 7.56 -3.84
N LEU C 119 -3.33 7.09 -3.61
CA LEU C 119 -3.88 5.97 -4.44
C LEU C 119 -4.02 6.38 -5.91
N ILE C 120 -5.01 7.17 -6.25
CA ILE C 120 -5.29 7.58 -7.68
C ILE C 120 -4.05 8.12 -8.45
N LEU C 121 -4.25 9.00 -9.43
CA LEU C 121 -3.09 9.56 -10.24
C LEU C 121 -3.59 10.40 -11.44
N PRO C 122 -3.77 11.68 -11.25
CA PRO C 122 -4.23 12.56 -12.36
C PRO C 122 -3.02 12.96 -13.22
N LEU C 123 -2.71 12.22 -14.25
CA LEU C 123 -1.53 12.58 -15.11
C LEU C 123 -1.96 12.71 -16.57
N GLN C 124 -1.30 13.58 -17.31
CA GLN C 124 -1.66 13.81 -18.74
C GLN C 124 -1.00 12.76 -19.65
N ALA C 125 -1.51 12.36 -20.79
CA ALA C 125 -0.77 11.33 -21.59
C ALA C 125 0.58 11.89 -22.07
N GLY C 126 1.67 11.29 -21.64
CA GLY C 126 3.02 11.76 -22.06
C GLY C 126 3.60 12.77 -21.07
N ASP C 127 2.76 13.38 -20.26
CA ASP C 127 3.27 14.39 -19.27
C ASP C 127 4.39 13.79 -18.41
N THR C 128 5.07 14.57 -17.61
CA THR C 128 6.21 14.00 -16.81
C THR C 128 6.23 14.51 -15.37
N VAL C 129 6.56 13.64 -14.44
CA VAL C 129 6.61 14.05 -13.00
C VAL C 129 8.07 14.29 -12.58
N CYS C 130 8.29 15.24 -11.70
CA CYS C 130 9.67 15.56 -11.24
C CYS C 130 9.69 15.80 -9.74
N VAL C 131 10.74 15.39 -9.06
CA VAL C 131 10.81 15.58 -7.58
C VAL C 131 11.50 16.90 -7.23
N ASP C 132 10.94 17.60 -6.26
CA ASP C 132 11.60 18.82 -5.73
C ASP C 132 12.43 18.31 -4.56
N LEU C 133 13.70 18.60 -4.56
CA LEU C 133 14.60 18.19 -3.44
C LEU C 133 15.47 19.39 -3.06
N VAL C 134 14.86 20.50 -2.73
CA VAL C 134 15.62 21.73 -2.32
C VAL C 134 14.68 22.62 -1.50
N MET C 135 14.72 22.55 -0.20
CA MET C 135 13.83 23.43 0.63
C MET C 135 14.60 23.87 1.88
N GLY C 136 15.70 24.53 1.68
CA GLY C 136 16.57 24.98 2.80
C GLY C 136 18.01 24.64 2.44
N GLN C 137 18.89 25.62 2.34
CA GLN C 137 20.30 25.32 1.97
C GLN C 137 21.10 24.87 3.21
N LEU C 138 21.15 25.69 4.22
CA LEU C 138 21.91 25.32 5.46
C LEU C 138 21.33 24.04 6.07
N ALA C 139 21.84 22.90 5.66
CA ALA C 139 21.33 21.61 6.21
C ALA C 139 22.48 20.62 6.38
N HIS C 140 22.22 19.34 6.30
CA HIS C 140 23.30 18.33 6.46
C HIS C 140 23.48 17.55 5.15
N SER C 141 24.55 16.81 5.03
CA SER C 141 24.79 16.02 3.78
C SER C 141 24.42 14.55 4.01
N GLU C 142 23.64 13.97 3.15
CA GLU C 142 23.25 12.54 3.31
C GLU C 142 22.84 11.92 1.97
N GLU C 143 22.92 10.62 1.87
CA GLU C 143 22.54 9.94 0.59
C GLU C 143 21.84 8.60 0.91
N PRO C 144 20.54 8.67 1.13
CA PRO C 144 19.77 7.43 1.45
C PRO C 144 19.56 6.57 0.21
N LEU C 145 18.72 5.57 0.34
CA LEU C 145 18.39 4.66 -0.80
C LEU C 145 16.87 4.65 -0.95
N THR C 146 16.33 4.35 -2.11
CA THR C 146 14.85 4.36 -2.26
C THR C 146 14.38 3.34 -3.31
N ILE C 147 13.27 2.71 -3.06
CA ILE C 147 12.73 1.70 -4.04
C ILE C 147 11.53 2.32 -4.77
N PHE C 148 11.54 2.29 -6.08
CA PHE C 148 10.41 2.91 -6.84
C PHE C 148 9.66 1.87 -7.68
N SER C 149 8.58 1.35 -7.15
CA SER C 149 7.78 0.35 -7.92
C SER C 149 6.49 1.02 -8.41
N GLY C 150 5.86 0.49 -9.42
CA GLY C 150 4.59 1.10 -9.95
C GLY C 150 4.03 0.12 -10.98
N ALA C 151 2.90 -0.50 -10.71
CA ALA C 151 2.38 -1.53 -11.66
C ALA C 151 1.14 -1.09 -12.45
N LEU C 152 0.92 -1.60 -13.64
CA LEU C 152 -0.30 -1.20 -14.41
C LEU C 152 -1.54 -1.88 -13.82
N LEU C 153 -2.61 -1.15 -13.67
CA LEU C 153 -3.87 -1.74 -13.11
C LEU C 153 -4.90 -1.94 -14.21
N TYR C 154 -5.35 -0.86 -14.81
CA TYR C 154 -6.35 -0.94 -15.91
C TYR C 154 -6.03 0.16 -16.92
N GLY C 155 -6.27 -0.05 -18.19
CA GLY C 155 -5.99 1.03 -19.19
C GLY C 155 -7.32 1.53 -19.75
N ASP C 156 -7.36 2.68 -20.38
CA ASP C 156 -8.64 3.19 -20.95
C ASP C 156 -9.00 2.36 -22.20
N PRO C 157 -10.08 1.60 -22.12
CA PRO C 157 -10.49 0.77 -23.27
C PRO C 157 -11.40 1.54 -24.23
N GLU C 158 -10.83 2.50 -24.93
CA GLU C 158 -11.61 3.38 -25.87
C GLU C 158 -12.57 4.24 -25.06
N LEU C 159 -13.62 3.65 -24.55
CA LEU C 159 -14.63 4.41 -23.73
C LEU C 159 -15.08 5.69 -24.45
N GLU C 160 -14.93 5.79 -25.75
CA GLU C 160 -15.38 7.01 -26.47
C GLU C 160 -16.82 6.83 -26.96
N HIS C 161 -17.52 7.92 -27.19
CA HIS C 161 -18.93 7.81 -27.68
C HIS C 161 -19.26 8.98 -28.61
N ALA C 162 -19.06 8.83 -29.89
CA ALA C 162 -19.37 9.95 -30.86
C ALA C 162 -20.79 10.48 -30.64
N PRO A 13 -8.38 -20.53 -17.76
CA PRO A 13 -9.12 -20.93 -16.54
C PRO A 13 -9.03 -19.82 -15.49
N VAL A 14 -9.69 -19.99 -14.38
CA VAL A 14 -9.66 -18.94 -13.32
C VAL A 14 -9.37 -19.58 -11.94
N PRO A 15 -8.14 -19.43 -11.48
CA PRO A 15 -7.76 -20.02 -10.17
C PRO A 15 -8.46 -19.29 -9.01
N GLN A 16 -8.92 -18.07 -9.24
CA GLN A 16 -9.64 -17.24 -8.19
C GLN A 16 -9.22 -17.61 -6.75
N VAL A 17 -8.00 -17.32 -6.36
CA VAL A 17 -7.54 -17.69 -4.99
C VAL A 17 -7.18 -16.45 -4.17
N ALA A 18 -7.59 -16.42 -2.93
CA ALA A 18 -7.23 -15.29 -2.03
C ALA A 18 -6.59 -15.92 -0.81
N PHE A 19 -5.76 -15.24 -0.05
CA PHE A 19 -5.17 -15.89 1.15
C PHE A 19 -4.66 -14.81 2.11
N SER A 20 -5.07 -14.88 3.35
CA SER A 20 -4.65 -13.86 4.36
C SER A 20 -5.16 -14.30 5.73
N ALA A 21 -4.36 -14.23 6.77
CA ALA A 21 -4.84 -14.65 8.11
C ALA A 21 -4.46 -13.58 9.15
N ALA A 22 -5.18 -13.52 10.24
CA ALA A 22 -4.88 -12.50 11.28
C ALA A 22 -4.58 -13.13 12.64
N LEU A 23 -3.68 -12.54 13.38
CA LEU A 23 -3.32 -13.09 14.72
C LEU A 23 -3.78 -12.12 15.82
N SER A 24 -4.41 -12.64 16.85
CA SER A 24 -4.87 -11.77 17.97
C SER A 24 -4.87 -12.56 19.30
N LEU A 25 -4.20 -13.70 19.35
CA LEU A 25 -4.14 -14.56 20.61
C LEU A 25 -4.20 -13.74 21.92
N PRO A 26 -4.60 -14.40 23.00
CA PRO A 26 -4.72 -13.71 24.31
C PRO A 26 -3.37 -13.20 24.86
N ARG A 27 -2.65 -14.01 25.60
CA ARG A 27 -1.35 -13.53 26.19
C ARG A 27 -0.18 -14.50 25.88
N SER A 28 0.74 -14.68 26.81
CA SER A 28 1.93 -15.59 26.59
C SER A 28 1.56 -16.88 25.86
N GLU A 29 2.25 -17.18 24.80
CA GLU A 29 1.99 -18.46 24.07
C GLU A 29 3.09 -19.46 24.46
N PRO A 30 2.80 -20.74 24.31
CA PRO A 30 3.83 -21.76 24.68
C PRO A 30 5.00 -21.77 23.69
N GLY A 31 4.86 -21.10 22.57
CA GLY A 31 5.98 -21.05 21.58
C GLY A 31 5.61 -20.13 20.42
N THR A 32 5.88 -20.54 19.21
CA THR A 32 5.56 -19.66 18.04
C THR A 32 4.05 -19.49 17.87
N VAL A 33 3.64 -18.43 17.23
CA VAL A 33 2.18 -18.12 17.13
C VAL A 33 1.53 -18.68 15.84
N PRO A 34 0.37 -19.30 16.01
CA PRO A 34 -0.38 -19.83 14.85
C PRO A 34 -1.33 -18.73 14.33
N PHE A 35 -2.44 -19.08 13.71
CA PHE A 35 -3.38 -18.02 13.21
C PHE A 35 -4.81 -18.55 13.23
N ASP A 36 -5.71 -17.87 13.93
CA ASP A 36 -7.12 -18.38 13.98
C ASP A 36 -8.11 -17.43 13.29
N ARG A 37 -7.65 -16.31 12.78
CA ARG A 37 -8.60 -15.36 12.09
C ARG A 37 -8.68 -15.68 10.60
N VAL A 38 -9.58 -16.55 10.19
CA VAL A 38 -9.67 -16.88 8.73
C VAL A 38 -10.35 -15.72 7.98
N LEU A 39 -9.58 -14.85 7.37
CA LEU A 39 -10.18 -13.71 6.63
C LEU A 39 -10.59 -14.15 5.23
N LEU A 40 -9.72 -14.84 4.52
CA LEU A 40 -10.06 -15.33 3.15
C LEU A 40 -8.91 -16.20 2.64
N ASN A 41 -9.09 -17.50 2.64
CA ASN A 41 -8.00 -18.44 2.18
C ASN A 41 -8.46 -19.88 2.31
N ASP A 42 -9.21 -20.37 1.36
CA ASP A 42 -9.70 -21.78 1.46
C ASP A 42 -8.53 -22.78 1.35
N GLY A 43 -7.67 -22.60 0.38
CA GLY A 43 -6.53 -23.54 0.21
C GLY A 43 -5.44 -23.34 1.28
N GLY A 44 -5.34 -22.17 1.86
CA GLY A 44 -4.27 -21.95 2.89
C GLY A 44 -2.97 -21.61 2.15
N TYR A 45 -2.50 -22.52 1.34
CA TYR A 45 -1.26 -22.33 0.52
C TYR A 45 0.01 -22.05 1.33
N TYR A 46 0.09 -20.95 2.04
CA TYR A 46 1.36 -20.65 2.78
C TYR A 46 1.25 -20.72 4.31
N ASP A 47 1.82 -21.75 4.89
CA ASP A 47 1.75 -21.92 6.39
C ASP A 47 2.54 -20.78 7.08
N PRO A 48 1.86 -19.96 7.86
CA PRO A 48 2.52 -18.84 8.58
C PRO A 48 3.33 -19.32 9.80
N GLU A 49 3.35 -20.61 10.07
CA GLU A 49 4.16 -21.10 11.22
C GLU A 49 5.60 -21.13 10.78
N THR A 50 5.90 -21.94 9.81
CA THR A 50 7.27 -21.99 9.24
C THR A 50 7.35 -21.03 8.04
N GLY A 51 6.23 -20.67 7.46
CA GLY A 51 6.25 -19.71 6.32
C GLY A 51 6.52 -20.43 5.00
N VAL A 52 6.29 -21.71 4.94
CA VAL A 52 6.56 -22.42 3.65
C VAL A 52 5.44 -22.06 2.66
N PHE A 53 5.69 -21.03 1.89
CA PHE A 53 4.68 -20.52 0.92
C PHE A 53 4.81 -21.18 -0.45
N THR A 54 3.92 -22.07 -0.79
CA THR A 54 3.97 -22.72 -2.15
C THR A 54 3.00 -21.95 -3.06
N ALA A 55 3.52 -21.08 -3.90
CA ALA A 55 2.60 -20.25 -4.76
C ALA A 55 2.44 -20.78 -6.20
N PRO A 56 1.30 -21.36 -6.50
CA PRO A 56 1.00 -21.82 -7.88
C PRO A 56 0.36 -20.67 -8.68
N LEU A 57 -0.07 -19.61 -8.01
CA LEU A 57 -0.77 -18.46 -8.68
C LEU A 57 -0.24 -18.16 -10.09
N ALA A 58 1.05 -18.02 -10.28
CA ALA A 58 1.59 -17.72 -11.64
C ALA A 58 0.87 -16.51 -12.26
N GLY A 59 1.42 -15.34 -12.12
CA GLY A 59 0.79 -14.11 -12.66
C GLY A 59 1.30 -12.93 -11.86
N ARG A 60 0.49 -11.94 -11.68
CA ARG A 60 0.88 -10.77 -10.86
C ARG A 60 0.07 -10.82 -9.56
N TYR A 61 0.70 -10.74 -8.41
CA TYR A 61 -0.06 -10.81 -7.13
C TYR A 61 0.34 -9.65 -6.21
N LEU A 62 -0.60 -9.12 -5.46
CA LEU A 62 -0.28 -7.99 -4.53
C LEU A 62 -0.05 -8.54 -3.12
N LEU A 63 1.15 -8.42 -2.62
CA LEU A 63 1.46 -8.94 -1.25
C LEU A 63 1.73 -7.79 -0.28
N SER A 64 1.35 -7.96 0.96
CA SER A 64 1.57 -6.90 1.98
C SER A 64 1.91 -7.52 3.34
N ALA A 65 3.08 -7.25 3.84
CA ALA A 65 3.49 -7.80 5.16
C ALA A 65 3.48 -6.68 6.20
N VAL A 66 3.15 -6.99 7.43
CA VAL A 66 3.11 -5.93 8.47
C VAL A 66 4.41 -5.89 9.30
N LEU A 67 5.12 -4.80 9.27
CA LEU A 67 6.44 -4.75 9.97
C LEU A 67 6.38 -4.18 11.39
N THR A 68 6.61 -5.03 12.37
CA THR A 68 6.64 -4.55 13.79
C THR A 68 7.81 -3.58 13.92
N GLY A 69 7.64 -2.52 14.67
CA GLY A 69 8.74 -1.52 14.84
C GLY A 69 9.94 -2.15 15.54
N HIS A 70 9.79 -2.54 16.79
CA HIS A 70 10.93 -3.18 17.54
C HIS A 70 12.24 -2.39 17.35
N ARG A 71 12.29 -1.18 17.84
CA ARG A 71 13.51 -0.34 17.69
C ARG A 71 14.70 -0.89 18.49
N HIS A 72 14.49 -1.90 19.31
CA HIS A 72 15.61 -2.47 20.13
C HIS A 72 16.77 -3.03 19.29
N GLU A 73 16.75 -2.90 17.97
CA GLU A 73 17.88 -3.41 17.06
C GLU A 73 17.63 -4.83 16.54
N LYS A 74 18.67 -5.47 16.03
CA LYS A 74 18.59 -6.85 15.41
C LYS A 74 18.27 -6.68 13.93
N VAL A 75 18.49 -7.68 13.11
CA VAL A 75 18.19 -7.52 11.65
C VAL A 75 17.19 -8.58 11.17
N GLU A 76 16.03 -8.14 10.76
CA GLU A 76 15.01 -9.08 10.22
C GLU A 76 15.07 -8.98 8.69
N ALA A 77 15.12 -10.10 8.01
CA ALA A 77 15.15 -10.13 6.51
C ALA A 77 14.60 -11.50 6.10
N VAL A 78 13.54 -11.51 5.34
CA VAL A 78 12.96 -12.80 4.88
C VAL A 78 13.69 -13.32 3.64
N LEU A 79 14.07 -14.59 3.63
CA LEU A 79 14.75 -15.16 2.42
C LEU A 79 13.79 -15.13 1.25
N SER A 80 14.31 -15.11 0.04
CA SER A 80 13.42 -15.15 -1.17
C SER A 80 13.84 -16.36 -2.02
N ARG A 81 12.91 -17.11 -2.55
CA ARG A 81 13.31 -18.31 -3.36
C ARG A 81 14.09 -17.91 -4.63
N SER A 82 14.94 -18.81 -5.11
CA SER A 82 15.78 -18.60 -6.36
C SER A 82 17.07 -17.83 -6.07
N ASN A 83 17.07 -16.92 -5.12
CA ASN A 83 18.32 -16.13 -4.83
C ASN A 83 18.79 -16.32 -3.38
N GLN A 84 17.93 -16.73 -2.45
CA GLN A 84 18.37 -16.77 -1.01
C GLN A 84 18.58 -15.30 -0.59
N GLY A 85 18.69 -14.91 0.68
CA GLY A 85 18.85 -13.42 0.96
C GLY A 85 17.68 -12.70 0.27
N VAL A 86 17.95 -11.73 -0.58
CA VAL A 86 16.84 -10.97 -1.25
C VAL A 86 15.87 -10.46 -0.17
N ALA A 87 16.03 -9.24 0.28
CA ALA A 87 15.12 -8.73 1.34
C ALA A 87 13.92 -8.02 0.72
N ARG A 88 12.84 -8.72 0.48
CA ARG A 88 11.61 -8.05 -0.03
C ARG A 88 10.89 -7.50 1.20
N VAL A 89 10.86 -8.29 2.25
CA VAL A 89 10.30 -7.83 3.55
C VAL A 89 11.50 -7.53 4.44
N ASP A 90 12.23 -6.49 4.10
CA ASP A 90 13.47 -6.15 4.86
C ASP A 90 13.18 -5.18 6.01
N SER A 91 13.78 -5.46 7.14
CA SER A 91 13.61 -4.58 8.34
C SER A 91 14.91 -4.63 9.14
N GLY A 92 15.70 -3.60 9.06
CA GLY A 92 16.99 -3.56 9.82
C GLY A 92 16.87 -2.52 10.92
N GLY A 93 16.44 -2.92 12.08
CA GLY A 93 16.29 -1.94 13.20
C GLY A 93 17.63 -1.82 13.93
N THR A 113 22.80 -8.77 -8.32
CA THR A 113 22.03 -10.04 -8.15
C THR A 113 21.14 -9.96 -6.91
N LEU A 114 21.53 -9.18 -5.93
CA LEU A 114 20.70 -9.06 -4.70
C LEU A 114 20.12 -7.64 -4.58
N GLY A 115 18.83 -7.53 -4.35
CA GLY A 115 18.19 -6.19 -4.22
C GLY A 115 16.96 -6.32 -3.33
N VAL A 116 16.39 -5.21 -2.91
CA VAL A 116 15.19 -5.28 -2.03
C VAL A 116 13.98 -4.59 -2.70
N PHE A 117 12.87 -5.27 -2.73
CA PHE A 117 11.64 -4.69 -3.36
C PHE A 117 10.45 -4.91 -2.42
N SER A 118 9.49 -4.01 -2.44
CA SER A 118 8.31 -4.16 -1.52
C SER A 118 6.99 -4.28 -2.29
N LEU A 119 6.70 -3.35 -3.16
CA LEU A 119 5.40 -3.39 -3.90
C LEU A 119 5.26 -4.68 -4.74
N ILE A 120 5.93 -4.77 -5.86
CA ILE A 120 5.81 -5.97 -6.78
C ILE A 120 6.03 -7.34 -6.07
N LEU A 121 6.63 -8.30 -6.75
CA LEU A 121 6.92 -9.66 -6.14
C LEU A 121 7.35 -10.69 -7.22
N PRO A 122 8.61 -10.70 -7.57
CA PRO A 122 9.08 -11.70 -8.57
C PRO A 122 9.16 -13.08 -7.90
N LEU A 123 8.15 -13.90 -8.08
CA LEU A 123 8.17 -15.27 -7.46
C LEU A 123 8.03 -16.35 -8.53
N GLN A 124 8.70 -17.46 -8.32
CA GLN A 124 8.65 -18.58 -9.33
C GLN A 124 7.41 -19.46 -9.12
N ALA A 125 6.82 -20.12 -10.11
CA ALA A 125 5.60 -20.96 -9.78
C ALA A 125 5.98 -22.19 -8.95
N GLY A 126 5.42 -22.31 -7.76
CA GLY A 126 5.70 -23.49 -6.89
C GLY A 126 6.86 -23.20 -5.91
N ASP A 127 7.70 -22.25 -6.25
CA ASP A 127 8.86 -21.92 -5.35
C ASP A 127 8.37 -21.69 -3.90
N THR A 128 9.27 -21.56 -2.95
CA THR A 128 8.82 -21.38 -1.54
C THR A 128 9.60 -20.27 -0.84
N VAL A 129 8.92 -19.41 -0.13
CA VAL A 129 9.62 -18.30 0.60
C VAL A 129 9.79 -18.64 2.08
N CYS A 130 10.88 -18.22 2.66
CA CYS A 130 11.14 -18.53 4.11
C CYS A 130 11.72 -17.30 4.81
N VAL A 131 11.41 -17.10 6.07
CA VAL A 131 11.93 -15.92 6.80
C VAL A 131 13.21 -16.27 7.56
N ASP A 132 14.19 -15.39 7.49
CA ASP A 132 15.42 -15.57 8.31
C ASP A 132 15.14 -14.77 9.57
N LEU A 133 15.28 -15.41 10.71
CA LEU A 133 15.08 -14.71 12.00
C LEU A 133 16.26 -15.05 12.92
N VAL A 134 17.46 -14.70 12.49
CA VAL A 134 18.68 -14.97 13.30
C VAL A 134 19.79 -14.01 12.82
N MET A 135 19.99 -12.90 13.49
CA MET A 135 21.07 -11.96 13.07
C MET A 135 21.70 -11.36 14.32
N GLY A 136 22.24 -12.20 15.17
CA GLY A 136 22.84 -11.75 16.45
C GLY A 136 22.36 -12.71 17.53
N GLN A 137 23.25 -13.41 18.21
CA GLN A 137 22.80 -14.36 19.26
C GLN A 137 22.54 -13.61 20.58
N LEU A 138 23.53 -12.94 21.10
CA LEU A 138 23.34 -12.18 22.38
C LEU A 138 22.22 -11.13 22.21
N ALA A 139 21.00 -11.51 22.51
CA ALA A 139 19.87 -10.56 22.35
C ALA A 139 18.86 -10.75 23.50
N HIS A 140 17.62 -10.41 23.29
CA HIS A 140 16.60 -10.57 24.37
C HIS A 140 15.49 -11.53 23.91
N SER A 141 14.61 -11.90 24.81
CA SER A 141 13.50 -12.83 24.43
C SER A 141 12.20 -12.04 24.25
N GLU A 142 11.52 -12.24 23.16
CA GLU A 142 10.24 -11.50 22.91
C GLU A 142 9.34 -12.27 21.94
N GLU A 143 8.06 -11.99 21.97
CA GLU A 143 7.11 -12.68 21.04
C GLU A 143 6.11 -11.66 20.47
N PRO A 144 6.49 -11.01 19.39
CA PRO A 144 5.61 -10.00 18.77
C PRO A 144 4.42 -10.66 18.06
N LEU A 145 3.67 -9.86 17.34
CA LEU A 145 2.51 -10.38 16.55
C LEU A 145 2.67 -9.88 15.12
N THR A 146 2.12 -10.55 14.14
CA THR A 146 2.27 -10.08 12.73
C THR A 146 1.07 -10.47 11.87
N ILE A 147 0.66 -9.59 10.99
CA ILE A 147 -0.51 -9.89 10.11
C ILE A 147 0.00 -10.16 8.69
N PHE A 148 -0.39 -11.26 8.09
CA PHE A 148 0.12 -11.57 6.72
C PHE A 148 -1.03 -11.74 5.71
N SER A 149 -1.33 -10.72 4.96
CA SER A 149 -2.41 -10.82 3.93
C SER A 149 -1.78 -10.84 2.55
N GLY A 150 -2.46 -11.34 1.54
CA GLY A 150 -1.89 -11.38 0.15
C GLY A 150 -3.02 -11.84 -0.77
N ALA A 151 -3.55 -10.94 -1.58
CA ALA A 151 -4.72 -11.33 -2.43
C ALA A 151 -4.39 -11.45 -3.93
N LEU A 152 -5.05 -12.33 -4.66
CA LEU A 152 -4.74 -12.45 -6.12
C LEU A 152 -5.23 -11.20 -6.87
N LEU A 153 -4.40 -10.67 -7.75
CA LEU A 153 -4.81 -9.46 -8.52
C LEU A 153 -5.14 -9.85 -9.96
N TYR A 154 -4.18 -10.39 -10.67
CA TYR A 154 -4.40 -10.83 -12.08
C TYR A 154 -3.58 -12.12 -12.30
N GLY A 155 -4.05 -13.04 -13.11
CA GLY A 155 -3.26 -14.29 -13.35
C GLY A 155 -2.78 -14.28 -14.80
N ASP A 156 -1.81 -15.09 -15.15
CA ASP A 156 -1.33 -15.12 -16.56
C ASP A 156 -2.35 -15.88 -17.44
N PRO A 157 -3.01 -15.18 -18.33
CA PRO A 157 -4.02 -15.84 -19.19
C PRO A 157 -3.40 -16.36 -20.49
N GLU A 158 -2.62 -17.42 -20.38
CA GLU A 158 -1.90 -18.01 -21.56
C GLU A 158 -0.84 -17.01 -22.03
N LEU A 159 -1.26 -15.95 -22.66
CA LEU A 159 -0.31 -14.91 -23.17
C LEU A 159 0.83 -15.54 -23.99
N GLU A 160 0.65 -16.73 -24.51
CA GLU A 160 1.74 -17.35 -25.33
C GLU A 160 1.51 -17.05 -26.81
N HIS A 161 2.56 -17.10 -27.60
CA HIS A 161 2.42 -16.81 -29.06
C HIS A 161 3.39 -17.67 -29.86
N ALA A 162 2.97 -18.83 -30.34
CA ALA A 162 3.88 -19.71 -31.14
C ALA A 162 4.52 -18.92 -32.29
N PRO B 13 -23.31 -5.48 -16.37
CA PRO B 13 -23.18 -4.01 -16.53
C PRO B 13 -21.84 -3.54 -15.97
N VAL B 14 -21.54 -2.27 -16.09
CA VAL B 14 -20.25 -1.75 -15.58
C VAL B 14 -20.49 -0.47 -14.75
N PRO B 15 -20.45 -0.58 -13.44
CA PRO B 15 -20.66 0.59 -12.57
C PRO B 15 -19.50 1.59 -12.67
N GLN B 16 -18.34 1.14 -13.14
CA GLN B 16 -17.12 2.03 -13.31
C GLN B 16 -17.11 3.23 -12.34
N VAL B 17 -16.94 2.98 -11.06
CA VAL B 17 -16.96 4.11 -10.07
C VAL B 17 -15.62 4.23 -9.33
N ALA B 18 -15.14 5.44 -9.19
CA ALA B 18 -13.89 5.67 -8.42
C ALA B 18 -14.23 6.70 -7.36
N PHE B 19 -13.52 6.78 -6.26
CA PHE B 19 -13.88 7.81 -5.24
C PHE B 19 -12.67 8.05 -4.33
N SER B 20 -12.30 9.29 -4.16
CA SER B 20 -11.12 9.63 -3.31
C SER B 20 -11.01 11.16 -3.22
N ALA B 21 -10.78 11.71 -2.05
CA ALA B 21 -10.68 13.19 -1.94
C ALA B 21 -9.44 13.55 -1.11
N ALA B 22 -8.93 14.74 -1.28
CA ALA B 22 -7.71 15.15 -0.52
C ALA B 22 -7.95 16.42 0.31
N LEU B 23 -7.33 16.50 1.46
CA LEU B 23 -7.50 17.70 2.32
C LEU B 23 -6.18 18.48 2.41
N SER B 24 -6.25 19.78 2.26
CA SER B 24 -5.01 20.61 2.35
C SER B 24 -5.36 22.03 2.88
N LEU B 25 -6.53 22.20 3.46
CA LEU B 25 -6.97 23.55 4.01
C LEU B 25 -5.79 24.41 4.55
N PRO B 26 -6.00 25.71 4.62
CA PRO B 26 -4.94 26.64 5.09
C PRO B 26 -4.55 26.41 6.57
N ARG B 27 -5.22 27.05 7.51
CA ARG B 27 -4.84 26.89 8.95
C ARG B 27 -6.06 26.51 9.83
N SER B 28 -6.11 27.03 11.06
CA SER B 28 -7.25 26.71 12.00
C SER B 28 -8.61 26.68 11.30
N GLU B 29 -9.34 25.61 11.45
CA GLU B 29 -10.70 25.52 10.85
C GLU B 29 -11.73 25.79 11.97
N PRO B 30 -12.91 26.23 11.60
CA PRO B 30 -13.95 26.51 12.63
C PRO B 30 -14.46 25.22 13.28
N GLY B 31 -14.16 24.07 12.71
CA GLY B 31 -14.62 22.79 13.30
C GLY B 31 -14.04 21.61 12.51
N THR B 32 -14.84 20.62 12.22
CA THR B 32 -14.31 19.44 11.47
C THR B 32 -13.91 19.82 10.05
N VAL B 33 -13.04 19.05 9.45
CA VAL B 33 -12.52 19.41 8.10
C VAL B 33 -13.31 18.77 6.94
N PRO B 34 -13.61 19.57 5.93
CA PRO B 34 -14.32 19.05 4.74
C PRO B 34 -13.28 18.59 3.70
N PHE B 35 -13.59 18.60 2.43
CA PHE B 35 -12.57 18.16 1.41
C PHE B 35 -12.79 18.92 0.10
N ASP B 36 -11.79 19.63 -0.39
CA ASP B 36 -11.98 20.39 -1.67
C ASP B 36 -11.12 19.83 -2.81
N ARG B 37 -10.31 18.83 -2.57
CA ARG B 37 -9.46 18.28 -3.67
C ARG B 37 -10.18 17.15 -4.40
N VAL B 38 -10.96 17.44 -5.41
CA VAL B 38 -11.68 16.35 -6.13
C VAL B 38 -10.70 15.56 -7.02
N LEU B 39 -10.20 14.45 -6.54
CA LEU B 39 -9.24 13.65 -7.35
C LEU B 39 -10.01 12.75 -8.34
N LEU B 40 -11.02 12.07 -7.88
CA LEU B 40 -11.83 11.19 -8.79
C LEU B 40 -13.02 10.63 -8.00
N ASN B 41 -14.21 11.15 -8.22
CA ASN B 41 -15.42 10.67 -7.47
C ASN B 41 -16.64 11.47 -7.90
N ASP B 42 -17.25 11.11 -9.01
CA ASP B 42 -18.44 11.88 -9.46
C ASP B 42 -19.62 11.69 -8.50
N GLY B 43 -19.92 10.47 -8.12
CA GLY B 43 -21.07 10.21 -7.19
C GLY B 43 -20.75 10.64 -5.75
N GLY B 44 -19.50 10.69 -5.36
CA GLY B 44 -19.17 11.07 -3.95
C GLY B 44 -19.33 9.83 -3.07
N TYR B 45 -20.52 9.28 -3.03
CA TYR B 45 -20.81 8.02 -2.25
C TYR B 45 -20.55 8.14 -0.75
N TYR B 46 -19.32 8.33 -0.32
CA TYR B 46 -19.04 8.36 1.15
C TYR B 46 -18.63 9.75 1.70
N ASP B 47 -19.53 10.38 2.41
CA ASP B 47 -19.23 11.73 2.98
C ASP B 47 -18.09 11.62 4.04
N PRO B 48 -16.96 12.27 3.79
CA PRO B 48 -15.82 12.23 4.75
C PRO B 48 -16.06 13.13 5.97
N GLU B 49 -17.18 13.81 6.04
CA GLU B 49 -17.45 14.66 7.24
C GLU B 49 -17.87 13.73 8.36
N THR B 50 -18.97 13.07 8.18
CA THR B 50 -19.45 12.09 9.19
C THR B 50 -18.94 10.68 8.78
N GLY B 51 -18.56 10.50 7.54
CA GLY B 51 -18.01 9.17 7.11
C GLY B 51 -19.13 8.19 6.76
N VAL B 52 -20.32 8.69 6.48
CA VAL B 52 -21.42 7.74 6.15
C VAL B 52 -21.17 7.19 4.74
N PHE B 53 -20.48 6.08 4.68
CA PHE B 53 -20.11 5.46 3.37
C PHE B 53 -21.16 4.47 2.88
N THR B 54 -21.94 4.83 1.88
CA THR B 54 -22.94 3.88 1.33
C THR B 54 -22.33 3.20 0.11
N ALA B 55 -21.85 1.99 0.24
CA ALA B 55 -21.17 1.31 -0.90
C ALA B 55 -22.07 0.32 -1.68
N PRO B 56 -22.49 0.72 -2.87
CA PRO B 56 -23.28 -0.18 -3.74
C PRO B 56 -22.33 -1.03 -4.62
N LEU B 57 -21.06 -0.66 -4.67
CA LEU B 57 -20.05 -1.38 -5.54
C LEU B 57 -20.29 -2.89 -5.66
N ALA B 58 -20.46 -3.59 -4.56
CA ALA B 58 -20.70 -5.08 -4.64
C ALA B 58 -19.62 -5.75 -5.50
N GLY B 59 -18.58 -6.25 -4.89
CA GLY B 59 -17.48 -6.89 -5.64
C GLY B 59 -16.23 -6.82 -4.78
N ARG B 60 -15.10 -6.71 -5.40
CA ARG B 60 -13.82 -6.57 -4.65
C ARG B 60 -13.33 -5.13 -4.83
N TYR B 61 -13.03 -4.42 -3.77
CA TYR B 61 -12.57 -3.00 -3.92
C TYR B 61 -11.28 -2.78 -3.11
N LEU B 62 -10.38 -1.98 -3.61
CA LEU B 62 -9.11 -1.70 -2.89
C LEU B 62 -9.24 -0.39 -2.11
N LEU B 63 -9.20 -0.47 -0.80
CA LEU B 63 -9.34 0.77 0.04
C LEU B 63 -8.02 1.10 0.74
N SER B 64 -7.72 2.36 0.91
CA SER B 64 -6.46 2.77 1.59
C SER B 64 -6.69 4.02 2.45
N ALA B 65 -6.53 3.89 3.74
CA ALA B 65 -6.72 5.06 4.65
C ALA B 65 -5.35 5.56 5.13
N VAL B 66 -5.21 6.85 5.34
CA VAL B 66 -3.88 7.38 5.79
C VAL B 66 -3.86 7.58 7.32
N LEU B 67 -2.97 6.89 7.99
CA LEU B 67 -2.97 6.97 9.50
C LEU B 67 -1.99 8.00 10.07
N THR B 68 -2.53 9.05 10.66
CA THR B 68 -1.67 10.08 11.30
C THR B 68 -0.94 9.40 12.46
N GLY B 69 0.32 9.73 12.66
CA GLY B 69 1.10 9.10 13.77
C GLY B 69 0.49 9.47 15.13
N HIS B 70 0.53 10.72 15.51
CA HIS B 70 -0.05 11.15 16.84
C HIS B 70 0.39 10.21 17.97
N ARG B 71 1.66 10.19 18.27
CA ARG B 71 2.18 9.28 19.35
C ARG B 71 1.68 9.72 20.75
N HIS B 72 1.02 10.84 20.86
CA HIS B 72 0.53 11.32 22.19
C HIS B 72 -0.45 10.34 22.86
N GLU B 73 -0.75 9.18 22.29
CA GLU B 73 -1.69 8.15 22.90
C GLU B 73 -3.14 8.31 22.39
N LYS B 74 -4.08 7.70 23.08
CA LYS B 74 -5.55 7.69 22.69
C LYS B 74 -5.78 6.49 21.77
N VAL B 75 -7.00 6.04 21.59
CA VAL B 75 -7.23 4.85 20.71
C VAL B 75 -8.18 5.21 19.56
N GLU B 76 -7.67 5.14 18.35
CA GLU B 76 -8.53 5.40 17.16
C GLU B 76 -8.91 4.03 16.57
N ALA B 77 -10.17 3.84 16.26
CA ALA B 77 -10.65 2.57 15.66
C ALA B 77 -11.96 2.90 14.94
N VAL B 78 -12.00 2.65 13.66
CA VAL B 78 -13.23 2.95 12.86
C VAL B 78 -14.23 1.78 12.98
N LEU B 79 -15.49 2.08 13.26
CA LEU B 79 -16.52 0.99 13.35
C LEU B 79 -16.67 0.34 11.98
N SER B 80 -17.11 -0.90 11.93
CA SER B 80 -17.35 -1.56 10.62
C SER B 80 -18.80 -2.04 10.58
N ARG B 81 -19.50 -1.86 9.49
CA ARG B 81 -20.94 -2.29 9.45
C ARG B 81 -21.09 -3.81 9.64
N SER B 82 -22.24 -4.23 10.15
CA SER B 82 -22.57 -5.70 10.41
C SER B 82 -21.99 -6.21 11.74
N ASN B 83 -20.86 -5.72 12.17
CA ASN B 83 -20.28 -6.23 13.45
C ASN B 83 -20.09 -5.11 14.48
N GLN B 84 -20.04 -3.85 14.09
CA GLN B 84 -19.72 -2.76 15.10
C GLN B 84 -18.26 -3.01 15.53
N GLY B 85 -17.52 -2.11 16.19
CA GLY B 85 -16.08 -2.46 16.51
C GLY B 85 -15.41 -2.84 15.19
N VAL B 86 -14.81 -4.02 15.11
CA VAL B 86 -14.09 -4.42 13.86
C VAL B 86 -13.11 -3.32 13.46
N ALA B 87 -11.87 -3.42 13.85
CA ALA B 87 -10.90 -2.35 13.50
C ALA B 87 -10.19 -2.66 12.17
N ARG B 88 -10.73 -2.19 11.07
CA ARG B 88 -10.02 -2.40 9.78
C ARG B 88 -9.00 -1.26 9.67
N VAL B 89 -9.42 -0.08 10.06
CA VAL B 89 -8.50 1.08 10.11
C VAL B 89 -8.18 1.28 11.60
N ASP B 90 -7.44 0.34 12.15
CA ASP B 90 -7.12 0.39 13.61
C ASP B 90 -5.83 1.15 13.89
N SER B 91 -5.84 1.99 14.90
CA SER B 91 -4.63 2.75 15.29
C SER B 91 -4.67 2.97 16.80
N GLY B 92 -3.88 2.23 17.53
CA GLY B 92 -3.85 2.36 19.00
C GLY B 92 -2.52 2.97 19.42
N GLY B 93 -2.46 4.28 19.49
CA GLY B 93 -1.19 4.96 19.89
C GLY B 93 -1.11 5.02 21.42
N THR B 113 -15.28 -13.53 16.35
CA THR B 113 -16.27 -12.64 15.67
C THR B 113 -15.65 -11.27 15.37
N LEU B 114 -14.70 -10.86 16.18
CA LEU B 114 -14.07 -9.53 15.96
C LEU B 114 -12.60 -9.70 15.54
N GLY B 115 -12.21 -9.06 14.47
CA GLY B 115 -10.79 -9.18 14.00
C GLY B 115 -10.40 -7.89 13.27
N VAL B 116 -9.13 -7.71 12.99
CA VAL B 116 -8.70 -6.47 12.27
C VAL B 116 -8.05 -6.82 10.93
N PHE B 117 -8.47 -6.17 9.88
CA PHE B 117 -7.89 -6.44 8.52
C PHE B 117 -7.58 -5.10 7.85
N SER B 118 -6.57 -5.06 7.00
CA SER B 118 -6.21 -3.79 6.33
C SER B 118 -6.31 -3.89 4.80
N LEU B 119 -5.66 -4.86 4.22
CA LEU B 119 -5.68 -4.98 2.72
C LEU B 119 -7.10 -5.19 2.18
N ILE B 120 -7.66 -6.37 2.32
CA ILE B 120 -9.03 -6.69 1.77
C ILE B 120 -10.13 -5.68 2.20
N LEU B 121 -11.36 -6.15 2.42
CA LEU B 121 -12.50 -5.26 2.87
C LEU B 121 -13.86 -5.98 2.75
N PRO B 122 -14.21 -6.76 3.74
CA PRO B 122 -15.53 -7.44 3.71
C PRO B 122 -16.63 -6.42 4.00
N LEU B 123 -17.28 -5.89 2.98
CA LEU B 123 -18.37 -4.88 3.19
C LEU B 123 -19.68 -5.36 2.57
N GLN B 124 -20.79 -5.06 3.21
CA GLN B 124 -22.13 -5.49 2.69
C GLN B 124 -22.66 -4.53 1.62
N ALA B 125 -23.46 -4.91 0.64
CA ALA B 125 -23.91 -3.88 -0.35
C ALA B 125 -24.88 -2.88 0.29
N GLY B 126 -24.53 -1.61 0.28
CA GLY B 126 -25.43 -0.55 0.85
C GLY B 126 -25.07 -0.28 2.32
N ASP B 127 -24.44 -1.21 2.98
CA ASP B 127 -24.08 -1.01 4.43
C ASP B 127 -23.35 0.33 4.62
N THR B 128 -23.10 0.76 5.84
CA THR B 128 -22.42 2.07 6.04
C THR B 128 -21.31 1.98 7.09
N VAL B 129 -20.17 2.55 6.81
CA VAL B 129 -19.05 2.50 7.81
C VAL B 129 -18.95 3.82 8.57
N CYS B 130 -18.58 3.76 9.83
CA CYS B 130 -18.49 5.00 10.66
C CYS B 130 -17.23 4.94 11.54
N VAL B 131 -16.61 6.06 11.79
CA VAL B 131 -15.38 6.08 12.63
C VAL B 131 -15.72 6.36 14.09
N ASP B 132 -15.11 5.61 14.98
CA ASP B 132 -15.25 5.90 16.44
C ASP B 132 -14.07 6.80 16.75
N LEU B 133 -14.35 7.94 17.33
CA LEU B 133 -13.27 8.88 17.73
C LEU B 133 -13.53 9.33 19.18
N VAL B 134 -13.55 8.38 20.09
CA VAL B 134 -13.80 8.69 21.53
C VAL B 134 -13.25 7.54 22.37
N MET B 135 -12.05 7.63 22.88
CA MET B 135 -11.49 6.52 23.72
C MET B 135 -10.67 7.15 24.85
N GLY B 136 -11.30 7.96 25.65
CA GLY B 136 -10.62 8.66 26.77
C GLY B 136 -11.09 10.11 26.76
N GLN B 137 -11.70 10.58 27.80
CA GLN B 137 -12.19 12.00 27.81
C GLN B 137 -11.05 12.95 28.16
N LEU B 138 -10.44 12.78 29.31
CA LEU B 138 -9.31 13.67 29.72
C LEU B 138 -8.18 13.59 28.68
N ALA B 139 -8.23 14.45 27.68
CA ALA B 139 -7.16 14.43 26.64
C ALA B 139 -6.81 15.86 26.22
N HIS B 140 -6.33 16.03 25.01
CA HIS B 140 -5.96 17.40 24.54
C HIS B 140 -6.78 17.77 23.29
N SER B 141 -6.70 19.01 22.87
CA SER B 141 -7.48 19.45 21.67
C SER B 141 -6.55 19.51 20.45
N GLU B 142 -6.95 18.90 19.35
CA GLU B 142 -6.08 18.93 18.13
C GLU B 142 -6.93 18.72 16.87
N GLU B 143 -6.42 19.13 15.73
CA GLU B 143 -7.17 18.95 14.46
C GLU B 143 -6.21 18.49 13.35
N PRO B 144 -5.99 17.19 13.27
CA PRO B 144 -5.06 16.65 12.24
C PRO B 144 -5.67 16.72 10.85
N LEU B 145 -5.00 16.12 9.90
CA LEU B 145 -5.50 16.07 8.49
C LEU B 145 -5.50 14.61 8.04
N THR B 146 -6.33 14.23 7.09
CA THR B 146 -6.33 12.80 6.66
C THR B 146 -6.73 12.66 5.19
N ILE B 147 -6.11 11.76 4.48
CA ILE B 147 -6.44 11.55 3.03
C ILE B 147 -7.21 10.24 2.88
N PHE B 148 -8.35 10.27 2.24
CA PHE B 148 -9.15 9.02 2.10
C PHE B 148 -9.40 8.66 0.63
N SER B 149 -8.62 7.76 0.08
CA SER B 149 -8.83 7.35 -1.33
C SER B 149 -9.38 5.92 -1.35
N GLY B 150 -10.02 5.51 -2.42
CA GLY B 150 -10.57 4.11 -2.50
C GLY B 150 -11.07 3.92 -3.94
N ALA B 151 -10.38 3.12 -4.72
CA ALA B 151 -10.78 2.97 -6.16
C ALA B 151 -11.40 1.61 -6.51
N LEU B 152 -12.32 1.55 -7.44
CA LEU B 152 -12.93 0.22 -7.79
C LEU B 152 -11.89 -0.66 -8.49
N LEU B 153 -11.81 -1.91 -8.10
CA LEU B 153 -10.84 -2.85 -8.74
C LEU B 153 -11.58 -3.81 -9.67
N TYR B 154 -12.48 -4.59 -9.12
CA TYR B 154 -13.28 -5.56 -9.94
C TYR B 154 -14.68 -5.61 -9.35
N GLY B 155 -15.71 -5.80 -10.15
CA GLY B 155 -17.10 -5.87 -9.60
C GLY B 155 -17.61 -7.29 -9.78
N ASP B 156 -18.65 -7.68 -9.08
CA ASP B 156 -19.19 -9.07 -9.25
C ASP B 156 -19.98 -9.15 -10.57
N PRO B 157 -19.48 -9.90 -11.53
CA PRO B 157 -20.16 -10.02 -12.83
C PRO B 157 -21.16 -11.17 -12.84
N GLU B 158 -22.26 -11.01 -12.14
CA GLU B 158 -23.29 -12.09 -12.01
C GLU B 158 -22.71 -13.25 -11.21
N LEU B 159 -21.83 -14.00 -11.82
CA LEU B 159 -21.18 -15.17 -11.12
C LEU B 159 -22.23 -16.09 -10.47
N GLU B 160 -23.47 -16.04 -10.90
CA GLU B 160 -24.50 -16.94 -10.30
C GLU B 160 -24.62 -18.22 -11.12
N HIS B 161 -25.10 -19.28 -10.51
CA HIS B 161 -25.25 -20.58 -11.24
C HIS B 161 -26.48 -21.34 -10.75
N ALA B 162 -27.62 -21.17 -11.37
CA ALA B 162 -28.85 -21.89 -10.93
C ALA B 162 -28.58 -23.39 -10.82
N PRO C 13 -7.51 -3.62 -26.66
CA PRO C 13 -6.09 -4.04 -26.79
C PRO C 13 -5.52 -4.35 -25.40
N VAL C 14 -4.29 -4.80 -25.35
CA VAL C 14 -3.68 -5.13 -24.02
C VAL C 14 -2.28 -4.48 -23.90
N PRO C 15 -2.20 -3.40 -23.15
CA PRO C 15 -0.90 -2.71 -22.97
C PRO C 15 0.06 -3.54 -22.10
N GLN C 16 -0.46 -4.46 -21.31
CA GLN C 16 0.38 -5.35 -20.41
C GLN C 16 1.70 -4.69 -20.00
N VAL C 17 1.66 -3.67 -19.18
CA VAL C 17 2.93 -2.98 -18.77
C VAL C 17 3.15 -3.05 -17.26
N ALA C 18 4.37 -3.36 -16.87
CA ALA C 18 4.71 -3.38 -15.42
C ALA C 18 5.95 -2.49 -15.30
N PHE C 19 6.24 -1.89 -14.16
CA PHE C 19 7.47 -1.06 -14.07
C PHE C 19 7.84 -0.89 -12.60
N SER C 20 9.06 -1.20 -12.25
CA SER C 20 9.51 -1.09 -10.83
C SER C 20 10.99 -1.44 -10.79
N ALA C 21 11.80 -0.67 -10.10
CA ALA C 21 13.26 -0.99 -10.02
C ALA C 21 13.72 -0.96 -8.56
N ALA C 22 14.78 -1.66 -8.25
CA ALA C 22 15.27 -1.68 -6.83
C ALA C 22 16.72 -1.18 -6.73
N LEU C 23 17.02 -0.47 -5.69
CA LEU C 23 18.40 0.06 -5.50
C LEU C 23 19.07 -0.64 -4.32
N SER C 24 20.32 -1.02 -4.47
CA SER C 24 21.04 -1.72 -3.36
C SER C 24 22.57 -1.51 -3.44
N LEU C 25 23.03 -0.55 -4.22
CA LEU C 25 24.51 -0.24 -4.36
C LEU C 25 25.32 -0.48 -3.04
N PRO C 26 26.62 -0.63 -3.17
CA PRO C 26 27.48 -0.91 -1.98
C PRO C 26 27.47 0.23 -0.93
N ARG C 27 28.32 1.23 -1.06
CA ARG C 27 28.35 2.31 -0.02
C ARG C 27 28.28 3.72 -0.65
N SER C 28 29.00 4.70 -0.11
CA SER C 28 28.97 6.10 -0.64
C SER C 28 28.91 6.15 -2.16
N GLU C 29 28.00 6.92 -2.71
CA GLU C 29 27.92 7.05 -4.18
C GLU C 29 28.54 8.41 -4.59
N PRO C 30 28.94 8.52 -5.84
CA PRO C 30 29.56 9.78 -6.32
C PRO C 30 28.52 10.91 -6.44
N GLY C 31 27.26 10.57 -6.42
CA GLY C 31 26.20 11.62 -6.53
C GLY C 31 24.82 10.98 -6.43
N THR C 32 23.90 11.35 -7.28
CA THR C 32 22.53 10.76 -7.20
C THR C 32 22.57 9.26 -7.56
N VAL C 33 21.67 8.49 -7.01
CA VAL C 33 21.70 7.01 -7.21
C VAL C 33 20.79 6.54 -8.37
N PRO C 34 21.34 5.65 -9.20
CA PRO C 34 20.56 5.09 -10.33
C PRO C 34 19.82 3.82 -9.85
N PHE C 35 19.58 2.85 -10.71
CA PHE C 35 18.89 1.60 -10.25
C PHE C 35 19.37 0.40 -11.09
N ASP C 36 19.88 -0.63 -10.46
CA ASP C 36 20.40 -1.79 -11.26
C ASP C 36 19.55 -3.06 -11.05
N ARG C 37 18.55 -3.03 -10.21
CA ARG C 37 17.71 -4.26 -9.99
C ARG C 37 16.52 -4.27 -10.94
N VAL C 38 16.65 -4.79 -12.14
CA VAL C 38 15.47 -4.81 -13.07
C VAL C 38 14.48 -5.88 -12.60
N LEU C 39 13.46 -5.49 -11.88
CA LEU C 39 12.47 -6.48 -11.39
C LEU C 39 11.38 -6.72 -12.43
N LEU C 40 10.85 -5.68 -13.03
CA LEU C 40 9.80 -5.85 -14.07
C LEU C 40 9.50 -4.49 -14.72
N ASN C 41 10.03 -4.27 -15.91
CA ASN C 41 9.84 -2.96 -16.62
C ASN C 41 10.63 -3.01 -17.93
N ASP C 42 10.08 -3.58 -18.96
CA ASP C 42 10.85 -3.66 -20.26
C ASP C 42 11.07 -2.27 -20.85
N GLY C 43 10.04 -1.45 -20.92
CA GLY C 43 10.19 -0.09 -21.50
C GLY C 43 10.99 0.84 -20.60
N GLY C 44 10.98 0.62 -19.29
CA GLY C 44 11.74 1.53 -18.38
C GLY C 44 10.86 2.77 -18.13
N TYR C 45 10.56 3.50 -19.17
CA TYR C 45 9.67 4.70 -19.10
C TYR C 45 10.20 5.82 -18.18
N TYR C 46 10.27 5.59 -16.89
CA TYR C 46 10.69 6.70 -15.98
C TYR C 46 12.08 6.53 -15.33
N ASP C 47 13.04 7.30 -15.79
CA ASP C 47 14.43 7.20 -15.23
C ASP C 47 14.45 7.79 -13.80
N PRO C 48 14.84 6.98 -12.82
CA PRO C 48 14.89 7.45 -11.41
C PRO C 48 16.16 8.30 -11.14
N GLU C 49 16.98 8.50 -12.13
CA GLU C 49 18.19 9.35 -11.91
C GLU C 49 17.69 10.79 -11.87
N THR C 50 17.16 11.23 -12.97
CA THR C 50 16.57 12.59 -13.05
C THR C 50 15.08 12.51 -12.68
N GLY C 51 14.49 11.34 -12.79
CA GLY C 51 13.05 11.19 -12.44
C GLY C 51 12.15 11.64 -13.58
N VAL C 52 12.70 11.71 -14.78
CA VAL C 52 11.84 12.16 -15.92
C VAL C 52 10.92 11.02 -16.33
N PHE C 53 9.74 11.02 -15.74
CA PHE C 53 8.75 9.94 -16.01
C PHE C 53 7.87 10.26 -17.21
N THR C 54 8.11 9.62 -18.33
CA THR C 54 7.26 9.86 -19.54
C THR C 54 6.25 8.70 -19.61
N ALA C 55 5.04 8.93 -19.15
CA ALA C 55 4.05 7.81 -19.10
C ALA C 55 3.07 7.78 -20.30
N PRO C 56 3.27 6.82 -21.20
CA PRO C 56 2.33 6.64 -22.34
C PRO C 56 1.18 5.71 -21.90
N LEU C 57 1.37 5.00 -20.79
CA LEU C 57 0.33 4.02 -20.31
C LEU C 57 -1.11 4.50 -20.51
N ALA C 58 -1.42 5.71 -20.11
CA ALA C 58 -2.82 6.23 -20.28
C ALA C 58 -3.84 5.24 -19.68
N GLY C 59 -4.26 5.50 -18.46
CA GLY C 59 -5.22 4.61 -17.79
C GLY C 59 -5.10 4.87 -16.29
N ARG C 60 -5.45 3.92 -15.49
CA ARG C 60 -5.32 4.08 -14.00
C ARG C 60 -4.35 3.02 -13.48
N TYR C 61 -3.31 3.41 -12.79
CA TYR C 61 -2.36 2.40 -12.25
C TYR C 61 -2.00 2.69 -10.79
N LEU C 62 -1.58 1.69 -10.06
CA LEU C 62 -1.22 1.89 -8.63
C LEU C 62 0.29 2.09 -8.48
N LEU C 63 0.69 3.24 -7.98
CA LEU C 63 2.15 3.53 -7.80
C LEU C 63 2.46 3.70 -6.31
N SER C 64 3.62 3.27 -5.88
CA SER C 64 3.99 3.39 -4.45
C SER C 64 5.46 3.79 -4.27
N ALA C 65 5.70 4.87 -3.56
CA ALA C 65 7.10 5.32 -3.33
C ALA C 65 7.48 4.99 -1.89
N VAL C 66 8.72 4.69 -1.64
CA VAL C 66 9.14 4.34 -0.25
C VAL C 66 9.61 5.58 0.51
N LEU C 67 9.00 5.88 1.63
CA LEU C 67 9.35 7.14 2.36
C LEU C 67 10.43 6.97 3.43
N THR C 68 11.58 7.55 3.18
CA THR C 68 12.68 7.50 4.19
C THR C 68 12.21 8.34 5.40
N GLY C 69 12.49 7.90 6.59
CA GLY C 69 12.06 8.65 7.80
C GLY C 69 12.76 10.01 7.85
N HIS C 70 14.06 10.02 8.01
CA HIS C 70 14.83 11.33 8.06
C HIS C 70 14.13 12.35 8.98
N ARG C 71 14.01 12.04 10.24
CA ARG C 71 13.33 12.97 11.19
C ARG C 71 14.14 14.26 11.42
N HIS C 72 15.34 14.34 10.90
CA HIS C 72 16.19 15.57 11.10
C HIS C 72 15.59 16.85 10.46
N GLU C 73 14.36 16.84 9.94
CA GLU C 73 13.70 18.07 9.31
C GLU C 73 13.90 18.11 7.78
N LYS C 74 13.67 19.27 7.18
CA LYS C 74 13.76 19.46 5.67
C LYS C 74 12.41 19.09 5.06
N VAL C 75 12.07 19.61 3.89
CA VAL C 75 10.75 19.26 3.29
C VAL C 75 10.92 18.63 1.90
N GLU C 76 10.52 17.40 1.77
CA GLU C 76 10.59 16.71 0.44
C GLU C 76 9.16 16.65 -0.12
N ALA C 77 8.98 17.05 -1.36
CA ALA C 77 7.65 17.01 -2.03
C ALA C 77 7.93 16.91 -3.54
N VAL C 78 7.41 15.88 -4.16
CA VAL C 78 7.63 15.70 -5.63
C VAL C 78 6.65 16.56 -6.44
N LEU C 79 7.15 17.29 -7.42
CA LEU C 79 6.25 18.13 -8.27
C LEU C 79 5.33 17.20 -9.10
N SER C 80 4.20 17.71 -9.53
CA SER C 80 3.30 16.89 -10.40
C SER C 80 3.04 17.66 -11.70
N ARG C 81 3.04 17.02 -12.84
CA ARG C 81 2.81 17.80 -14.11
C ARG C 81 1.40 18.40 -14.15
N SER C 82 1.24 19.51 -14.87
CA SER C 82 -0.08 20.24 -15.03
C SER C 82 -0.36 21.21 -13.85
N ASN C 83 0.11 20.92 -12.67
CA ASN C 83 -0.15 21.84 -11.51
C ASN C 83 1.15 22.34 -10.87
N GLN C 84 2.28 21.67 -11.03
CA GLN C 84 3.52 22.10 -10.28
C GLN C 84 3.24 21.84 -8.79
N GLY C 85 4.17 21.87 -7.84
CA GLY C 85 3.77 21.55 -6.41
C GLY C 85 3.04 20.20 -6.43
N VAL C 86 1.84 20.12 -5.90
CA VAL C 86 1.09 18.82 -5.86
C VAL C 86 2.00 17.73 -5.27
N ALA C 87 1.90 17.49 -3.99
CA ALA C 87 2.77 16.45 -3.36
C ALA C 87 2.06 15.09 -3.35
N ARG C 88 2.26 14.27 -4.36
CA ARG C 88 1.64 12.92 -4.33
C ARG C 88 2.58 12.04 -3.50
N VAL C 89 3.87 12.22 -3.72
CA VAL C 89 4.88 11.50 -2.90
C VAL C 89 5.34 12.50 -1.84
N ASP C 90 4.54 12.70 -0.83
CA ASP C 90 4.86 13.70 0.22
C ASP C 90 5.73 13.09 1.33
N SER C 91 6.76 13.79 1.71
CA SER C 91 7.65 13.32 2.79
C SER C 91 8.19 14.55 3.54
N GLY C 92 7.68 14.80 4.71
CA GLY C 92 8.14 15.97 5.50
C GLY C 92 9.06 15.47 6.59
N GLY C 93 10.33 15.39 6.31
CA GLY C 93 11.31 14.91 7.32
C GLY C 93 11.74 16.08 8.19
N THR C 113 -6.01 24.57 -5.27
CA THR C 113 -5.37 24.18 -6.56
C THR C 113 -4.25 23.17 -6.30
N LEU C 114 -3.66 23.19 -5.13
CA LEU C 114 -2.56 22.24 -4.81
C LEU C 114 -3.00 21.27 -3.71
N GLY C 115 -2.82 19.99 -3.91
CA GLY C 115 -3.22 18.98 -2.89
C GLY C 115 -2.35 17.75 -3.02
N VAL C 116 -2.44 16.84 -2.08
CA VAL C 116 -1.61 15.60 -2.14
C VAL C 116 -2.50 14.35 -2.25
N PHE C 117 -2.14 13.45 -3.13
CA PHE C 117 -2.93 12.19 -3.30
C PHE C 117 -1.98 11.00 -3.35
N SER C 118 -2.44 9.84 -2.91
CA SER C 118 -1.54 8.64 -2.91
C SER C 118 -2.08 7.52 -3.80
N LEU C 119 -3.29 7.08 -3.57
CA LEU C 119 -3.86 5.96 -4.39
C LEU C 119 -4.02 6.37 -5.85
N ILE C 120 -5.04 7.15 -6.18
CA ILE C 120 -5.35 7.56 -7.60
C ILE C 120 -4.13 8.07 -8.41
N LEU C 121 -4.34 8.95 -9.40
CA LEU C 121 -3.20 9.50 -10.23
C LEU C 121 -3.71 10.37 -11.41
N PRO C 122 -3.84 11.66 -11.19
CA PRO C 122 -4.28 12.56 -12.28
C PRO C 122 -3.07 12.94 -13.14
N LEU C 123 -2.77 12.19 -14.17
CA LEU C 123 -1.60 12.51 -15.03
C LEU C 123 -2.03 12.65 -16.50
N GLN C 124 -1.37 13.52 -17.22
CA GLN C 124 -1.74 13.76 -18.65
C GLN C 124 -1.06 12.73 -19.57
N ALA C 125 -1.58 12.35 -20.73
CA ALA C 125 -0.82 11.33 -21.54
C ALA C 125 0.51 11.91 -22.05
N GLY C 126 1.61 11.31 -21.65
CA GLY C 126 2.95 11.79 -22.11
C GLY C 126 3.55 12.81 -21.12
N ASP C 127 2.72 13.42 -20.30
CA ASP C 127 3.25 14.43 -19.33
C ASP C 127 4.38 13.81 -18.48
N THR C 128 5.10 14.60 -17.70
CA THR C 128 6.23 14.01 -16.92
C THR C 128 6.28 14.52 -15.47
N VAL C 129 6.59 13.64 -14.55
CA VAL C 129 6.67 14.05 -13.11
C VAL C 129 8.12 14.30 -12.68
N CYS C 130 8.33 15.25 -11.81
CA CYS C 130 9.72 15.58 -11.36
C CYS C 130 9.73 15.82 -9.85
N VAL C 131 10.77 15.44 -9.16
CA VAL C 131 10.84 15.63 -7.68
C VAL C 131 11.59 16.93 -7.34
N ASP C 132 11.03 17.67 -6.42
CA ASP C 132 11.73 18.88 -5.88
C ASP C 132 12.41 18.37 -4.61
N LEU C 133 13.69 18.60 -4.51
CA LEU C 133 14.45 18.19 -3.29
C LEU C 133 15.32 19.38 -2.86
N VAL C 134 14.69 20.47 -2.50
CA VAL C 134 15.42 21.69 -2.06
C VAL C 134 14.48 22.54 -1.21
N MET C 135 14.52 22.44 0.10
CA MET C 135 13.62 23.26 0.96
C MET C 135 14.40 23.70 2.20
N GLY C 136 15.48 24.39 2.00
CA GLY C 136 16.36 24.84 3.12
C GLY C 136 17.80 24.56 2.71
N GLN C 137 18.64 25.57 2.63
CA GLN C 137 20.06 25.32 2.21
C GLN C 137 20.90 24.86 3.41
N LEU C 138 20.94 25.64 4.46
CA LEU C 138 21.76 25.25 5.66
C LEU C 138 21.26 23.92 6.22
N ALA C 139 21.81 22.83 5.76
CA ALA C 139 21.38 21.49 6.26
C ALA C 139 22.58 20.56 6.38
N HIS C 140 22.36 19.26 6.27
CA HIS C 140 23.49 18.29 6.39
C HIS C 140 23.64 17.50 5.08
N SER C 141 24.72 16.78 4.93
CA SER C 141 24.92 15.98 3.69
C SER C 141 24.59 14.51 3.96
N GLU C 142 23.80 13.90 3.11
CA GLU C 142 23.43 12.47 3.32
C GLU C 142 23.02 11.80 2.00
N GLU C 143 23.11 10.50 1.93
CA GLU C 143 22.72 9.77 0.68
C GLU C 143 21.90 8.52 1.06
N PRO C 144 20.60 8.71 1.22
CA PRO C 144 19.72 7.58 1.61
C PRO C 144 19.49 6.62 0.43
N LEU C 145 18.58 5.71 0.60
CA LEU C 145 18.24 4.73 -0.47
C LEU C 145 16.73 4.80 -0.71
N THR C 146 16.25 4.49 -1.89
CA THR C 146 14.77 4.56 -2.12
C THR C 146 14.34 3.56 -3.20
N ILE C 147 13.21 2.92 -2.99
CA ILE C 147 12.70 1.93 -3.99
C ILE C 147 11.50 2.53 -4.73
N PHE C 148 11.51 2.49 -6.04
CA PHE C 148 10.37 3.10 -6.81
C PHE C 148 9.63 2.05 -7.64
N SER C 149 8.57 1.51 -7.12
CA SER C 149 7.78 0.50 -7.88
C SER C 149 6.46 1.14 -8.33
N GLY C 150 5.82 0.59 -9.34
CA GLY C 150 4.52 1.17 -9.83
C GLY C 150 3.96 0.17 -10.84
N ALA C 151 2.83 -0.44 -10.56
CA ALA C 151 2.30 -1.49 -11.49
C ALA C 151 1.05 -1.06 -12.28
N LEU C 152 0.85 -1.57 -13.47
CA LEU C 152 -0.37 -1.17 -14.25
C LEU C 152 -1.59 -1.89 -13.69
N LEU C 153 -2.68 -1.19 -13.51
CA LEU C 153 -3.92 -1.83 -12.96
C LEU C 153 -4.96 -2.01 -14.07
N TYR C 154 -5.40 -0.93 -14.67
CA TYR C 154 -6.41 -1.00 -15.77
C TYR C 154 -6.04 0.07 -16.80
N GLY C 155 -6.28 -0.14 -18.07
CA GLY C 155 -5.95 0.91 -19.09
C GLY C 155 -7.25 1.44 -19.68
N ASP C 156 -7.22 2.57 -20.34
CA ASP C 156 -8.48 3.11 -20.95
C ASP C 156 -8.81 2.33 -22.23
N PRO C 157 -9.90 1.58 -22.20
CA PRO C 157 -10.29 0.77 -23.38
C PRO C 157 -11.18 1.56 -24.34
N GLU C 158 -10.61 2.53 -25.02
CA GLU C 158 -11.38 3.43 -25.96
C GLU C 158 -12.32 4.30 -25.13
N LEU C 159 -13.37 3.71 -24.62
CA LEU C 159 -14.37 4.47 -23.79
C LEU C 159 -14.83 5.75 -24.49
N GLU C 160 -14.70 5.85 -25.79
CA GLU C 160 -15.15 7.07 -26.51
C GLU C 160 -16.59 6.90 -27.01
N HIS C 161 -17.30 7.98 -27.22
CA HIS C 161 -18.71 7.87 -27.72
C HIS C 161 -19.03 9.04 -28.65
N ALA C 162 -18.84 8.89 -29.93
CA ALA C 162 -19.15 10.00 -30.90
C ALA C 162 -20.57 10.53 -30.68
N PRO A 13 -8.35 -20.44 -17.76
CA PRO A 13 -8.99 -20.90 -16.50
C PRO A 13 -8.91 -19.78 -15.46
N VAL A 14 -9.58 -19.96 -14.35
CA VAL A 14 -9.56 -18.91 -13.29
C VAL A 14 -9.29 -19.54 -11.91
N PRO A 15 -8.07 -19.41 -11.43
CA PRO A 15 -7.72 -20.00 -10.10
C PRO A 15 -8.42 -19.23 -8.97
N GLN A 16 -8.85 -18.00 -9.22
CA GLN A 16 -9.57 -17.16 -8.18
C GLN A 16 -9.15 -17.51 -6.73
N VAL A 17 -7.93 -17.22 -6.35
CA VAL A 17 -7.48 -17.57 -4.96
C VAL A 17 -7.07 -16.32 -4.17
N ALA A 18 -7.47 -16.27 -2.93
CA ALA A 18 -7.07 -15.14 -2.05
C ALA A 18 -6.46 -15.77 -0.81
N PHE A 19 -5.65 -15.09 -0.03
CA PHE A 19 -5.10 -15.75 1.19
C PHE A 19 -4.68 -14.65 2.18
N SER A 20 -5.07 -14.79 3.42
CA SER A 20 -4.72 -13.76 4.44
C SER A 20 -5.22 -14.27 5.80
N ALA A 21 -4.41 -14.21 6.83
CA ALA A 21 -4.86 -14.68 8.16
C ALA A 21 -4.43 -13.67 9.22
N ALA A 22 -5.15 -13.60 10.32
CA ALA A 22 -4.80 -12.61 11.39
C ALA A 22 -4.59 -13.29 12.74
N LEU A 23 -3.60 -12.84 13.46
CA LEU A 23 -3.31 -13.42 14.81
C LEU A 23 -3.75 -12.43 15.89
N SER A 24 -4.36 -12.91 16.94
CA SER A 24 -4.81 -12.00 18.04
C SER A 24 -4.95 -12.74 19.38
N LEU A 25 -4.38 -13.93 19.51
CA LEU A 25 -4.46 -14.73 20.80
C LEU A 25 -4.44 -13.84 22.07
N PRO A 26 -4.90 -14.39 23.18
CA PRO A 26 -4.98 -13.61 24.45
C PRO A 26 -3.60 -13.11 24.95
N ARG A 27 -2.89 -13.89 25.73
CA ARG A 27 -1.58 -13.40 26.28
C ARG A 27 -0.44 -14.39 25.97
N SER A 28 0.51 -14.57 26.89
CA SER A 28 1.68 -15.49 26.67
C SER A 28 1.27 -16.77 25.92
N GLU A 29 1.94 -17.07 24.83
CA GLU A 29 1.63 -18.31 24.08
C GLU A 29 2.69 -19.37 24.43
N PRO A 30 2.39 -20.62 24.17
CA PRO A 30 3.35 -21.70 24.50
C PRO A 30 4.57 -21.68 23.56
N GLY A 31 4.48 -20.99 22.45
CA GLY A 31 5.66 -20.93 21.52
C GLY A 31 5.36 -20.01 20.33
N THR A 32 5.71 -20.42 19.14
CA THR A 32 5.49 -19.54 17.95
C THR A 32 4.00 -19.25 17.74
N VAL A 33 3.70 -18.24 16.95
CA VAL A 33 2.27 -17.81 16.81
C VAL A 33 1.60 -18.40 15.56
N PRO A 34 0.46 -19.04 15.75
CA PRO A 34 -0.31 -19.60 14.62
C PRO A 34 -1.30 -18.53 14.13
N PHE A 35 -2.42 -18.90 13.52
CA PHE A 35 -3.39 -17.86 13.06
C PHE A 35 -4.82 -18.40 13.10
N ASP A 36 -5.71 -17.76 13.82
CA ASP A 36 -7.11 -18.28 13.90
C ASP A 36 -8.12 -17.35 13.20
N ARG A 37 -7.69 -16.22 12.71
CA ARG A 37 -8.66 -15.28 12.04
C ARG A 37 -8.74 -15.59 10.54
N VAL A 38 -9.62 -16.46 10.12
CA VAL A 38 -9.72 -16.79 8.65
C VAL A 38 -10.38 -15.62 7.91
N LEU A 39 -9.58 -14.76 7.31
CA LEU A 39 -10.17 -13.60 6.57
C LEU A 39 -10.57 -14.04 5.16
N LEU A 40 -9.69 -14.74 4.47
CA LEU A 40 -10.03 -15.22 3.09
C LEU A 40 -8.88 -16.10 2.59
N ASN A 41 -9.05 -17.41 2.58
CA ASN A 41 -7.97 -18.34 2.13
C ASN A 41 -8.45 -19.78 2.26
N ASP A 42 -9.19 -20.27 1.30
CA ASP A 42 -9.69 -21.67 1.41
C ASP A 42 -8.54 -22.68 1.31
N GLY A 43 -7.66 -22.54 0.36
CA GLY A 43 -6.53 -23.50 0.21
C GLY A 43 -5.45 -23.30 1.28
N GLY A 44 -5.33 -22.11 1.85
CA GLY A 44 -4.26 -21.89 2.87
C GLY A 44 -2.94 -21.61 2.13
N TYR A 45 -2.49 -22.59 1.36
CA TYR A 45 -1.25 -22.45 0.53
C TYR A 45 0.04 -22.20 1.34
N TYR A 46 0.12 -21.12 2.09
CA TYR A 46 1.40 -20.84 2.82
C TYR A 46 1.32 -20.96 4.35
N ASP A 47 1.94 -21.99 4.89
CA ASP A 47 1.91 -22.20 6.37
C ASP A 47 2.69 -21.07 7.08
N PRO A 48 2.01 -20.30 7.91
CA PRO A 48 2.66 -19.17 8.64
C PRO A 48 3.51 -19.67 9.83
N GLU A 49 3.55 -20.95 10.08
CA GLU A 49 4.39 -21.46 11.21
C GLU A 49 5.82 -21.40 10.74
N THR A 50 6.13 -22.16 9.72
CA THR A 50 7.49 -22.15 9.14
C THR A 50 7.51 -21.16 7.96
N GLY A 51 6.36 -20.81 7.41
CA GLY A 51 6.32 -19.84 6.28
C GLY A 51 6.57 -20.54 4.94
N VAL A 52 6.36 -21.83 4.88
CA VAL A 52 6.60 -22.52 3.58
C VAL A 52 5.49 -22.14 2.62
N PHE A 53 5.71 -21.08 1.89
CA PHE A 53 4.67 -20.56 0.93
C PHE A 53 4.81 -21.20 -0.45
N THR A 54 3.94 -22.12 -0.79
CA THR A 54 3.99 -22.73 -2.15
C THR A 54 3.01 -21.98 -3.04
N ALA A 55 3.49 -21.08 -3.86
CA ALA A 55 2.56 -20.26 -4.70
C ALA A 55 2.40 -20.77 -6.16
N PRO A 56 1.25 -21.36 -6.45
CA PRO A 56 0.97 -21.81 -7.82
C PRO A 56 0.29 -20.67 -8.61
N LEU A 57 -0.15 -19.63 -7.92
CA LEU A 57 -0.87 -18.48 -8.57
C LEU A 57 -0.35 -18.13 -9.97
N ALA A 58 0.95 -17.95 -10.12
CA ALA A 58 1.52 -17.59 -11.47
C ALA A 58 0.78 -16.38 -12.05
N GLY A 59 1.33 -15.21 -11.87
CA GLY A 59 0.69 -13.97 -12.37
C GLY A 59 1.23 -12.82 -11.55
N ARG A 60 0.48 -11.76 -11.43
CA ARG A 60 0.92 -10.60 -10.59
C ARG A 60 -0.06 -10.46 -9.43
N TYR A 61 0.43 -10.42 -8.20
CA TYR A 61 -0.51 -10.29 -7.04
C TYR A 61 -0.03 -9.21 -6.06
N LEU A 62 -0.92 -8.71 -5.24
CA LEU A 62 -0.55 -7.67 -4.26
C LEU A 62 -0.13 -8.30 -2.92
N LEU A 63 1.09 -8.07 -2.51
CA LEU A 63 1.58 -8.66 -1.24
C LEU A 63 1.74 -7.57 -0.17
N SER A 64 1.47 -7.87 1.07
CA SER A 64 1.60 -6.87 2.15
C SER A 64 1.96 -7.53 3.49
N ALA A 65 3.12 -7.24 4.00
CA ALA A 65 3.54 -7.83 5.30
C ALA A 65 3.50 -6.74 6.37
N VAL A 66 3.18 -7.09 7.60
CA VAL A 66 3.11 -6.04 8.66
C VAL A 66 4.42 -5.98 9.47
N LEU A 67 5.09 -4.85 9.46
CA LEU A 67 6.42 -4.77 10.14
C LEU A 67 6.34 -4.21 11.57
N THR A 68 6.60 -5.07 12.53
CA THR A 68 6.62 -4.60 13.96
C THR A 68 7.78 -3.60 14.11
N GLY A 69 7.57 -2.55 14.84
CA GLY A 69 8.64 -1.52 15.02
C GLY A 69 9.86 -2.13 15.72
N HIS A 70 9.72 -2.52 16.97
CA HIS A 70 10.87 -3.13 17.72
C HIS A 70 12.15 -2.31 17.54
N ARG A 71 12.17 -1.10 18.06
CA ARG A 71 13.38 -0.23 17.91
C ARG A 71 14.58 -0.77 18.71
N HIS A 72 14.39 -1.79 19.51
CA HIS A 72 15.53 -2.36 20.32
C HIS A 72 16.66 -2.94 19.45
N GLU A 73 16.63 -2.84 18.12
CA GLU A 73 17.72 -3.36 17.20
C GLU A 73 17.41 -4.78 16.68
N LYS A 74 18.43 -5.46 16.16
CA LYS A 74 18.31 -6.85 15.54
C LYS A 74 18.01 -6.66 14.04
N VAL A 75 18.26 -7.66 13.23
CA VAL A 75 17.99 -7.50 11.76
C VAL A 75 17.01 -8.57 11.26
N GLU A 76 15.86 -8.13 10.82
CA GLU A 76 14.86 -9.09 10.24
C GLU A 76 14.96 -9.00 8.71
N ALA A 77 15.01 -10.12 8.04
CA ALA A 77 15.08 -10.16 6.55
C ALA A 77 14.57 -11.52 6.11
N VAL A 78 13.54 -11.53 5.30
CA VAL A 78 12.96 -12.82 4.81
C VAL A 78 13.72 -13.34 3.58
N LEU A 79 14.10 -14.60 3.58
CA LEU A 79 14.80 -15.18 2.40
C LEU A 79 13.85 -15.19 1.19
N SER A 80 14.39 -15.23 0.00
CA SER A 80 13.53 -15.30 -1.22
C SER A 80 13.95 -16.53 -2.03
N ARG A 81 13.04 -17.32 -2.54
CA ARG A 81 13.47 -18.53 -3.32
C ARG A 81 14.21 -18.14 -4.60
N SER A 82 15.08 -19.03 -5.09
CA SER A 82 15.90 -18.82 -6.34
C SER A 82 17.18 -18.01 -6.06
N ASN A 83 17.17 -17.11 -5.12
CA ASN A 83 18.41 -16.31 -4.84
C ASN A 83 18.85 -16.44 -3.38
N GLN A 84 17.99 -16.81 -2.45
CA GLN A 84 18.41 -16.82 -0.99
C GLN A 84 18.64 -15.34 -0.62
N GLY A 85 18.76 -14.91 0.64
CA GLY A 85 18.94 -13.42 0.87
C GLY A 85 17.77 -12.72 0.18
N VAL A 86 18.04 -11.77 -0.71
CA VAL A 86 16.93 -11.02 -1.39
C VAL A 86 15.97 -10.47 -0.33
N ALA A 87 16.16 -9.26 0.11
CA ALA A 87 15.26 -8.71 1.17
C ALA A 87 14.06 -7.98 0.55
N ARG A 88 12.98 -8.68 0.32
CA ARG A 88 11.76 -7.99 -0.20
C ARG A 88 11.02 -7.47 1.03
N VAL A 89 10.97 -8.29 2.06
CA VAL A 89 10.37 -7.86 3.34
C VAL A 89 11.53 -7.58 4.30
N ASP A 90 12.28 -6.56 4.00
CA ASP A 90 13.49 -6.22 4.81
C ASP A 90 13.15 -5.27 5.95
N SER A 91 13.64 -5.56 7.12
CA SER A 91 13.41 -4.70 8.30
C SER A 91 14.64 -4.75 9.20
N GLY A 92 15.45 -3.73 9.17
CA GLY A 92 16.66 -3.69 10.03
C GLY A 92 16.45 -2.65 11.12
N GLY A 93 15.92 -3.06 12.23
CA GLY A 93 15.67 -2.10 13.34
C GLY A 93 16.94 -1.93 14.17
N THR A 113 22.81 -8.93 -8.28
CA THR A 113 22.05 -10.20 -8.10
C THR A 113 21.12 -10.10 -6.89
N LEU A 114 21.46 -9.28 -5.93
CA LEU A 114 20.61 -9.14 -4.72
C LEU A 114 19.99 -7.73 -4.67
N GLY A 115 18.71 -7.65 -4.47
CA GLY A 115 18.03 -6.33 -4.40
C GLY A 115 16.79 -6.44 -3.51
N VAL A 116 16.20 -5.33 -3.13
CA VAL A 116 14.98 -5.37 -2.27
C VAL A 116 13.79 -4.74 -2.98
N PHE A 117 12.67 -5.44 -3.03
CA PHE A 117 11.45 -4.90 -3.69
C PHE A 117 10.25 -5.09 -2.78
N SER A 118 9.29 -4.19 -2.82
CA SER A 118 8.10 -4.31 -1.94
C SER A 118 6.79 -4.40 -2.73
N LEU A 119 6.56 -3.47 -3.62
CA LEU A 119 5.27 -3.47 -4.39
C LEU A 119 5.05 -4.77 -5.19
N ILE A 120 5.75 -4.94 -6.30
CA ILE A 120 5.56 -6.13 -7.21
C ILE A 120 5.65 -7.51 -6.48
N LEU A 121 6.22 -8.53 -7.12
CA LEU A 121 6.35 -9.88 -6.48
C LEU A 121 6.91 -10.92 -7.48
N PRO A 122 8.21 -10.88 -7.71
CA PRO A 122 8.81 -11.88 -8.64
C PRO A 122 8.95 -13.23 -7.94
N LEU A 123 7.97 -14.09 -8.06
CA LEU A 123 8.03 -15.44 -7.41
C LEU A 123 7.90 -16.54 -8.46
N GLN A 124 8.57 -17.64 -8.25
CA GLN A 124 8.53 -18.77 -9.23
C GLN A 124 7.31 -19.68 -9.01
N ALA A 125 6.72 -20.35 -9.98
CA ALA A 125 5.53 -21.21 -9.65
C ALA A 125 5.93 -22.45 -8.83
N GLY A 126 5.37 -22.57 -7.65
CA GLY A 126 5.66 -23.76 -6.78
C GLY A 126 6.83 -23.48 -5.83
N ASP A 127 7.68 -22.53 -6.16
CA ASP A 127 8.84 -22.22 -5.28
C ASP A 127 8.35 -21.89 -3.86
N THR A 128 9.22 -21.75 -2.89
CA THR A 128 8.75 -21.47 -1.50
C THR A 128 9.56 -20.36 -0.82
N VAL A 129 8.89 -19.45 -0.17
CA VAL A 129 9.62 -18.34 0.51
C VAL A 129 9.79 -18.65 2.00
N CYS A 130 10.88 -18.23 2.59
CA CYS A 130 11.15 -18.53 4.03
C CYS A 130 11.73 -17.30 4.73
N VAL A 131 11.41 -17.10 5.97
CA VAL A 131 11.92 -15.91 6.72
C VAL A 131 13.19 -16.28 7.50
N ASP A 132 14.17 -15.39 7.45
CA ASP A 132 15.40 -15.58 8.28
C ASP A 132 15.09 -14.79 9.56
N LEU A 133 15.25 -15.45 10.69
CA LEU A 133 15.03 -14.76 12.00
C LEU A 133 16.21 -15.10 12.91
N VAL A 134 17.40 -14.75 12.50
CA VAL A 134 18.63 -15.01 13.31
C VAL A 134 19.72 -14.03 12.86
N MET A 135 19.92 -12.93 13.53
CA MET A 135 20.99 -11.97 13.11
C MET A 135 21.63 -11.38 14.38
N GLY A 136 22.20 -12.23 15.19
CA GLY A 136 22.82 -11.79 16.47
C GLY A 136 22.39 -12.78 17.55
N GLN A 137 23.31 -13.45 18.20
CA GLN A 137 22.91 -14.43 19.25
C GLN A 137 22.64 -13.70 20.57
N LEU A 138 23.63 -13.02 21.10
CA LEU A 138 23.43 -12.28 22.39
C LEU A 138 22.32 -11.24 22.23
N ALA A 139 21.10 -11.61 22.51
CA ALA A 139 19.96 -10.65 22.36
C ALA A 139 18.97 -10.83 23.52
N HIS A 140 17.72 -10.47 23.30
CA HIS A 140 16.69 -10.62 24.37
C HIS A 140 15.58 -11.56 23.91
N SER A 141 14.70 -11.94 24.80
CA SER A 141 13.59 -12.86 24.44
C SER A 141 12.28 -12.07 24.23
N GLU A 142 11.62 -12.30 23.13
CA GLU A 142 10.34 -11.55 22.86
C GLU A 142 9.45 -12.34 21.90
N GLU A 143 8.17 -12.08 21.92
CA GLU A 143 7.23 -12.80 21.00
C GLU A 143 6.20 -11.81 20.43
N PRO A 144 6.56 -11.15 19.35
CA PRO A 144 5.64 -10.16 18.73
C PRO A 144 4.49 -10.85 17.99
N LEU A 145 3.72 -10.08 17.29
CA LEU A 145 2.58 -10.63 16.50
C LEU A 145 2.72 -10.12 15.05
N THR A 146 2.20 -10.80 14.07
CA THR A 146 2.35 -10.30 12.66
C THR A 146 1.17 -10.74 11.80
N ILE A 147 0.71 -9.87 10.93
CA ILE A 147 -0.44 -10.21 10.04
C ILE A 147 0.08 -10.42 8.61
N PHE A 148 -0.26 -11.52 7.99
CA PHE A 148 0.24 -11.80 6.61
C PHE A 148 -0.89 -11.91 5.59
N SER A 149 -1.21 -10.84 4.92
CA SER A 149 -2.29 -10.88 3.88
C SER A 149 -1.65 -10.80 2.50
N GLY A 150 -2.33 -11.25 1.46
CA GLY A 150 -1.77 -11.20 0.08
C GLY A 150 -2.88 -11.68 -0.86
N ALA A 151 -3.44 -10.81 -1.67
CA ALA A 151 -4.60 -11.23 -2.51
C ALA A 151 -4.27 -11.35 -4.01
N LEU A 152 -4.94 -12.20 -4.74
CA LEU A 152 -4.64 -12.33 -6.21
C LEU A 152 -5.15 -11.10 -6.96
N LEU A 153 -4.35 -10.55 -7.84
CA LEU A 153 -4.79 -9.35 -8.61
C LEU A 153 -5.08 -9.75 -10.06
N TYR A 154 -4.11 -10.33 -10.73
CA TYR A 154 -4.30 -10.77 -12.15
C TYR A 154 -3.52 -12.07 -12.34
N GLY A 155 -3.98 -13.00 -13.15
CA GLY A 155 -3.22 -14.27 -13.36
C GLY A 155 -2.72 -14.29 -14.80
N ASP A 156 -1.76 -15.13 -15.11
CA ASP A 156 -1.26 -15.19 -16.52
C ASP A 156 -2.28 -15.93 -17.41
N PRO A 157 -2.89 -15.20 -18.33
CA PRO A 157 -3.91 -15.82 -19.21
C PRO A 157 -3.28 -16.38 -20.49
N GLU A 158 -2.53 -17.45 -20.37
CA GLU A 158 -1.80 -18.06 -21.53
C GLU A 158 -0.71 -17.10 -22.00
N LEU A 159 -1.10 -16.04 -22.65
CA LEU A 159 -0.11 -15.03 -23.16
C LEU A 159 1.01 -15.69 -23.96
N GLU A 160 0.82 -16.88 -24.47
CA GLU A 160 1.89 -17.55 -25.26
C GLU A 160 1.70 -17.27 -26.75
N HIS A 161 2.74 -17.36 -27.53
CA HIS A 161 2.62 -17.09 -28.99
C HIS A 161 3.60 -17.98 -29.77
N ALA A 162 3.17 -19.14 -30.23
CA ALA A 162 4.08 -20.04 -31.01
C ALA A 162 4.74 -19.29 -32.16
N PRO B 13 -23.17 -5.51 -16.37
CA PRO B 13 -23.11 -4.02 -16.43
C PRO B 13 -21.76 -3.56 -15.86
N VAL B 14 -21.46 -2.28 -16.00
CA VAL B 14 -20.16 -1.76 -15.48
C VAL B 14 -20.39 -0.47 -14.68
N PRO B 15 -20.36 -0.56 -13.36
CA PRO B 15 -20.58 0.64 -12.51
C PRO B 15 -19.39 1.61 -12.62
N GLN B 16 -18.23 1.12 -13.06
CA GLN B 16 -16.99 1.98 -13.22
C GLN B 16 -16.97 3.18 -12.24
N VAL B 17 -16.81 2.94 -10.97
CA VAL B 17 -16.80 4.07 -9.99
C VAL B 17 -15.48 4.15 -9.22
N ALA B 18 -14.98 5.35 -9.05
CA ALA B 18 -13.73 5.54 -8.26
C ALA B 18 -14.06 6.60 -7.23
N PHE B 19 -13.36 6.70 -6.11
CA PHE B 19 -13.70 7.77 -5.13
C PHE B 19 -12.46 8.06 -4.28
N SER B 20 -12.15 9.31 -4.11
CA SER B 20 -10.94 9.69 -3.31
C SER B 20 -10.91 11.22 -3.20
N ALA B 21 -10.71 11.76 -2.03
CA ALA B 21 -10.66 13.24 -1.88
C ALA B 21 -9.47 13.62 -1.00
N ALA B 22 -8.94 14.81 -1.17
CA ALA B 22 -7.76 15.23 -0.35
C ALA B 22 -8.04 16.54 0.39
N LEU B 23 -7.58 16.63 1.60
CA LEU B 23 -7.77 17.86 2.41
C LEU B 23 -6.44 18.61 2.53
N SER B 24 -6.46 19.91 2.38
CA SER B 24 -5.19 20.70 2.49
C SER B 24 -5.45 22.16 2.91
N LEU B 25 -6.64 22.47 3.42
CA LEU B 25 -6.99 23.88 3.87
C LEU B 25 -5.77 24.64 4.47
N PRO B 26 -5.87 25.96 4.51
CA PRO B 26 -4.75 26.79 5.02
C PRO B 26 -4.38 26.52 6.50
N ARG B 27 -5.01 27.19 7.43
CA ARG B 27 -4.64 26.97 8.88
C ARG B 27 -5.87 26.61 9.73
N SER B 28 -5.94 27.10 10.97
CA SER B 28 -7.09 26.78 11.89
C SER B 28 -8.43 26.75 11.15
N GLU B 29 -9.16 25.66 11.27
CA GLU B 29 -10.49 25.58 10.62
C GLU B 29 -11.57 25.84 11.67
N PRO B 30 -12.76 26.18 11.23
CA PRO B 30 -13.86 26.47 12.19
C PRO B 30 -14.35 25.19 12.89
N GLY B 31 -14.01 24.03 12.38
CA GLY B 31 -14.46 22.77 13.04
C GLY B 31 -13.90 21.55 12.32
N THR B 32 -14.71 20.54 12.10
CA THR B 32 -14.21 19.30 11.43
C THR B 32 -13.71 19.59 10.01
N VAL B 33 -12.97 18.68 9.45
CA VAL B 33 -12.33 18.96 8.11
C VAL B 33 -13.13 18.36 6.93
N PRO B 34 -13.45 19.19 5.95
CA PRO B 34 -14.17 18.71 4.76
C PRO B 34 -13.13 18.30 3.70
N PHE B 35 -13.45 18.35 2.43
CA PHE B 35 -12.43 17.96 1.39
C PHE B 35 -12.67 18.74 0.09
N ASP B 36 -11.68 19.48 -0.37
CA ASP B 36 -11.88 20.27 -1.63
C ASP B 36 -11.02 19.74 -2.79
N ARG B 37 -10.20 18.74 -2.56
CA ARG B 37 -9.36 18.22 -3.68
C ARG B 37 -10.07 17.07 -4.42
N VAL B 38 -10.85 17.37 -5.43
CA VAL B 38 -11.56 16.27 -6.16
C VAL B 38 -10.58 15.48 -7.02
N LEU B 39 -10.10 14.36 -6.52
CA LEU B 39 -9.13 13.54 -7.31
C LEU B 39 -9.89 12.65 -8.30
N LEU B 40 -10.90 11.97 -7.84
CA LEU B 40 -11.72 11.10 -8.74
C LEU B 40 -12.91 10.53 -7.95
N ASN B 41 -14.09 11.05 -8.19
CA ASN B 41 -15.30 10.58 -7.43
C ASN B 41 -16.52 11.38 -7.87
N ASP B 42 -17.13 11.02 -8.98
CA ASP B 42 -18.32 11.79 -9.45
C ASP B 42 -19.50 11.64 -8.48
N GLY B 43 -19.81 10.42 -8.09
CA GLY B 43 -20.98 10.20 -7.18
C GLY B 43 -20.67 10.62 -5.74
N GLY B 44 -19.42 10.64 -5.33
CA GLY B 44 -19.10 11.02 -3.91
C GLY B 44 -19.32 9.78 -3.03
N TYR B 45 -20.54 9.30 -3.00
CA TYR B 45 -20.89 8.06 -2.22
C TYR B 45 -20.65 8.17 -0.70
N TYR B 46 -19.43 8.41 -0.27
CA TYR B 46 -19.19 8.42 1.22
C TYR B 46 -18.83 9.82 1.79
N ASP B 47 -19.75 10.38 2.53
CA ASP B 47 -19.50 11.74 3.13
C ASP B 47 -18.37 11.64 4.18
N PRO B 48 -17.28 12.34 3.95
CA PRO B 48 -16.13 12.31 4.91
C PRO B 48 -16.38 13.18 6.17
N GLU B 49 -17.52 13.83 6.24
CA GLU B 49 -17.82 14.65 7.46
C GLU B 49 -18.18 13.66 8.57
N THR B 50 -19.25 12.95 8.37
CA THR B 50 -19.67 11.92 9.35
C THR B 50 -19.11 10.56 8.91
N GLY B 51 -18.73 10.42 7.66
CA GLY B 51 -18.14 9.12 7.19
C GLY B 51 -19.25 8.13 6.81
N VAL B 52 -20.43 8.62 6.53
CA VAL B 52 -21.52 7.66 6.17
C VAL B 52 -21.24 7.14 4.75
N PHE B 53 -20.51 6.05 4.69
CA PHE B 53 -20.12 5.45 3.38
C PHE B 53 -21.15 4.45 2.88
N THR B 54 -21.96 4.82 1.91
CA THR B 54 -22.95 3.86 1.35
C THR B 54 -22.33 3.21 0.12
N ALA B 55 -21.82 2.01 0.23
CA ALA B 55 -21.13 1.36 -0.93
C ALA B 55 -22.02 0.36 -1.71
N PRO B 56 -22.44 0.76 -2.90
CA PRO B 56 -23.23 -0.15 -3.77
C PRO B 56 -22.25 -0.95 -4.67
N LEU B 57 -20.99 -0.56 -4.72
CA LEU B 57 -19.98 -1.24 -5.61
C LEU B 57 -20.16 -2.76 -5.70
N ALA B 58 -20.28 -3.45 -4.60
CA ALA B 58 -20.46 -4.94 -4.64
C ALA B 58 -19.37 -5.59 -5.51
N GLY B 59 -18.31 -6.05 -4.88
CA GLY B 59 -17.20 -6.66 -5.62
C GLY B 59 -15.97 -6.59 -4.73
N ARG B 60 -14.81 -6.57 -5.30
CA ARG B 60 -13.56 -6.43 -4.51
C ARG B 60 -12.89 -5.10 -4.88
N TYR B 61 -12.59 -4.26 -3.92
CA TYR B 61 -11.94 -2.96 -4.26
C TYR B 61 -10.73 -2.68 -3.35
N LEU B 62 -9.85 -1.81 -3.78
CA LEU B 62 -8.63 -1.48 -2.97
C LEU B 62 -8.92 -0.28 -2.07
N LEU B 63 -8.80 -0.49 -0.78
CA LEU B 63 -9.06 0.63 0.19
C LEU B 63 -7.75 1.08 0.84
N SER B 64 -7.61 2.35 1.10
CA SER B 64 -6.36 2.87 1.73
C SER B 64 -6.64 4.11 2.59
N ALA B 65 -6.45 3.98 3.88
CA ALA B 65 -6.68 5.14 4.79
C ALA B 65 -5.34 5.69 5.26
N VAL B 66 -5.23 6.97 5.48
CA VAL B 66 -3.93 7.55 5.91
C VAL B 66 -3.87 7.71 7.43
N LEU B 67 -2.94 7.05 8.09
CA LEU B 67 -2.91 7.09 9.59
C LEU B 67 -1.95 8.13 10.16
N THR B 68 -2.51 9.16 10.75
CA THR B 68 -1.65 10.21 11.41
C THR B 68 -0.89 9.53 12.55
N GLY B 69 0.36 9.87 12.73
CA GLY B 69 1.16 9.25 13.82
C GLY B 69 0.58 9.59 15.19
N HIS B 70 0.63 10.85 15.58
CA HIS B 70 0.06 11.26 16.91
C HIS B 70 0.53 10.32 18.03
N ARG B 71 1.81 10.33 18.33
CA ARG B 71 2.35 9.43 19.38
C ARG B 71 1.87 9.83 20.79
N HIS B 72 1.18 10.95 20.92
CA HIS B 72 0.70 11.40 22.27
C HIS B 72 -0.32 10.43 22.90
N GLU B 73 -0.62 9.28 22.30
CA GLU B 73 -1.60 8.24 22.87
C GLU B 73 -3.02 8.42 22.30
N LYS B 74 -4.00 7.83 22.97
CA LYS B 74 -5.47 7.83 22.53
C LYS B 74 -5.69 6.61 21.64
N VAL B 75 -6.91 6.15 21.47
CA VAL B 75 -7.15 4.96 20.61
C VAL B 75 -8.12 5.29 19.46
N GLU B 76 -7.63 5.21 18.25
CA GLU B 76 -8.51 5.44 17.06
C GLU B 76 -8.89 4.06 16.51
N ALA B 77 -10.16 3.86 16.21
CA ALA B 77 -10.65 2.57 15.64
C ALA B 77 -11.97 2.87 14.93
N VAL B 78 -12.03 2.58 13.65
CA VAL B 78 -13.27 2.84 12.87
C VAL B 78 -14.27 1.68 13.00
N LEU B 79 -15.52 1.98 13.28
CA LEU B 79 -16.55 0.90 13.39
C LEU B 79 -16.74 0.25 12.02
N SER B 80 -17.23 -0.96 11.99
CA SER B 80 -17.51 -1.64 10.68
C SER B 80 -18.99 -2.08 10.66
N ARG B 81 -19.71 -1.87 9.58
CA ARG B 81 -21.15 -2.28 9.59
C ARG B 81 -21.31 -3.81 9.73
N SER B 82 -22.45 -4.24 10.26
CA SER B 82 -22.78 -5.70 10.48
C SER B 82 -22.19 -6.24 11.80
N ASN B 83 -21.05 -5.74 12.24
CA ASN B 83 -20.45 -6.27 13.50
C ASN B 83 -20.23 -5.14 14.52
N GLN B 84 -20.13 -3.89 14.12
CA GLN B 84 -19.77 -2.81 15.12
C GLN B 84 -18.33 -3.10 15.56
N GLY B 85 -17.56 -2.22 16.23
CA GLY B 85 -16.14 -2.62 16.55
C GLY B 85 -15.47 -3.01 15.22
N VAL B 86 -14.90 -4.20 15.13
CA VAL B 86 -14.20 -4.61 13.87
C VAL B 86 -13.18 -3.52 13.48
N ALA B 87 -11.95 -3.65 13.90
CA ALA B 87 -10.95 -2.60 13.56
C ALA B 87 -10.24 -2.92 12.25
N ARG B 88 -10.75 -2.45 11.14
CA ARG B 88 -10.04 -2.66 9.84
C ARG B 88 -9.04 -1.51 9.73
N VAL B 89 -9.48 -0.33 10.09
CA VAL B 89 -8.59 0.86 10.10
C VAL B 89 -8.26 1.11 11.58
N ASP B 90 -7.54 0.21 12.17
CA ASP B 90 -7.20 0.32 13.62
C ASP B 90 -5.90 1.09 13.85
N SER B 91 -5.92 1.99 14.79
CA SER B 91 -4.72 2.80 15.11
C SER B 91 -4.72 3.10 16.61
N GLY B 92 -3.92 2.40 17.37
CA GLY B 92 -3.86 2.65 18.83
C GLY B 92 -2.52 3.29 19.15
N GLY B 93 -2.47 4.59 19.13
CA GLY B 93 -1.19 5.30 19.42
C GLY B 93 -1.03 5.47 20.93
N THR B 113 -15.42 -13.50 16.32
CA THR B 113 -16.41 -12.61 15.66
C THR B 113 -15.77 -11.25 15.33
N LEU B 114 -14.79 -10.86 16.11
CA LEU B 114 -14.13 -9.54 15.85
C LEU B 114 -12.69 -9.75 15.38
N GLY B 115 -12.32 -9.11 14.30
CA GLY B 115 -10.93 -9.26 13.77
C GLY B 115 -10.53 -7.99 13.03
N VAL B 116 -9.26 -7.84 12.72
CA VAL B 116 -8.81 -6.61 11.98
C VAL B 116 -8.22 -6.98 10.63
N PHE B 117 -8.66 -6.33 9.58
CA PHE B 117 -8.13 -6.61 8.22
C PHE B 117 -7.80 -5.30 7.51
N SER B 118 -6.80 -5.29 6.67
CA SER B 118 -6.41 -4.02 5.97
C SER B 118 -6.49 -4.17 4.44
N LEU B 119 -5.86 -5.18 3.90
CA LEU B 119 -5.84 -5.34 2.41
C LEU B 119 -7.26 -5.49 1.82
N ILE B 120 -7.89 -6.64 1.96
CA ILE B 120 -9.25 -6.91 1.35
C ILE B 120 -10.32 -5.84 1.67
N LEU B 121 -11.57 -6.24 1.87
CA LEU B 121 -12.68 -5.27 2.19
C LEU B 121 -14.05 -5.97 2.23
N PRO B 122 -14.33 -6.69 3.30
CA PRO B 122 -15.65 -7.37 3.42
C PRO B 122 -16.73 -6.33 3.77
N LEU B 123 -17.38 -5.75 2.79
CA LEU B 123 -18.46 -4.75 3.08
C LEU B 123 -19.78 -5.21 2.45
N GLN B 124 -20.87 -4.91 3.10
CA GLN B 124 -22.22 -5.33 2.59
C GLN B 124 -22.76 -4.35 1.55
N ALA B 125 -23.58 -4.72 0.58
CA ALA B 125 -24.06 -3.68 -0.41
C ALA B 125 -25.04 -2.69 0.25
N GLY B 126 -24.70 -1.43 0.25
CA GLY B 126 -25.60 -0.37 0.83
C GLY B 126 -25.27 -0.12 2.30
N ASP B 127 -24.65 -1.07 2.97
CA ASP B 127 -24.32 -0.86 4.41
C ASP B 127 -23.49 0.43 4.59
N THR B 128 -23.23 0.86 5.80
CA THR B 128 -22.46 2.13 5.98
C THR B 128 -21.38 2.00 7.05
N VAL B 129 -20.20 2.50 6.77
CA VAL B 129 -19.08 2.41 7.77
C VAL B 129 -18.97 3.72 8.54
N CYS B 130 -18.61 3.65 9.79
CA CYS B 130 -18.51 4.89 10.63
C CYS B 130 -17.25 4.82 11.51
N VAL B 131 -16.63 5.94 11.77
CA VAL B 131 -15.39 5.96 12.60
C VAL B 131 -15.74 6.25 14.07
N ASP B 132 -15.12 5.54 14.97
CA ASP B 132 -15.27 5.83 16.42
C ASP B 132 -14.09 6.76 16.73
N LEU B 133 -14.39 7.89 17.31
CA LEU B 133 -13.31 8.85 17.71
C LEU B 133 -13.58 9.30 19.16
N VAL B 134 -13.59 8.36 20.07
CA VAL B 134 -13.83 8.67 21.51
C VAL B 134 -13.26 7.52 22.35
N MET B 135 -12.06 7.64 22.86
CA MET B 135 -11.49 6.53 23.69
C MET B 135 -10.68 7.15 24.84
N GLY B 136 -11.34 7.92 25.66
CA GLY B 136 -10.67 8.62 26.79
C GLY B 136 -11.17 10.06 26.81
N GLN B 137 -11.79 10.49 27.89
CA GLN B 137 -12.31 11.89 27.94
C GLN B 137 -11.19 12.86 28.29
N LEU B 138 -10.57 12.70 29.44
CA LEU B 138 -9.45 13.60 29.85
C LEU B 138 -8.32 13.53 28.82
N ALA B 139 -8.35 14.37 27.82
CA ALA B 139 -7.29 14.34 26.78
C ALA B 139 -6.93 15.77 26.35
N HIS B 140 -6.42 15.94 25.15
CA HIS B 140 -6.04 17.30 24.68
C HIS B 140 -6.86 17.68 23.44
N SER B 141 -6.77 18.92 23.00
CA SER B 141 -7.54 19.36 21.80
C SER B 141 -6.62 19.40 20.58
N GLU B 142 -7.02 18.80 19.49
CA GLU B 142 -6.18 18.81 18.26
C GLU B 142 -7.03 18.60 17.01
N GLU B 143 -6.54 19.03 15.88
CA GLU B 143 -7.31 18.86 14.60
C GLU B 143 -6.36 18.43 13.47
N PRO B 144 -6.14 17.12 13.37
CA PRO B 144 -5.23 16.60 12.32
C PRO B 144 -5.88 16.67 10.93
N LEU B 145 -5.22 16.09 9.97
CA LEU B 145 -5.76 16.04 8.57
C LEU B 145 -5.74 14.58 8.11
N THR B 146 -6.58 14.19 7.18
CA THR B 146 -6.57 12.76 6.74
C THR B 146 -7.01 12.63 5.28
N ILE B 147 -6.37 11.75 4.54
CA ILE B 147 -6.74 11.55 3.11
C ILE B 147 -7.47 10.22 2.96
N PHE B 148 -8.62 10.21 2.33
CA PHE B 148 -9.38 8.93 2.20
C PHE B 148 -9.59 8.54 0.73
N SER B 149 -8.73 7.71 0.20
CA SER B 149 -8.89 7.26 -1.21
C SER B 149 -9.34 5.79 -1.24
N GLY B 150 -9.94 5.34 -2.31
CA GLY B 150 -10.41 3.92 -2.39
C GLY B 150 -10.94 3.72 -3.82
N ALA B 151 -10.25 2.95 -4.62
CA ALA B 151 -10.68 2.81 -6.06
C ALA B 151 -11.30 1.45 -6.40
N LEU B 152 -12.20 1.39 -7.36
CA LEU B 152 -12.81 0.06 -7.72
C LEU B 152 -11.79 -0.80 -8.44
N LEU B 153 -11.69 -2.06 -8.07
CA LEU B 153 -10.72 -2.97 -8.75
C LEU B 153 -11.47 -3.97 -9.65
N TYR B 154 -12.40 -4.69 -9.09
CA TYR B 154 -13.20 -5.68 -9.88
C TYR B 154 -14.63 -5.68 -9.32
N GLY B 155 -15.64 -5.87 -10.12
CA GLY B 155 -17.04 -5.89 -9.59
C GLY B 155 -17.58 -7.31 -9.74
N ASP B 156 -18.64 -7.66 -9.05
CA ASP B 156 -19.22 -9.04 -9.19
C ASP B 156 -19.98 -9.14 -10.53
N PRO B 157 -19.47 -9.93 -11.45
CA PRO B 157 -20.12 -10.08 -12.76
C PRO B 157 -21.15 -11.22 -12.77
N GLU B 158 -22.25 -11.02 -12.09
CA GLU B 158 -23.32 -12.07 -11.95
C GLU B 158 -22.75 -13.23 -11.12
N LEU B 159 -21.88 -14.01 -11.72
CA LEU B 159 -21.27 -15.18 -11.00
C LEU B 159 -22.35 -16.08 -10.35
N GLU B 160 -23.58 -16.00 -10.79
CA GLU B 160 -24.64 -16.87 -10.19
C GLU B 160 -24.79 -18.17 -10.99
N HIS B 161 -25.30 -19.20 -10.38
CA HIS B 161 -25.47 -20.50 -11.11
C HIS B 161 -26.72 -21.24 -10.61
N ALA B 162 -27.86 -21.04 -11.24
CA ALA B 162 -29.11 -21.74 -10.79
C ALA B 162 -28.87 -23.24 -10.65
N PRO C 13 -7.42 -3.71 -26.80
CA PRO C 13 -5.96 -4.02 -26.93
C PRO C 13 -5.39 -4.34 -25.55
N VAL C 14 -4.16 -4.77 -25.49
CA VAL C 14 -3.53 -5.11 -24.18
C VAL C 14 -2.14 -4.44 -24.06
N PRO C 15 -2.06 -3.35 -23.31
CA PRO C 15 -0.77 -2.65 -23.15
C PRO C 15 0.20 -3.48 -22.29
N GLN C 16 -0.31 -4.42 -21.51
CA GLN C 16 0.55 -5.31 -20.63
C GLN C 16 1.89 -4.64 -20.22
N VAL C 17 1.83 -3.63 -19.39
CA VAL C 17 3.09 -2.94 -18.97
C VAL C 17 3.32 -3.02 -17.45
N ALA C 18 4.52 -3.35 -17.07
CA ALA C 18 4.86 -3.39 -15.62
C ALA C 18 6.13 -2.58 -15.47
N PHE C 19 6.43 -1.97 -14.35
CA PHE C 19 7.71 -1.20 -14.25
C PHE C 19 8.05 -1.02 -12.76
N SER C 20 9.25 -1.36 -12.39
CA SER C 20 9.68 -1.25 -10.96
C SER C 20 11.16 -1.60 -10.88
N ALA C 21 11.96 -0.84 -10.18
CA ALA C 21 13.41 -1.17 -10.07
C ALA C 21 13.86 -1.04 -8.61
N ALA C 22 14.92 -1.71 -8.25
CA ALA C 22 15.40 -1.63 -6.83
C ALA C 22 16.84 -1.12 -6.76
N LEU C 23 17.11 -0.29 -5.78
CA LEU C 23 18.48 0.25 -5.60
C LEU C 23 19.17 -0.47 -4.45
N SER C 24 20.41 -0.84 -4.63
CA SER C 24 21.15 -1.55 -3.53
C SER C 24 22.67 -1.29 -3.62
N LEU C 25 23.09 -0.28 -4.38
CA LEU C 25 24.56 0.06 -4.51
C LEU C 25 25.38 -0.23 -3.22
N PRO C 26 26.68 -0.40 -3.37
CA PRO C 26 27.55 -0.74 -2.20
C PRO C 26 27.56 0.35 -1.11
N ARG C 27 28.45 1.31 -1.19
CA ARG C 27 28.52 2.35 -0.12
C ARG C 27 28.47 3.79 -0.71
N SER C 28 29.23 4.73 -0.16
CA SER C 28 29.22 6.15 -0.66
C SER C 28 29.11 6.23 -2.19
N GLU C 29 28.12 6.91 -2.68
CA GLU C 29 27.98 7.06 -4.16
C GLU C 29 28.51 8.46 -4.54
N PRO C 30 28.88 8.63 -5.79
CA PRO C 30 29.41 9.94 -6.24
C PRO C 30 28.29 11.00 -6.29
N GLY C 31 27.05 10.57 -6.24
CA GLY C 31 25.91 11.53 -6.27
C GLY C 31 24.59 10.78 -6.13
N THR C 32 23.60 11.12 -6.91
CA THR C 32 22.28 10.42 -6.79
C THR C 32 22.40 8.98 -7.27
N VAL C 33 21.54 8.12 -6.77
CA VAL C 33 21.66 6.66 -7.09
C VAL C 33 20.85 6.25 -8.34
N PRO C 34 21.45 5.38 -9.15
CA PRO C 34 20.75 4.86 -10.34
C PRO C 34 19.98 3.60 -9.94
N PHE C 35 19.73 2.68 -10.83
CA PHE C 35 18.99 1.44 -10.43
C PHE C 35 19.47 0.25 -11.26
N ASP C 36 19.99 -0.78 -10.63
CA ASP C 36 20.50 -1.94 -11.41
C ASP C 36 19.65 -3.21 -11.17
N ARG C 37 18.68 -3.15 -10.30
CA ARG C 37 17.85 -4.38 -10.05
C ARG C 37 16.64 -4.41 -11.00
N VAL C 38 16.78 -4.96 -12.18
CA VAL C 38 15.62 -5.01 -13.12
C VAL C 38 14.62 -6.07 -12.64
N LEU C 39 13.60 -5.65 -11.92
CA LEU C 39 12.60 -6.64 -11.42
C LEU C 39 11.51 -6.88 -12.48
N LEU C 40 11.02 -5.85 -13.11
CA LEU C 40 9.98 -6.02 -14.17
C LEU C 40 9.71 -4.67 -14.83
N ASN C 41 10.25 -4.44 -16.00
CA ASN C 41 10.06 -3.12 -16.71
C ASN C 41 10.84 -3.13 -18.02
N ASP C 42 10.28 -3.70 -19.06
CA ASP C 42 11.03 -3.75 -20.36
C ASP C 42 11.21 -2.34 -20.95
N GLY C 43 10.16 -1.56 -21.01
CA GLY C 43 10.27 -0.19 -21.60
C GLY C 43 11.02 0.77 -20.67
N GLY C 44 11.00 0.56 -19.38
CA GLY C 44 11.70 1.51 -18.46
C GLY C 44 10.75 2.69 -18.19
N TYR C 45 10.37 3.38 -19.23
CA TYR C 45 9.40 4.54 -19.14
C TYR C 45 9.89 5.70 -18.26
N TYR C 46 10.05 5.50 -16.96
CA TYR C 46 10.45 6.65 -16.09
C TYR C 46 11.85 6.52 -15.45
N ASP C 47 12.78 7.33 -15.90
CA ASP C 47 14.16 7.30 -15.34
C ASP C 47 14.15 7.77 -13.86
N PRO C 48 14.53 6.89 -12.94
CA PRO C 48 14.55 7.25 -11.50
C PRO C 48 15.78 8.12 -11.12
N GLU C 49 16.62 8.43 -12.08
CA GLU C 49 17.79 9.30 -11.76
C GLU C 49 17.24 10.72 -11.61
N THR C 50 16.71 11.24 -12.68
CA THR C 50 16.09 12.58 -12.64
C THR C 50 14.58 12.43 -12.41
N GLY C 51 14.03 11.25 -12.64
CA GLY C 51 12.57 11.04 -12.41
C GLY C 51 11.74 11.50 -13.62
N VAL C 52 12.36 11.60 -14.76
CA VAL C 52 11.56 12.05 -15.95
C VAL C 52 10.62 10.92 -16.35
N PHE C 53 9.45 10.94 -15.77
CA PHE C 53 8.43 9.86 -16.03
C PHE C 53 7.52 10.19 -17.20
N THR C 54 7.72 9.58 -18.34
CA THR C 54 6.81 9.82 -19.50
C THR C 54 5.76 8.72 -19.50
N ALA C 55 4.56 9.01 -19.04
CA ALA C 55 3.51 7.95 -18.94
C ALA C 55 2.50 7.95 -20.12
N PRO C 56 2.62 6.98 -21.00
CA PRO C 56 1.66 6.84 -22.12
C PRO C 56 0.48 5.95 -21.68
N LEU C 57 0.62 5.25 -20.56
CA LEU C 57 -0.45 4.31 -20.08
C LEU C 57 -1.88 4.82 -20.29
N ALA C 58 -2.17 6.04 -19.90
CA ALA C 58 -3.56 6.59 -20.09
C ALA C 58 -4.58 5.63 -19.47
N GLY C 59 -5.00 5.89 -18.26
CA GLY C 59 -5.97 5.02 -17.58
C GLY C 59 -5.78 5.22 -16.08
N ARG C 60 -5.98 4.19 -15.31
CA ARG C 60 -5.75 4.28 -13.84
C ARG C 60 -4.48 3.51 -13.51
N TYR C 61 -3.56 4.10 -12.78
CA TYR C 61 -2.29 3.38 -12.45
C TYR C 61 -2.02 3.45 -10.94
N LEU C 62 -1.50 2.39 -10.37
CA LEU C 62 -1.19 2.39 -8.91
C LEU C 62 0.31 2.59 -8.71
N LEU C 63 0.70 3.70 -8.10
CA LEU C 63 2.15 3.97 -7.87
C LEU C 63 2.47 3.91 -6.38
N SER C 64 3.65 3.48 -6.04
CA SER C 64 4.05 3.40 -4.60
C SER C 64 5.52 3.80 -4.44
N ALA C 65 5.77 4.86 -3.71
CA ALA C 65 7.17 5.31 -3.47
C ALA C 65 7.58 4.99 -2.03
N VAL C 66 8.83 4.68 -1.80
CA VAL C 66 9.26 4.33 -0.41
C VAL C 66 9.79 5.57 0.32
N LEU C 67 9.18 5.94 1.42
CA LEU C 67 9.60 7.20 2.12
C LEU C 67 10.62 6.98 3.24
N THR C 68 11.82 7.45 3.01
CA THR C 68 12.87 7.34 4.08
C THR C 68 12.40 8.18 5.27
N GLY C 69 12.62 7.69 6.46
CA GLY C 69 12.17 8.44 7.67
C GLY C 69 12.88 9.80 7.75
N HIS C 70 14.18 9.81 7.91
CA HIS C 70 14.95 11.11 7.97
C HIS C 70 14.25 12.12 8.89
N ARG C 71 14.15 11.81 10.15
CA ARG C 71 13.47 12.74 11.12
C ARG C 71 14.26 14.04 11.31
N HIS C 72 15.46 14.13 10.77
CA HIS C 72 16.28 15.38 10.94
C HIS C 72 15.62 16.64 10.34
N GLU C 73 14.38 16.60 9.83
CA GLU C 73 13.67 17.82 9.25
C GLU C 73 13.90 17.95 7.71
N LYS C 74 13.62 19.13 7.17
CA LYS C 74 13.71 19.42 5.68
C LYS C 74 12.35 19.10 5.05
N VAL C 75 12.07 19.59 3.86
CA VAL C 75 10.74 19.30 3.22
C VAL C 75 10.93 18.63 1.85
N GLU C 76 10.49 17.41 1.75
CA GLU C 76 10.56 16.70 0.44
C GLU C 76 9.14 16.59 -0.12
N ALA C 77 8.95 16.97 -1.36
CA ALA C 77 7.62 16.89 -2.04
C ALA C 77 7.89 16.83 -3.54
N VAL C 78 7.44 15.77 -4.17
CA VAL C 78 7.67 15.62 -5.64
C VAL C 78 6.69 16.51 -6.46
N LEU C 79 7.20 17.26 -7.42
CA LEU C 79 6.30 18.11 -8.25
C LEU C 79 5.43 17.20 -9.12
N SER C 80 4.30 17.70 -9.58
CA SER C 80 3.43 16.87 -10.49
C SER C 80 3.19 17.67 -11.78
N ARG C 81 3.21 17.04 -12.93
CA ARG C 81 3.00 17.81 -14.20
C ARG C 81 1.59 18.42 -14.26
N SER C 82 1.46 19.52 -15.00
CA SER C 82 0.13 20.26 -15.19
C SER C 82 -0.15 21.23 -14.03
N ASN C 83 0.28 20.94 -12.82
CA ASN C 83 -0.01 21.87 -11.69
C ASN C 83 1.29 22.36 -11.03
N GLN C 84 2.40 21.67 -11.16
CA GLN C 84 3.65 22.10 -10.39
C GLN C 84 3.32 21.86 -8.91
N GLY C 85 4.24 21.86 -7.95
CA GLY C 85 3.79 21.56 -6.52
C GLY C 85 3.06 20.21 -6.55
N VAL C 86 1.85 20.14 -6.05
CA VAL C 86 1.10 18.84 -6.02
C VAL C 86 1.98 17.77 -5.38
N ALA C 87 1.86 17.56 -4.09
CA ALA C 87 2.72 16.54 -3.42
C ALA C 87 2.01 15.19 -3.37
N ARG C 88 2.23 14.33 -4.32
CA ARG C 88 1.62 12.98 -4.25
C ARG C 88 2.50 12.16 -3.30
N VAL C 89 3.79 12.32 -3.44
CA VAL C 89 4.75 11.66 -2.52
C VAL C 89 5.21 12.75 -1.55
N ASP C 90 4.35 13.09 -0.62
CA ASP C 90 4.66 14.19 0.34
C ASP C 90 5.37 13.68 1.60
N SER C 91 6.38 14.39 2.02
CA SER C 91 7.13 14.02 3.24
C SER C 91 7.63 15.31 3.90
N GLY C 92 6.98 15.74 4.95
CA GLY C 92 7.39 16.98 5.65
C GLY C 92 7.96 16.62 7.02
N GLY C 93 9.23 16.36 7.09
CA GLY C 93 9.85 15.99 8.38
C GLY C 93 10.21 17.26 9.16
N THR C 113 -6.14 24.62 -5.19
CA THR C 113 -5.47 24.24 -6.47
C THR C 113 -4.34 23.23 -6.21
N LEU C 114 -3.77 23.26 -5.03
CA LEU C 114 -2.66 22.30 -4.70
C LEU C 114 -3.11 21.33 -3.60
N GLY C 115 -2.92 20.06 -3.81
CA GLY C 115 -3.32 19.05 -2.79
C GLY C 115 -2.43 17.81 -2.91
N VAL C 116 -2.52 16.91 -1.97
CA VAL C 116 -1.68 15.68 -2.04
C VAL C 116 -2.55 14.42 -2.15
N PHE C 117 -2.17 13.51 -3.01
CA PHE C 117 -2.96 12.25 -3.19
C PHE C 117 -2.02 11.05 -3.25
N SER C 118 -2.47 9.88 -2.85
CA SER C 118 -1.59 8.69 -2.87
C SER C 118 -2.14 7.60 -3.80
N LEU C 119 -3.37 7.19 -3.60
CA LEU C 119 -3.94 6.11 -4.46
C LEU C 119 -4.04 6.55 -5.94
N ILE C 120 -5.01 7.36 -6.27
CA ILE C 120 -5.26 7.81 -7.70
C ILE C 120 -3.98 8.33 -8.43
N LEU C 121 -4.15 9.23 -9.40
CA LEU C 121 -2.97 9.82 -10.15
C LEU C 121 -3.43 10.62 -11.39
N PRO C 122 -3.64 11.91 -11.24
CA PRO C 122 -4.05 12.74 -12.40
C PRO C 122 -2.82 13.08 -13.24
N LEU C 123 -2.51 12.31 -14.25
CA LEU C 123 -1.32 12.59 -15.10
C LEU C 123 -1.74 12.74 -16.57
N GLN C 124 -1.10 13.63 -17.29
CA GLN C 124 -1.44 13.86 -18.72
C GLN C 124 -0.77 12.83 -19.63
N ALA C 125 -1.28 12.45 -20.79
CA ALA C 125 -0.54 11.42 -21.59
C ALA C 125 0.80 11.98 -22.11
N GLY C 126 1.89 11.39 -21.70
CA GLY C 126 3.24 11.85 -22.16
C GLY C 126 3.85 12.87 -21.19
N ASP C 127 3.02 13.50 -20.39
CA ASP C 127 3.55 14.51 -19.43
C ASP C 127 4.68 13.91 -18.58
N THR C 128 5.40 14.70 -17.82
CA THR C 128 6.53 14.13 -17.02
C THR C 128 6.53 14.63 -15.57
N VAL C 129 6.79 13.74 -14.64
CA VAL C 129 6.81 14.16 -13.20
C VAL C 129 8.25 14.41 -12.75
N CYS C 130 8.44 15.35 -11.86
CA CYS C 130 9.82 15.69 -11.38
C CYS C 130 9.81 15.92 -9.87
N VAL C 131 10.85 15.54 -9.18
CA VAL C 131 10.89 15.73 -7.70
C VAL C 131 11.65 17.02 -7.33
N ASP C 132 11.08 17.76 -6.41
CA ASP C 132 11.78 18.94 -5.85
C ASP C 132 12.42 18.44 -4.56
N LEU C 133 13.70 18.63 -4.43
CA LEU C 133 14.43 18.22 -3.21
C LEU C 133 15.34 19.39 -2.78
N VAL C 134 14.75 20.51 -2.44
CA VAL C 134 15.52 21.70 -2.00
C VAL C 134 14.59 22.60 -1.18
N MET C 135 14.61 22.53 0.13
CA MET C 135 13.72 23.41 0.95
C MET C 135 14.49 23.86 2.19
N GLY C 136 15.59 24.54 1.99
CA GLY C 136 16.45 24.99 3.12
C GLY C 136 17.90 24.68 2.73
N GLN C 137 18.75 25.68 2.66
CA GLN C 137 20.18 25.40 2.27
C GLN C 137 20.98 24.94 3.49
N LEU C 138 21.03 25.75 4.53
CA LEU C 138 21.81 25.36 5.75
C LEU C 138 21.24 24.07 6.34
N ALA C 139 21.76 22.94 5.91
CA ALA C 139 21.25 21.63 6.43
C ALA C 139 22.42 20.64 6.60
N HIS C 140 22.15 19.36 6.51
CA HIS C 140 23.25 18.35 6.66
C HIS C 140 23.40 17.56 5.36
N SER C 141 24.48 16.81 5.24
CA SER C 141 24.71 16.00 4.00
C SER C 141 24.34 14.54 4.25
N GLU C 142 23.55 13.96 3.38
CA GLU C 142 23.16 12.53 3.57
C GLU C 142 22.78 11.89 2.22
N GLU C 143 22.91 10.60 2.10
CA GLU C 143 22.55 9.91 0.83
C GLU C 143 21.84 8.59 1.13
N PRO C 144 20.53 8.66 1.31
CA PRO C 144 19.74 7.43 1.62
C PRO C 144 19.55 6.57 0.36
N LEU C 145 18.71 5.57 0.48
CA LEU C 145 18.40 4.68 -0.67
C LEU C 145 16.87 4.70 -0.86
N THR C 146 16.38 4.42 -2.04
CA THR C 146 14.89 4.46 -2.24
C THR C 146 14.44 3.47 -3.31
N ILE C 147 13.31 2.84 -3.08
CA ILE C 147 12.79 1.85 -4.09
C ILE C 147 11.59 2.47 -4.82
N PHE C 148 11.61 2.45 -6.14
CA PHE C 148 10.49 3.07 -6.90
C PHE C 148 9.77 2.02 -7.75
N SER C 149 8.67 1.51 -7.27
CA SER C 149 7.89 0.50 -8.05
C SER C 149 6.58 1.16 -8.54
N GLY C 150 5.97 0.62 -9.56
CA GLY C 150 4.70 1.21 -10.09
C GLY C 150 4.11 0.18 -11.05
N ALA C 151 2.96 -0.37 -10.75
CA ALA C 151 2.40 -1.45 -11.64
C ALA C 151 1.17 -1.02 -12.45
N LEU C 152 0.98 -1.54 -13.64
CA LEU C 152 -0.23 -1.14 -14.43
C LEU C 152 -1.47 -1.84 -13.85
N LEU C 153 -2.55 -1.12 -13.68
CA LEU C 153 -3.79 -1.74 -13.13
C LEU C 153 -4.84 -1.91 -14.22
N TYR C 154 -5.29 -0.83 -14.80
CA TYR C 154 -6.30 -0.90 -15.89
C TYR C 154 -5.99 0.21 -16.90
N GLY C 155 -6.23 0.01 -18.18
CA GLY C 155 -5.94 1.09 -19.18
C GLY C 155 -7.27 1.58 -19.73
N ASP C 156 -7.31 2.73 -20.36
CA ASP C 156 -8.60 3.23 -20.93
C ASP C 156 -8.93 2.44 -22.22
N PRO C 157 -9.99 1.65 -22.19
CA PRO C 157 -10.36 0.85 -23.36
C PRO C 157 -11.29 1.63 -24.30
N GLU C 158 -10.75 2.62 -24.97
CA GLU C 158 -11.56 3.50 -25.88
C GLU C 158 -12.53 4.33 -25.03
N LEU C 159 -13.56 3.69 -24.53
CA LEU C 159 -14.57 4.40 -23.69
C LEU C 159 -15.07 5.68 -24.37
N GLU C 160 -14.94 5.80 -25.66
CA GLU C 160 -15.44 7.04 -26.35
C GLU C 160 -16.88 6.81 -26.85
N HIS C 161 -17.62 7.88 -27.05
CA HIS C 161 -19.02 7.75 -27.52
C HIS C 161 -19.39 8.92 -28.43
N ALA C 162 -19.21 8.80 -29.72
CA ALA C 162 -19.55 9.92 -30.66
C ALA C 162 -20.99 10.41 -30.42
N PRO A 13 -8.38 -20.30 -17.79
CA PRO A 13 -9.05 -20.77 -16.55
C PRO A 13 -8.99 -19.68 -15.49
N VAL A 14 -9.63 -19.88 -14.37
CA VAL A 14 -9.63 -18.85 -13.29
C VAL A 14 -9.36 -19.52 -11.93
N PRO A 15 -8.15 -19.39 -11.43
CA PRO A 15 -7.81 -20.00 -10.12
C PRO A 15 -8.51 -19.27 -8.97
N GLN A 16 -8.96 -18.04 -9.20
CA GLN A 16 -9.68 -17.23 -8.14
C GLN A 16 -9.27 -17.60 -6.70
N VAL A 17 -8.05 -17.31 -6.32
CA VAL A 17 -7.59 -17.66 -4.94
C VAL A 17 -7.18 -16.42 -4.14
N ALA A 18 -7.59 -16.38 -2.90
CA ALA A 18 -7.19 -15.25 -2.01
C ALA A 18 -6.52 -15.88 -0.80
N PHE A 19 -5.70 -15.19 -0.04
CA PHE A 19 -5.08 -15.84 1.15
C PHE A 19 -4.62 -14.75 2.12
N SER A 20 -5.01 -14.84 3.35
CA SER A 20 -4.63 -13.82 4.37
C SER A 20 -5.17 -14.26 5.73
N ALA A 21 -4.36 -14.19 6.77
CA ALA A 21 -4.86 -14.61 8.11
C ALA A 21 -4.51 -13.54 9.15
N ALA A 22 -5.24 -13.51 10.24
CA ALA A 22 -4.98 -12.48 11.29
C ALA A 22 -4.62 -13.12 12.63
N LEU A 23 -3.76 -12.47 13.37
CA LEU A 23 -3.34 -13.02 14.69
C LEU A 23 -3.84 -12.10 15.82
N SER A 24 -4.42 -12.67 16.85
CA SER A 24 -4.93 -11.84 17.98
C SER A 24 -4.98 -12.64 19.29
N LEU A 25 -4.33 -13.80 19.36
CA LEU A 25 -4.32 -14.66 20.62
C LEU A 25 -4.38 -13.83 21.94
N PRO A 26 -4.79 -14.48 23.01
CA PRO A 26 -4.92 -13.78 24.33
C PRO A 26 -3.58 -13.23 24.85
N ARG A 27 -2.82 -14.00 25.59
CA ARG A 27 -1.53 -13.48 26.15
C ARG A 27 -0.34 -14.39 25.82
N SER A 28 0.60 -14.57 26.74
CA SER A 28 1.81 -15.44 26.48
C SER A 28 1.44 -16.73 25.74
N GLU A 29 2.12 -17.03 24.67
CA GLU A 29 1.85 -18.30 23.93
C GLU A 29 2.84 -19.36 24.44
N PRO A 30 2.45 -20.62 24.36
CA PRO A 30 3.37 -21.70 24.83
C PRO A 30 4.58 -21.86 23.89
N GLY A 31 4.53 -21.24 22.73
CA GLY A 31 5.68 -21.35 21.79
C GLY A 31 5.44 -20.48 20.56
N THR A 32 5.72 -20.98 19.39
CA THR A 32 5.53 -20.14 18.15
C THR A 32 4.06 -19.78 17.95
N VAL A 33 3.81 -18.71 17.24
CA VAL A 33 2.41 -18.21 17.07
C VAL A 33 1.69 -18.78 15.83
N PRO A 34 0.50 -19.32 16.04
CA PRO A 34 -0.31 -19.85 14.92
C PRO A 34 -1.25 -18.75 14.40
N PHE A 35 -2.36 -19.08 13.77
CA PHE A 35 -3.29 -18.02 13.27
C PHE A 35 -4.73 -18.57 13.24
N ASP A 36 -5.66 -17.91 13.90
CA ASP A 36 -7.07 -18.44 13.91
C ASP A 36 -8.06 -17.50 13.21
N ARG A 37 -7.62 -16.37 12.70
CA ARG A 37 -8.58 -15.44 12.02
C ARG A 37 -8.66 -15.73 10.52
N VAL A 38 -9.56 -16.59 10.09
CA VAL A 38 -9.65 -16.90 8.63
C VAL A 38 -10.32 -15.73 7.89
N LEU A 39 -9.54 -14.86 7.30
CA LEU A 39 -10.13 -13.70 6.57
C LEU A 39 -10.53 -14.12 5.16
N LEU A 40 -9.66 -14.81 4.46
CA LEU A 40 -9.98 -15.28 3.08
C LEU A 40 -8.83 -16.17 2.58
N ASN A 41 -9.02 -17.47 2.59
CA ASN A 41 -7.92 -18.42 2.15
C ASN A 41 -8.41 -19.85 2.29
N ASP A 42 -9.18 -20.34 1.34
CA ASP A 42 -9.68 -21.74 1.46
C ASP A 42 -8.52 -22.76 1.36
N GLY A 43 -7.66 -22.60 0.39
CA GLY A 43 -6.53 -23.56 0.22
C GLY A 43 -5.45 -23.37 1.30
N GLY A 44 -5.34 -22.20 1.88
CA GLY A 44 -4.27 -21.98 2.90
C GLY A 44 -2.97 -21.63 2.16
N TYR A 45 -2.51 -22.53 1.32
CA TYR A 45 -1.27 -22.31 0.49
C TYR A 45 0.00 -22.09 1.33
N TYR A 46 0.11 -21.00 2.06
CA TYR A 46 1.38 -20.74 2.80
C TYR A 46 1.27 -20.82 4.34
N ASP A 47 1.86 -21.85 4.91
CA ASP A 47 1.79 -22.01 6.40
C ASP A 47 2.60 -20.87 7.08
N PRO A 48 1.91 -20.04 7.85
CA PRO A 48 2.59 -18.90 8.55
C PRO A 48 3.42 -19.36 9.77
N GLU A 49 3.44 -20.65 10.06
CA GLU A 49 4.26 -21.12 11.21
C GLU A 49 5.71 -21.12 10.75
N THR A 50 6.01 -21.91 9.77
CA THR A 50 7.36 -21.94 9.19
C THR A 50 7.41 -20.98 7.98
N GLY A 51 6.27 -20.65 7.41
CA GLY A 51 6.24 -19.71 6.26
C GLY A 51 6.52 -20.44 4.94
N VAL A 52 6.32 -21.72 4.90
CA VAL A 52 6.58 -22.44 3.61
C VAL A 52 5.46 -22.09 2.62
N PHE A 53 5.70 -21.05 1.86
CA PHE A 53 4.68 -20.55 0.88
C PHE A 53 4.81 -21.23 -0.48
N THR A 54 3.92 -22.14 -0.80
CA THR A 54 3.96 -22.80 -2.14
C THR A 54 2.98 -22.06 -3.05
N ALA A 55 3.45 -21.17 -3.88
CA ALA A 55 2.52 -20.36 -4.73
C ALA A 55 2.34 -20.89 -6.18
N PRO A 56 1.20 -21.50 -6.45
CA PRO A 56 0.91 -21.96 -7.83
C PRO A 56 0.22 -20.82 -8.61
N LEU A 57 -0.24 -19.79 -7.90
CA LEU A 57 -0.97 -18.65 -8.56
C LEU A 57 -0.45 -18.28 -9.96
N ALA A 58 0.84 -18.11 -10.11
CA ALA A 58 1.41 -17.74 -11.45
C ALA A 58 0.67 -16.53 -12.03
N GLY A 59 1.22 -15.35 -11.85
CA GLY A 59 0.58 -14.12 -12.35
C GLY A 59 1.13 -12.96 -11.54
N ARG A 60 0.38 -11.91 -11.42
CA ARG A 60 0.82 -10.75 -10.59
C ARG A 60 -0.16 -10.59 -9.41
N TYR A 61 0.33 -10.57 -8.20
CA TYR A 61 -0.61 -10.42 -7.04
C TYR A 61 -0.12 -9.33 -6.06
N LEU A 62 -1.01 -8.82 -5.25
CA LEU A 62 -0.63 -7.76 -4.28
C LEU A 62 -0.22 -8.37 -2.95
N LEU A 63 1.01 -8.16 -2.54
CA LEU A 63 1.52 -8.73 -1.27
C LEU A 63 1.73 -7.61 -0.24
N SER A 64 1.42 -7.87 1.01
CA SER A 64 1.58 -6.84 2.07
C SER A 64 1.92 -7.48 3.42
N ALA A 65 3.09 -7.21 3.93
CA ALA A 65 3.49 -7.76 5.25
C ALA A 65 3.47 -6.64 6.29
N VAL A 66 3.12 -6.94 7.52
CA VAL A 66 3.08 -5.87 8.56
C VAL A 66 4.40 -5.82 9.35
N LEU A 67 5.08 -4.69 9.32
CA LEU A 67 6.43 -4.62 9.98
C LEU A 67 6.41 -4.10 11.41
N THR A 68 6.72 -4.95 12.35
CA THR A 68 6.80 -4.50 13.78
C THR A 68 7.99 -3.54 13.89
N GLY A 69 7.85 -2.50 14.67
CA GLY A 69 8.96 -1.50 14.81
C GLY A 69 10.15 -2.13 15.53
N HIS A 70 10.01 -2.50 16.77
CA HIS A 70 11.15 -3.13 17.54
C HIS A 70 12.45 -2.34 17.34
N ARG A 71 12.50 -1.13 17.83
CA ARG A 71 13.73 -0.29 17.67
C ARG A 71 14.92 -0.83 18.49
N HIS A 72 14.72 -1.84 19.30
CA HIS A 72 15.84 -2.40 20.14
C HIS A 72 16.99 -2.98 19.31
N GLU A 73 16.99 -2.87 17.98
CA GLU A 73 18.11 -3.40 17.08
C GLU A 73 17.80 -4.81 16.55
N LYS A 74 18.81 -5.48 16.03
CA LYS A 74 18.65 -6.86 15.41
C LYS A 74 18.26 -6.67 13.93
N VAL A 75 18.51 -7.63 13.07
CA VAL A 75 18.14 -7.46 11.63
C VAL A 75 17.18 -8.57 11.17
N GLU A 76 15.99 -8.18 10.80
CA GLU A 76 15.02 -9.17 10.26
C GLU A 76 15.04 -9.05 8.73
N ALA A 77 15.12 -10.17 8.04
CA ALA A 77 15.11 -10.18 6.55
C ALA A 77 14.60 -11.56 6.12
N VAL A 78 13.54 -11.58 5.35
CA VAL A 78 12.97 -12.88 4.89
C VAL A 78 13.70 -13.38 3.62
N LEU A 79 14.10 -14.63 3.60
CA LEU A 79 14.79 -15.18 2.39
C LEU A 79 13.80 -15.19 1.22
N SER A 80 14.30 -15.17 0.01
CA SER A 80 13.42 -15.24 -1.19
C SER A 80 13.83 -16.44 -2.03
N ARG A 81 12.91 -17.21 -2.56
CA ARG A 81 13.32 -18.41 -3.37
C ARG A 81 14.07 -18.00 -4.65
N SER A 82 14.90 -18.90 -5.17
CA SER A 82 15.72 -18.68 -6.43
C SER A 82 17.02 -17.90 -6.15
N ASN A 83 17.02 -16.99 -5.21
CA ASN A 83 18.28 -16.21 -4.94
C ASN A 83 18.76 -16.41 -3.50
N GLN A 84 17.94 -16.82 -2.56
CA GLN A 84 18.39 -16.87 -1.12
C GLN A 84 18.59 -15.41 -0.70
N GLY A 85 18.72 -15.01 0.57
CA GLY A 85 18.87 -13.53 0.85
C GLY A 85 17.68 -12.82 0.17
N VAL A 86 17.94 -11.84 -0.68
CA VAL A 86 16.83 -11.09 -1.35
C VAL A 86 15.84 -10.59 -0.27
N ALA A 87 16.00 -9.39 0.19
CA ALA A 87 15.08 -8.88 1.25
C ALA A 87 13.87 -8.17 0.63
N ARG A 88 12.80 -8.88 0.40
CA ARG A 88 11.57 -8.21 -0.11
C ARG A 88 10.85 -7.65 1.12
N VAL A 89 10.82 -8.43 2.17
CA VAL A 89 10.24 -7.97 3.46
C VAL A 89 11.43 -7.63 4.36
N ASP A 90 12.07 -6.52 4.07
CA ASP A 90 13.28 -6.11 4.86
C ASP A 90 12.88 -5.31 6.09
N SER A 91 13.45 -5.65 7.22
CA SER A 91 13.16 -4.92 8.48
C SER A 91 14.41 -4.91 9.35
N GLY A 92 15.06 -3.79 9.44
CA GLY A 92 16.28 -3.69 10.28
C GLY A 92 15.92 -2.97 11.57
N GLY A 93 15.41 -3.70 12.52
CA GLY A 93 15.02 -3.09 13.82
C GLY A 93 16.24 -3.04 14.72
N THR A 113 22.80 -8.84 -8.29
CA THR A 113 22.02 -10.10 -8.13
C THR A 113 21.12 -10.02 -6.90
N LEU A 114 21.51 -9.25 -5.91
CA LEU A 114 20.67 -9.12 -4.68
C LEU A 114 20.10 -7.70 -4.58
N GLY A 115 18.81 -7.60 -4.37
CA GLY A 115 18.17 -6.25 -4.24
C GLY A 115 16.93 -6.38 -3.36
N VAL A 116 16.37 -5.26 -2.94
CA VAL A 116 15.16 -5.32 -2.08
C VAL A 116 13.97 -4.62 -2.76
N PHE A 117 12.84 -5.27 -2.79
CA PHE A 117 11.63 -4.67 -3.41
C PHE A 117 10.43 -4.87 -2.48
N SER A 118 9.47 -3.98 -2.50
CA SER A 118 8.29 -4.12 -1.59
C SER A 118 6.97 -4.22 -2.35
N LEU A 119 6.70 -3.28 -3.22
CA LEU A 119 5.39 -3.29 -3.95
C LEU A 119 5.20 -4.57 -4.80
N ILE A 120 5.90 -4.71 -5.90
CA ILE A 120 5.72 -5.89 -6.83
C ILE A 120 5.82 -7.28 -6.12
N LEU A 121 6.37 -8.29 -6.79
CA LEU A 121 6.52 -9.66 -6.18
C LEU A 121 7.00 -10.69 -7.22
N PRO A 122 8.28 -10.68 -7.55
CA PRO A 122 8.80 -11.67 -8.52
C PRO A 122 8.92 -13.04 -7.84
N LEU A 123 7.94 -13.90 -8.02
CA LEU A 123 7.98 -15.25 -7.38
C LEU A 123 7.85 -16.35 -8.45
N GLN A 124 8.52 -17.45 -8.25
CA GLN A 124 8.48 -18.57 -9.23
C GLN A 124 7.24 -19.47 -9.03
N ALA A 125 6.66 -20.14 -10.01
CA ALA A 125 5.45 -20.97 -9.70
C ALA A 125 5.83 -22.22 -8.87
N GLY A 126 5.28 -22.35 -7.69
CA GLY A 126 5.56 -23.54 -6.83
C GLY A 126 6.74 -23.29 -5.87
N ASP A 127 7.59 -22.35 -6.20
CA ASP A 127 8.77 -22.06 -5.33
C ASP A 127 8.31 -21.81 -3.89
N THR A 128 9.21 -21.68 -2.94
CA THR A 128 8.78 -21.48 -1.52
C THR A 128 9.58 -20.37 -0.83
N VAL A 129 8.90 -19.49 -0.13
CA VAL A 129 9.63 -18.38 0.58
C VAL A 129 9.82 -18.74 2.06
N CYS A 130 10.90 -18.31 2.64
CA CYS A 130 11.18 -18.63 4.08
C CYS A 130 11.78 -17.40 4.78
N VAL A 131 11.45 -17.19 6.03
CA VAL A 131 11.98 -16.01 6.78
C VAL A 131 13.25 -16.38 7.56
N ASP A 132 14.23 -15.50 7.48
CA ASP A 132 15.46 -15.68 8.32
C ASP A 132 15.19 -14.81 9.56
N LEU A 133 15.31 -15.41 10.71
CA LEU A 133 15.13 -14.65 11.98
C LEU A 133 16.31 -14.98 12.91
N VAL A 134 17.50 -14.64 12.49
CA VAL A 134 18.72 -14.90 13.32
C VAL A 134 19.82 -13.94 12.84
N MET A 135 20.03 -12.83 13.50
CA MET A 135 21.11 -11.89 13.07
C MET A 135 21.74 -11.28 14.33
N GLY A 136 22.27 -12.13 15.17
CA GLY A 136 22.88 -11.68 16.45
C GLY A 136 22.39 -12.64 17.54
N GLN A 137 23.27 -13.34 18.21
CA GLN A 137 22.81 -14.29 19.27
C GLN A 137 22.53 -13.54 20.58
N LEU A 138 23.50 -12.85 21.11
CA LEU A 138 23.29 -12.10 22.38
C LEU A 138 22.16 -11.08 22.21
N ALA A 139 20.94 -11.47 22.50
CA ALA A 139 19.79 -10.54 22.35
C ALA A 139 18.79 -10.74 23.50
N HIS A 140 17.54 -10.40 23.28
CA HIS A 140 16.52 -10.56 24.36
C HIS A 140 15.41 -11.52 23.89
N SER A 141 14.52 -11.89 24.78
CA SER A 141 13.41 -12.80 24.41
C SER A 141 12.12 -12.02 24.20
N GLU A 142 11.44 -12.24 23.10
CA GLU A 142 10.17 -11.49 22.83
C GLU A 142 9.29 -12.27 21.86
N GLU A 143 8.00 -12.00 21.86
CA GLU A 143 7.06 -12.71 20.94
C GLU A 143 6.04 -11.71 20.36
N PRO A 144 6.42 -11.06 19.28
CA PRO A 144 5.52 -10.06 18.65
C PRO A 144 4.35 -10.72 17.93
N LEU A 145 3.58 -9.94 17.23
CA LEU A 145 2.43 -10.47 16.44
C LEU A 145 2.56 -9.95 15.00
N THR A 146 2.02 -10.61 14.02
CA THR A 146 2.17 -10.12 12.62
C THR A 146 0.97 -10.52 11.75
N ILE A 147 0.55 -9.64 10.87
CA ILE A 147 -0.60 -9.95 9.97
C ILE A 147 -0.07 -10.20 8.55
N PHE A 148 -0.43 -11.31 7.96
CA PHE A 148 0.09 -11.63 6.60
C PHE A 148 -1.05 -11.77 5.57
N SER A 149 -1.32 -10.72 4.83
CA SER A 149 -2.39 -10.80 3.79
C SER A 149 -1.75 -10.80 2.40
N GLY A 150 -2.44 -11.27 1.39
CA GLY A 150 -1.86 -11.30 0.01
C GLY A 150 -2.98 -11.80 -0.92
N ALA A 151 -3.55 -10.93 -1.71
CA ALA A 151 -4.70 -11.35 -2.57
C ALA A 151 -4.40 -11.47 -4.07
N LEU A 152 -5.09 -12.31 -4.80
CA LEU A 152 -4.80 -12.43 -6.27
C LEU A 152 -5.27 -11.16 -7.00
N LEU A 153 -4.44 -10.63 -7.86
CA LEU A 153 -4.83 -9.40 -8.63
C LEU A 153 -5.11 -9.78 -10.09
N TYR A 154 -4.15 -10.38 -10.75
CA TYR A 154 -4.34 -10.80 -12.17
C TYR A 154 -3.55 -12.10 -12.37
N GLY A 155 -4.02 -13.01 -13.18
CA GLY A 155 -3.27 -14.29 -13.41
C GLY A 155 -2.77 -14.32 -14.85
N ASP A 156 -1.82 -15.15 -15.17
CA ASP A 156 -1.32 -15.21 -16.58
C ASP A 156 -2.35 -15.95 -17.47
N PRO A 157 -2.97 -15.23 -18.39
CA PRO A 157 -3.98 -15.85 -19.26
C PRO A 157 -3.36 -16.42 -20.54
N GLU A 158 -2.61 -17.49 -20.41
CA GLU A 158 -1.89 -18.12 -21.56
C GLU A 158 -0.79 -17.17 -22.03
N LEU A 159 -1.17 -16.10 -22.69
CA LEU A 159 -0.18 -15.09 -23.19
C LEU A 159 0.95 -15.77 -23.99
N GLU A 160 0.74 -16.96 -24.50
CA GLU A 160 1.81 -17.64 -25.30
C GLU A 160 1.62 -17.36 -26.79
N HIS A 161 2.67 -17.46 -27.56
CA HIS A 161 2.56 -17.20 -29.03
C HIS A 161 3.52 -18.11 -29.80
N ALA A 162 3.08 -19.26 -30.26
CA ALA A 162 3.99 -20.18 -31.03
C ALA A 162 4.66 -19.42 -32.18
N PRO B 13 -23.09 -5.60 -16.34
CA PRO B 13 -23.03 -4.12 -16.45
C PRO B 13 -21.69 -3.63 -15.90
N VAL B 14 -21.43 -2.35 -16.02
CA VAL B 14 -20.13 -1.79 -15.50
C VAL B 14 -20.39 -0.49 -14.72
N PRO B 15 -20.36 -0.58 -13.40
CA PRO B 15 -20.59 0.63 -12.57
C PRO B 15 -19.43 1.62 -12.68
N GLN B 16 -18.26 1.16 -13.13
CA GLN B 16 -17.05 2.05 -13.31
C GLN B 16 -17.03 3.25 -12.33
N VAL B 17 -16.88 3.01 -11.05
CA VAL B 17 -16.88 4.15 -10.07
C VAL B 17 -15.55 4.23 -9.31
N ALA B 18 -15.06 5.43 -9.15
CA ALA B 18 -13.81 5.63 -8.36
C ALA B 18 -14.15 6.63 -7.27
N PHE B 19 -13.43 6.71 -6.18
CA PHE B 19 -13.80 7.74 -5.15
C PHE B 19 -12.57 8.00 -4.27
N SER B 20 -12.22 9.25 -4.11
CA SER B 20 -11.01 9.60 -3.28
C SER B 20 -10.92 11.12 -3.21
N ALA B 21 -10.69 11.68 -2.05
CA ALA B 21 -10.59 13.16 -1.94
C ALA B 21 -9.33 13.53 -1.15
N ALA B 22 -8.85 14.74 -1.33
CA ALA B 22 -7.61 15.16 -0.61
C ALA B 22 -7.88 16.40 0.26
N LEU B 23 -7.21 16.48 1.38
CA LEU B 23 -7.38 17.63 2.30
C LEU B 23 -6.11 18.46 2.36
N SER B 24 -6.21 19.77 2.23
CA SER B 24 -4.99 20.63 2.29
C SER B 24 -5.34 22.06 2.77
N LEU B 25 -6.52 22.28 3.34
CA LEU B 25 -6.94 23.65 3.84
C LEU B 25 -5.77 24.51 4.38
N PRO B 26 -5.97 25.81 4.44
CA PRO B 26 -4.89 26.73 4.91
C PRO B 26 -4.47 26.47 6.37
N ARG B 27 -5.11 27.09 7.34
CA ARG B 27 -4.69 26.89 8.76
C ARG B 27 -5.88 26.48 9.65
N SER B 28 -5.94 26.96 10.89
CA SER B 28 -7.05 26.59 11.84
C SER B 28 -8.41 26.56 11.13
N GLU B 29 -9.13 25.48 11.28
CA GLU B 29 -10.50 25.40 10.66
C GLU B 29 -11.52 25.83 11.72
N PRO B 30 -12.65 26.35 11.29
CA PRO B 30 -13.69 26.80 12.27
C PRO B 30 -14.35 25.59 12.96
N GLY B 31 -14.11 24.40 12.45
CA GLY B 31 -14.72 23.19 13.09
C GLY B 31 -14.22 21.93 12.41
N THR B 32 -15.10 21.00 12.11
CA THR B 32 -14.66 19.72 11.47
C THR B 32 -14.11 19.98 10.06
N VAL B 33 -13.28 19.08 9.58
CA VAL B 33 -12.60 19.30 8.27
C VAL B 33 -13.37 18.72 7.06
N PRO B 34 -13.60 19.55 6.05
CA PRO B 34 -14.28 19.09 4.82
C PRO B 34 -13.23 18.61 3.79
N PHE B 35 -13.53 18.61 2.52
CA PHE B 35 -12.51 18.17 1.51
C PHE B 35 -12.76 18.87 0.17
N ASP B 36 -11.77 19.57 -0.36
CA ASP B 36 -11.99 20.30 -1.65
C ASP B 36 -11.14 19.75 -2.80
N ARG B 37 -10.32 18.74 -2.57
CA ARG B 37 -9.48 18.20 -3.69
C ARG B 37 -10.20 17.06 -4.41
N VAL B 38 -10.97 17.35 -5.43
CA VAL B 38 -11.67 16.24 -6.16
C VAL B 38 -10.68 15.46 -7.03
N LEU B 39 -10.19 14.35 -6.53
CA LEU B 39 -9.21 13.54 -7.32
C LEU B 39 -9.96 12.63 -8.30
N LEU B 40 -10.98 11.94 -7.84
CA LEU B 40 -11.78 11.05 -8.74
C LEU B 40 -12.97 10.51 -7.95
N ASN B 41 -14.15 11.05 -8.17
CA ASN B 41 -15.37 10.59 -7.41
C ASN B 41 -16.58 11.41 -7.85
N ASP B 42 -17.18 11.06 -8.96
CA ASP B 42 -18.36 11.84 -9.44
C ASP B 42 -19.55 11.67 -8.48
N GLY B 43 -19.87 10.46 -8.10
CA GLY B 43 -21.03 10.23 -7.19
C GLY B 43 -20.72 10.67 -5.76
N GLY B 44 -19.48 10.70 -5.36
CA GLY B 44 -19.16 11.08 -3.94
C GLY B 44 -19.29 9.84 -3.06
N TYR B 45 -20.47 9.27 -3.04
CA TYR B 45 -20.76 8.01 -2.26
C TYR B 45 -20.53 8.15 -0.75
N TYR B 46 -19.31 8.36 -0.30
CA TYR B 46 -19.09 8.41 1.19
C TYR B 46 -18.68 9.79 1.73
N ASP B 47 -19.57 10.42 2.45
CA ASP B 47 -19.27 11.77 3.02
C ASP B 47 -18.15 11.64 4.08
N PRO B 48 -17.01 12.27 3.84
CA PRO B 48 -15.86 12.20 4.79
C PRO B 48 -16.08 13.09 6.04
N GLU B 49 -17.19 13.79 6.12
CA GLU B 49 -17.45 14.62 7.33
C GLU B 49 -17.84 13.67 8.45
N THR B 50 -18.94 13.00 8.26
CA THR B 50 -19.40 11.99 9.26
C THR B 50 -18.89 10.61 8.82
N GLY B 51 -18.53 10.45 7.57
CA GLY B 51 -18.00 9.14 7.09
C GLY B 51 -19.12 8.16 6.75
N VAL B 52 -20.30 8.66 6.49
CA VAL B 52 -21.41 7.72 6.16
C VAL B 52 -21.17 7.17 4.74
N PHE B 53 -20.48 6.06 4.68
CA PHE B 53 -20.12 5.45 3.37
C PHE B 53 -21.19 4.47 2.87
N THR B 54 -21.97 4.85 1.90
CA THR B 54 -22.99 3.92 1.33
C THR B 54 -22.39 3.27 0.09
N ALA B 55 -21.90 2.06 0.21
CA ALA B 55 -21.23 1.41 -0.97
C ALA B 55 -22.14 0.42 -1.75
N PRO B 56 -22.57 0.84 -2.93
CA PRO B 56 -23.36 -0.05 -3.81
C PRO B 56 -22.39 -0.86 -4.71
N LEU B 57 -21.13 -0.46 -4.77
CA LEU B 57 -20.13 -1.13 -5.67
C LEU B 57 -20.32 -2.66 -5.76
N ALA B 58 -20.43 -3.34 -4.65
CA ALA B 58 -20.61 -4.84 -4.69
C ALA B 58 -19.52 -5.48 -5.55
N GLY B 59 -18.47 -5.94 -4.93
CA GLY B 59 -17.34 -6.56 -5.67
C GLY B 59 -16.12 -6.48 -4.77
N ARG B 60 -14.96 -6.47 -5.35
CA ARG B 60 -13.71 -6.34 -4.56
C ARG B 60 -13.02 -5.02 -4.93
N TYR B 61 -12.72 -4.18 -3.97
CA TYR B 61 -12.06 -2.88 -4.32
C TYR B 61 -10.83 -2.62 -3.43
N LEU B 62 -9.95 -1.76 -3.85
CA LEU B 62 -8.72 -1.45 -3.05
C LEU B 62 -8.98 -0.25 -2.14
N LEU B 63 -8.89 -0.46 -0.85
CA LEU B 63 -9.12 0.64 0.12
C LEU B 63 -7.81 1.05 0.80
N SER B 64 -7.62 2.33 1.02
CA SER B 64 -6.36 2.79 1.66
C SER B 64 -6.61 4.05 2.52
N ALA B 65 -6.42 3.94 3.80
CA ALA B 65 -6.62 5.11 4.70
C ALA B 65 -5.25 5.61 5.18
N VAL B 66 -5.09 6.90 5.37
CA VAL B 66 -3.77 7.42 5.83
C VAL B 66 -3.73 7.57 7.35
N LEU B 67 -2.83 6.89 8.00
CA LEU B 67 -2.81 6.91 9.50
C LEU B 67 -1.87 7.95 10.12
N THR B 68 -2.44 8.93 10.75
CA THR B 68 -1.61 9.96 11.45
C THR B 68 -0.90 9.26 12.62
N GLY B 69 0.33 9.62 12.87
CA GLY B 69 1.10 8.96 13.98
C GLY B 69 0.49 9.33 15.34
N HIS B 70 0.57 10.60 15.72
CA HIS B 70 0.00 11.04 17.04
C HIS B 70 0.42 10.08 18.17
N ARG B 71 1.70 10.06 18.49
CA ARG B 71 2.20 9.15 19.56
C ARG B 71 1.72 9.58 20.96
N HIS B 72 1.07 10.72 21.08
CA HIS B 72 0.58 11.21 22.42
C HIS B 72 -0.42 10.26 23.09
N GLU B 73 -0.72 9.08 22.53
CA GLU B 73 -1.69 8.07 23.14
C GLU B 73 -3.12 8.24 22.57
N LYS B 74 -4.10 7.65 23.24
CA LYS B 74 -5.54 7.66 22.76
C LYS B 74 -5.74 6.48 21.79
N VAL B 75 -6.94 6.00 21.62
CA VAL B 75 -7.15 4.84 20.68
C VAL B 75 -8.15 5.20 19.57
N GLU B 76 -7.67 5.21 18.35
CA GLU B 76 -8.58 5.47 17.19
C GLU B 76 -8.93 4.12 16.57
N ALA B 77 -10.19 3.89 16.29
CA ALA B 77 -10.66 2.63 15.65
C ALA B 77 -11.98 2.94 14.96
N VAL B 78 -12.04 2.70 13.68
CA VAL B 78 -13.30 2.98 12.90
C VAL B 78 -14.27 1.80 13.01
N LEU B 79 -15.52 2.07 13.31
CA LEU B 79 -16.53 0.96 13.39
C LEU B 79 -16.71 0.34 11.99
N SER B 80 -17.16 -0.90 11.94
CA SER B 80 -17.42 -1.54 10.62
C SER B 80 -18.88 -2.01 10.59
N ARG B 81 -19.59 -1.81 9.50
CA ARG B 81 -21.03 -2.26 9.48
C ARG B 81 -21.17 -3.78 9.62
N SER B 82 -22.32 -4.22 10.12
CA SER B 82 -22.65 -5.68 10.34
C SER B 82 -22.08 -6.22 11.66
N ASN B 83 -20.95 -5.74 12.11
CA ASN B 83 -20.38 -6.27 13.40
C ASN B 83 -20.21 -5.15 14.44
N GLN B 84 -20.16 -3.89 14.07
CA GLN B 84 -19.85 -2.81 15.09
C GLN B 84 -18.40 -3.06 15.52
N GLY B 85 -17.66 -2.16 16.18
CA GLY B 85 -16.22 -2.51 16.50
C GLY B 85 -15.54 -2.88 15.17
N VAL B 86 -14.94 -4.05 15.09
CA VAL B 86 -14.22 -4.45 13.83
C VAL B 86 -13.25 -3.33 13.42
N ALA B 87 -12.01 -3.43 13.80
CA ALA B 87 -11.04 -2.35 13.44
C ALA B 87 -10.35 -2.66 12.13
N ARG B 88 -10.88 -2.20 11.02
CA ARG B 88 -10.18 -2.40 9.72
C ARG B 88 -9.15 -1.27 9.63
N VAL B 89 -9.56 -0.09 10.01
CA VAL B 89 -8.63 1.08 10.05
C VAL B 89 -8.24 1.27 11.52
N ASP B 90 -7.43 0.38 12.03
CA ASP B 90 -7.03 0.46 13.47
C ASP B 90 -5.83 1.37 13.67
N SER B 91 -5.91 2.23 14.66
CA SER B 91 -4.80 3.16 14.94
C SER B 91 -4.76 3.43 16.45
N GLY B 92 -3.81 2.86 17.13
CA GLY B 92 -3.68 3.07 18.59
C GLY B 92 -2.56 4.06 18.84
N GLY B 93 -2.86 5.32 18.75
CA GLY B 93 -1.82 6.36 18.97
C GLY B 93 -1.74 6.65 20.45
N THR B 113 -15.35 -13.45 16.39
CA THR B 113 -16.34 -12.58 15.70
C THR B 113 -15.71 -11.21 15.39
N LEU B 114 -14.78 -10.79 16.21
CA LEU B 114 -14.12 -9.47 15.98
C LEU B 114 -12.67 -9.66 15.56
N GLY B 115 -12.26 -9.03 14.48
CA GLY B 115 -10.85 -9.17 14.00
C GLY B 115 -10.45 -7.90 13.25
N VAL B 116 -9.19 -7.72 12.99
CA VAL B 116 -8.74 -6.49 12.26
C VAL B 116 -8.07 -6.86 10.93
N PHE B 117 -8.48 -6.23 9.86
CA PHE B 117 -7.87 -6.50 8.53
C PHE B 117 -7.55 -5.18 7.83
N SER B 118 -6.54 -5.15 7.00
CA SER B 118 -6.18 -3.87 6.31
C SER B 118 -6.25 -3.98 4.79
N LEU B 119 -5.59 -4.96 4.22
CA LEU B 119 -5.59 -5.09 2.72
C LEU B 119 -7.00 -5.28 2.14
N ILE B 120 -7.60 -6.44 2.30
CA ILE B 120 -8.95 -6.74 1.70
C ILE B 120 -10.05 -5.68 2.02
N LEU B 121 -11.30 -6.10 2.20
CA LEU B 121 -12.42 -5.15 2.52
C LEU B 121 -13.80 -5.85 2.47
N PRO B 122 -14.12 -6.62 3.48
CA PRO B 122 -15.44 -7.30 3.51
C PRO B 122 -16.54 -6.29 3.84
N LEU B 123 -17.20 -5.75 2.84
CA LEU B 123 -18.29 -4.74 3.08
C LEU B 123 -19.61 -5.23 2.46
N GLN B 124 -20.70 -4.91 3.11
CA GLN B 124 -22.05 -5.35 2.60
C GLN B 124 -22.58 -4.39 1.54
N ALA B 125 -23.40 -4.76 0.56
CA ALA B 125 -23.86 -3.74 -0.43
C ALA B 125 -24.85 -2.74 0.19
N GLY B 126 -24.50 -1.48 0.20
CA GLY B 126 -25.41 -0.42 0.76
C GLY B 126 -25.10 -0.15 2.24
N ASP B 127 -24.49 -1.09 2.92
CA ASP B 127 -24.17 -0.90 4.37
C ASP B 127 -23.42 0.43 4.57
N THR B 128 -23.18 0.85 5.80
CA THR B 128 -22.47 2.16 6.01
C THR B 128 -21.39 2.04 7.08
N VAL B 129 -20.22 2.59 6.81
CA VAL B 129 -19.12 2.53 7.81
C VAL B 129 -19.02 3.84 8.59
N CYS B 130 -18.65 3.77 9.85
CA CYS B 130 -18.57 5.00 10.69
C CYS B 130 -17.32 4.94 11.58
N VAL B 131 -16.69 6.06 11.82
CA VAL B 131 -15.46 6.09 12.67
C VAL B 131 -15.80 6.39 14.13
N ASP B 132 -15.19 5.65 15.02
CA ASP B 132 -15.33 5.94 16.48
C ASP B 132 -14.10 6.80 16.79
N LEU B 133 -14.32 7.95 17.37
CA LEU B 133 -13.21 8.84 17.78
C LEU B 133 -13.45 9.30 19.22
N VAL B 134 -13.48 8.37 20.14
CA VAL B 134 -13.70 8.69 21.58
C VAL B 134 -13.16 7.53 22.42
N MET B 135 -11.96 7.61 22.93
CA MET B 135 -11.41 6.50 23.77
C MET B 135 -10.58 7.12 24.90
N GLY B 136 -11.22 7.95 25.70
CA GLY B 136 -10.52 8.65 26.81
C GLY B 136 -11.00 10.11 26.79
N GLN B 137 -11.62 10.59 27.84
CA GLN B 137 -12.10 12.00 27.84
C GLN B 137 -10.96 12.96 28.17
N LEU B 138 -10.33 12.80 29.30
CA LEU B 138 -9.20 13.69 29.68
C LEU B 138 -8.08 13.62 28.64
N ALA B 139 -8.14 14.47 27.63
CA ALA B 139 -7.09 14.45 26.57
C ALA B 139 -6.74 15.89 26.14
N HIS B 140 -6.26 16.06 24.94
CA HIS B 140 -5.89 17.43 24.46
C HIS B 140 -6.72 17.78 23.22
N SER B 141 -6.62 19.01 22.78
CA SER B 141 -7.39 19.45 21.57
C SER B 141 -6.48 19.49 20.35
N GLU B 142 -6.89 18.88 19.26
CA GLU B 142 -6.04 18.88 18.02
C GLU B 142 -6.90 18.67 16.78
N GLU B 143 -6.39 19.07 15.63
CA GLU B 143 -7.16 18.89 14.36
C GLU B 143 -6.20 18.42 13.24
N PRO B 144 -6.00 17.12 13.15
CA PRO B 144 -5.08 16.58 12.12
C PRO B 144 -5.70 16.65 10.72
N LEU B 145 -5.04 16.06 9.76
CA LEU B 145 -5.56 16.02 8.36
C LEU B 145 -5.53 14.55 7.90
N THR B 146 -6.35 14.16 6.95
CA THR B 146 -6.33 12.74 6.52
C THR B 146 -6.75 12.59 5.05
N ILE B 147 -6.12 11.70 4.34
CA ILE B 147 -6.46 11.47 2.90
C ILE B 147 -7.23 10.15 2.77
N PHE B 148 -8.38 10.18 2.16
CA PHE B 148 -9.19 8.93 2.04
C PHE B 148 -9.42 8.54 0.56
N SER B 149 -8.62 7.63 0.05
CA SER B 149 -8.81 7.19 -1.36
C SER B 149 -9.35 5.75 -1.37
N GLY B 150 -9.97 5.32 -2.44
CA GLY B 150 -10.51 3.92 -2.51
C GLY B 150 -11.04 3.74 -3.94
N ALA B 151 -10.36 2.96 -4.76
CA ALA B 151 -10.80 2.84 -6.18
C ALA B 151 -11.42 1.48 -6.54
N LEU B 152 -12.30 1.41 -7.51
CA LEU B 152 -12.91 0.09 -7.87
C LEU B 152 -11.86 -0.81 -8.56
N LEU B 153 -11.79 -2.05 -8.15
CA LEU B 153 -10.80 -2.98 -8.78
C LEU B 153 -11.53 -4.00 -9.66
N TYR B 154 -12.47 -4.71 -9.11
CA TYR B 154 -13.26 -5.71 -9.88
C TYR B 154 -14.69 -5.72 -9.33
N GLY B 155 -15.70 -5.90 -10.14
CA GLY B 155 -17.11 -5.93 -9.61
C GLY B 155 -17.65 -7.34 -9.77
N ASP B 156 -18.72 -7.69 -9.08
CA ASP B 156 -19.29 -9.07 -9.22
C ASP B 156 -20.05 -9.16 -10.56
N PRO B 157 -19.54 -9.96 -11.48
CA PRO B 157 -20.19 -10.11 -12.79
C PRO B 157 -21.23 -11.24 -12.79
N GLU B 158 -22.33 -11.02 -12.10
CA GLU B 158 -23.41 -12.07 -11.97
C GLU B 158 -22.86 -13.23 -11.14
N LEU B 159 -21.99 -14.02 -11.71
CA LEU B 159 -21.40 -15.19 -10.98
C LEU B 159 -22.48 -16.06 -10.34
N GLU B 160 -23.71 -15.99 -10.79
CA GLU B 160 -24.78 -16.85 -10.18
C GLU B 160 -24.93 -18.14 -10.98
N HIS B 161 -25.47 -19.17 -10.37
CA HIS B 161 -25.64 -20.46 -11.08
C HIS B 161 -26.90 -21.19 -10.58
N ALA B 162 -28.03 -20.99 -11.22
CA ALA B 162 -29.29 -21.67 -10.76
C ALA B 162 -29.07 -23.18 -10.62
N PRO C 13 -7.34 -3.64 -26.87
CA PRO C 13 -5.90 -4.03 -26.97
C PRO C 13 -5.36 -4.33 -25.57
N VAL C 14 -4.14 -4.79 -25.49
CA VAL C 14 -3.54 -5.12 -24.14
C VAL C 14 -2.15 -4.48 -24.02
N PRO C 15 -2.06 -3.40 -23.28
CA PRO C 15 -0.76 -2.70 -23.10
C PRO C 15 0.19 -3.54 -22.21
N GLN C 16 -0.34 -4.44 -21.41
CA GLN C 16 0.49 -5.33 -20.51
C GLN C 16 1.82 -4.67 -20.09
N VAL C 17 1.78 -3.65 -19.27
CA VAL C 17 3.06 -2.97 -18.86
C VAL C 17 3.27 -3.03 -17.35
N ALA C 18 4.48 -3.35 -16.94
CA ALA C 18 4.81 -3.36 -15.49
C ALA C 18 6.05 -2.50 -15.34
N PHE C 19 6.33 -1.90 -14.21
CA PHE C 19 7.58 -1.09 -14.10
C PHE C 19 7.94 -0.95 -12.62
N SER C 20 9.15 -1.27 -12.27
CA SER C 20 9.59 -1.18 -10.84
C SER C 20 11.07 -1.54 -10.78
N ALA C 21 11.88 -0.78 -10.08
CA ALA C 21 13.34 -1.12 -9.99
C ALA C 21 13.78 -1.09 -8.53
N ALA C 22 14.84 -1.79 -8.22
CA ALA C 22 15.33 -1.83 -6.80
C ALA C 22 16.77 -1.33 -6.70
N LEU C 23 17.06 -0.58 -5.66
CA LEU C 23 18.45 -0.05 -5.49
C LEU C 23 19.10 -0.68 -4.24
N SER C 24 20.35 -1.06 -4.36
CA SER C 24 21.06 -1.67 -3.19
C SER C 24 22.59 -1.44 -3.28
N LEU C 25 23.02 -0.47 -4.07
CA LEU C 25 24.50 -0.16 -4.25
C LEU C 25 25.33 -0.39 -2.95
N PRO C 26 26.62 -0.52 -3.10
CA PRO C 26 27.52 -0.78 -1.93
C PRO C 26 27.49 0.34 -0.88
N ARG C 27 28.32 1.36 -1.01
CA ARG C 27 28.35 2.44 0.03
C ARG C 27 28.29 3.84 -0.62
N SER C 28 29.01 4.82 -0.08
CA SER C 28 29.00 6.23 -0.62
C SER C 28 28.94 6.25 -2.16
N GLU C 29 28.04 7.01 -2.71
CA GLU C 29 27.97 7.13 -4.19
C GLU C 29 28.59 8.48 -4.60
N PRO C 30 29.01 8.60 -5.83
CA PRO C 30 29.63 9.87 -6.29
C PRO C 30 28.57 10.98 -6.40
N GLY C 31 27.30 10.62 -6.35
CA GLY C 31 26.23 11.64 -6.43
C GLY C 31 24.87 10.95 -6.26
N THR C 32 23.90 11.30 -7.06
CA THR C 32 22.56 10.65 -6.92
C THR C 32 22.64 9.18 -7.35
N VAL C 33 21.74 8.37 -6.85
CA VAL C 33 21.82 6.91 -7.14
C VAL C 33 20.86 6.46 -8.25
N PRO C 34 21.35 5.59 -9.13
CA PRO C 34 20.51 5.05 -10.23
C PRO C 34 19.82 3.75 -9.75
N PHE C 35 19.59 2.78 -10.61
CA PHE C 35 18.92 1.52 -10.14
C PHE C 35 19.40 0.33 -10.98
N ASP C 36 19.92 -0.71 -10.36
CA ASP C 36 20.44 -1.87 -11.16
C ASP C 36 19.59 -3.14 -10.99
N ARG C 37 18.57 -3.13 -10.14
CA ARG C 37 17.75 -4.36 -9.96
C ARG C 37 16.56 -4.38 -10.92
N VAL C 38 16.71 -4.90 -12.11
CA VAL C 38 15.55 -4.93 -13.05
C VAL C 38 14.54 -5.97 -12.59
N LEU C 39 13.51 -5.56 -11.88
CA LEU C 39 12.50 -6.53 -11.38
C LEU C 39 11.43 -6.78 -12.45
N LEU C 40 10.92 -5.72 -13.05
CA LEU C 40 9.87 -5.90 -14.12
C LEU C 40 9.60 -4.53 -14.77
N ASN C 41 10.14 -4.30 -15.94
CA ASN C 41 9.96 -2.98 -16.64
C ASN C 41 10.76 -3.00 -17.94
N ASP C 42 10.21 -3.57 -18.98
CA ASP C 42 10.97 -3.64 -20.27
C ASP C 42 11.21 -2.24 -20.85
N GLY C 43 10.20 -1.42 -20.90
CA GLY C 43 10.36 -0.05 -21.48
C GLY C 43 11.17 0.88 -20.56
N GLY C 44 11.15 0.64 -19.26
CA GLY C 44 11.90 1.56 -18.34
C GLY C 44 11.04 2.81 -18.10
N TYR C 45 10.77 3.53 -19.16
CA TYR C 45 9.89 4.75 -19.11
C TYR C 45 10.40 5.86 -18.18
N TYR C 46 10.47 5.64 -16.89
CA TYR C 46 10.88 6.76 -15.98
C TYR C 46 12.27 6.57 -15.33
N ASP C 47 13.24 7.33 -15.79
CA ASP C 47 14.62 7.22 -15.22
C ASP C 47 14.66 7.87 -13.83
N PRO C 48 14.96 7.08 -12.81
CA PRO C 48 15.02 7.62 -11.41
C PRO C 48 16.32 8.41 -11.15
N GLU C 49 17.19 8.54 -12.12
CA GLU C 49 18.43 9.33 -11.92
C GLU C 49 18.00 10.79 -11.91
N THR C 50 17.30 11.17 -12.94
CA THR C 50 16.75 12.54 -13.04
C THR C 50 15.25 12.52 -12.65
N GLY C 51 14.63 11.36 -12.71
CA GLY C 51 13.19 11.27 -12.34
C GLY C 51 12.30 11.70 -13.49
N VAL C 52 12.86 11.78 -14.69
CA VAL C 52 12.02 12.21 -15.84
C VAL C 52 11.09 11.07 -16.23
N PHE C 53 9.92 11.08 -15.66
CA PHE C 53 8.91 10.00 -15.91
C PHE C 53 8.05 10.31 -17.12
N THR C 54 8.27 9.64 -18.22
CA THR C 54 7.41 9.86 -19.43
C THR C 54 6.42 8.70 -19.50
N ALA C 55 5.20 8.92 -19.05
CA ALA C 55 4.20 7.81 -19.02
C ALA C 55 3.22 7.78 -20.22
N PRO C 56 3.47 6.91 -21.18
CA PRO C 56 2.54 6.75 -22.31
C PRO C 56 1.37 5.84 -21.88
N LEU C 57 1.53 5.13 -20.77
CA LEU C 57 0.48 4.17 -20.28
C LEU C 57 -0.96 4.67 -20.51
N ALA C 58 -1.27 5.90 -20.13
CA ALA C 58 -2.64 6.43 -20.33
C ALA C 58 -3.68 5.47 -19.73
N GLY C 59 -4.12 5.73 -18.53
CA GLY C 59 -5.10 4.86 -17.86
C GLY C 59 -4.99 5.13 -16.36
N ARG C 60 -5.34 4.16 -15.57
CA ARG C 60 -5.23 4.31 -14.10
C ARG C 60 -4.24 3.28 -13.56
N TYR C 61 -3.21 3.68 -12.87
CA TYR C 61 -2.23 2.68 -12.33
C TYR C 61 -1.90 2.95 -10.87
N LEU C 62 -1.48 1.93 -10.15
CA LEU C 62 -1.14 2.11 -8.72
C LEU C 62 0.39 2.26 -8.57
N LEU C 63 0.83 3.43 -8.18
CA LEU C 63 2.31 3.66 -8.02
C LEU C 63 2.62 3.96 -6.55
N SER C 64 3.75 3.52 -6.07
CA SER C 64 4.11 3.76 -4.64
C SER C 64 5.60 4.05 -4.48
N ALA C 65 5.93 5.17 -3.87
CA ALA C 65 7.36 5.53 -3.64
C ALA C 65 7.71 5.22 -2.19
N VAL C 66 8.94 4.84 -1.92
CA VAL C 66 9.33 4.51 -0.52
C VAL C 66 9.89 5.74 0.21
N LEU C 67 9.27 6.13 1.30
CA LEU C 67 9.71 7.38 2.00
C LEU C 67 10.75 7.14 3.10
N THR C 68 11.95 7.63 2.89
CA THR C 68 13.01 7.50 3.93
C THR C 68 12.54 8.26 5.17
N GLY C 69 12.79 7.73 6.34
CA GLY C 69 12.34 8.42 7.59
C GLY C 69 13.00 9.79 7.71
N HIS C 70 14.30 9.84 7.85
CA HIS C 70 15.02 11.17 7.97
C HIS C 70 14.29 12.11 8.95
N ARG C 71 14.27 11.75 10.20
CA ARG C 71 13.57 12.60 11.22
C ARG C 71 14.29 13.95 11.42
N HIS C 72 15.46 14.13 10.84
CA HIS C 72 16.20 15.43 11.00
C HIS C 72 15.42 16.63 10.40
N GLU C 73 14.20 16.49 9.90
CA GLU C 73 13.39 17.64 9.32
C GLU C 73 13.64 17.80 7.81
N LYS C 74 13.46 19.01 7.28
CA LYS C 74 13.61 19.30 5.79
C LYS C 74 12.25 19.06 5.13
N VAL C 75 12.01 19.56 3.93
CA VAL C 75 10.68 19.33 3.29
C VAL C 75 10.84 18.64 1.93
N GLU C 76 10.35 17.44 1.83
CA GLU C 76 10.39 16.70 0.54
C GLU C 76 8.98 16.69 -0.05
N ALA C 77 8.86 17.04 -1.31
CA ALA C 77 7.54 17.05 -2.01
C ALA C 77 7.82 16.93 -3.50
N VAL C 78 7.30 15.90 -4.12
CA VAL C 78 7.54 15.70 -5.59
C VAL C 78 6.60 16.58 -6.43
N LEU C 79 7.13 17.29 -7.40
CA LEU C 79 6.26 18.14 -8.27
C LEU C 79 5.33 17.24 -9.09
N SER C 80 4.22 17.76 -9.54
CA SER C 80 3.30 16.95 -10.40
C SER C 80 3.03 17.74 -11.68
N ARG C 81 3.04 17.12 -12.83
CA ARG C 81 2.80 17.89 -14.10
C ARG C 81 1.40 18.51 -14.13
N SER C 82 1.24 19.61 -14.88
CA SER C 82 -0.09 20.35 -15.03
C SER C 82 -0.34 21.32 -13.86
N ASN C 83 0.12 21.04 -12.67
CA ASN C 83 -0.14 21.97 -11.53
C ASN C 83 1.16 22.47 -10.90
N GLN C 84 2.28 21.79 -11.05
CA GLN C 84 3.53 22.23 -10.31
C GLN C 84 3.24 21.96 -8.82
N GLY C 85 4.17 21.96 -7.86
CA GLY C 85 3.73 21.64 -6.45
C GLY C 85 3.00 20.28 -6.50
N VAL C 86 1.77 20.23 -6.00
CA VAL C 86 1.01 18.94 -5.98
C VAL C 86 1.89 17.83 -5.37
N ALA C 87 1.78 17.60 -4.09
CA ALA C 87 2.63 16.55 -3.46
C ALA C 87 1.89 15.21 -3.38
N ARG C 88 2.09 14.34 -4.34
CA ARG C 88 1.45 13.00 -4.25
C ARG C 88 2.32 12.19 -3.29
N VAL C 89 3.62 12.33 -3.44
CA VAL C 89 4.57 11.68 -2.51
C VAL C 89 5.00 12.78 -1.53
N ASP C 90 4.14 13.11 -0.60
CA ASP C 90 4.41 14.22 0.35
C ASP C 90 5.13 13.76 1.62
N SER C 91 6.11 14.51 2.03
CA SER C 91 6.87 14.21 3.27
C SER C 91 7.29 15.54 3.89
N GLY C 92 6.61 15.95 4.93
CA GLY C 92 6.95 17.24 5.59
C GLY C 92 7.58 16.97 6.95
N GLY C 93 8.86 16.71 6.97
CA GLY C 93 9.55 16.43 8.27
C GLY C 93 9.97 17.75 8.91
N THR C 113 -6.41 24.52 -5.13
CA THR C 113 -5.77 24.13 -6.41
C THR C 113 -4.63 23.13 -6.16
N LEU C 114 -4.03 23.19 -4.99
CA LEU C 114 -2.91 22.25 -4.67
C LEU C 114 -3.32 21.29 -3.56
N GLY C 115 -3.13 20.01 -3.77
CA GLY C 115 -3.49 19.00 -2.74
C GLY C 115 -2.59 17.78 -2.87
N VAL C 116 -2.63 16.88 -1.92
CA VAL C 116 -1.76 15.68 -1.99
C VAL C 116 -2.59 14.39 -2.07
N PHE C 117 -2.22 13.49 -2.94
CA PHE C 117 -2.96 12.20 -3.07
C PHE C 117 -1.96 11.04 -3.15
N SER C 118 -2.36 9.86 -2.72
CA SER C 118 -1.41 8.71 -2.76
C SER C 118 -1.93 7.57 -3.66
N LEU C 119 -3.13 7.09 -3.41
CA LEU C 119 -3.67 5.96 -4.22
C LEU C 119 -3.82 6.36 -5.71
N ILE C 120 -4.85 7.11 -6.04
CA ILE C 120 -5.14 7.51 -7.46
C ILE C 120 -3.93 8.08 -8.25
N LEU C 121 -4.17 8.95 -9.22
CA LEU C 121 -3.05 9.54 -10.05
C LEU C 121 -3.58 10.33 -11.27
N PRO C 122 -3.83 11.61 -11.10
CA PRO C 122 -4.31 12.43 -12.23
C PRO C 122 -3.11 12.91 -13.06
N LEU C 123 -2.76 12.21 -14.11
CA LEU C 123 -1.59 12.63 -14.95
C LEU C 123 -2.01 12.76 -16.43
N GLN C 124 -1.34 13.63 -17.15
CA GLN C 124 -1.68 13.86 -18.59
C GLN C 124 -1.03 12.80 -19.49
N ALA C 125 -1.55 12.41 -20.63
CA ALA C 125 -0.82 11.36 -21.42
C ALA C 125 0.54 11.90 -21.93
N GLY C 126 1.61 11.29 -21.50
CA GLY C 126 2.98 11.72 -21.95
C GLY C 126 3.59 12.74 -20.98
N ASP C 127 2.77 13.38 -20.17
CA ASP C 127 3.31 14.39 -19.20
C ASP C 127 4.44 13.79 -18.37
N THR C 128 5.14 14.58 -17.58
CA THR C 128 6.28 14.01 -16.79
C THR C 128 6.31 14.52 -15.35
N VAL C 129 6.64 13.65 -14.43
CA VAL C 129 6.69 14.05 -12.99
C VAL C 129 8.14 14.28 -12.54
N CYS C 130 8.36 15.23 -11.67
CA CYS C 130 9.75 15.54 -11.20
C CYS C 130 9.74 15.78 -9.69
N VAL C 131 10.78 15.37 -9.00
CA VAL C 131 10.83 15.56 -7.52
C VAL C 131 11.49 16.89 -7.16
N ASP C 132 10.91 17.57 -6.20
CA ASP C 132 11.55 18.81 -5.66
C ASP C 132 12.38 18.29 -4.48
N LEU C 133 13.65 18.59 -4.49
CA LEU C 133 14.54 18.18 -3.36
C LEU C 133 15.40 19.39 -2.95
N VAL C 134 14.77 20.47 -2.60
CA VAL C 134 15.51 21.71 -2.17
C VAL C 134 14.56 22.57 -1.34
N MET C 135 14.59 22.49 -0.03
CA MET C 135 13.69 23.34 0.80
C MET C 135 14.46 23.77 2.05
N GLY C 136 15.55 24.46 1.86
CA GLY C 136 16.41 24.91 2.99
C GLY C 136 17.85 24.59 2.61
N GLN C 137 18.71 25.58 2.52
CA GLN C 137 20.14 25.31 2.14
C GLN C 137 20.94 24.86 3.36
N LEU C 138 20.99 25.66 4.39
CA LEU C 138 21.76 25.28 5.61
C LEU C 138 21.23 23.97 6.20
N ALA C 139 21.76 22.85 5.76
CA ALA C 139 21.30 21.54 6.28
C ALA C 139 22.47 20.58 6.43
N HIS C 140 22.24 19.28 6.33
CA HIS C 140 23.35 18.30 6.46
C HIS C 140 23.52 17.52 5.15
N SER C 141 24.61 16.80 5.02
CA SER C 141 24.85 16.02 3.77
C SER C 141 24.55 14.54 4.01
N GLU C 142 23.77 13.93 3.14
CA GLU C 142 23.44 12.48 3.32
C GLU C 142 23.06 11.84 1.98
N GLU C 143 23.16 10.54 1.89
CA GLU C 143 22.80 9.83 0.62
C GLU C 143 22.03 8.53 0.94
N PRO C 144 20.73 8.65 1.10
CA PRO C 144 19.90 7.48 1.43
C PRO C 144 19.68 6.58 0.21
N LEU C 145 18.81 5.62 0.34
CA LEU C 145 18.46 4.70 -0.78
C LEU C 145 16.95 4.77 -0.99
N THR C 146 16.43 4.45 -2.16
CA THR C 146 14.96 4.52 -2.36
C THR C 146 14.48 3.49 -3.39
N ILE C 147 13.34 2.89 -3.14
CA ILE C 147 12.79 1.88 -4.10
C ILE C 147 11.60 2.49 -4.85
N PHE C 148 11.61 2.42 -6.16
CA PHE C 148 10.48 3.04 -6.93
C PHE C 148 9.71 1.98 -7.74
N SER C 149 8.64 1.48 -7.19
CA SER C 149 7.82 0.47 -7.93
C SER C 149 6.51 1.11 -8.39
N GLY C 150 5.87 0.57 -9.40
CA GLY C 150 4.59 1.15 -9.90
C GLY C 150 4.02 0.15 -10.92
N ALA C 151 2.90 -0.44 -10.65
CA ALA C 151 2.38 -1.49 -11.59
C ALA C 151 1.13 -1.06 -12.38
N LEU C 152 0.93 -1.58 -13.57
CA LEU C 152 -0.29 -1.16 -14.35
C LEU C 152 -1.52 -1.85 -13.77
N LEU C 153 -2.60 -1.13 -13.61
CA LEU C 153 -3.84 -1.73 -13.04
C LEU C 153 -4.89 -1.93 -14.14
N TYR C 154 -5.34 -0.85 -14.74
CA TYR C 154 -6.35 -0.94 -15.84
C TYR C 154 -6.03 0.16 -16.86
N GLY C 155 -6.27 -0.05 -18.13
CA GLY C 155 -5.98 1.03 -19.13
C GLY C 155 -7.32 1.51 -19.69
N ASP C 156 -7.36 2.66 -20.32
CA ASP C 156 -8.64 3.15 -20.90
C ASP C 156 -8.97 2.36 -22.18
N PRO C 157 -10.02 1.57 -22.14
CA PRO C 157 -10.38 0.76 -23.32
C PRO C 157 -11.34 1.53 -24.25
N GLU C 158 -10.82 2.52 -24.93
CA GLU C 158 -11.64 3.40 -25.84
C GLU C 158 -12.61 4.20 -24.98
N LEU C 159 -13.63 3.56 -24.48
CA LEU C 159 -14.66 4.27 -23.63
C LEU C 159 -15.17 5.54 -24.31
N GLU C 160 -15.05 5.66 -25.61
CA GLU C 160 -15.55 6.89 -26.30
C GLU C 160 -16.99 6.67 -26.80
N HIS C 161 -17.73 7.72 -27.00
CA HIS C 161 -19.13 7.59 -27.49
C HIS C 161 -19.50 8.76 -28.38
N ALA C 162 -19.32 8.64 -29.69
CA ALA C 162 -19.66 9.77 -30.62
C ALA C 162 -21.09 10.25 -30.37
N PRO A 13 -8.29 -20.33 -17.80
CA PRO A 13 -8.99 -20.78 -16.58
C PRO A 13 -8.94 -19.68 -15.51
N VAL A 14 -9.58 -19.88 -14.39
CA VAL A 14 -9.56 -18.84 -13.33
C VAL A 14 -9.29 -19.51 -11.95
N PRO A 15 -8.08 -19.37 -11.46
CA PRO A 15 -7.73 -19.98 -10.15
C PRO A 15 -8.43 -19.25 -8.99
N GLN A 16 -8.90 -18.03 -9.22
CA GLN A 16 -9.62 -17.22 -8.16
C GLN A 16 -9.19 -17.59 -6.73
N VAL A 17 -7.97 -17.27 -6.35
CA VAL A 17 -7.50 -17.63 -4.97
C VAL A 17 -7.13 -16.38 -4.17
N ALA A 18 -7.55 -16.34 -2.92
CA ALA A 18 -7.18 -15.20 -2.04
C ALA A 18 -6.57 -15.83 -0.79
N PHE A 19 -5.75 -15.15 -0.02
CA PHE A 19 -5.19 -15.79 1.19
C PHE A 19 -4.73 -14.70 2.16
N SER A 20 -5.14 -14.78 3.41
CA SER A 20 -4.76 -13.76 4.41
C SER A 20 -5.29 -14.21 5.77
N ALA A 21 -4.48 -14.14 6.81
CA ALA A 21 -4.97 -14.57 8.15
C ALA A 21 -4.58 -13.53 9.20
N ALA A 22 -5.30 -13.47 10.29
CA ALA A 22 -4.98 -12.45 11.33
C ALA A 22 -4.69 -13.12 12.69
N LEU A 23 -3.74 -12.60 13.41
CA LEU A 23 -3.39 -13.18 14.73
C LEU A 23 -3.79 -12.21 15.85
N SER A 24 -4.36 -12.72 16.92
CA SER A 24 -4.77 -11.83 18.05
C SER A 24 -4.86 -12.61 19.38
N LEU A 25 -4.28 -13.79 19.46
CA LEU A 25 -4.32 -14.63 20.74
C LEU A 25 -4.29 -13.76 22.03
N PRO A 26 -4.72 -14.35 23.13
CA PRO A 26 -4.77 -13.59 24.42
C PRO A 26 -3.39 -13.08 24.90
N ARG A 27 -2.65 -13.87 25.65
CA ARG A 27 -1.34 -13.36 26.17
C ARG A 27 -0.19 -14.34 25.87
N SER A 28 0.76 -14.49 26.79
CA SER A 28 1.95 -15.42 26.58
C SER A 28 1.56 -16.70 25.84
N GLU A 29 2.25 -17.00 24.76
CA GLU A 29 1.96 -18.26 24.02
C GLU A 29 3.01 -19.32 24.43
N PRO A 30 2.69 -20.57 24.22
CA PRO A 30 3.64 -21.65 24.60
C PRO A 30 4.85 -21.68 23.66
N GLY A 31 4.77 -21.01 22.54
CA GLY A 31 5.93 -20.98 21.59
C GLY A 31 5.59 -20.08 20.41
N THR A 32 5.90 -20.52 19.21
CA THR A 32 5.59 -19.67 18.02
C THR A 32 4.09 -19.51 17.85
N VAL A 33 3.66 -18.46 17.19
CA VAL A 33 2.20 -18.18 17.10
C VAL A 33 1.56 -18.64 15.77
N PRO A 34 0.39 -19.24 15.87
CA PRO A 34 -0.35 -19.70 14.66
C PRO A 34 -1.31 -18.58 14.19
N PHE A 35 -2.43 -18.91 13.58
CA PHE A 35 -3.39 -17.85 13.14
C PHE A 35 -4.83 -18.40 13.15
N ASP A 36 -5.73 -17.77 13.86
CA ASP A 36 -7.14 -18.30 13.91
C ASP A 36 -8.15 -17.36 13.23
N ARG A 37 -7.73 -16.22 12.73
CA ARG A 37 -8.71 -15.31 12.06
C ARG A 37 -8.80 -15.62 10.56
N VAL A 38 -9.67 -16.51 10.16
CA VAL A 38 -9.77 -16.83 8.70
C VAL A 38 -10.44 -15.67 7.95
N LEU A 39 -9.66 -14.81 7.35
CA LEU A 39 -10.25 -13.66 6.61
C LEU A 39 -10.66 -14.09 5.20
N LEU A 40 -9.79 -14.78 4.51
CA LEU A 40 -10.12 -15.26 3.12
C LEU A 40 -8.98 -16.14 2.62
N ASN A 41 -9.14 -17.44 2.62
CA ASN A 41 -8.05 -18.37 2.16
C ASN A 41 -8.51 -19.82 2.28
N ASP A 42 -9.26 -20.30 1.32
CA ASP A 42 -9.74 -21.71 1.42
C ASP A 42 -8.57 -22.71 1.30
N GLY A 43 -7.72 -22.53 0.32
CA GLY A 43 -6.57 -23.47 0.13
C GLY A 43 -5.49 -23.27 1.19
N GLY A 44 -5.37 -22.10 1.77
CA GLY A 44 -4.29 -21.87 2.78
C GLY A 44 -3.00 -21.54 2.03
N TYR A 45 -2.55 -22.47 1.22
CA TYR A 45 -1.31 -22.28 0.38
C TYR A 45 -0.02 -22.02 1.19
N TYR A 46 0.06 -20.95 1.93
CA TYR A 46 1.35 -20.66 2.65
C TYR A 46 1.26 -20.79 4.19
N ASP A 47 1.87 -21.81 4.72
CA ASP A 47 1.85 -22.03 6.20
C ASP A 47 2.59 -20.89 6.92
N PRO A 48 1.87 -20.09 7.70
CA PRO A 48 2.49 -18.94 8.43
C PRO A 48 3.31 -19.42 9.66
N GLU A 49 3.35 -20.71 9.92
CA GLU A 49 4.16 -21.19 11.08
C GLU A 49 5.62 -21.17 10.65
N THR A 50 5.95 -21.98 9.69
CA THR A 50 7.34 -22.00 9.15
C THR A 50 7.40 -21.04 7.95
N GLY A 51 6.28 -20.67 7.37
CA GLY A 51 6.29 -19.72 6.22
C GLY A 51 6.55 -20.43 4.89
N VAL A 52 6.33 -21.72 4.85
CA VAL A 52 6.61 -22.43 3.56
C VAL A 52 5.48 -22.06 2.57
N PHE A 53 5.72 -21.02 1.81
CA PHE A 53 4.70 -20.51 0.86
C PHE A 53 4.84 -21.15 -0.52
N THR A 54 3.95 -22.06 -0.86
CA THR A 54 4.00 -22.69 -2.22
C THR A 54 3.02 -21.93 -3.11
N ALA A 55 3.51 -21.03 -3.94
CA ALA A 55 2.59 -20.20 -4.78
C ALA A 55 2.44 -20.71 -6.23
N PRO A 56 1.28 -21.29 -6.53
CA PRO A 56 0.99 -21.74 -7.92
C PRO A 56 0.34 -20.59 -8.70
N LEU A 57 -0.10 -19.55 -8.02
CA LEU A 57 -0.82 -18.40 -8.68
C LEU A 57 -0.29 -18.06 -10.09
N ALA A 58 1.00 -17.89 -10.24
CA ALA A 58 1.56 -17.55 -11.60
C ALA A 58 0.83 -16.35 -12.20
N GLY A 59 1.37 -15.18 -12.04
CA GLY A 59 0.73 -13.95 -12.56
C GLY A 59 1.24 -12.78 -11.73
N ARG A 60 0.44 -11.77 -11.58
CA ARG A 60 0.83 -10.60 -10.74
C ARG A 60 -0.08 -10.59 -9.51
N TYR A 61 0.48 -10.54 -8.32
CA TYR A 61 -0.39 -10.54 -7.10
C TYR A 61 0.03 -9.42 -6.13
N LEU A 62 -0.88 -8.97 -5.31
CA LEU A 62 -0.56 -7.88 -4.35
C LEU A 62 -0.19 -8.47 -2.99
N LEU A 63 1.04 -8.29 -2.58
CA LEU A 63 1.51 -8.84 -1.27
C LEU A 63 1.73 -7.72 -0.26
N SER A 64 1.40 -7.96 0.99
CA SER A 64 1.58 -6.92 2.04
C SER A 64 1.91 -7.56 3.39
N ALA A 65 3.09 -7.29 3.89
CA ALA A 65 3.50 -7.85 5.21
C ALA A 65 3.49 -6.73 6.25
N VAL A 66 3.17 -7.04 7.48
CA VAL A 66 3.13 -5.98 8.53
C VAL A 66 4.44 -5.93 9.33
N LEU A 67 5.13 -4.83 9.31
CA LEU A 67 6.46 -4.75 9.98
C LEU A 67 6.41 -4.21 11.42
N THR A 68 6.68 -5.07 12.37
CA THR A 68 6.72 -4.61 13.80
C THR A 68 7.89 -3.64 13.94
N GLY A 69 7.71 -2.59 14.69
CA GLY A 69 8.80 -1.59 14.86
C GLY A 69 10.01 -2.23 15.58
N HIS A 70 9.86 -2.59 16.83
CA HIS A 70 10.99 -3.23 17.60
C HIS A 70 12.30 -2.44 17.39
N ARG A 71 12.35 -1.23 17.89
CA ARG A 71 13.58 -0.40 17.72
C ARG A 71 14.77 -0.94 18.55
N HIS A 72 14.56 -1.96 19.34
CA HIS A 72 15.68 -2.53 20.17
C HIS A 72 16.85 -3.09 19.32
N GLU A 73 16.82 -2.97 17.99
CA GLU A 73 17.94 -3.46 17.08
C GLU A 73 17.69 -4.89 16.55
N LYS A 74 18.74 -5.52 16.04
CA LYS A 74 18.67 -6.90 15.41
C LYS A 74 18.34 -6.73 13.92
N VAL A 75 18.58 -7.73 13.10
CA VAL A 75 18.29 -7.56 11.64
C VAL A 75 17.30 -8.63 11.16
N GLU A 76 16.14 -8.20 10.74
CA GLU A 76 15.13 -9.17 10.20
C GLU A 76 15.12 -9.00 8.67
N ALA A 77 15.18 -10.11 7.96
CA ALA A 77 15.15 -10.10 6.46
C ALA A 77 14.64 -11.47 6.04
N VAL A 78 13.56 -11.49 5.31
CA VAL A 78 12.98 -12.80 4.85
C VAL A 78 13.73 -13.30 3.59
N LEU A 79 14.11 -14.56 3.58
CA LEU A 79 14.81 -15.12 2.37
C LEU A 79 13.82 -15.13 1.20
N SER A 80 14.34 -15.11 -0.01
CA SER A 80 13.45 -15.18 -1.21
C SER A 80 13.89 -16.39 -2.05
N ARG A 81 12.98 -17.17 -2.57
CA ARG A 81 13.42 -18.36 -3.38
C ARG A 81 14.17 -17.94 -4.65
N SER A 82 15.03 -18.81 -5.15
CA SER A 82 15.86 -18.58 -6.40
C SER A 82 17.14 -17.77 -6.11
N ASN A 83 17.12 -16.87 -5.17
CA ASN A 83 18.35 -16.06 -4.88
C ASN A 83 18.81 -16.22 -3.43
N GLN A 84 17.98 -16.64 -2.50
CA GLN A 84 18.40 -16.66 -1.04
C GLN A 84 18.59 -15.18 -0.64
N GLY A 85 18.72 -14.78 0.63
CA GLY A 85 18.84 -13.29 0.89
C GLY A 85 17.65 -12.61 0.21
N VAL A 86 17.88 -11.63 -0.64
CA VAL A 86 16.76 -10.89 -1.30
C VAL A 86 15.77 -10.41 -0.22
N ALA A 87 15.91 -9.19 0.24
CA ALA A 87 15.00 -8.70 1.30
C ALA A 87 13.78 -8.00 0.70
N ARG A 88 12.70 -8.72 0.49
CA ARG A 88 11.46 -8.07 -0.01
C ARG A 88 10.75 -7.53 1.24
N VAL A 89 10.73 -8.32 2.28
CA VAL A 89 10.17 -7.88 3.58
C VAL A 89 11.38 -7.58 4.47
N ASP A 90 12.09 -6.53 4.15
CA ASP A 90 13.33 -6.19 4.90
C ASP A 90 13.04 -5.26 6.08
N SER A 91 13.66 -5.57 7.20
CA SER A 91 13.50 -4.74 8.42
C SER A 91 14.82 -4.76 9.18
N GLY A 92 15.57 -3.70 9.10
CA GLY A 92 16.88 -3.64 9.82
C GLY A 92 16.78 -2.62 10.95
N GLY A 93 16.37 -3.06 12.10
CA GLY A 93 16.24 -2.11 13.25
C GLY A 93 17.59 -1.96 13.95
N THR A 113 22.79 -8.98 -8.14
CA THR A 113 22.02 -10.24 -7.98
C THR A 113 21.09 -10.14 -6.77
N LEU A 114 21.45 -9.37 -5.79
CA LEU A 114 20.60 -9.22 -4.58
C LEU A 114 20.02 -7.81 -4.49
N GLY A 115 18.72 -7.69 -4.30
CA GLY A 115 18.09 -6.35 -4.20
C GLY A 115 16.85 -6.46 -3.33
N VAL A 116 16.29 -5.34 -2.93
CA VAL A 116 15.06 -5.38 -2.06
C VAL A 116 13.88 -4.69 -2.75
N PHE A 117 12.76 -5.36 -2.79
CA PHE A 117 11.54 -4.77 -3.43
C PHE A 117 10.34 -4.94 -2.50
N SER A 118 9.40 -4.03 -2.54
CA SER A 118 8.22 -4.14 -1.62
C SER A 118 6.90 -4.23 -2.40
N LEU A 119 6.65 -3.31 -3.29
CA LEU A 119 5.35 -3.32 -4.04
C LEU A 119 5.17 -4.60 -4.88
N ILE A 120 5.87 -4.74 -5.99
CA ILE A 120 5.70 -5.92 -6.91
C ILE A 120 5.84 -7.30 -6.20
N LEU A 121 6.43 -8.29 -6.87
CA LEU A 121 6.62 -9.66 -6.25
C LEU A 121 7.12 -10.69 -7.29
N PRO A 122 8.39 -10.66 -7.59
CA PRO A 122 8.95 -11.65 -8.56
C PRO A 122 9.04 -13.03 -7.89
N LEU A 123 8.05 -13.87 -8.07
CA LEU A 123 8.09 -15.24 -7.44
C LEU A 123 7.96 -16.32 -8.51
N GLN A 124 8.62 -17.43 -8.30
CA GLN A 124 8.58 -18.55 -9.31
C GLN A 124 7.36 -19.46 -9.09
N ALA A 125 6.79 -20.13 -10.08
CA ALA A 125 5.59 -20.98 -9.76
C ALA A 125 5.97 -22.23 -8.93
N GLY A 126 5.41 -22.35 -7.74
CA GLY A 126 5.68 -23.55 -6.88
C GLY A 126 6.84 -23.27 -5.91
N ASP A 127 7.70 -22.35 -6.24
CA ASP A 127 8.86 -22.05 -5.34
C ASP A 127 8.37 -21.76 -3.91
N THR A 128 9.26 -21.64 -2.95
CA THR A 128 8.80 -21.42 -1.55
C THR A 128 9.61 -20.31 -0.86
N VAL A 129 8.93 -19.42 -0.17
CA VAL A 129 9.65 -18.31 0.53
C VAL A 129 9.84 -18.65 2.01
N CYS A 130 10.94 -18.23 2.59
CA CYS A 130 11.21 -18.55 4.02
C CYS A 130 11.79 -17.32 4.73
N VAL A 131 11.49 -17.13 5.99
CA VAL A 131 12.01 -15.95 6.73
C VAL A 131 13.29 -16.30 7.49
N ASP A 132 14.26 -15.43 7.43
CA ASP A 132 15.50 -15.60 8.25
C ASP A 132 15.22 -14.74 9.49
N LEU A 133 15.36 -15.35 10.64
CA LEU A 133 15.18 -14.60 11.92
C LEU A 133 16.34 -14.96 12.85
N VAL A 134 17.54 -14.65 12.43
CA VAL A 134 18.76 -14.95 13.27
C VAL A 134 19.88 -14.02 12.79
N MET A 135 20.11 -12.91 13.45
CA MET A 135 21.21 -11.99 13.02
C MET A 135 21.84 -11.40 14.28
N GLY A 136 22.33 -12.25 15.15
CA GLY A 136 22.93 -11.80 16.44
C GLY A 136 22.33 -12.68 17.53
N GLN A 137 23.13 -13.44 18.24
CA GLN A 137 22.56 -14.33 19.30
C GLN A 137 22.36 -13.57 20.62
N LEU A 138 23.31 -12.78 21.04
CA LEU A 138 23.14 -12.02 22.33
C LEU A 138 21.95 -11.07 22.21
N ALA A 139 20.78 -11.53 22.56
CA ALA A 139 19.57 -10.66 22.48
C ALA A 139 18.63 -10.93 23.66
N HIS A 140 17.37 -10.62 23.51
CA HIS A 140 16.40 -10.85 24.62
C HIS A 140 15.28 -11.79 24.16
N SER A 141 14.39 -12.15 25.05
CA SER A 141 13.27 -13.06 24.67
C SER A 141 12.00 -12.25 24.44
N GLU A 142 11.33 -12.46 23.32
CA GLU A 142 10.09 -11.70 23.03
C GLU A 142 9.20 -12.46 22.05
N GLU A 143 7.93 -12.16 22.04
CA GLU A 143 6.97 -12.86 21.11
C GLU A 143 6.00 -11.83 20.51
N PRO A 144 6.40 -11.21 19.43
CA PRO A 144 5.54 -10.19 18.78
C PRO A 144 4.34 -10.83 18.06
N LEU A 145 3.61 -10.04 17.34
CA LEU A 145 2.45 -10.54 16.55
C LEU A 145 2.61 -10.05 15.11
N THR A 146 2.05 -10.73 14.13
CA THR A 146 2.23 -10.26 12.72
C THR A 146 1.01 -10.62 11.86
N ILE A 147 0.62 -9.73 10.97
CA ILE A 147 -0.54 -10.02 10.08
C ILE A 147 -0.03 -10.26 8.66
N PHE A 148 -0.43 -11.35 8.06
CA PHE A 148 0.07 -11.66 6.67
C PHE A 148 -1.07 -11.81 5.67
N SER A 149 -1.36 -10.75 4.94
CA SER A 149 -2.45 -10.83 3.90
C SER A 149 -1.81 -10.81 2.51
N GLY A 150 -2.49 -11.29 1.49
CA GLY A 150 -1.92 -11.29 0.11
C GLY A 150 -3.04 -11.76 -0.82
N ALA A 151 -3.58 -10.88 -1.63
CA ALA A 151 -4.75 -11.28 -2.49
C ALA A 151 -4.41 -11.39 -3.98
N LEU A 152 -5.06 -12.27 -4.72
CA LEU A 152 -4.74 -12.38 -6.18
C LEU A 152 -5.22 -11.13 -6.93
N LEU A 153 -4.39 -10.60 -7.80
CA LEU A 153 -4.78 -9.39 -8.57
C LEU A 153 -5.07 -9.76 -10.02
N TYR A 154 -4.12 -10.33 -10.70
CA TYR A 154 -4.32 -10.76 -12.13
C TYR A 154 -3.52 -12.06 -12.33
N GLY A 155 -4.00 -12.98 -13.13
CA GLY A 155 -3.23 -14.24 -13.36
C GLY A 155 -2.74 -14.26 -14.80
N ASP A 156 -1.78 -15.09 -15.13
CA ASP A 156 -1.29 -15.14 -16.55
C ASP A 156 -2.30 -15.90 -17.41
N PRO A 157 -2.95 -15.20 -18.33
CA PRO A 157 -3.96 -15.85 -19.19
C PRO A 157 -3.34 -16.39 -20.48
N GLU A 158 -2.58 -17.46 -20.35
CA GLU A 158 -1.85 -18.08 -21.52
C GLU A 158 -0.77 -17.09 -21.98
N LEU A 159 -1.17 -16.03 -22.63
CA LEU A 159 -0.19 -15.01 -23.14
C LEU A 159 0.94 -15.66 -23.94
N GLU A 160 0.75 -16.86 -24.46
CA GLU A 160 1.84 -17.50 -25.26
C GLU A 160 1.62 -17.21 -26.75
N HIS A 161 2.67 -17.28 -27.53
CA HIS A 161 2.54 -17.01 -29.00
C HIS A 161 3.50 -17.90 -29.79
N ALA A 162 3.08 -19.05 -30.26
CA ALA A 162 3.99 -19.95 -31.04
C ALA A 162 4.64 -19.18 -32.20
N PRO B 13 -23.13 -5.63 -16.30
CA PRO B 13 -23.05 -4.15 -16.44
C PRO B 13 -21.71 -3.65 -15.88
N VAL B 14 -21.43 -2.38 -16.00
CA VAL B 14 -20.14 -1.84 -15.48
C VAL B 14 -20.40 -0.54 -14.69
N PRO B 15 -20.36 -0.64 -13.38
CA PRO B 15 -20.59 0.57 -12.53
C PRO B 15 -19.43 1.56 -12.64
N GLN B 16 -18.27 1.11 -13.10
CA GLN B 16 -17.05 2.01 -13.26
C GLN B 16 -17.04 3.20 -12.29
N VAL B 17 -16.85 2.94 -11.01
CA VAL B 17 -16.87 4.07 -10.02
C VAL B 17 -15.53 4.17 -9.29
N ALA B 18 -15.04 5.38 -9.13
CA ALA B 18 -13.78 5.58 -8.37
C ALA B 18 -14.09 6.64 -7.32
N PHE B 19 -13.39 6.74 -6.22
CA PHE B 19 -13.72 7.80 -5.23
C PHE B 19 -12.50 8.07 -4.36
N SER B 20 -12.13 9.31 -4.21
CA SER B 20 -10.93 9.66 -3.39
C SER B 20 -10.84 11.18 -3.31
N ALA B 21 -10.62 11.74 -2.14
CA ALA B 21 -10.52 13.23 -2.02
C ALA B 21 -9.29 13.59 -1.18
N ALA B 22 -8.78 14.78 -1.36
CA ALA B 22 -7.58 15.20 -0.58
C ALA B 22 -7.84 16.47 0.22
N LEU B 23 -7.31 16.54 1.41
CA LEU B 23 -7.52 17.74 2.26
C LEU B 23 -6.20 18.50 2.42
N SER B 24 -6.24 19.81 2.33
CA SER B 24 -5.00 20.62 2.48
C SER B 24 -5.30 22.06 2.92
N LEU B 25 -6.50 22.33 3.44
CA LEU B 25 -6.89 23.73 3.90
C LEU B 25 -5.70 24.52 4.52
N PRO B 26 -5.82 25.83 4.58
CA PRO B 26 -4.72 26.68 5.10
C PRO B 26 -4.35 26.38 6.57
N ARG B 27 -5.00 27.02 7.53
CA ARG B 27 -4.62 26.78 8.97
C ARG B 27 -5.85 26.43 9.83
N SER B 28 -5.89 26.91 11.08
CA SER B 28 -7.04 26.60 12.01
C SER B 28 -8.39 26.57 11.29
N GLU B 29 -9.12 25.49 11.43
CA GLU B 29 -10.47 25.41 10.81
C GLU B 29 -11.53 25.74 11.87
N PRO B 30 -12.70 26.13 11.44
CA PRO B 30 -13.77 26.47 12.41
C PRO B 30 -14.31 25.22 13.12
N GLY B 31 -14.01 24.06 12.60
CA GLY B 31 -14.50 22.79 13.25
C GLY B 31 -13.96 21.59 12.49
N THR B 32 -14.78 20.60 12.22
CA THR B 32 -14.28 19.41 11.48
C THR B 32 -13.90 19.79 10.05
N VAL B 33 -13.05 19.02 9.44
CA VAL B 33 -12.53 19.39 8.09
C VAL B 33 -13.25 18.67 6.93
N PRO B 34 -13.56 19.41 5.87
CA PRO B 34 -14.21 18.82 4.68
C PRO B 34 -13.13 18.40 3.66
N PHE B 35 -13.42 18.42 2.38
CA PHE B 35 -12.37 18.03 1.36
C PHE B 35 -12.61 18.78 0.05
N ASP B 36 -11.63 19.52 -0.43
CA ASP B 36 -11.85 20.29 -1.70
C ASP B 36 -10.99 19.76 -2.87
N ARG B 37 -10.16 18.76 -2.66
CA ARG B 37 -9.32 18.24 -3.79
C ARG B 37 -10.05 17.12 -4.52
N VAL B 38 -10.84 17.42 -5.51
CA VAL B 38 -11.57 16.33 -6.24
C VAL B 38 -10.58 15.54 -7.11
N LEU B 39 -10.10 14.42 -6.62
CA LEU B 39 -9.13 13.61 -7.42
C LEU B 39 -9.89 12.71 -8.40
N LEU B 40 -10.91 12.03 -7.94
CA LEU B 40 -11.72 11.15 -8.85
C LEU B 40 -12.90 10.59 -8.07
N ASN B 41 -14.09 11.11 -8.28
CA ASN B 41 -15.30 10.62 -7.53
C ASN B 41 -16.52 11.42 -7.95
N ASP B 42 -17.13 11.06 -9.06
CA ASP B 42 -18.34 11.83 -9.52
C ASP B 42 -19.51 11.63 -8.56
N GLY B 43 -19.81 10.40 -8.19
CA GLY B 43 -20.96 10.14 -7.27
C GLY B 43 -20.65 10.56 -5.84
N GLY B 44 -19.40 10.58 -5.44
CA GLY B 44 -19.08 10.96 -4.02
C GLY B 44 -19.25 9.71 -3.15
N TYR B 45 -20.45 9.17 -3.12
CA TYR B 45 -20.76 7.92 -2.36
C TYR B 45 -20.53 8.01 -0.84
N TYR B 46 -19.31 8.24 -0.40
CA TYR B 46 -19.07 8.26 1.08
C TYR B 46 -18.71 9.65 1.65
N ASP B 47 -19.62 10.25 2.38
CA ASP B 47 -19.36 11.59 2.98
C ASP B 47 -18.22 11.51 4.01
N PRO B 48 -17.10 12.16 3.72
CA PRO B 48 -15.93 12.16 4.65
C PRO B 48 -16.16 13.06 5.88
N GLU B 49 -17.29 13.71 5.97
CA GLU B 49 -17.54 14.56 7.18
C GLU B 49 -17.92 13.63 8.31
N THR B 50 -19.04 12.98 8.18
CA THR B 50 -19.48 11.99 9.19
C THR B 50 -18.96 10.60 8.79
N GLY B 51 -18.58 10.42 7.54
CA GLY B 51 -18.04 9.09 7.10
C GLY B 51 -19.16 8.12 6.75
N VAL B 52 -20.34 8.61 6.47
CA VAL B 52 -21.43 7.65 6.13
C VAL B 52 -21.18 7.11 4.73
N PHE B 53 -20.48 6.01 4.67
CA PHE B 53 -20.10 5.39 3.36
C PHE B 53 -21.15 4.40 2.87
N THR B 54 -21.93 4.77 1.88
CA THR B 54 -22.93 3.81 1.33
C THR B 54 -22.31 3.15 0.09
N ALA B 55 -21.82 1.95 0.23
CA ALA B 55 -21.12 1.28 -0.92
C ALA B 55 -22.01 0.28 -1.71
N PRO B 56 -22.42 0.67 -2.90
CA PRO B 56 -23.22 -0.24 -3.77
C PRO B 56 -22.24 -1.06 -4.66
N LEU B 57 -20.98 -0.69 -4.71
CA LEU B 57 -19.97 -1.38 -5.59
C LEU B 57 -20.18 -2.90 -5.69
N ALA B 58 -20.32 -3.59 -4.58
CA ALA B 58 -20.51 -5.09 -4.62
C ALA B 58 -19.43 -5.74 -5.50
N GLY B 59 -18.39 -6.22 -4.88
CA GLY B 59 -17.29 -6.86 -5.64
C GLY B 59 -16.03 -6.76 -4.76
N ARG B 60 -14.89 -6.68 -5.37
CA ARG B 60 -13.62 -6.53 -4.61
C ARG B 60 -13.06 -5.13 -4.90
N TYR B 61 -12.77 -4.35 -3.90
CA TYR B 61 -12.23 -2.98 -4.16
C TYR B 61 -10.98 -2.71 -3.32
N LEU B 62 -10.14 -1.82 -3.78
CA LEU B 62 -8.88 -1.50 -3.03
C LEU B 62 -9.09 -0.28 -2.14
N LEU B 63 -9.03 -0.47 -0.84
CA LEU B 63 -9.25 0.67 0.11
C LEU B 63 -7.93 1.05 0.79
N SER B 64 -7.71 2.32 1.00
CA SER B 64 -6.45 2.79 1.65
C SER B 64 -6.71 4.04 2.51
N ALA B 65 -6.53 3.92 3.79
CA ALA B 65 -6.73 5.09 4.70
C ALA B 65 -5.37 5.58 5.19
N VAL B 66 -5.23 6.88 5.40
CA VAL B 66 -3.91 7.40 5.85
C VAL B 66 -3.87 7.58 7.38
N LEU B 67 -2.97 6.88 8.04
CA LEU B 67 -2.95 6.93 9.54
C LEU B 67 -2.00 7.98 10.12
N THR B 68 -2.57 9.00 10.73
CA THR B 68 -1.72 10.04 11.39
C THR B 68 -0.99 9.37 12.56
N GLY B 69 0.26 9.71 12.77
CA GLY B 69 1.04 9.08 13.88
C GLY B 69 0.43 9.46 15.23
N HIS B 70 0.49 10.72 15.61
CA HIS B 70 -0.08 11.17 16.93
C HIS B 70 0.35 10.22 18.06
N ARG B 71 1.61 10.20 18.38
CA ARG B 71 2.11 9.28 19.46
C ARG B 71 1.62 9.71 20.86
N HIS B 72 0.96 10.84 20.96
CA HIS B 72 0.46 11.33 22.30
C HIS B 72 -0.52 10.34 22.97
N GLU B 73 -0.82 9.18 22.39
CA GLU B 73 -1.76 8.14 22.98
C GLU B 73 -3.20 8.30 22.48
N LYS B 74 -4.15 7.68 23.18
CA LYS B 74 -5.62 7.66 22.78
C LYS B 74 -5.85 6.46 21.86
N VAL B 75 -7.07 6.01 21.70
CA VAL B 75 -7.31 4.82 20.81
C VAL B 75 -8.27 5.17 19.67
N GLU B 76 -7.77 5.11 18.46
CA GLU B 76 -8.65 5.36 17.27
C GLU B 76 -8.95 4.01 16.63
N ALA B 77 -10.20 3.77 16.32
CA ALA B 77 -10.64 2.51 15.66
C ALA B 77 -11.96 2.82 14.96
N VAL B 78 -12.00 2.61 13.67
CA VAL B 78 -13.26 2.90 12.89
C VAL B 78 -14.25 1.73 13.01
N LEU B 79 -15.50 2.02 13.30
CA LEU B 79 -16.52 0.92 13.38
C LEU B 79 -16.69 0.29 12.01
N SER B 80 -17.15 -0.94 11.95
CA SER B 80 -17.41 -1.59 10.64
C SER B 80 -18.87 -2.06 10.62
N ARG B 81 -19.59 -1.87 9.55
CA ARG B 81 -21.03 -2.31 9.55
C ARG B 81 -21.16 -3.83 9.70
N SER B 82 -22.29 -4.28 10.24
CA SER B 82 -22.61 -5.74 10.46
C SER B 82 -22.00 -6.27 11.77
N ASN B 83 -20.87 -5.78 12.21
CA ASN B 83 -20.27 -6.29 13.48
C ASN B 83 -20.07 -5.18 14.50
N GLN B 84 -20.00 -3.92 14.11
CA GLN B 84 -19.67 -2.83 15.12
C GLN B 84 -18.21 -3.08 15.54
N GLY B 85 -17.47 -2.19 16.19
CA GLY B 85 -16.02 -2.55 16.49
C GLY B 85 -15.36 -2.90 15.16
N VAL B 86 -14.75 -4.08 15.06
CA VAL B 86 -14.04 -4.46 13.78
C VAL B 86 -13.09 -3.33 13.37
N ALA B 87 -11.84 -3.43 13.75
CA ALA B 87 -10.89 -2.34 13.40
C ALA B 87 -10.19 -2.62 12.07
N ARG B 88 -10.73 -2.15 10.98
CA ARG B 88 -10.02 -2.33 9.67
C ARG B 88 -9.00 -1.19 9.59
N VAL B 89 -9.43 -0.01 9.97
CA VAL B 89 -8.51 1.16 10.03
C VAL B 89 -8.20 1.35 11.52
N ASP B 90 -7.45 0.43 12.07
CA ASP B 90 -7.13 0.47 13.53
C ASP B 90 -5.86 1.28 13.82
N SER B 91 -5.92 2.10 14.83
CA SER B 91 -4.74 2.90 15.23
C SER B 91 -4.78 3.06 16.76
N GLY B 92 -3.96 2.32 17.46
CA GLY B 92 -3.93 2.41 18.94
C GLY B 92 -2.61 3.06 19.37
N GLY B 93 -2.60 4.35 19.48
CA GLY B 93 -1.35 5.05 19.88
C GLY B 93 -1.26 5.07 21.41
N THR B 113 -15.48 -13.29 16.43
CA THR B 113 -16.47 -12.41 15.74
C THR B 113 -15.83 -11.06 15.41
N LEU B 114 -14.87 -10.63 16.20
CA LEU B 114 -14.22 -9.32 15.94
C LEU B 114 -12.76 -9.52 15.51
N GLY B 115 -12.35 -8.91 14.43
CA GLY B 115 -10.95 -9.06 13.95
C GLY B 115 -10.55 -7.80 13.20
N VAL B 116 -9.27 -7.63 12.92
CA VAL B 116 -8.82 -6.41 12.18
C VAL B 116 -8.17 -6.79 10.86
N PHE B 117 -8.58 -6.16 9.79
CA PHE B 117 -7.98 -6.44 8.45
C PHE B 117 -7.64 -5.13 7.74
N SER B 118 -6.62 -5.13 6.93
CA SER B 118 -6.23 -3.86 6.24
C SER B 118 -6.29 -3.99 4.70
N LEU B 119 -5.66 -4.99 4.15
CA LEU B 119 -5.65 -5.13 2.66
C LEU B 119 -7.06 -5.33 2.09
N ILE B 120 -7.66 -6.50 2.24
CA ILE B 120 -9.02 -6.79 1.64
C ILE B 120 -10.12 -5.75 2.01
N LEU B 121 -11.36 -6.19 2.21
CA LEU B 121 -12.49 -5.24 2.57
C LEU B 121 -13.85 -5.96 2.53
N PRO B 122 -14.17 -6.71 3.56
CA PRO B 122 -15.48 -7.40 3.60
C PRO B 122 -16.58 -6.37 3.91
N LEU B 123 -17.24 -5.85 2.91
CA LEU B 123 -18.32 -4.85 3.15
C LEU B 123 -19.64 -5.33 2.52
N GLN B 124 -20.74 -5.01 3.16
CA GLN B 124 -22.08 -5.45 2.65
C GLN B 124 -22.64 -4.48 1.60
N ALA B 125 -23.45 -4.87 0.63
CA ALA B 125 -23.93 -3.84 -0.37
C ALA B 125 -24.91 -2.83 0.28
N GLY B 126 -24.55 -1.57 0.27
CA GLY B 126 -25.46 -0.50 0.82
C GLY B 126 -25.13 -0.22 2.29
N ASP B 127 -24.52 -1.15 2.97
CA ASP B 127 -24.20 -0.94 4.42
C ASP B 127 -23.42 0.37 4.60
N THR B 128 -23.18 0.81 5.82
CA THR B 128 -22.45 2.10 6.01
C THR B 128 -21.36 1.99 7.07
N VAL B 129 -20.20 2.53 6.80
CA VAL B 129 -19.09 2.45 7.80
C VAL B 129 -18.99 3.77 8.58
N CYS B 130 -18.64 3.69 9.84
CA CYS B 130 -18.54 4.91 10.69
C CYS B 130 -17.29 4.86 11.56
N VAL B 131 -16.68 5.99 11.83
CA VAL B 131 -15.44 6.00 12.66
C VAL B 131 -15.78 6.30 14.14
N ASP B 132 -15.17 5.55 15.03
CA ASP B 132 -15.31 5.84 16.48
C ASP B 132 -14.09 6.70 16.80
N LEU B 133 -14.33 7.84 17.38
CA LEU B 133 -13.21 8.74 17.80
C LEU B 133 -13.48 9.22 19.23
N VAL B 134 -13.55 8.29 20.15
CA VAL B 134 -13.80 8.64 21.59
C VAL B 134 -13.30 7.48 22.44
N MET B 135 -12.10 7.56 22.98
CA MET B 135 -11.59 6.45 23.84
C MET B 135 -10.76 7.07 24.97
N GLY B 136 -11.38 7.94 25.74
CA GLY B 136 -10.70 8.65 26.85
C GLY B 136 -11.08 10.12 26.74
N GLN B 137 -11.72 10.69 27.73
CA GLN B 137 -12.13 12.13 27.61
C GLN B 137 -10.98 13.06 28.02
N LEU B 138 -10.29 12.78 29.11
CA LEU B 138 -9.16 13.67 29.53
C LEU B 138 -8.08 13.70 28.45
N ALA B 139 -8.18 14.60 27.51
CA ALA B 139 -7.16 14.68 26.42
C ALA B 139 -6.87 16.14 26.07
N HIS B 140 -6.41 16.39 24.88
CA HIS B 140 -6.10 17.78 24.46
C HIS B 140 -6.91 18.15 23.21
N SER B 141 -6.80 19.38 22.77
CA SER B 141 -7.55 19.81 21.55
C SER B 141 -6.62 19.81 20.34
N GLU B 142 -7.03 19.19 19.26
CA GLU B 142 -6.17 19.15 18.04
C GLU B 142 -7.02 18.93 16.78
N GLU B 143 -6.50 19.29 15.64
CA GLU B 143 -7.26 19.11 14.36
C GLU B 143 -6.30 18.61 13.26
N PRO B 144 -6.12 17.31 13.20
CA PRO B 144 -5.19 16.72 12.18
C PRO B 144 -5.78 16.80 10.78
N LEU B 145 -5.12 16.17 9.84
CA LEU B 145 -5.61 16.13 8.43
C LEU B 145 -5.63 14.66 7.99
N THR B 146 -6.45 14.28 7.04
CA THR B 146 -6.46 12.84 6.62
C THR B 146 -6.84 12.70 5.14
N ILE B 147 -6.20 11.78 4.45
CA ILE B 147 -6.51 11.56 3.01
C ILE B 147 -7.28 10.24 2.85
N PHE B 148 -8.40 10.26 2.19
CA PHE B 148 -9.20 9.00 2.05
C PHE B 148 -9.43 8.63 0.58
N SER B 149 -8.62 7.74 0.05
CA SER B 149 -8.80 7.30 -1.36
C SER B 149 -9.33 5.86 -1.38
N GLY B 150 -9.94 5.43 -2.44
CA GLY B 150 -10.47 4.03 -2.52
C GLY B 150 -10.99 3.82 -3.95
N ALA B 151 -10.30 3.03 -4.74
CA ALA B 151 -10.72 2.88 -6.17
C ALA B 151 -11.33 1.51 -6.52
N LEU B 152 -12.25 1.45 -7.46
CA LEU B 152 -12.86 0.12 -7.80
C LEU B 152 -11.82 -0.78 -8.49
N LEU B 153 -11.75 -2.02 -8.08
CA LEU B 153 -10.77 -2.96 -8.71
C LEU B 153 -11.51 -3.95 -9.61
N TYR B 154 -12.43 -4.69 -9.06
CA TYR B 154 -13.22 -5.68 -9.86
C TYR B 154 -14.64 -5.70 -9.29
N GLY B 155 -15.66 -5.89 -10.09
CA GLY B 155 -17.05 -5.92 -9.56
C GLY B 155 -17.59 -7.33 -9.73
N ASP B 156 -18.65 -7.69 -9.04
CA ASP B 156 -19.22 -9.07 -9.19
C ASP B 156 -20.00 -9.15 -10.52
N PRO B 157 -19.50 -9.94 -11.46
CA PRO B 157 -20.17 -10.05 -12.77
C PRO B 157 -21.20 -11.20 -12.76
N GLU B 158 -22.30 -11.01 -12.08
CA GLU B 158 -23.36 -12.06 -11.94
C GLU B 158 -22.79 -13.21 -11.12
N LEU B 159 -21.92 -13.99 -11.70
CA LEU B 159 -21.31 -15.15 -10.99
C LEU B 159 -22.37 -16.05 -10.34
N GLU B 160 -23.60 -15.99 -10.78
CA GLU B 160 -24.66 -16.86 -10.18
C GLU B 160 -24.80 -18.16 -10.98
N HIS B 161 -25.30 -19.20 -10.37
CA HIS B 161 -25.46 -20.49 -11.11
C HIS B 161 -26.71 -21.23 -10.60
N ALA B 162 -27.85 -21.05 -11.24
CA ALA B 162 -29.10 -21.75 -10.80
C ALA B 162 -28.86 -23.26 -10.67
N PRO C 13 -7.43 -3.57 -26.75
CA PRO C 13 -6.02 -4.04 -26.84
C PRO C 13 -5.48 -4.33 -25.43
N VAL C 14 -4.27 -4.81 -25.34
CA VAL C 14 -3.69 -5.12 -24.00
C VAL C 14 -2.33 -4.40 -23.84
N PRO C 15 -2.30 -3.36 -23.04
CA PRO C 15 -1.02 -2.62 -22.83
C PRO C 15 -0.02 -3.45 -22.02
N GLN C 16 -0.50 -4.43 -21.26
CA GLN C 16 0.38 -5.34 -20.43
C GLN C 16 1.74 -4.71 -20.06
N VAL C 17 1.73 -3.65 -19.27
CA VAL C 17 3.02 -2.98 -18.89
C VAL C 17 3.23 -3.03 -17.37
N ALA C 18 4.43 -3.36 -16.96
CA ALA C 18 4.75 -3.35 -15.50
C ALA C 18 6.01 -2.49 -15.36
N PHE C 19 6.29 -1.90 -14.23
CA PHE C 19 7.54 -1.08 -14.13
C PHE C 19 7.90 -0.92 -12.65
N SER C 20 9.12 -1.25 -12.30
CA SER C 20 9.56 -1.14 -10.87
C SER C 20 11.04 -1.52 -10.80
N ALA C 21 11.85 -0.76 -10.10
CA ALA C 21 13.29 -1.10 -10.01
C ALA C 21 13.75 -1.06 -8.54
N ALA C 22 14.82 -1.76 -8.23
CA ALA C 22 15.31 -1.77 -6.81
C ALA C 22 16.76 -1.28 -6.72
N LEU C 23 17.05 -0.52 -5.71
CA LEU C 23 18.44 0.01 -5.55
C LEU C 23 19.10 -0.64 -4.31
N SER C 24 20.36 -1.01 -4.42
CA SER C 24 21.06 -1.64 -3.27
C SER C 24 22.59 -1.44 -3.37
N LEU C 25 23.05 -0.49 -4.16
CA LEU C 25 24.55 -0.22 -4.32
C LEU C 25 25.34 -0.46 -3.00
N PRO C 26 26.64 -0.63 -3.13
CA PRO C 26 27.50 -0.90 -1.94
C PRO C 26 27.47 0.23 -0.89
N ARG C 27 28.32 1.22 -0.99
CA ARG C 27 28.34 2.31 0.04
C ARG C 27 28.25 3.71 -0.60
N SER C 28 28.95 4.69 -0.03
CA SER C 28 28.91 6.11 -0.55
C SER C 28 28.85 6.17 -2.08
N GLU C 29 27.92 6.93 -2.61
CA GLU C 29 27.84 7.08 -4.10
C GLU C 29 28.42 8.45 -4.48
N PRO C 30 28.79 8.63 -5.72
CA PRO C 30 29.37 9.93 -6.16
C PRO C 30 28.29 11.01 -6.27
N GLY C 31 27.03 10.64 -6.22
CA GLY C 31 25.94 11.65 -6.30
C GLY C 31 24.59 10.95 -6.18
N THR C 32 23.64 11.33 -7.00
CA THR C 32 22.29 10.68 -6.92
C THR C 32 22.38 9.23 -7.37
N VAL C 33 21.50 8.40 -6.88
CA VAL C 33 21.59 6.95 -7.18
C VAL C 33 20.69 6.49 -8.34
N PRO C 34 21.22 5.61 -9.18
CA PRO C 34 20.43 5.06 -10.31
C PRO C 34 19.73 3.76 -9.85
N PHE C 35 19.53 2.78 -10.71
CA PHE C 35 18.86 1.53 -10.26
C PHE C 35 19.36 0.34 -11.09
N ASP C 36 19.88 -0.70 -10.47
CA ASP C 36 20.41 -1.85 -11.27
C ASP C 36 19.57 -3.13 -11.07
N ARG C 37 18.57 -3.11 -10.23
CA ARG C 37 17.75 -4.35 -10.03
C ARG C 37 16.54 -4.38 -10.97
N VAL C 38 16.68 -4.89 -12.16
CA VAL C 38 15.52 -4.92 -13.11
C VAL C 38 14.51 -5.97 -12.63
N LEU C 39 13.50 -5.55 -11.91
CA LEU C 39 12.49 -6.52 -11.40
C LEU C 39 11.39 -6.75 -12.44
N LEU C 40 10.88 -5.71 -13.05
CA LEU C 40 9.82 -5.88 -14.09
C LEU C 40 9.55 -4.52 -14.76
N ASN C 41 10.09 -4.31 -15.94
CA ASN C 41 9.90 -3.01 -16.66
C ASN C 41 10.70 -3.05 -17.96
N ASP C 42 10.15 -3.64 -19.00
CA ASP C 42 10.92 -3.71 -20.28
C ASP C 42 11.13 -2.31 -20.88
N GLY C 43 10.09 -1.51 -20.94
CA GLY C 43 10.23 -0.15 -21.54
C GLY C 43 11.01 0.79 -20.62
N GLY C 44 11.01 0.57 -19.33
CA GLY C 44 11.73 1.50 -18.40
C GLY C 44 10.85 2.74 -18.19
N TYR C 45 10.60 3.46 -19.24
CA TYR C 45 9.72 4.68 -19.21
C TYR C 45 10.23 5.80 -18.27
N TYR C 46 10.29 5.56 -16.98
CA TYR C 46 10.70 6.67 -16.06
C TYR C 46 12.08 6.51 -15.42
N ASP C 47 13.04 7.28 -15.87
CA ASP C 47 14.41 7.20 -15.30
C ASP C 47 14.43 7.75 -13.85
N PRO C 48 14.78 6.91 -12.90
CA PRO C 48 14.82 7.36 -11.48
C PRO C 48 16.09 8.17 -11.17
N GLU C 49 16.96 8.36 -12.14
CA GLU C 49 18.17 9.18 -11.88
C GLU C 49 17.73 10.64 -11.88
N THR C 50 17.23 11.08 -12.99
CA THR C 50 16.70 12.46 -13.10
C THR C 50 15.21 12.42 -12.70
N GLY C 51 14.59 11.27 -12.79
CA GLY C 51 13.15 11.16 -12.41
C GLY C 51 12.26 11.62 -13.56
N VAL C 52 12.81 11.70 -14.75
CA VAL C 52 11.97 12.17 -15.89
C VAL C 52 11.01 11.03 -16.27
N PHE C 53 9.85 11.06 -15.67
CA PHE C 53 8.84 9.98 -15.91
C PHE C 53 7.96 10.28 -17.11
N THR C 54 8.17 9.60 -18.21
CA THR C 54 7.31 9.82 -19.41
C THR C 54 6.32 8.66 -19.50
N ALA C 55 5.11 8.86 -19.05
CA ALA C 55 4.12 7.73 -19.03
C ALA C 55 3.13 7.72 -20.22
N PRO C 56 3.41 6.86 -21.19
CA PRO C 56 2.47 6.71 -22.34
C PRO C 56 1.30 5.79 -21.90
N LEU C 57 1.46 5.08 -20.79
CA LEU C 57 0.41 4.12 -20.31
C LEU C 57 -1.02 4.61 -20.53
N ALA C 58 -1.33 5.83 -20.15
CA ALA C 58 -2.73 6.36 -20.33
C ALA C 58 -3.75 5.38 -19.74
N GLY C 59 -4.19 5.65 -18.54
CA GLY C 59 -5.17 4.77 -17.87
C GLY C 59 -5.06 5.03 -16.37
N ARG C 60 -5.41 4.06 -15.58
CA ARG C 60 -5.29 4.21 -14.10
C ARG C 60 -4.30 3.16 -13.58
N TYR C 61 -3.26 3.58 -12.90
CA TYR C 61 -2.28 2.57 -12.38
C TYR C 61 -1.92 2.86 -10.91
N LEU C 62 -1.51 1.85 -10.20
CA LEU C 62 -1.15 2.04 -8.76
C LEU C 62 0.37 2.21 -8.61
N LEU C 63 0.80 3.36 -8.17
CA LEU C 63 2.27 3.61 -7.99
C LEU C 63 2.56 3.89 -6.52
N SER C 64 3.70 3.45 -6.03
CA SER C 64 4.06 3.68 -4.60
C SER C 64 5.56 3.99 -4.44
N ALA C 65 5.86 5.10 -3.83
CA ALA C 65 7.28 5.47 -3.60
C ALA C 65 7.64 5.17 -2.15
N VAL C 66 8.88 4.82 -1.88
CA VAL C 66 9.26 4.49 -0.48
C VAL C 66 9.82 5.73 0.24
N LEU C 67 9.20 6.13 1.33
CA LEU C 67 9.64 7.38 2.02
C LEU C 67 10.65 7.15 3.14
N THR C 68 11.86 7.62 2.93
CA THR C 68 12.91 7.49 3.99
C THR C 68 12.44 8.31 5.20
N GLY C 69 12.65 7.80 6.38
CA GLY C 69 12.21 8.55 7.61
C GLY C 69 12.91 9.90 7.70
N HIS C 70 14.22 9.91 7.86
CA HIS C 70 14.98 11.21 7.95
C HIS C 70 14.27 12.21 8.88
N ARG C 71 14.19 11.87 10.15
CA ARG C 71 13.51 12.78 11.12
C ARG C 71 14.28 14.09 11.33
N HIS C 72 15.48 14.20 10.79
CA HIS C 72 16.30 15.45 10.98
C HIS C 72 15.64 16.71 10.38
N GLU C 73 14.40 16.67 9.87
CA GLU C 73 13.68 17.90 9.29
C GLU C 73 13.89 18.01 7.77
N LYS C 74 13.61 19.18 7.21
CA LYS C 74 13.69 19.45 5.72
C LYS C 74 12.32 19.13 5.10
N VAL C 75 12.03 19.62 3.92
CA VAL C 75 10.69 19.33 3.30
C VAL C 75 10.85 18.62 1.95
N GLU C 76 10.36 17.42 1.87
CA GLU C 76 10.40 16.66 0.58
C GLU C 76 8.99 16.69 -0.02
N ALA C 77 8.87 17.04 -1.28
CA ALA C 77 7.55 17.08 -1.99
C ALA C 77 7.85 16.95 -3.48
N VAL C 78 7.31 15.94 -4.10
CA VAL C 78 7.55 15.74 -5.57
C VAL C 78 6.59 16.60 -6.40
N LEU C 79 7.10 17.31 -7.39
CA LEU C 79 6.21 18.14 -8.27
C LEU C 79 5.29 17.22 -9.07
N SER C 80 4.17 17.74 -9.53
CA SER C 80 3.25 16.93 -10.38
C SER C 80 3.00 17.71 -11.69
N ARG C 81 3.00 17.07 -12.82
CA ARG C 81 2.78 17.84 -14.10
C ARG C 81 1.39 18.48 -14.15
N SER C 82 1.26 19.56 -14.91
CA SER C 82 -0.04 20.33 -15.09
C SER C 82 -0.30 21.32 -13.94
N ASN C 83 0.14 21.04 -12.74
CA ASN C 83 -0.12 21.99 -11.60
C ASN C 83 1.19 22.45 -10.95
N GLN C 84 2.29 21.72 -11.08
CA GLN C 84 3.54 22.12 -10.31
C GLN C 84 3.20 21.88 -8.83
N GLY C 85 4.12 21.88 -7.86
CA GLY C 85 3.66 21.59 -6.44
C GLY C 85 2.93 20.25 -6.48
N VAL C 86 1.72 20.17 -5.96
CA VAL C 86 0.97 18.88 -5.93
C VAL C 86 1.85 17.79 -5.32
N ALA C 87 1.75 17.55 -4.05
CA ALA C 87 2.62 16.52 -3.41
C ALA C 87 1.91 15.16 -3.38
N ARG C 88 2.14 14.32 -4.35
CA ARG C 88 1.53 12.95 -4.31
C ARG C 88 2.45 12.12 -3.40
N VAL C 89 3.73 12.29 -3.57
CA VAL C 89 4.72 11.63 -2.67
C VAL C 89 5.16 12.70 -1.68
N ASP C 90 4.30 13.02 -0.74
CA ASP C 90 4.61 14.11 0.23
C ASP C 90 5.34 13.58 1.48
N SER C 91 6.36 14.29 1.88
CA SER C 91 7.13 13.91 3.10
C SER C 91 7.63 15.20 3.76
N GLY C 92 6.99 15.61 4.82
CA GLY C 92 7.41 16.84 5.53
C GLY C 92 8.01 16.47 6.87
N GLY C 93 9.30 16.24 6.90
CA GLY C 93 9.96 15.87 8.18
C GLY C 93 10.31 17.13 8.96
N THR C 113 -6.37 24.55 -5.07
CA THR C 113 -5.69 24.19 -6.35
C THR C 113 -4.55 23.20 -6.08
N LEU C 114 -3.99 23.22 -4.91
CA LEU C 114 -2.87 22.29 -4.59
C LEU C 114 -3.30 21.30 -3.48
N GLY C 115 -3.08 20.03 -3.71
CA GLY C 115 -3.47 19.01 -2.70
C GLY C 115 -2.56 17.79 -2.83
N VAL C 116 -2.62 16.88 -1.88
CA VAL C 116 -1.75 15.66 -1.96
C VAL C 116 -2.59 14.39 -2.05
N PHE C 117 -2.22 13.49 -2.91
CA PHE C 117 -2.98 12.20 -3.06
C PHE C 117 -1.98 11.05 -3.13
N SER C 118 -2.38 9.87 -2.70
CA SER C 118 -1.45 8.70 -2.72
C SER C 118 -1.98 7.57 -3.61
N LEU C 119 -3.17 7.09 -3.36
CA LEU C 119 -3.71 5.95 -4.18
C LEU C 119 -3.86 6.34 -5.65
N ILE C 120 -4.88 7.10 -5.99
CA ILE C 120 -5.19 7.48 -7.43
C ILE C 120 -3.97 8.03 -8.23
N LEU C 121 -4.20 8.90 -9.20
CA LEU C 121 -3.08 9.48 -10.03
C LEU C 121 -3.61 10.28 -11.24
N PRO C 122 -3.85 11.57 -11.05
CA PRO C 122 -4.33 12.42 -12.16
C PRO C 122 -3.14 12.88 -13.02
N LEU C 123 -2.81 12.17 -14.07
CA LEU C 123 -1.65 12.58 -14.93
C LEU C 123 -2.08 12.70 -16.39
N GLN C 124 -1.43 13.58 -17.11
CA GLN C 124 -1.77 13.79 -18.56
C GLN C 124 -1.09 12.76 -19.47
N ALA C 125 -1.60 12.37 -20.62
CA ALA C 125 -0.84 11.34 -21.42
C ALA C 125 0.50 11.90 -21.93
N GLY C 126 1.59 11.29 -21.53
CA GLY C 126 2.94 11.75 -21.99
C GLY C 126 3.54 12.75 -21.00
N ASP C 127 2.74 13.38 -20.18
CA ASP C 127 3.26 14.39 -19.20
C ASP C 127 4.38 13.76 -18.36
N THR C 128 5.09 14.53 -17.57
CA THR C 128 6.21 13.95 -16.77
C THR C 128 6.25 14.48 -15.34
N VAL C 129 6.55 13.61 -14.40
CA VAL C 129 6.61 14.03 -12.97
C VAL C 129 8.07 14.25 -12.54
N CYS C 130 8.29 15.22 -11.68
CA CYS C 130 9.68 15.53 -11.22
C CYS C 130 9.69 15.78 -9.72
N VAL C 131 10.72 15.37 -9.03
CA VAL C 131 10.79 15.56 -7.54
C VAL C 131 11.48 16.89 -7.19
N ASP C 132 10.91 17.59 -6.25
CA ASP C 132 11.58 18.82 -5.72
C ASP C 132 12.37 18.31 -4.50
N LEU C 133 13.65 18.60 -4.49
CA LEU C 133 14.50 18.19 -3.33
C LEU C 133 15.37 19.40 -2.93
N VAL C 134 14.73 20.48 -2.57
CA VAL C 134 15.47 21.71 -2.14
C VAL C 134 14.52 22.58 -1.29
N MET C 135 14.58 22.48 0.02
CA MET C 135 13.68 23.33 0.87
C MET C 135 14.45 23.75 2.11
N GLY C 136 15.55 24.43 1.92
CA GLY C 136 16.41 24.86 3.06
C GLY C 136 17.87 24.54 2.68
N GLN C 137 18.73 25.52 2.60
CA GLN C 137 20.15 25.24 2.22
C GLN C 137 20.95 24.78 3.45
N LEU C 138 21.01 25.60 4.47
CA LEU C 138 21.77 25.22 5.71
C LEU C 138 21.22 23.92 6.30
N ALA C 139 21.76 22.80 5.88
CA ALA C 139 21.27 21.49 6.41
C ALA C 139 22.44 20.52 6.55
N HIS C 140 22.20 19.23 6.44
CA HIS C 140 23.31 18.24 6.56
C HIS C 140 23.46 17.46 5.24
N SER C 141 24.55 16.75 5.10
CA SER C 141 24.77 15.96 3.84
C SER C 141 24.43 14.48 4.08
N GLU C 142 23.64 13.90 3.21
CA GLU C 142 23.27 12.47 3.38
C GLU C 142 22.88 11.85 2.04
N GLU C 143 23.00 10.54 1.93
CA GLU C 143 22.63 9.85 0.65
C GLU C 143 21.87 8.55 0.96
N PRO C 144 20.58 8.67 1.16
CA PRO C 144 19.76 7.47 1.48
C PRO C 144 19.54 6.60 0.24
N LEU C 145 18.71 5.60 0.36
CA LEU C 145 18.38 4.72 -0.79
C LEU C 145 16.86 4.76 -0.97
N THR C 146 16.34 4.46 -2.14
CA THR C 146 14.86 4.52 -2.32
C THR C 146 14.39 3.49 -3.37
N ILE C 147 13.27 2.88 -3.13
CA ILE C 147 12.73 1.87 -4.10
C ILE C 147 11.55 2.48 -4.84
N PHE C 148 11.55 2.44 -6.15
CA PHE C 148 10.43 3.06 -6.92
C PHE C 148 9.68 2.01 -7.75
N SER C 149 8.59 1.49 -7.22
CA SER C 149 7.79 0.48 -7.97
C SER C 149 6.49 1.12 -8.44
N GLY C 150 5.85 0.58 -9.45
CA GLY C 150 4.56 1.16 -9.94
C GLY C 150 4.01 0.17 -10.98
N ALA C 151 2.89 -0.44 -10.70
CA ALA C 151 2.36 -1.48 -11.63
C ALA C 151 1.12 -1.05 -12.43
N LEU C 152 0.89 -1.57 -13.61
CA LEU C 152 -0.33 -1.17 -14.38
C LEU C 152 -1.55 -1.87 -13.80
N LEU C 153 -2.64 -1.16 -13.63
CA LEU C 153 -3.88 -1.78 -13.08
C LEU C 153 -4.93 -1.97 -14.17
N TYR C 154 -5.38 -0.89 -14.77
CA TYR C 154 -6.38 -0.96 -15.86
C TYR C 154 -6.06 0.14 -16.88
N GLY C 155 -6.30 -0.07 -18.15
CA GLY C 155 -6.01 1.00 -19.16
C GLY C 155 -7.34 1.49 -19.73
N ASP C 156 -7.36 2.64 -20.36
CA ASP C 156 -8.64 3.15 -20.94
C ASP C 156 -8.97 2.35 -22.22
N PRO C 157 -10.03 1.57 -22.19
CA PRO C 157 -10.41 0.76 -23.36
C PRO C 157 -11.34 1.54 -24.30
N GLU C 158 -10.80 2.53 -24.98
CA GLU C 158 -11.60 3.41 -25.89
C GLU C 158 -12.57 4.25 -25.04
N LEU C 159 -13.59 3.62 -24.53
CA LEU C 159 -14.60 4.34 -23.68
C LEU C 159 -15.11 5.62 -24.36
N GLU C 160 -14.98 5.74 -25.66
CA GLU C 160 -15.47 6.97 -26.34
C GLU C 160 -16.91 6.76 -26.85
N HIS C 161 -17.64 7.83 -27.04
CA HIS C 161 -19.05 7.68 -27.53
C HIS C 161 -19.41 8.87 -28.44
N ALA C 162 -19.24 8.73 -29.74
CA ALA C 162 -19.57 9.84 -30.68
C ALA C 162 -21.00 10.35 -30.43
N PRO A 13 -8.46 -20.56 -17.70
CA PRO A 13 -9.06 -21.03 -16.41
C PRO A 13 -8.99 -19.91 -15.38
N VAL A 14 -9.66 -20.07 -14.26
CA VAL A 14 -9.64 -19.01 -13.20
C VAL A 14 -9.40 -19.65 -11.82
N PRO A 15 -8.18 -19.55 -11.32
CA PRO A 15 -7.86 -20.13 -10.00
C PRO A 15 -8.55 -19.37 -8.86
N GLN A 16 -8.98 -18.14 -9.12
CA GLN A 16 -9.68 -17.28 -8.08
C GLN A 16 -9.27 -17.64 -6.64
N VAL A 17 -8.05 -17.37 -6.25
CA VAL A 17 -7.61 -17.71 -4.87
C VAL A 17 -7.17 -16.46 -4.08
N ALA A 18 -7.58 -16.39 -2.84
CA ALA A 18 -7.15 -15.25 -1.98
C ALA A 18 -6.49 -15.88 -0.76
N PHE A 19 -5.66 -15.19 -0.01
CA PHE A 19 -5.06 -15.83 1.19
C PHE A 19 -4.60 -14.74 2.15
N SER A 20 -5.00 -14.82 3.39
CA SER A 20 -4.63 -13.77 4.40
C SER A 20 -5.15 -14.21 5.76
N ALA A 21 -4.36 -14.12 6.80
CA ALA A 21 -4.87 -14.54 8.14
C ALA A 21 -4.58 -13.44 9.17
N ALA A 22 -5.32 -13.43 10.24
CA ALA A 22 -5.12 -12.38 11.29
C ALA A 22 -4.74 -13.01 12.63
N LEU A 23 -3.89 -12.36 13.37
CA LEU A 23 -3.47 -12.91 14.69
C LEU A 23 -3.93 -11.99 15.83
N SER A 24 -4.49 -12.55 16.87
CA SER A 24 -4.96 -11.71 18.02
C SER A 24 -5.04 -12.53 19.33
N LEU A 25 -4.46 -13.72 19.39
CA LEU A 25 -4.51 -14.58 20.65
C LEU A 25 -4.44 -13.76 21.96
N PRO A 26 -4.84 -14.37 23.05
CA PRO A 26 -4.86 -13.66 24.37
C PRO A 26 -3.48 -13.16 24.83
N ARG A 27 -2.72 -13.96 25.56
CA ARG A 27 -1.40 -13.47 26.07
C ARG A 27 -0.28 -14.52 25.85
N SER A 28 0.64 -14.66 26.80
CA SER A 28 1.79 -15.63 26.68
C SER A 28 1.38 -16.93 25.99
N GLU A 29 2.09 -17.32 24.96
CA GLU A 29 1.78 -18.60 24.27
C GLU A 29 2.85 -19.64 24.67
N PRO A 30 2.57 -20.90 24.40
CA PRO A 30 3.55 -21.96 24.76
C PRO A 30 4.76 -21.95 23.83
N GLY A 31 4.68 -21.26 22.72
CA GLY A 31 5.84 -21.21 21.78
C GLY A 31 5.52 -20.31 20.59
N THR A 32 5.84 -20.73 19.39
CA THR A 32 5.58 -19.87 18.20
C THR A 32 4.07 -19.67 18.00
N VAL A 33 3.70 -18.60 17.32
CA VAL A 33 2.26 -18.27 17.18
C VAL A 33 1.63 -18.76 15.85
N PRO A 34 0.47 -19.39 15.95
CA PRO A 34 -0.25 -19.87 14.75
C PRO A 34 -1.20 -18.77 14.26
N PHE A 35 -2.33 -19.10 13.64
CA PHE A 35 -3.27 -18.04 13.17
C PHE A 35 -4.72 -18.58 13.19
N ASP A 36 -5.62 -17.92 13.89
CA ASP A 36 -7.01 -18.44 13.95
C ASP A 36 -8.03 -17.52 13.25
N ARG A 37 -7.62 -16.39 12.73
CA ARG A 37 -8.60 -15.48 12.06
C ARG A 37 -8.69 -15.78 10.56
N VAL A 38 -9.55 -16.66 10.14
CA VAL A 38 -9.65 -16.97 8.67
C VAL A 38 -10.32 -15.79 7.95
N LEU A 39 -9.53 -14.92 7.36
CA LEU A 39 -10.13 -13.75 6.65
C LEU A 39 -10.52 -14.15 5.23
N LEU A 40 -9.64 -14.83 4.52
CA LEU A 40 -9.95 -15.30 3.14
C LEU A 40 -8.81 -16.18 2.64
N ASN A 41 -9.00 -17.48 2.65
CA ASN A 41 -7.91 -18.42 2.20
C ASN A 41 -8.40 -19.86 2.36
N ASP A 42 -9.17 -20.35 1.42
CA ASP A 42 -9.68 -21.75 1.56
C ASP A 42 -8.53 -22.77 1.48
N GLY A 43 -7.65 -22.62 0.53
CA GLY A 43 -6.52 -23.59 0.39
C GLY A 43 -5.46 -23.38 1.47
N GLY A 44 -5.35 -22.21 2.04
CA GLY A 44 -4.28 -21.98 3.07
C GLY A 44 -2.98 -21.61 2.34
N TYR A 45 -2.52 -22.51 1.51
CA TYR A 45 -1.28 -22.29 0.67
C TYR A 45 0.00 -22.04 1.50
N TYR A 46 0.09 -20.94 2.20
CA TYR A 46 1.37 -20.65 2.93
C TYR A 46 1.27 -20.74 4.47
N ASP A 47 1.90 -21.75 5.03
CA ASP A 47 1.88 -21.94 6.51
C ASP A 47 2.64 -20.78 7.20
N PRO A 48 1.94 -20.00 8.01
CA PRO A 48 2.59 -18.86 8.73
C PRO A 48 3.43 -19.33 9.92
N GLU A 49 3.50 -20.62 10.17
CA GLU A 49 4.35 -21.10 11.31
C GLU A 49 5.79 -21.01 10.85
N THR A 50 6.13 -21.80 9.87
CA THR A 50 7.50 -21.75 9.30
C THR A 50 7.50 -20.82 8.08
N GLY A 51 6.35 -20.52 7.51
CA GLY A 51 6.30 -19.61 6.33
C GLY A 51 6.54 -20.40 5.04
N VAL A 52 6.28 -21.69 5.06
CA VAL A 52 6.52 -22.49 3.82
C VAL A 52 5.42 -22.13 2.82
N PHE A 53 5.67 -21.10 2.05
CA PHE A 53 4.66 -20.60 1.07
C PHE A 53 4.78 -21.28 -0.29
N THR A 54 3.86 -22.17 -0.61
CA THR A 54 3.90 -22.82 -1.96
C THR A 54 2.90 -22.09 -2.86
N ALA A 55 3.38 -21.19 -3.68
CA ALA A 55 2.44 -20.37 -4.53
C ALA A 55 2.25 -20.91 -5.97
N PRO A 56 1.08 -21.47 -6.24
CA PRO A 56 0.77 -21.95 -7.61
C PRO A 56 0.12 -20.79 -8.40
N LEU A 57 -0.30 -19.73 -7.72
CA LEU A 57 -0.99 -18.57 -8.40
C LEU A 57 -0.45 -18.27 -9.81
N ALA A 58 0.84 -18.11 -9.96
CA ALA A 58 1.42 -17.80 -11.31
C ALA A 58 0.71 -16.58 -11.92
N GLY A 59 1.28 -15.42 -11.75
CA GLY A 59 0.68 -14.17 -12.27
C GLY A 59 1.24 -13.02 -11.46
N ARG A 60 0.52 -11.95 -11.37
CA ARG A 60 0.97 -10.79 -10.55
C ARG A 60 -0.02 -10.58 -9.41
N TYR A 61 0.42 -10.57 -8.17
CA TYR A 61 -0.54 -10.37 -7.05
C TYR A 61 -0.05 -9.30 -6.07
N LEU A 62 -0.93 -8.77 -5.26
CA LEU A 62 -0.54 -7.71 -4.29
C LEU A 62 -0.17 -8.34 -2.94
N LEU A 63 1.06 -8.13 -2.51
CA LEU A 63 1.51 -8.72 -1.22
C LEU A 63 1.72 -7.61 -0.18
N SER A 64 1.41 -7.86 1.06
CA SER A 64 1.58 -6.83 2.12
C SER A 64 1.91 -7.47 3.47
N ALA A 65 3.08 -7.21 3.98
CA ALA A 65 3.49 -7.77 5.29
C ALA A 65 3.48 -6.65 6.34
N VAL A 66 3.14 -6.95 7.57
CA VAL A 66 3.11 -5.87 8.60
C VAL A 66 4.42 -5.84 9.42
N LEU A 67 5.14 -4.75 9.39
CA LEU A 67 6.47 -4.72 10.07
C LEU A 67 6.44 -4.14 11.48
N THR A 68 6.69 -4.97 12.46
CA THR A 68 6.75 -4.47 13.87
C THR A 68 7.94 -3.52 13.98
N GLY A 69 7.78 -2.44 14.72
CA GLY A 69 8.90 -1.45 14.86
C GLY A 69 10.09 -2.09 15.58
N HIS A 70 9.92 -2.46 16.84
CA HIS A 70 11.06 -3.09 17.61
C HIS A 70 12.36 -2.29 17.41
N ARG A 71 12.40 -1.07 17.91
CA ARG A 71 13.63 -0.22 17.75
C ARG A 71 14.82 -0.76 18.58
N HIS A 72 14.61 -1.77 19.39
CA HIS A 72 15.73 -2.33 20.23
C HIS A 72 16.88 -2.92 19.40
N GLU A 73 16.88 -2.81 18.07
CA GLU A 73 18.00 -3.35 17.17
C GLU A 73 17.68 -4.75 16.62
N LYS A 74 18.67 -5.44 16.10
CA LYS A 74 18.53 -6.81 15.46
C LYS A 74 18.16 -6.60 13.98
N VAL A 75 18.41 -7.57 13.13
CA VAL A 75 18.07 -7.38 11.68
C VAL A 75 17.11 -8.47 11.19
N GLU A 76 15.94 -8.06 10.77
CA GLU A 76 14.96 -9.03 10.19
C GLU A 76 15.07 -8.95 8.66
N ALA A 77 15.11 -10.08 8.00
CA ALA A 77 15.19 -10.11 6.51
C ALA A 77 14.65 -11.47 6.06
N VAL A 78 13.63 -11.44 5.23
CA VAL A 78 13.03 -12.72 4.74
C VAL A 78 13.79 -13.26 3.52
N LEU A 79 14.14 -14.53 3.54
CA LEU A 79 14.86 -15.13 2.36
C LEU A 79 13.94 -15.12 1.13
N SER A 80 14.51 -15.19 -0.05
CA SER A 80 13.68 -15.26 -1.29
C SER A 80 14.15 -16.45 -2.12
N ARG A 81 13.28 -17.27 -2.65
CA ARG A 81 13.76 -18.45 -3.44
C ARG A 81 14.49 -18.01 -4.73
N SER A 82 15.37 -18.88 -5.22
CA SER A 82 16.18 -18.62 -6.48
C SER A 82 17.45 -17.78 -6.19
N ASN A 83 17.42 -16.89 -5.22
CA ASN A 83 18.62 -16.05 -4.94
C ASN A 83 19.10 -16.22 -3.50
N GLN A 84 18.26 -16.66 -2.56
CA GLN A 84 18.70 -16.69 -1.11
C GLN A 84 18.88 -15.22 -0.70
N GLY A 85 18.99 -14.82 0.58
CA GLY A 85 19.11 -13.33 0.86
C GLY A 85 17.90 -12.65 0.18
N VAL A 86 18.14 -11.67 -0.67
CA VAL A 86 17.01 -10.94 -1.33
C VAL A 86 16.01 -10.48 -0.25
N ALA A 87 16.14 -9.25 0.21
CA ALA A 87 15.20 -8.77 1.27
C ALA A 87 14.00 -8.07 0.64
N ARG A 88 12.92 -8.78 0.41
CA ARG A 88 11.70 -8.11 -0.12
C ARG A 88 10.96 -7.56 1.10
N VAL A 89 10.91 -8.35 2.15
CA VAL A 89 10.32 -7.88 3.43
C VAL A 89 11.51 -7.52 4.33
N ASP A 90 12.16 -6.42 4.04
CA ASP A 90 13.36 -6.03 4.82
C ASP A 90 12.97 -5.17 6.03
N SER A 91 13.54 -5.49 7.17
CA SER A 91 13.26 -4.72 8.40
C SER A 91 14.49 -4.74 9.29
N GLY A 92 15.20 -3.65 9.36
CA GLY A 92 16.42 -3.59 10.20
C GLY A 92 16.07 -2.84 11.48
N GLY A 93 15.50 -3.55 12.43
CA GLY A 93 15.11 -2.91 13.71
C GLY A 93 16.29 -2.97 14.67
N THR A 113 22.83 -8.72 -8.31
CA THR A 113 22.09 -10.00 -8.15
C THR A 113 21.17 -9.93 -6.93
N LEU A 114 21.52 -9.13 -5.96
CA LEU A 114 20.68 -9.01 -4.72
C LEU A 114 20.06 -7.61 -4.63
N GLY A 115 18.78 -7.55 -4.42
CA GLY A 115 18.09 -6.22 -4.30
C GLY A 115 16.86 -6.37 -3.42
N VAL A 116 16.27 -5.27 -3.02
CA VAL A 116 15.06 -5.35 -2.14
C VAL A 116 13.85 -4.71 -2.82
N PHE A 117 12.74 -5.41 -2.85
CA PHE A 117 11.51 -4.86 -3.49
C PHE A 117 10.31 -5.09 -2.55
N SER A 118 9.35 -4.21 -2.56
CA SER A 118 8.18 -4.36 -1.64
C SER A 118 6.85 -4.45 -2.41
N LEU A 119 6.59 -3.51 -3.28
CA LEU A 119 5.28 -3.51 -4.01
C LEU A 119 5.09 -4.78 -4.85
N ILE A 120 5.78 -4.92 -5.96
CA ILE A 120 5.59 -6.11 -6.89
C ILE A 120 5.72 -7.49 -6.18
N LEU A 121 6.30 -8.49 -6.85
CA LEU A 121 6.48 -9.86 -6.25
C LEU A 121 7.00 -10.86 -7.31
N PRO A 122 8.28 -10.77 -7.64
CA PRO A 122 8.85 -11.71 -8.64
C PRO A 122 9.04 -13.08 -7.99
N LEU A 123 8.11 -13.98 -8.16
CA LEU A 123 8.24 -15.34 -7.55
C LEU A 123 8.09 -16.42 -8.64
N GLN A 124 8.75 -17.54 -8.44
CA GLN A 124 8.69 -18.65 -9.44
C GLN A 124 7.43 -19.51 -9.25
N ALA A 125 6.84 -20.15 -10.24
CA ALA A 125 5.61 -20.97 -9.94
C ALA A 125 5.94 -22.19 -9.07
N GLY A 126 5.36 -22.26 -7.90
CA GLY A 126 5.60 -23.44 -6.99
C GLY A 126 6.76 -23.15 -6.02
N ASP A 127 7.63 -22.23 -6.37
CA ASP A 127 8.78 -21.91 -5.46
C ASP A 127 8.27 -21.58 -4.05
N THR A 128 9.14 -21.42 -3.08
CA THR A 128 8.65 -21.13 -1.70
C THR A 128 9.45 -20.03 -1.01
N VAL A 129 8.76 -19.16 -0.31
CA VAL A 129 9.46 -18.05 0.41
C VAL A 129 9.65 -18.41 1.88
N CYS A 130 10.76 -18.01 2.46
CA CYS A 130 11.03 -18.35 3.89
C CYS A 130 11.66 -17.14 4.60
N VAL A 131 11.33 -16.93 5.85
CA VAL A 131 11.88 -15.76 6.60
C VAL A 131 13.13 -16.17 7.39
N ASP A 132 14.14 -15.34 7.36
CA ASP A 132 15.34 -15.56 8.21
C ASP A 132 15.03 -14.79 9.49
N LEU A 133 15.17 -15.45 10.61
CA LEU A 133 14.96 -14.78 11.93
C LEU A 133 16.15 -15.11 12.83
N VAL A 134 17.33 -14.74 12.40
CA VAL A 134 18.56 -14.99 13.20
C VAL A 134 19.64 -14.00 12.74
N MET A 135 19.83 -12.90 13.42
CA MET A 135 20.88 -11.92 13.00
C MET A 135 21.49 -11.31 14.25
N GLY A 136 22.05 -12.15 15.09
CA GLY A 136 22.65 -11.70 16.38
C GLY A 136 22.17 -12.67 17.46
N GLN A 137 23.06 -13.36 18.12
CA GLN A 137 22.62 -14.33 19.18
C GLN A 137 22.35 -13.59 20.50
N LEU A 138 23.34 -12.91 21.02
CA LEU A 138 23.15 -12.16 22.30
C LEU A 138 22.02 -11.13 22.15
N ALA A 139 20.81 -11.52 22.45
CA ALA A 139 19.66 -10.57 22.32
C ALA A 139 18.68 -10.77 23.48
N HIS A 140 17.42 -10.43 23.27
CA HIS A 140 16.41 -10.59 24.36
C HIS A 140 15.30 -11.54 23.90
N SER A 141 14.41 -11.90 24.79
CA SER A 141 13.30 -12.82 24.42
C SER A 141 12.00 -12.01 24.21
N GLU A 142 11.33 -12.22 23.10
CA GLU A 142 10.07 -11.46 22.85
C GLU A 142 9.17 -12.23 21.88
N GLU A 143 7.89 -11.94 21.91
CA GLU A 143 6.93 -12.64 20.97
C GLU A 143 5.93 -11.63 20.40
N PRO A 144 6.32 -10.96 19.33
CA PRO A 144 5.43 -9.95 18.71
C PRO A 144 4.26 -10.62 17.98
N LEU A 145 3.49 -9.83 17.28
CA LEU A 145 2.35 -10.35 16.48
C LEU A 145 2.50 -9.82 15.05
N THR A 146 1.97 -10.50 14.06
CA THR A 146 2.13 -10.00 12.66
C THR A 146 0.93 -10.40 11.79
N ILE A 147 0.51 -9.53 10.91
CA ILE A 147 -0.65 -9.84 10.01
C ILE A 147 -0.10 -10.11 8.60
N PHE A 148 -0.48 -11.22 8.01
CA PHE A 148 0.06 -11.55 6.65
C PHE A 148 -1.07 -11.71 5.62
N SER A 149 -1.34 -10.66 4.88
CA SER A 149 -2.40 -10.76 3.82
C SER A 149 -1.74 -10.79 2.44
N GLY A 150 -2.41 -11.27 1.43
CA GLY A 150 -1.82 -11.32 0.06
C GLY A 150 -2.94 -11.84 -0.87
N ALA A 151 -3.49 -10.98 -1.69
CA ALA A 151 -4.65 -11.42 -2.54
C ALA A 151 -4.33 -11.54 -4.03
N LEU A 152 -5.03 -12.40 -4.76
CA LEU A 152 -4.74 -12.53 -6.22
C LEU A 152 -5.24 -11.28 -6.97
N LEU A 153 -4.43 -10.75 -7.85
CA LEU A 153 -4.85 -9.54 -8.61
C LEU A 153 -5.14 -9.91 -10.07
N TYR A 154 -4.17 -10.46 -10.75
CA TYR A 154 -4.36 -10.88 -12.17
C TYR A 154 -3.55 -12.16 -12.39
N GLY A 155 -4.00 -13.08 -13.20
CA GLY A 155 -3.23 -14.34 -13.44
C GLY A 155 -2.73 -14.33 -14.89
N ASP A 156 -1.76 -15.15 -15.21
CA ASP A 156 -1.26 -15.18 -16.62
C ASP A 156 -2.30 -15.91 -17.52
N PRO A 157 -2.91 -15.18 -18.42
CA PRO A 157 -3.94 -15.80 -19.31
C PRO A 157 -3.30 -16.36 -20.58
N GLU A 158 -2.56 -17.44 -20.45
CA GLU A 158 -1.84 -18.08 -21.60
C GLU A 158 -0.74 -17.11 -22.07
N LEU A 159 -1.12 -16.05 -22.73
CA LEU A 159 -0.12 -15.06 -23.24
C LEU A 159 1.01 -15.73 -24.03
N GLU A 160 0.80 -16.93 -24.53
CA GLU A 160 1.88 -17.60 -25.31
C GLU A 160 1.69 -17.31 -26.81
N HIS A 161 2.75 -17.42 -27.59
CA HIS A 161 2.64 -17.15 -29.05
C HIS A 161 3.61 -18.05 -29.82
N ALA A 162 3.17 -19.21 -30.27
CA ALA A 162 4.08 -20.13 -31.03
C ALA A 162 4.76 -19.38 -32.19
N PRO B 13 -23.23 -5.40 -16.44
CA PRO B 13 -23.17 -3.91 -16.45
C PRO B 13 -21.83 -3.45 -15.89
N VAL B 14 -21.53 -2.18 -16.03
CA VAL B 14 -20.23 -1.66 -15.52
C VAL B 14 -20.46 -0.35 -14.74
N PRO B 15 -20.43 -0.43 -13.43
CA PRO B 15 -20.65 0.79 -12.60
C PRO B 15 -19.47 1.76 -12.71
N GLN B 16 -18.30 1.26 -13.14
CA GLN B 16 -17.06 2.13 -13.30
C GLN B 16 -17.04 3.34 -12.33
N VAL B 17 -16.89 3.09 -11.05
CA VAL B 17 -16.89 4.23 -10.07
C VAL B 17 -15.57 4.29 -9.29
N ALA B 18 -15.05 5.47 -9.13
CA ALA B 18 -13.81 5.66 -8.32
C ALA B 18 -14.16 6.67 -7.23
N PHE B 19 -13.44 6.75 -6.14
CA PHE B 19 -13.80 7.77 -5.11
C PHE B 19 -12.57 8.03 -4.24
N SER B 20 -12.20 9.27 -4.08
CA SER B 20 -11.00 9.62 -3.27
C SER B 20 -10.90 11.14 -3.19
N ALA B 21 -10.65 11.69 -2.03
CA ALA B 21 -10.55 13.18 -1.92
C ALA B 21 -9.27 13.56 -1.18
N ALA B 22 -8.80 14.76 -1.39
CA ALA B 22 -7.53 15.20 -0.70
C ALA B 22 -7.80 16.42 0.18
N LEU B 23 -7.12 16.50 1.28
CA LEU B 23 -7.32 17.66 2.20
C LEU B 23 -6.03 18.49 2.31
N SER B 24 -6.14 19.79 2.21
CA SER B 24 -4.92 20.66 2.32
C SER B 24 -5.28 22.10 2.75
N LEU B 25 -6.49 22.34 3.26
CA LEU B 25 -6.91 23.73 3.71
C LEU B 25 -5.76 24.53 4.36
N PRO B 26 -5.92 25.84 4.44
CA PRO B 26 -4.86 26.73 5.01
C PRO B 26 -4.52 26.41 6.49
N ARG B 27 -5.19 27.03 7.44
CA ARG B 27 -4.84 26.78 8.88
C ARG B 27 -6.09 26.54 9.74
N SER B 28 -6.10 27.04 10.98
CA SER B 28 -7.26 26.83 11.92
C SER B 28 -8.61 26.86 11.20
N GLU B 29 -9.41 25.84 11.38
CA GLU B 29 -10.76 25.82 10.75
C GLU B 29 -11.81 26.13 11.83
N PRO B 30 -13.02 26.44 11.42
CA PRO B 30 -14.09 26.75 12.40
C PRO B 30 -14.58 25.48 13.11
N GLY B 31 -14.26 24.31 12.60
CA GLY B 31 -14.70 23.06 13.26
C GLY B 31 -14.15 21.84 12.51
N THR B 32 -14.98 20.85 12.25
CA THR B 32 -14.48 19.63 11.54
C THR B 32 -14.06 19.97 10.11
N VAL B 33 -13.21 19.16 9.54
CA VAL B 33 -12.67 19.47 8.18
C VAL B 33 -13.41 18.75 7.03
N PRO B 34 -13.75 19.50 5.99
CA PRO B 34 -14.42 18.92 4.82
C PRO B 34 -13.36 18.48 3.78
N PHE B 35 -13.64 18.50 2.50
CA PHE B 35 -12.61 18.08 1.49
C PHE B 35 -12.83 18.84 0.17
N ASP B 36 -11.84 19.55 -0.31
CA ASP B 36 -12.05 20.34 -1.58
C ASP B 36 -11.21 19.81 -2.75
N ARG B 37 -10.39 18.79 -2.54
CA ARG B 37 -9.55 18.28 -3.68
C ARG B 37 -10.27 17.13 -4.41
N VAL B 38 -11.05 17.42 -5.41
CA VAL B 38 -11.76 16.32 -6.14
C VAL B 38 -10.75 15.55 -7.00
N LEU B 39 -10.25 14.44 -6.50
CA LEU B 39 -9.26 13.64 -7.29
C LEU B 39 -9.99 12.72 -8.26
N LEU B 40 -11.00 12.02 -7.79
CA LEU B 40 -11.79 11.12 -8.69
C LEU B 40 -12.99 10.57 -7.91
N ASN B 41 -14.16 11.10 -8.13
CA ASN B 41 -15.38 10.63 -7.38
C ASN B 41 -16.58 11.46 -7.82
N ASP B 42 -17.18 11.13 -8.94
CA ASP B 42 -18.36 11.93 -9.41
C ASP B 42 -19.54 11.78 -8.45
N GLY B 43 -19.86 10.58 -8.05
CA GLY B 43 -21.02 10.37 -7.13
C GLY B 43 -20.70 10.80 -5.70
N GLY B 44 -19.45 10.84 -5.30
CA GLY B 44 -19.12 11.22 -3.89
C GLY B 44 -19.26 9.98 -3.01
N TYR B 45 -20.44 9.40 -2.99
CA TYR B 45 -20.70 8.14 -2.22
C TYR B 45 -20.47 8.26 -0.70
N TYR B 46 -19.23 8.45 -0.26
CA TYR B 46 -18.99 8.47 1.22
C TYR B 46 -18.60 9.85 1.78
N ASP B 47 -19.49 10.45 2.53
CA ASP B 47 -19.21 11.79 3.13
C ASP B 47 -18.08 11.68 4.17
N PRO B 48 -16.97 12.37 3.91
CA PRO B 48 -15.81 12.32 4.86
C PRO B 48 -16.06 13.19 6.11
N GLU B 49 -17.19 13.83 6.22
CA GLU B 49 -17.47 14.64 7.45
C GLU B 49 -17.79 13.67 8.57
N THR B 50 -18.88 12.97 8.42
CA THR B 50 -19.26 11.94 9.42
C THR B 50 -18.77 10.57 8.95
N GLY B 51 -18.43 10.44 7.67
CA GLY B 51 -17.94 9.12 7.18
C GLY B 51 -19.10 8.21 6.80
N VAL B 52 -20.25 8.77 6.52
CA VAL B 52 -21.40 7.90 6.17
C VAL B 52 -21.17 7.34 4.76
N PHE B 53 -20.48 6.22 4.72
CA PHE B 53 -20.12 5.60 3.41
C PHE B 53 -21.19 4.64 2.90
N THR B 54 -21.94 5.02 1.90
CA THR B 54 -22.96 4.09 1.32
C THR B 54 -22.35 3.44 0.08
N ALA B 55 -21.85 2.24 0.19
CA ALA B 55 -21.17 1.59 -0.97
C ALA B 55 -22.06 0.63 -1.78
N PRO B 56 -22.45 1.04 -2.98
CA PRO B 56 -23.24 0.15 -3.86
C PRO B 56 -22.29 -0.68 -4.73
N LEU B 57 -21.01 -0.31 -4.79
CA LEU B 57 -20.00 -1.03 -5.64
C LEU B 57 -20.23 -2.55 -5.74
N ALA B 58 -20.38 -3.22 -4.62
CA ALA B 58 -20.60 -4.71 -4.66
C ALA B 58 -19.51 -5.39 -5.50
N GLY B 59 -18.47 -5.87 -4.86
CA GLY B 59 -17.36 -6.52 -5.57
C GLY B 59 -16.14 -6.45 -4.67
N ARG B 60 -14.98 -6.47 -5.23
CA ARG B 60 -13.74 -6.35 -4.42
C ARG B 60 -13.01 -5.06 -4.83
N TYR B 61 -12.70 -4.18 -3.91
CA TYR B 61 -12.00 -2.92 -4.29
C TYR B 61 -10.80 -2.65 -3.36
N LEU B 62 -9.90 -1.81 -3.80
CA LEU B 62 -8.69 -1.50 -2.98
C LEU B 62 -8.94 -0.27 -2.10
N LEU B 63 -8.86 -0.45 -0.81
CA LEU B 63 -9.10 0.70 0.13
C LEU B 63 -7.79 1.11 0.81
N SER B 64 -7.60 2.38 1.04
CA SER B 64 -6.34 2.86 1.69
C SER B 64 -6.60 4.11 2.53
N ALA B 65 -6.43 4.00 3.83
CA ALA B 65 -6.63 5.17 4.73
C ALA B 65 -5.27 5.66 5.22
N VAL B 66 -5.11 6.95 5.41
CA VAL B 66 -3.79 7.47 5.88
C VAL B 66 -3.77 7.65 7.40
N LEU B 67 -2.89 6.96 8.09
CA LEU B 67 -2.91 7.03 9.58
C LEU B 67 -1.93 8.04 10.19
N THR B 68 -2.47 9.07 10.79
CA THR B 68 -1.60 10.08 11.47
C THR B 68 -0.89 9.38 12.63
N GLY B 69 0.36 9.70 12.85
CA GLY B 69 1.12 9.05 13.97
C GLY B 69 0.52 9.43 15.32
N HIS B 70 0.59 10.69 15.69
CA HIS B 70 0.02 11.14 17.02
C HIS B 70 0.46 10.19 18.15
N ARG B 71 1.73 10.17 18.46
CA ARG B 71 2.24 9.27 19.53
C ARG B 71 1.76 9.70 20.93
N HIS B 72 1.11 10.83 21.05
CA HIS B 72 0.63 11.32 22.39
C HIS B 72 -0.39 10.37 23.05
N GLU B 73 -0.69 9.20 22.48
CA GLU B 73 -1.66 8.19 23.09
C GLU B 73 -3.08 8.34 22.50
N LYS B 74 -4.07 7.74 23.15
CA LYS B 74 -5.51 7.74 22.68
C LYS B 74 -5.69 6.54 21.73
N VAL B 75 -6.90 6.06 21.55
CA VAL B 75 -7.10 4.89 20.65
C VAL B 75 -8.09 5.21 19.50
N GLU B 76 -7.60 5.16 18.29
CA GLU B 76 -8.49 5.39 17.11
C GLU B 76 -8.89 4.01 16.57
N ALA B 77 -10.16 3.82 16.27
CA ALA B 77 -10.66 2.53 15.71
C ALA B 77 -11.96 2.83 14.97
N VAL B 78 -11.99 2.50 13.70
CA VAL B 78 -13.22 2.76 12.89
C VAL B 78 -14.24 1.61 13.04
N LEU B 79 -15.49 1.94 13.29
CA LEU B 79 -16.54 0.87 13.43
C LEU B 79 -16.72 0.17 12.07
N SER B 80 -17.24 -1.03 12.08
CA SER B 80 -17.52 -1.75 10.80
C SER B 80 -18.98 -2.22 10.82
N ARG B 81 -19.73 -2.04 9.77
CA ARG B 81 -21.17 -2.50 9.81
C ARG B 81 -21.28 -4.03 9.95
N SER B 82 -22.40 -4.49 10.49
CA SER B 82 -22.69 -5.96 10.71
C SER B 82 -22.05 -6.49 12.01
N ASN B 83 -20.93 -5.97 12.43
CA ASN B 83 -20.29 -6.49 13.68
C ASN B 83 -20.11 -5.37 14.72
N GLN B 84 -20.07 -4.12 14.34
CA GLN B 84 -19.75 -3.02 15.35
C GLN B 84 -18.28 -3.25 15.76
N GLY B 85 -17.56 -2.35 16.41
CA GLY B 85 -16.10 -2.68 16.71
C GLY B 85 -15.44 -3.03 15.37
N VAL B 86 -14.82 -4.19 15.26
CA VAL B 86 -14.12 -4.57 13.98
C VAL B 86 -13.18 -3.43 13.56
N ALA B 87 -11.93 -3.52 13.93
CA ALA B 87 -10.98 -2.42 13.56
C ALA B 87 -10.28 -2.74 12.24
N ARG B 88 -10.82 -2.28 11.13
CA ARG B 88 -10.12 -2.49 9.83
C ARG B 88 -9.10 -1.36 9.71
N VAL B 89 -9.51 -0.17 10.08
CA VAL B 89 -8.57 0.98 10.11
C VAL B 89 -8.19 1.19 11.57
N ASP B 90 -7.39 0.29 12.08
CA ASP B 90 -7.00 0.35 13.52
C ASP B 90 -5.76 1.24 13.73
N SER B 91 -5.83 2.10 14.71
CA SER B 91 -4.67 3.00 15.01
C SER B 91 -4.67 3.29 16.50
N GLY B 92 -3.76 2.69 17.22
CA GLY B 92 -3.68 2.92 18.69
C GLY B 92 -2.53 3.90 18.94
N GLY B 93 -2.80 5.16 18.81
CA GLY B 93 -1.75 6.19 19.03
C GLY B 93 -1.73 6.58 20.50
N THR B 113 -15.22 -13.56 16.38
CA THR B 113 -16.24 -12.68 15.71
C THR B 113 -15.63 -11.32 15.41
N LEU B 114 -14.67 -10.89 16.18
CA LEU B 114 -14.03 -9.57 15.95
C LEU B 114 -12.58 -9.74 15.49
N GLY B 115 -12.22 -9.08 14.41
CA GLY B 115 -10.82 -9.20 13.90
C GLY B 115 -10.46 -7.91 13.16
N VAL B 116 -9.19 -7.72 12.86
CA VAL B 116 -8.77 -6.48 12.13
C VAL B 116 -8.15 -6.82 10.78
N PHE B 117 -8.61 -6.17 9.73
CA PHE B 117 -8.05 -6.44 8.37
C PHE B 117 -7.75 -5.10 7.69
N SER B 118 -6.75 -5.05 6.85
CA SER B 118 -6.40 -3.76 6.18
C SER B 118 -6.46 -3.88 4.64
N LEU B 119 -5.80 -4.86 4.08
CA LEU B 119 -5.77 -4.99 2.59
C LEU B 119 -7.18 -5.18 2.00
N ILE B 120 -7.77 -6.34 2.14
CA ILE B 120 -9.12 -6.64 1.52
C ILE B 120 -10.23 -5.60 1.88
N LEU B 121 -11.47 -6.05 2.08
CA LEU B 121 -12.60 -5.12 2.42
C LEU B 121 -13.96 -5.86 2.41
N PRO B 122 -14.21 -6.68 3.41
CA PRO B 122 -15.50 -7.42 3.46
C PRO B 122 -16.63 -6.46 3.86
N LEU B 123 -17.34 -5.92 2.91
CA LEU B 123 -18.46 -4.99 3.22
C LEU B 123 -19.76 -5.47 2.57
N GLN B 124 -20.87 -5.17 3.20
CA GLN B 124 -22.20 -5.61 2.67
C GLN B 124 -22.71 -4.66 1.57
N ALA B 125 -23.50 -5.05 0.59
CA ALA B 125 -23.93 -4.04 -0.44
C ALA B 125 -24.88 -3.00 0.17
N GLY B 126 -24.49 -1.75 0.15
CA GLY B 126 -25.37 -0.65 0.70
C GLY B 126 -25.02 -0.36 2.17
N ASP B 127 -24.43 -1.31 2.85
CA ASP B 127 -24.07 -1.10 4.29
C ASP B 127 -23.25 0.18 4.45
N THR B 128 -22.97 0.62 5.66
CA THR B 128 -22.20 1.89 5.82
C THR B 128 -21.11 1.79 6.88
N VAL B 129 -19.96 2.35 6.59
CA VAL B 129 -18.84 2.30 7.58
C VAL B 129 -18.76 3.62 8.37
N CYS B 130 -18.43 3.55 9.63
CA CYS B 130 -18.37 4.78 10.47
C CYS B 130 -17.15 4.72 11.39
N VAL B 131 -16.51 5.84 11.64
CA VAL B 131 -15.30 5.85 12.51
C VAL B 131 -15.67 6.21 13.95
N ASP B 132 -15.10 5.48 14.89
CA ASP B 132 -15.28 5.84 16.32
C ASP B 132 -14.11 6.78 16.63
N LEU B 133 -14.42 7.91 17.19
CA LEU B 133 -13.36 8.88 17.58
C LEU B 133 -13.62 9.31 19.03
N VAL B 134 -13.61 8.36 19.94
CA VAL B 134 -13.86 8.65 21.39
C VAL B 134 -13.26 7.51 22.20
N MET B 135 -12.07 7.62 22.71
CA MET B 135 -11.48 6.52 23.54
C MET B 135 -10.64 7.15 24.65
N GLY B 136 -11.29 7.95 25.46
CA GLY B 136 -10.60 8.66 26.58
C GLY B 136 -11.09 10.11 26.56
N GLN B 137 -11.71 10.57 27.61
CA GLN B 137 -12.21 11.98 27.62
C GLN B 137 -11.08 12.95 27.97
N LEU B 138 -10.46 12.78 29.12
CA LEU B 138 -9.34 13.69 29.52
C LEU B 138 -8.22 13.63 28.49
N ALA B 139 -8.26 14.48 27.51
CA ALA B 139 -7.19 14.48 26.45
C ALA B 139 -6.86 15.91 26.05
N HIS B 140 -6.36 16.10 24.84
CA HIS B 140 -6.00 17.48 24.38
C HIS B 140 -6.81 17.84 23.13
N SER B 141 -6.72 19.07 22.69
CA SER B 141 -7.47 19.50 21.48
C SER B 141 -6.54 19.54 20.27
N GLU B 142 -6.93 18.93 19.18
CA GLU B 142 -6.06 18.93 17.97
C GLU B 142 -6.90 18.72 16.70
N GLU B 143 -6.39 19.12 15.57
CA GLU B 143 -7.15 18.94 14.28
C GLU B 143 -6.18 18.48 13.18
N PRO B 144 -5.95 17.18 13.10
CA PRO B 144 -5.01 16.65 12.09
C PRO B 144 -5.64 16.71 10.68
N LEU B 145 -4.97 16.12 9.72
CA LEU B 145 -5.48 16.06 8.32
C LEU B 145 -5.46 14.60 7.89
N THR B 146 -6.28 14.19 6.95
CA THR B 146 -6.25 12.76 6.51
C THR B 146 -6.67 12.62 5.05
N ILE B 147 -6.04 11.72 4.33
CA ILE B 147 -6.38 11.50 2.90
C ILE B 147 -7.16 10.19 2.77
N PHE B 148 -8.31 10.21 2.15
CA PHE B 148 -9.11 8.96 2.03
C PHE B 148 -9.36 8.58 0.57
N SER B 149 -8.57 7.67 0.06
CA SER B 149 -8.77 7.21 -1.35
C SER B 149 -9.33 5.79 -1.34
N GLY B 150 -9.96 5.36 -2.41
CA GLY B 150 -10.53 3.98 -2.47
C GLY B 150 -11.07 3.79 -3.89
N ALA B 151 -10.41 3.00 -4.70
CA ALA B 151 -10.85 2.88 -6.13
C ALA B 151 -11.48 1.53 -6.49
N LEU B 152 -12.36 1.47 -7.46
CA LEU B 152 -12.98 0.16 -7.83
C LEU B 152 -11.95 -0.73 -8.54
N LEU B 153 -11.86 -1.98 -8.15
CA LEU B 153 -10.88 -2.89 -8.81
C LEU B 153 -11.61 -3.90 -9.71
N TYR B 154 -12.52 -4.66 -9.15
CA TYR B 154 -13.30 -5.66 -9.94
C TYR B 154 -14.71 -5.69 -9.36
N GLY B 155 -15.74 -5.89 -10.16
CA GLY B 155 -17.12 -5.96 -9.61
C GLY B 155 -17.64 -7.39 -9.78
N ASP B 156 -18.69 -7.75 -9.07
CA ASP B 156 -19.24 -9.15 -9.23
C ASP B 156 -19.99 -9.25 -10.57
N PRO B 157 -19.47 -10.04 -11.49
CA PRO B 157 -20.11 -10.19 -12.80
C PRO B 157 -21.15 -11.32 -12.80
N GLU B 158 -22.24 -11.11 -12.12
CA GLU B 158 -23.32 -12.15 -11.99
C GLU B 158 -22.77 -13.30 -11.15
N LEU B 159 -21.91 -14.10 -11.73
CA LEU B 159 -21.31 -15.27 -11.01
C LEU B 159 -22.40 -16.15 -10.35
N GLU B 160 -23.62 -16.07 -10.80
CA GLU B 160 -24.69 -16.92 -10.19
C GLU B 160 -24.84 -18.22 -10.98
N HIS B 161 -25.37 -19.25 -10.36
CA HIS B 161 -25.54 -20.55 -11.07
C HIS B 161 -26.78 -21.28 -10.56
N ALA B 162 -27.93 -21.08 -11.20
CA ALA B 162 -29.18 -21.76 -10.75
C ALA B 162 -28.96 -23.28 -10.60
N PRO C 13 -7.39 -3.72 -26.86
CA PRO C 13 -5.93 -4.00 -26.94
C PRO C 13 -5.39 -4.31 -25.55
N VAL C 14 -4.17 -4.79 -25.46
CA VAL C 14 -3.58 -5.12 -24.13
C VAL C 14 -2.20 -4.46 -23.98
N PRO C 15 -2.14 -3.39 -23.22
CA PRO C 15 -0.85 -2.68 -23.02
C PRO C 15 0.12 -3.51 -22.16
N GLN C 16 -0.40 -4.44 -21.37
CA GLN C 16 0.46 -5.33 -20.48
C GLN C 16 1.80 -4.67 -20.09
N VAL C 17 1.77 -3.65 -19.27
CA VAL C 17 3.04 -2.97 -18.87
C VAL C 17 3.26 -3.03 -17.35
N ALA C 18 4.47 -3.34 -16.96
CA ALA C 18 4.80 -3.35 -15.51
C ALA C 18 6.04 -2.48 -15.37
N PHE C 19 6.34 -1.89 -14.23
CA PHE C 19 7.57 -1.07 -14.12
C PHE C 19 7.94 -0.94 -12.64
N SER C 20 9.16 -1.25 -12.30
CA SER C 20 9.62 -1.17 -10.88
C SER C 20 11.10 -1.52 -10.82
N ALA C 21 11.90 -0.76 -10.11
CA ALA C 21 13.35 -1.07 -10.03
C ALA C 21 13.82 -1.02 -8.58
N ALA C 22 14.89 -1.70 -8.26
CA ALA C 22 15.39 -1.70 -6.84
C ALA C 22 16.83 -1.20 -6.76
N LEU C 23 17.12 -0.45 -5.73
CA LEU C 23 18.50 0.09 -5.56
C LEU C 23 19.14 -0.52 -4.31
N SER C 24 20.39 -0.90 -4.40
CA SER C 24 21.08 -1.50 -3.22
C SER C 24 22.61 -1.33 -3.33
N LEU C 25 23.09 -0.41 -4.16
CA LEU C 25 24.58 -0.19 -4.33
C LEU C 25 25.37 -0.39 -3.01
N PRO C 26 26.67 -0.62 -3.14
CA PRO C 26 27.52 -0.87 -1.93
C PRO C 26 27.50 0.29 -0.92
N ARG C 27 28.38 1.26 -1.05
CA ARG C 27 28.41 2.37 -0.04
C ARG C 27 28.38 3.75 -0.71
N SER C 28 29.12 4.73 -0.18
CA SER C 28 29.13 6.12 -0.75
C SER C 28 29.06 6.14 -2.28
N GLU C 29 28.12 6.88 -2.82
CA GLU C 29 28.02 6.99 -4.29
C GLU C 29 28.64 8.33 -4.73
N PRO C 30 29.04 8.44 -5.97
CA PRO C 30 29.66 9.69 -6.45
C PRO C 30 28.63 10.83 -6.56
N GLY C 31 27.35 10.51 -6.53
CA GLY C 31 26.31 11.57 -6.62
C GLY C 31 24.92 10.95 -6.50
N THR C 32 23.98 11.35 -7.32
CA THR C 32 22.60 10.79 -7.21
C THR C 32 22.61 9.29 -7.56
N VAL C 33 21.66 8.56 -7.06
CA VAL C 33 21.68 7.08 -7.26
C VAL C 33 20.83 6.59 -8.46
N PRO C 34 21.38 5.62 -9.19
CA PRO C 34 20.66 5.03 -10.33
C PRO C 34 19.92 3.76 -9.86
N PHE C 35 19.70 2.79 -10.71
CA PHE C 35 19.00 1.54 -10.25
C PHE C 35 19.48 0.33 -11.07
N ASP C 36 19.97 -0.71 -10.43
CA ASP C 36 20.48 -1.88 -11.21
C ASP C 36 19.61 -3.14 -11.03
N ARG C 37 18.59 -3.10 -10.21
CA ARG C 37 17.74 -4.33 -10.01
C ARG C 37 16.55 -4.34 -10.97
N VAL C 38 16.70 -4.86 -12.16
CA VAL C 38 15.55 -4.90 -13.11
C VAL C 38 14.53 -5.93 -12.63
N LEU C 39 13.51 -5.51 -11.93
CA LEU C 39 12.50 -6.48 -11.42
C LEU C 39 11.41 -6.72 -12.47
N LEU C 40 10.90 -5.68 -13.08
CA LEU C 40 9.85 -5.86 -14.13
C LEU C 40 9.58 -4.51 -14.79
N ASN C 41 10.12 -4.28 -15.97
CA ASN C 41 9.93 -2.98 -16.69
C ASN C 41 10.74 -3.02 -17.98
N ASP C 42 10.20 -3.61 -19.03
CA ASP C 42 10.98 -3.69 -20.30
C ASP C 42 11.21 -2.28 -20.90
N GLY C 43 10.18 -1.47 -20.94
CA GLY C 43 10.35 -0.11 -21.54
C GLY C 43 11.13 0.83 -20.61
N GLY C 44 11.12 0.59 -19.31
CA GLY C 44 11.85 1.53 -18.38
C GLY C 44 10.95 2.73 -18.14
N TYR C 45 10.64 3.46 -19.18
CA TYR C 45 9.72 4.65 -19.10
C TYR C 45 10.20 5.77 -18.18
N TYR C 46 10.27 5.55 -16.89
CA TYR C 46 10.67 6.68 -15.98
C TYR C 46 12.06 6.56 -15.33
N ASP C 47 12.97 7.39 -15.78
CA ASP C 47 14.37 7.37 -15.22
C ASP C 47 14.35 7.83 -13.74
N PRO C 48 14.73 6.93 -12.83
CA PRO C 48 14.74 7.27 -11.38
C PRO C 48 15.97 8.12 -11.00
N GLU C 49 16.81 8.46 -11.97
CA GLU C 49 17.99 9.33 -11.63
C GLU C 49 17.46 10.74 -11.44
N THR C 50 16.96 11.31 -12.50
CA THR C 50 16.36 12.67 -12.41
C THR C 50 14.85 12.53 -12.23
N GLY C 51 14.29 11.36 -12.47
CA GLY C 51 12.82 11.18 -12.28
C GLY C 51 12.05 11.64 -13.52
N VAL C 52 12.69 11.68 -14.67
CA VAL C 52 11.94 12.13 -15.88
C VAL C 52 11.00 11.00 -16.28
N PHE C 53 9.82 11.03 -15.70
CA PHE C 53 8.81 9.95 -15.94
C PHE C 53 7.93 10.26 -17.15
N THR C 54 8.17 9.62 -18.26
CA THR C 54 7.30 9.83 -19.47
C THR C 54 6.30 8.68 -19.54
N ALA C 55 5.08 8.91 -19.10
CA ALA C 55 4.08 7.80 -19.06
C ALA C 55 3.09 7.77 -20.25
N PRO C 56 3.33 6.87 -21.20
CA PRO C 56 2.39 6.72 -22.34
C PRO C 56 1.23 5.78 -21.90
N LEU C 57 1.41 5.07 -20.81
CA LEU C 57 0.37 4.09 -20.33
C LEU C 57 -1.08 4.58 -20.53
N ALA C 58 -1.38 5.79 -20.13
CA ALA C 58 -2.77 6.32 -20.30
C ALA C 58 -3.79 5.36 -19.68
N GLY C 59 -4.21 5.63 -18.48
CA GLY C 59 -5.18 4.74 -17.78
C GLY C 59 -5.04 5.03 -16.29
N ARG C 60 -5.40 4.09 -15.47
CA ARG C 60 -5.25 4.26 -13.99
C ARG C 60 -4.25 3.21 -13.48
N TYR C 61 -3.21 3.63 -12.78
CA TYR C 61 -2.24 2.63 -12.27
C TYR C 61 -1.89 2.89 -10.80
N LEU C 62 -1.45 1.88 -10.09
CA LEU C 62 -1.09 2.05 -8.66
C LEU C 62 0.42 2.21 -8.51
N LEU C 63 0.86 3.34 -8.03
CA LEU C 63 2.33 3.58 -7.85
C LEU C 63 2.63 3.87 -6.38
N SER C 64 3.77 3.42 -5.90
CA SER C 64 4.12 3.65 -4.47
C SER C 64 5.61 3.95 -4.31
N ALA C 65 5.93 5.07 -3.71
CA ALA C 65 7.35 5.43 -3.49
C ALA C 65 7.73 5.11 -2.04
N VAL C 66 8.96 4.75 -1.78
CA VAL C 66 9.35 4.41 -0.39
C VAL C 66 9.89 5.64 0.35
N LEU C 67 9.26 6.03 1.43
CA LEU C 67 9.68 7.29 2.13
C LEU C 67 10.71 7.06 3.25
N THR C 68 11.91 7.53 3.04
CA THR C 68 12.96 7.42 4.10
C THR C 68 12.48 8.22 5.31
N GLY C 69 12.70 7.72 6.49
CA GLY C 69 12.24 8.44 7.72
C GLY C 69 12.94 9.81 7.81
N HIS C 70 14.23 9.82 7.97
CA HIS C 70 14.98 11.13 8.06
C HIS C 70 14.27 12.13 8.99
N ARG C 71 14.17 11.80 10.25
CA ARG C 71 13.47 12.71 11.22
C ARG C 71 14.25 14.03 11.43
N HIS C 72 15.45 14.13 10.91
CA HIS C 72 16.27 15.38 11.10
C HIS C 72 15.62 16.63 10.47
N GLU C 73 14.39 16.59 9.94
CA GLU C 73 13.69 17.80 9.32
C GLU C 73 13.91 17.89 7.79
N LYS C 74 13.66 19.06 7.22
CA LYS C 74 13.75 19.30 5.72
C LYS C 74 12.38 18.99 5.10
N VAL C 75 12.10 19.48 3.91
CA VAL C 75 10.77 19.20 3.29
C VAL C 75 10.93 18.50 1.93
N GLU C 76 10.46 17.29 1.85
CA GLU C 76 10.50 16.55 0.56
C GLU C 76 9.08 16.57 -0.03
N ALA C 77 8.96 16.94 -1.28
CA ALA C 77 7.63 16.97 -1.97
C ALA C 77 7.91 16.88 -3.47
N VAL C 78 7.38 15.87 -4.10
CA VAL C 78 7.60 15.69 -5.57
C VAL C 78 6.66 16.58 -6.40
N LEU C 79 7.18 17.32 -7.36
CA LEU C 79 6.30 18.18 -8.21
C LEU C 79 5.40 17.27 -9.06
N SER C 80 4.28 17.77 -9.50
CA SER C 80 3.39 16.96 -10.39
C SER C 80 3.12 17.76 -11.67
N ARG C 81 3.17 17.14 -12.83
CA ARG C 81 2.92 17.93 -14.09
C ARG C 81 1.49 18.50 -14.13
N SER C 82 1.31 19.59 -14.86
CA SER C 82 -0.03 20.29 -15.02
C SER C 82 -0.31 21.27 -13.86
N ASN C 83 0.17 20.99 -12.68
CA ASN C 83 -0.11 21.92 -11.53
C ASN C 83 1.19 22.43 -10.89
N GLN C 84 2.32 21.76 -11.04
CA GLN C 84 3.57 22.19 -10.30
C GLN C 84 3.28 21.93 -8.81
N GLY C 85 4.20 21.94 -7.86
CA GLY C 85 3.78 21.61 -6.43
C GLY C 85 3.06 20.26 -6.47
N VAL C 86 1.84 20.19 -5.97
CA VAL C 86 1.09 18.89 -5.94
C VAL C 86 1.99 17.79 -5.33
N ALA C 87 1.87 17.56 -4.05
CA ALA C 87 2.73 16.52 -3.42
C ALA C 87 1.99 15.18 -3.36
N ARG C 88 2.19 14.31 -4.33
CA ARG C 88 1.55 12.97 -4.25
C ARG C 88 2.43 12.14 -3.31
N VAL C 89 3.73 12.27 -3.47
CA VAL C 89 4.68 11.61 -2.56
C VAL C 89 5.12 12.68 -1.56
N ASP C 90 4.28 12.95 -0.60
CA ASP C 90 4.57 14.03 0.40
C ASP C 90 5.32 13.51 1.62
N SER C 91 6.32 14.24 2.03
CA SER C 91 7.11 13.86 3.23
C SER C 91 7.58 15.14 3.92
N GLY C 92 6.95 15.51 5.00
CA GLY C 92 7.34 16.74 5.73
C GLY C 92 7.98 16.35 7.05
N GLY C 93 9.26 16.17 7.06
CA GLY C 93 9.96 15.78 8.32
C GLY C 93 10.28 17.04 9.12
N THR C 113 -6.16 24.56 -5.04
CA THR C 113 -5.51 24.21 -6.34
C THR C 113 -4.38 23.19 -6.11
N LEU C 114 -3.79 23.19 -4.95
CA LEU C 114 -2.69 22.22 -4.67
C LEU C 114 -3.11 21.23 -3.57
N GLY C 115 -2.94 19.96 -3.83
CA GLY C 115 -3.34 18.93 -2.81
C GLY C 115 -2.47 17.68 -2.99
N VAL C 116 -2.55 16.76 -2.06
CA VAL C 116 -1.72 15.52 -2.16
C VAL C 116 -2.61 14.28 -2.32
N PHE C 117 -2.24 13.37 -3.18
CA PHE C 117 -3.05 12.13 -3.38
C PHE C 117 -2.11 10.91 -3.43
N SER C 118 -2.59 9.76 -3.03
CA SER C 118 -1.71 8.55 -3.03
C SER C 118 -2.23 7.48 -4.01
N LEU C 119 -3.43 7.01 -3.80
CA LEU C 119 -3.98 5.93 -4.70
C LEU C 119 -4.12 6.43 -6.14
N ILE C 120 -5.12 7.24 -6.42
CA ILE C 120 -5.40 7.75 -7.82
C ILE C 120 -4.16 8.31 -8.57
N LEU C 121 -4.36 9.21 -9.53
CA LEU C 121 -3.22 9.81 -10.31
C LEU C 121 -3.71 10.64 -11.52
N PRO C 122 -4.03 11.90 -11.30
CA PRO C 122 -4.48 12.76 -12.42
C PRO C 122 -3.27 13.19 -13.24
N LEU C 123 -2.94 12.46 -14.28
CA LEU C 123 -1.75 12.81 -15.11
C LEU C 123 -2.13 12.89 -16.60
N GLN C 124 -1.46 13.74 -17.35
CA GLN C 124 -1.78 13.88 -18.80
C GLN C 124 -1.05 12.84 -19.65
N ALA C 125 -1.51 12.42 -20.81
CA ALA C 125 -0.72 11.37 -21.57
C ALA C 125 0.63 11.92 -22.05
N GLY C 126 1.71 11.32 -21.62
CA GLY C 126 3.07 11.75 -22.07
C GLY C 126 3.68 12.77 -21.09
N ASP C 127 2.86 13.39 -20.26
CA ASP C 127 3.39 14.41 -19.29
C ASP C 127 4.57 13.82 -18.48
N THR C 128 5.25 14.63 -17.69
CA THR C 128 6.42 14.09 -16.93
C THR C 128 6.42 14.58 -15.47
N VAL C 129 6.72 13.68 -14.55
CA VAL C 129 6.75 14.08 -13.11
C VAL C 129 8.20 14.33 -12.65
N CYS C 130 8.38 15.27 -11.75
CA CYS C 130 9.77 15.58 -11.27
C CYS C 130 9.75 15.83 -9.76
N VAL C 131 10.79 15.44 -9.06
CA VAL C 131 10.83 15.63 -7.58
C VAL C 131 11.56 16.93 -7.22
N ASP C 132 11.00 17.65 -6.27
CA ASP C 132 11.69 18.86 -5.73
C ASP C 132 12.45 18.34 -4.51
N LEU C 133 13.73 18.60 -4.47
CA LEU C 133 14.56 18.21 -3.30
C LEU C 133 15.42 19.41 -2.89
N VAL C 134 14.78 20.50 -2.53
CA VAL C 134 15.50 21.73 -2.09
C VAL C 134 14.56 22.57 -1.24
N MET C 135 14.60 22.47 0.06
CA MET C 135 13.69 23.30 0.91
C MET C 135 14.47 23.74 2.16
N GLY C 136 15.55 24.42 1.96
CA GLY C 136 16.41 24.88 3.09
C GLY C 136 17.87 24.58 2.70
N GLN C 137 18.71 25.57 2.61
CA GLN C 137 20.13 25.30 2.22
C GLN C 137 20.95 24.84 3.43
N LEU C 138 21.00 25.65 4.47
CA LEU C 138 21.78 25.26 5.69
C LEU C 138 21.23 23.95 6.27
N ALA C 139 21.75 22.83 5.84
CA ALA C 139 21.27 21.52 6.35
C ALA C 139 22.43 20.54 6.51
N HIS C 140 22.18 19.26 6.42
CA HIS C 140 23.27 18.26 6.56
C HIS C 140 23.45 17.48 5.25
N SER C 141 24.53 16.75 5.13
CA SER C 141 24.77 15.96 3.88
C SER C 141 24.42 14.49 4.11
N GLU C 142 23.64 13.91 3.22
CA GLU C 142 23.27 12.47 3.39
C GLU C 142 22.89 11.85 2.04
N GLU C 143 23.01 10.56 1.92
CA GLU C 143 22.66 9.87 0.63
C GLU C 143 21.90 8.57 0.95
N PRO C 144 20.60 8.68 1.12
CA PRO C 144 19.77 7.48 1.44
C PRO C 144 19.57 6.61 0.19
N LEU C 145 18.72 5.63 0.32
CA LEU C 145 18.37 4.73 -0.83
C LEU C 145 16.86 4.75 -1.00
N THR C 146 16.34 4.45 -2.17
CA THR C 146 14.85 4.49 -2.34
C THR C 146 14.39 3.46 -3.38
N ILE C 147 13.27 2.83 -3.13
CA ILE C 147 12.74 1.82 -4.09
C ILE C 147 11.53 2.41 -4.81
N PHE C 148 11.52 2.36 -6.12
CA PHE C 148 10.37 2.96 -6.88
C PHE C 148 9.61 1.90 -7.68
N SER C 149 8.53 1.39 -7.14
CA SER C 149 7.73 0.38 -7.89
C SER C 149 6.43 1.03 -8.38
N GLY C 150 5.79 0.49 -9.38
CA GLY C 150 4.52 1.09 -9.91
C GLY C 150 3.97 0.11 -10.95
N ALA C 151 2.85 -0.51 -10.69
CA ALA C 151 2.33 -1.54 -11.64
C ALA C 151 1.09 -1.11 -12.43
N LEU C 152 0.86 -1.63 -13.62
CA LEU C 152 -0.35 -1.22 -14.39
C LEU C 152 -1.58 -1.91 -13.79
N LEU C 153 -2.67 -1.19 -13.63
CA LEU C 153 -3.90 -1.80 -13.06
C LEU C 153 -4.95 -1.99 -14.16
N TYR C 154 -5.40 -0.92 -14.76
CA TYR C 154 -6.42 -1.01 -15.86
C TYR C 154 -6.10 0.10 -16.87
N GLY C 155 -6.33 -0.10 -18.14
CA GLY C 155 -6.05 0.97 -19.14
C GLY C 155 -7.38 1.46 -19.70
N ASP C 156 -7.41 2.61 -20.33
CA ASP C 156 -8.70 3.13 -20.90
C ASP C 156 -9.05 2.31 -22.17
N PRO C 157 -10.11 1.54 -22.12
CA PRO C 157 -10.49 0.72 -23.28
C PRO C 157 -11.42 1.50 -24.23
N GLU C 158 -10.86 2.47 -24.92
CA GLU C 158 -11.65 3.35 -25.84
C GLU C 158 -12.60 4.20 -25.01
N LEU C 159 -13.65 3.60 -24.52
CA LEU C 159 -14.66 4.33 -23.68
C LEU C 159 -15.14 5.61 -24.39
N GLU C 160 -15.01 5.71 -25.70
CA GLU C 160 -15.47 6.94 -26.41
C GLU C 160 -16.92 6.74 -26.90
N HIS C 161 -17.63 7.81 -27.11
CA HIS C 161 -19.04 7.69 -27.59
C HIS C 161 -19.39 8.86 -28.51
N ALA C 162 -19.19 8.72 -29.81
CA ALA C 162 -19.52 9.84 -30.76
C ALA C 162 -20.95 10.34 -30.53
N PRO A 13 -8.27 -20.52 -17.77
CA PRO A 13 -8.96 -20.96 -16.52
C PRO A 13 -8.87 -19.84 -15.48
N VAL A 14 -9.55 -20.00 -14.37
CA VAL A 14 -9.52 -18.95 -13.31
C VAL A 14 -9.32 -19.60 -11.92
N PRO A 15 -8.12 -19.52 -11.40
CA PRO A 15 -7.82 -20.11 -10.08
C PRO A 15 -8.51 -19.32 -8.95
N GLN A 16 -8.92 -18.09 -9.22
CA GLN A 16 -9.62 -17.22 -8.20
C GLN A 16 -9.22 -17.56 -6.74
N VAL A 17 -8.00 -17.27 -6.35
CA VAL A 17 -7.57 -17.61 -4.96
C VAL A 17 -7.14 -16.37 -4.18
N ALA A 18 -7.55 -16.30 -2.94
CA ALA A 18 -7.13 -15.16 -2.06
C ALA A 18 -6.51 -15.80 -0.82
N PHE A 19 -5.69 -15.11 -0.05
CA PHE A 19 -5.13 -15.76 1.17
C PHE A 19 -4.68 -14.69 2.14
N SER A 20 -5.07 -14.79 3.38
CA SER A 20 -4.69 -13.77 4.41
C SER A 20 -5.22 -14.24 5.77
N ALA A 21 -4.42 -14.18 6.80
CA ALA A 21 -4.91 -14.62 8.14
C ALA A 21 -4.52 -13.58 9.20
N ALA A 22 -5.25 -13.52 10.28
CA ALA A 22 -4.94 -12.51 11.34
C ALA A 22 -4.72 -13.17 12.70
N LEU A 23 -3.79 -12.64 13.45
CA LEU A 23 -3.49 -13.22 14.79
C LEU A 23 -3.91 -12.23 15.89
N SER A 24 -4.51 -12.72 16.94
CA SER A 24 -4.94 -11.82 18.06
C SER A 24 -5.05 -12.60 19.39
N LEU A 25 -4.49 -13.79 19.49
CA LEU A 25 -4.55 -14.62 20.76
C LEU A 25 -4.46 -13.73 22.04
N PRO A 26 -4.89 -14.27 23.16
CA PRO A 26 -4.90 -13.49 24.43
C PRO A 26 -3.51 -12.99 24.87
N ARG A 27 -2.76 -13.76 25.63
CA ARG A 27 -1.42 -13.25 26.11
C ARG A 27 -0.27 -14.24 25.82
N SER A 28 0.71 -14.32 26.71
CA SER A 28 1.90 -15.23 26.52
C SER A 28 1.57 -16.53 25.78
N GLU A 29 2.29 -16.83 24.73
CA GLU A 29 2.07 -18.09 23.98
C GLU A 29 3.17 -19.09 24.39
N PRO A 30 2.90 -20.37 24.20
CA PRO A 30 3.92 -21.40 24.57
C PRO A 30 5.10 -21.41 23.59
N GLY A 31 4.97 -20.77 22.46
CA GLY A 31 6.09 -20.75 21.48
C GLY A 31 5.71 -19.90 20.27
N THR A 32 5.98 -20.37 19.07
CA THR A 32 5.64 -19.56 17.86
C THR A 32 4.12 -19.45 17.72
N VAL A 33 3.65 -18.39 17.12
CA VAL A 33 2.18 -18.15 17.05
C VAL A 33 1.53 -18.64 15.75
N PRO A 34 0.35 -19.24 15.88
CA PRO A 34 -0.40 -19.72 14.70
C PRO A 34 -1.35 -18.61 14.21
N PHE A 35 -2.47 -18.93 13.60
CA PHE A 35 -3.42 -17.86 13.14
C PHE A 35 -4.86 -18.40 13.13
N ASP A 36 -5.77 -17.75 13.83
CA ASP A 36 -7.17 -18.28 13.88
C ASP A 36 -8.17 -17.34 13.18
N ARG A 37 -7.74 -16.20 12.67
CA ARG A 37 -8.72 -15.28 12.00
C ARG A 37 -8.81 -15.58 10.50
N VAL A 38 -9.69 -16.45 10.08
CA VAL A 38 -9.80 -16.76 8.62
C VAL A 38 -10.43 -15.58 7.88
N LEU A 39 -9.62 -14.73 7.29
CA LEU A 39 -10.17 -13.55 6.56
C LEU A 39 -10.57 -13.96 5.14
N LEU A 40 -9.71 -14.67 4.44
CA LEU A 40 -10.04 -15.14 3.06
C LEU A 40 -8.90 -16.04 2.56
N ASN A 41 -9.12 -17.33 2.56
CA ASN A 41 -8.05 -18.30 2.12
C ASN A 41 -8.57 -19.73 2.27
N ASP A 42 -9.33 -20.21 1.32
CA ASP A 42 -9.87 -21.59 1.45
C ASP A 42 -8.74 -22.64 1.37
N GLY A 43 -7.85 -22.51 0.41
CA GLY A 43 -6.74 -23.50 0.27
C GLY A 43 -5.67 -23.30 1.36
N GLY A 44 -5.53 -22.12 1.90
CA GLY A 44 -4.46 -21.91 2.93
C GLY A 44 -3.15 -21.64 2.19
N TYR A 45 -2.70 -22.61 1.43
CA TYR A 45 -1.45 -22.48 0.60
C TYR A 45 -0.17 -22.23 1.41
N TYR A 46 -0.07 -21.13 2.13
CA TYR A 46 1.21 -20.84 2.85
C TYR A 46 1.14 -20.94 4.39
N ASP A 47 1.75 -21.94 4.95
CA ASP A 47 1.73 -22.12 6.43
C ASP A 47 2.54 -21.00 7.11
N PRO A 48 1.87 -20.15 7.89
CA PRO A 48 2.55 -19.03 8.60
C PRO A 48 3.36 -19.51 9.82
N GLU A 49 3.37 -20.80 10.09
CA GLU A 49 4.18 -21.30 11.24
C GLU A 49 5.64 -21.31 10.78
N THR A 50 5.92 -22.09 9.79
CA THR A 50 7.29 -22.14 9.21
C THR A 50 7.36 -21.17 8.02
N GLY A 51 6.23 -20.80 7.45
CA GLY A 51 6.24 -19.84 6.31
C GLY A 51 6.46 -20.56 4.97
N VAL A 52 6.22 -21.84 4.93
CA VAL A 52 6.44 -22.57 3.65
C VAL A 52 5.31 -22.20 2.69
N PHE A 53 5.52 -21.14 1.94
CA PHE A 53 4.47 -20.63 1.00
C PHE A 53 4.59 -21.29 -0.37
N THR A 54 3.71 -22.21 -0.69
CA THR A 54 3.75 -22.84 -2.04
C THR A 54 2.78 -22.09 -2.95
N ALA A 55 3.27 -21.20 -3.77
CA ALA A 55 2.36 -20.37 -4.63
C ALA A 55 2.21 -20.89 -6.08
N PRO A 56 1.07 -21.48 -6.37
CA PRO A 56 0.78 -21.93 -7.76
C PRO A 56 0.13 -20.77 -8.54
N LEU A 57 -0.30 -19.72 -7.85
CA LEU A 57 -1.00 -18.57 -8.51
C LEU A 57 -0.46 -18.23 -9.90
N ALA A 58 0.84 -18.07 -10.05
CA ALA A 58 1.41 -17.73 -11.40
C ALA A 58 0.70 -16.50 -11.99
N GLY A 59 1.26 -15.34 -11.80
CA GLY A 59 0.64 -14.09 -12.31
C GLY A 59 1.20 -12.95 -11.48
N ARG A 60 0.47 -11.89 -11.37
CA ARG A 60 0.91 -10.74 -10.52
C ARG A 60 -0.08 -10.58 -9.36
N TYR A 61 0.40 -10.54 -8.14
CA TYR A 61 -0.56 -10.38 -6.99
C TYR A 61 -0.08 -9.30 -6.02
N LEU A 62 -0.97 -8.78 -5.21
CA LEU A 62 -0.60 -7.72 -4.24
C LEU A 62 -0.18 -8.35 -2.91
N LEU A 63 1.04 -8.12 -2.51
CA LEU A 63 1.56 -8.69 -1.22
C LEU A 63 1.73 -7.59 -0.17
N SER A 64 1.44 -7.89 1.06
CA SER A 64 1.57 -6.87 2.15
C SER A 64 1.95 -7.53 3.48
N ALA A 65 3.11 -7.22 3.99
CA ALA A 65 3.54 -7.80 5.29
C ALA A 65 3.52 -6.70 6.36
N VAL A 66 3.21 -7.04 7.58
CA VAL A 66 3.16 -5.99 8.64
C VAL A 66 4.48 -5.92 9.43
N LEU A 67 5.15 -4.80 9.41
CA LEU A 67 6.49 -4.72 10.06
C LEU A 67 6.47 -4.17 11.50
N THR A 68 6.78 -5.02 12.44
CA THR A 68 6.85 -4.57 13.86
C THR A 68 8.02 -3.59 13.98
N GLY A 69 7.87 -2.55 14.75
CA GLY A 69 8.97 -1.54 14.91
C GLY A 69 10.17 -2.16 15.61
N HIS A 70 10.03 -2.53 16.87
CA HIS A 70 11.17 -3.14 17.64
C HIS A 70 12.48 -2.34 17.43
N ARG A 71 12.51 -1.14 17.94
CA ARG A 71 13.74 -0.28 17.75
C ARG A 71 14.93 -0.80 18.58
N HIS A 72 14.74 -1.81 19.40
CA HIS A 72 15.86 -2.36 20.23
C HIS A 72 17.02 -2.95 19.40
N GLU A 73 17.01 -2.84 18.07
CA GLU A 73 18.13 -3.37 17.18
C GLU A 73 17.81 -4.78 16.64
N LYS A 74 18.83 -5.46 16.12
CA LYS A 74 18.68 -6.83 15.48
C LYS A 74 18.28 -6.64 14.01
N VAL A 75 18.52 -7.62 13.16
CA VAL A 75 18.15 -7.45 11.72
C VAL A 75 17.17 -8.54 11.26
N GLU A 76 15.99 -8.13 10.88
CA GLU A 76 15.00 -9.10 10.34
C GLU A 76 15.03 -8.98 8.82
N ALA A 77 15.09 -10.09 8.12
CA ALA A 77 15.10 -10.10 6.63
C ALA A 77 14.56 -11.46 6.19
N VAL A 78 13.52 -11.44 5.39
CA VAL A 78 12.92 -12.72 4.91
C VAL A 78 13.68 -13.24 3.68
N LEU A 79 14.05 -14.51 3.68
CA LEU A 79 14.76 -15.09 2.50
C LEU A 79 13.82 -15.10 1.29
N SER A 80 14.37 -15.11 0.10
CA SER A 80 13.51 -15.21 -1.13
C SER A 80 14.06 -16.36 -1.98
N ARG A 81 13.22 -17.23 -2.50
CA ARG A 81 13.77 -18.38 -3.30
C ARG A 81 14.46 -17.91 -4.59
N SER A 82 15.34 -18.76 -5.13
CA SER A 82 16.12 -18.48 -6.40
C SER A 82 17.39 -17.67 -6.13
N ASN A 83 17.39 -16.79 -5.15
CA ASN A 83 18.61 -15.98 -4.88
C ASN A 83 19.09 -16.15 -3.43
N GLN A 84 18.26 -16.57 -2.51
CA GLN A 84 18.71 -16.61 -1.05
C GLN A 84 18.90 -15.13 -0.64
N GLY A 85 19.03 -14.74 0.63
CA GLY A 85 19.17 -13.24 0.91
C GLY A 85 17.98 -12.56 0.22
N VAL A 86 18.24 -11.59 -0.64
CA VAL A 86 17.11 -10.86 -1.34
C VAL A 86 16.14 -10.35 -0.27
N ALA A 87 16.30 -9.13 0.17
CA ALA A 87 15.38 -8.59 1.22
C ALA A 87 14.18 -7.88 0.59
N ARG A 88 13.10 -8.59 0.35
CA ARG A 88 11.89 -7.91 -0.18
C ARG A 88 11.11 -7.41 1.04
N VAL A 89 11.05 -8.23 2.07
CA VAL A 89 10.40 -7.81 3.33
C VAL A 89 11.56 -7.53 4.31
N ASP A 90 12.32 -6.51 4.02
CA ASP A 90 13.51 -6.18 4.86
C ASP A 90 13.12 -5.28 6.04
N SER A 91 13.61 -5.61 7.20
CA SER A 91 13.32 -4.81 8.42
C SER A 91 14.53 -4.87 9.35
N GLY A 92 15.27 -3.81 9.42
CA GLY A 92 16.47 -3.78 10.31
C GLY A 92 16.10 -3.01 11.57
N GLY A 93 15.52 -3.69 12.52
CA GLY A 93 15.12 -3.02 13.79
C GLY A 93 16.31 -3.03 14.75
N THR A 113 22.78 -9.03 -8.22
CA THR A 113 21.99 -10.28 -8.03
C THR A 113 21.07 -10.15 -6.81
N LEU A 114 21.44 -9.34 -5.86
CA LEU A 114 20.60 -9.16 -4.64
C LEU A 114 20.01 -7.74 -4.60
N GLY A 115 18.73 -7.63 -4.39
CA GLY A 115 18.09 -6.29 -4.32
C GLY A 115 16.86 -6.35 -3.41
N VAL A 116 16.32 -5.22 -3.05
CA VAL A 116 15.12 -5.24 -2.16
C VAL A 116 13.91 -4.59 -2.84
N PHE A 117 12.80 -5.28 -2.87
CA PHE A 117 11.57 -4.74 -3.51
C PHE A 117 10.37 -4.98 -2.58
N SER A 118 9.39 -4.12 -2.61
CA SER A 118 8.21 -4.30 -1.70
C SER A 118 6.89 -4.41 -2.47
N LEU A 119 6.63 -3.48 -3.36
CA LEU A 119 5.33 -3.50 -4.10
C LEU A 119 5.14 -4.79 -4.92
N ILE A 120 5.83 -4.95 -6.02
CA ILE A 120 5.65 -6.15 -6.94
C ILE A 120 5.75 -7.53 -6.22
N LEU A 121 6.31 -8.54 -6.88
CA LEU A 121 6.44 -9.91 -6.26
C LEU A 121 6.97 -10.92 -7.30
N PRO A 122 8.25 -10.85 -7.61
CA PRO A 122 8.85 -11.81 -8.59
C PRO A 122 9.06 -13.17 -7.92
N LEU A 123 8.12 -14.08 -8.08
CA LEU A 123 8.27 -15.44 -7.48
C LEU A 123 8.11 -16.53 -8.55
N GLN A 124 8.75 -17.66 -8.36
CA GLN A 124 8.68 -18.76 -9.37
C GLN A 124 7.40 -19.59 -9.18
N ALA A 125 6.80 -20.22 -10.17
CA ALA A 125 5.54 -21.00 -9.87
C ALA A 125 5.85 -22.23 -9.00
N GLY A 126 5.27 -22.30 -7.83
CA GLY A 126 5.48 -23.47 -6.92
C GLY A 126 6.64 -23.20 -5.94
N ASP A 127 7.52 -22.30 -6.28
CA ASP A 127 8.68 -21.99 -5.38
C ASP A 127 8.17 -21.67 -3.97
N THR A 128 9.04 -21.54 -2.99
CA THR A 128 8.54 -21.26 -1.60
C THR A 128 9.31 -20.13 -0.92
N VAL A 129 8.61 -19.28 -0.21
CA VAL A 129 9.29 -18.15 0.49
C VAL A 129 9.54 -18.53 1.96
N CYS A 130 10.65 -18.10 2.50
CA CYS A 130 10.98 -18.45 3.92
C CYS A 130 11.61 -17.24 4.62
N VAL A 131 11.35 -17.06 5.89
CA VAL A 131 11.91 -15.89 6.63
C VAL A 131 13.15 -16.30 7.44
N ASP A 132 14.16 -15.47 7.39
CA ASP A 132 15.36 -15.68 8.26
C ASP A 132 15.07 -14.83 9.49
N LEU A 133 15.18 -15.43 10.65
CA LEU A 133 15.00 -14.68 11.92
C LEU A 133 16.16 -15.02 12.85
N VAL A 134 17.36 -14.68 12.43
CA VAL A 134 18.58 -14.94 13.26
C VAL A 134 19.69 -13.98 12.79
N MET A 135 19.88 -12.87 13.45
CA MET A 135 20.97 -11.92 13.03
C MET A 135 21.60 -11.32 14.29
N GLY A 136 22.15 -12.17 15.12
CA GLY A 136 22.75 -11.72 16.40
C GLY A 136 22.30 -12.69 17.48
N GLN A 137 23.19 -13.37 18.15
CA GLN A 137 22.77 -14.34 19.21
C GLN A 137 22.50 -13.60 20.53
N LEU A 138 23.50 -12.92 21.05
CA LEU A 138 23.31 -12.18 22.34
C LEU A 138 22.18 -11.14 22.18
N ALA A 139 20.97 -11.53 22.49
CA ALA A 139 19.82 -10.59 22.36
C ALA A 139 18.83 -10.80 23.52
N HIS A 140 17.58 -10.47 23.31
CA HIS A 140 16.56 -10.63 24.39
C HIS A 140 15.47 -11.60 23.93
N SER A 141 14.58 -11.97 24.83
CA SER A 141 13.48 -12.91 24.45
C SER A 141 12.17 -12.13 24.27
N GLU A 142 11.50 -12.35 23.17
CA GLU A 142 10.22 -11.61 22.92
C GLU A 142 9.32 -12.39 21.96
N GLU A 143 8.04 -12.12 21.97
CA GLU A 143 7.10 -12.83 21.05
C GLU A 143 6.09 -11.83 20.47
N PRO A 144 6.45 -11.18 19.39
CA PRO A 144 5.56 -10.18 18.76
C PRO A 144 4.39 -10.87 18.03
N LEU A 145 3.63 -10.09 17.31
CA LEU A 145 2.50 -10.63 16.51
C LEU A 145 2.65 -10.12 15.07
N THR A 146 2.11 -10.79 14.09
CA THR A 146 2.28 -10.31 12.68
C THR A 146 1.07 -10.71 11.81
N ILE A 147 0.66 -9.82 10.94
CA ILE A 147 -0.50 -10.13 10.04
C ILE A 147 0.03 -10.35 8.62
N PHE A 148 -0.35 -11.45 7.99
CA PHE A 148 0.17 -11.74 6.62
C PHE A 148 -0.97 -11.87 5.60
N SER A 149 -1.26 -10.81 4.88
CA SER A 149 -2.33 -10.87 3.84
C SER A 149 -1.69 -10.83 2.45
N GLY A 150 -2.36 -11.29 1.43
CA GLY A 150 -1.79 -11.27 0.04
C GLY A 150 -2.89 -11.77 -0.90
N ALA A 151 -3.46 -10.90 -1.70
CA ALA A 151 -4.61 -11.33 -2.55
C ALA A 151 -4.30 -11.45 -4.04
N LEU A 152 -4.98 -12.28 -4.79
CA LEU A 152 -4.68 -12.40 -6.25
C LEU A 152 -5.18 -11.16 -6.99
N LEU A 153 -4.36 -10.61 -7.87
CA LEU A 153 -4.78 -9.41 -8.63
C LEU A 153 -5.07 -9.78 -10.09
N TYR A 154 -4.10 -10.37 -10.75
CA TYR A 154 -4.28 -10.81 -12.17
C TYR A 154 -3.50 -12.11 -12.36
N GLY A 155 -3.98 -13.03 -13.16
CA GLY A 155 -3.22 -14.30 -13.37
C GLY A 155 -2.72 -14.33 -14.83
N ASP A 156 -1.77 -15.17 -15.14
CA ASP A 156 -1.26 -15.23 -16.55
C ASP A 156 -2.28 -15.98 -17.42
N PRO A 157 -2.92 -15.28 -18.34
CA PRO A 157 -3.94 -15.91 -19.20
C PRO A 157 -3.31 -16.45 -20.50
N GLU A 158 -2.54 -17.51 -20.39
CA GLU A 158 -1.82 -18.11 -21.56
C GLU A 158 -0.75 -17.11 -22.02
N LEU A 159 -1.16 -16.05 -22.67
CA LEU A 159 -0.20 -15.01 -23.17
C LEU A 159 0.94 -15.64 -23.99
N GLU A 160 0.76 -16.84 -24.51
CA GLU A 160 1.85 -17.46 -25.32
C GLU A 160 1.62 -17.18 -26.81
N HIS A 161 2.66 -17.23 -27.59
CA HIS A 161 2.51 -16.96 -29.06
C HIS A 161 3.50 -17.82 -29.86
N ALA A 162 3.09 -18.98 -30.32
CA ALA A 162 4.02 -19.86 -31.12
C ALA A 162 4.66 -19.06 -32.27
N PRO B 13 -23.25 -5.52 -16.29
CA PRO B 13 -23.16 -4.04 -16.40
C PRO B 13 -21.81 -3.57 -15.84
N VAL B 14 -21.51 -2.30 -15.97
CA VAL B 14 -20.21 -1.78 -15.45
C VAL B 14 -20.45 -0.45 -14.71
N PRO B 15 -20.45 -0.50 -13.40
CA PRO B 15 -20.66 0.74 -12.59
C PRO B 15 -19.45 1.68 -12.70
N GLN B 16 -18.30 1.18 -13.12
CA GLN B 16 -17.05 2.02 -13.29
C GLN B 16 -17.01 3.23 -12.33
N VAL B 17 -16.85 2.99 -11.05
CA VAL B 17 -16.83 4.13 -10.07
C VAL B 17 -15.51 4.19 -9.29
N ALA B 18 -15.00 5.39 -9.13
CA ALA B 18 -13.76 5.57 -8.33
C ALA B 18 -14.08 6.62 -7.28
N PHE B 19 -13.39 6.71 -6.17
CA PHE B 19 -13.73 7.77 -5.18
C PHE B 19 -12.51 8.06 -4.30
N SER B 20 -12.16 9.30 -4.14
CA SER B 20 -10.97 9.67 -3.32
C SER B 20 -10.91 11.20 -3.23
N ALA B 21 -10.69 11.76 -2.06
CA ALA B 21 -10.61 13.24 -1.94
C ALA B 21 -9.40 13.63 -1.10
N ALA B 22 -8.88 14.81 -1.29
CA ALA B 22 -7.68 15.25 -0.52
C ALA B 22 -7.93 16.54 0.24
N LEU B 23 -7.38 16.64 1.41
CA LEU B 23 -7.56 17.87 2.24
C LEU B 23 -6.24 18.63 2.37
N SER B 24 -6.28 19.94 2.25
CA SER B 24 -5.03 20.74 2.37
C SER B 24 -5.33 22.18 2.81
N LEU B 25 -6.53 22.47 3.31
CA LEU B 25 -6.89 23.86 3.76
C LEU B 25 -5.71 24.61 4.43
N PRO B 26 -5.80 25.92 4.50
CA PRO B 26 -4.68 26.74 5.07
C PRO B 26 -4.35 26.40 6.53
N ARG B 27 -4.98 27.03 7.50
CA ARG B 27 -4.61 26.75 8.93
C ARG B 27 -5.84 26.40 9.80
N SER B 28 -5.83 26.82 11.06
CA SER B 28 -6.96 26.51 12.03
C SER B 28 -8.33 26.46 11.34
N GLU B 29 -9.05 25.38 11.54
CA GLU B 29 -10.42 25.28 10.95
C GLU B 29 -11.44 25.54 12.08
N PRO B 30 -12.65 25.93 11.71
CA PRO B 30 -13.68 26.22 12.73
C PRO B 30 -14.21 24.94 13.39
N GLY B 31 -13.93 23.80 12.81
CA GLY B 31 -14.42 22.51 13.42
C GLY B 31 -13.91 21.33 12.60
N THR B 32 -14.76 20.38 12.30
CA THR B 32 -14.30 19.19 11.51
C THR B 32 -13.95 19.62 10.09
N VAL B 33 -13.04 18.91 9.46
CA VAL B 33 -12.56 19.34 8.10
C VAL B 33 -13.31 18.65 6.94
N PRO B 34 -13.60 19.43 5.89
CA PRO B 34 -14.26 18.88 4.70
C PRO B 34 -13.19 18.43 3.68
N PHE B 35 -13.48 18.45 2.39
CA PHE B 35 -12.44 18.05 1.39
C PHE B 35 -12.67 18.80 0.07
N ASP B 36 -11.69 19.52 -0.43
CA ASP B 36 -11.90 20.28 -1.70
C ASP B 36 -11.04 19.74 -2.86
N ARG B 37 -10.22 18.75 -2.65
CA ARG B 37 -9.38 18.23 -3.77
C ARG B 37 -10.08 17.09 -4.50
N VAL B 38 -10.86 17.38 -5.52
CA VAL B 38 -11.56 16.28 -6.25
C VAL B 38 -10.56 15.48 -7.08
N LEU B 39 -10.09 14.37 -6.57
CA LEU B 39 -9.11 13.55 -7.33
C LEU B 39 -9.84 12.63 -8.32
N LEU B 40 -10.88 11.95 -7.87
CA LEU B 40 -11.66 11.06 -8.77
C LEU B 40 -12.87 10.52 -8.00
N ASN B 41 -14.04 11.05 -8.25
CA ASN B 41 -15.27 10.60 -7.52
C ASN B 41 -16.47 11.42 -7.98
N ASP B 42 -17.06 11.07 -9.10
CA ASP B 42 -18.23 11.87 -9.59
C ASP B 42 -19.43 11.74 -8.65
N GLY B 43 -19.76 10.53 -8.24
CA GLY B 43 -20.94 10.34 -7.35
C GLY B 43 -20.63 10.77 -5.91
N GLY B 44 -19.38 10.78 -5.50
CA GLY B 44 -19.07 11.16 -4.08
C GLY B 44 -19.28 9.93 -3.20
N TYR B 45 -20.50 9.45 -3.16
CA TYR B 45 -20.87 8.22 -2.38
C TYR B 45 -20.63 8.32 -0.86
N TYR B 46 -19.40 8.52 -0.42
CA TYR B 46 -19.15 8.53 1.05
C TYR B 46 -18.76 9.91 1.63
N ASP B 47 -19.66 10.49 2.39
CA ASP B 47 -19.39 11.83 3.00
C ASP B 47 -18.27 11.71 4.06
N PRO B 48 -17.13 12.34 3.82
CA PRO B 48 -16.00 12.28 4.80
C PRO B 48 -16.23 13.18 6.03
N GLU B 49 -17.35 13.85 6.10
CA GLU B 49 -17.63 14.70 7.30
C GLU B 49 -18.05 13.75 8.42
N THR B 50 -19.13 13.07 8.20
CA THR B 50 -19.60 12.07 9.20
C THR B 50 -19.07 10.68 8.80
N GLY B 51 -18.67 10.51 7.56
CA GLY B 51 -18.12 9.19 7.11
C GLY B 51 -19.24 8.23 6.72
N VAL B 52 -20.41 8.73 6.42
CA VAL B 52 -21.51 7.80 6.05
C VAL B 52 -21.23 7.29 4.63
N PHE B 53 -20.50 6.20 4.55
CA PHE B 53 -20.12 5.62 3.22
C PHE B 53 -21.17 4.63 2.72
N THR B 54 -21.96 5.02 1.74
CA THR B 54 -22.96 4.07 1.17
C THR B 54 -22.34 3.42 -0.06
N ALA B 55 -21.86 2.20 0.07
CA ALA B 55 -21.17 1.54 -1.08
C ALA B 55 -22.05 0.54 -1.86
N PRO B 56 -22.48 0.93 -3.04
CA PRO B 56 -23.27 0.02 -3.91
C PRO B 56 -22.30 -0.80 -4.79
N LEU B 57 -21.03 -0.41 -4.83
CA LEU B 57 -20.01 -1.11 -5.70
C LEU B 57 -20.21 -2.63 -5.80
N ALA B 58 -20.34 -3.30 -4.68
CA ALA B 58 -20.54 -4.79 -4.71
C ALA B 58 -19.43 -5.45 -5.56
N GLY B 59 -18.40 -5.92 -4.91
CA GLY B 59 -17.27 -6.55 -5.63
C GLY B 59 -16.05 -6.45 -4.72
N ARG B 60 -14.89 -6.45 -5.29
CA ARG B 60 -13.63 -6.30 -4.48
C ARG B 60 -12.96 -4.99 -4.87
N TYR B 61 -12.65 -4.14 -3.93
CA TYR B 61 -11.98 -2.85 -4.30
C TYR B 61 -10.76 -2.57 -3.39
N LEU B 62 -9.88 -1.72 -3.83
CA LEU B 62 -8.65 -1.40 -3.04
C LEU B 62 -8.93 -0.21 -2.11
N LEU B 63 -8.81 -0.42 -0.83
CA LEU B 63 -9.08 0.67 0.16
C LEU B 63 -7.77 1.12 0.81
N SER B 64 -7.61 2.40 1.05
CA SER B 64 -6.36 2.90 1.69
C SER B 64 -6.64 4.13 2.56
N ALA B 65 -6.43 4.00 3.85
CA ALA B 65 -6.65 5.15 4.77
C ALA B 65 -5.30 5.69 5.25
N VAL B 66 -5.19 6.97 5.48
CA VAL B 66 -3.88 7.53 5.93
C VAL B 66 -3.84 7.67 7.46
N LEU B 67 -2.91 7.00 8.10
CA LEU B 67 -2.89 7.00 9.60
C LEU B 67 -1.95 8.04 10.22
N THR B 68 -2.52 9.03 10.86
CA THR B 68 -1.68 10.06 11.55
C THR B 68 -0.96 9.36 12.71
N GLY B 69 0.27 9.72 12.94
CA GLY B 69 1.05 9.07 14.04
C GLY B 69 0.47 9.44 15.40
N HIS B 70 0.53 10.69 15.80
CA HIS B 70 -0.02 11.12 17.13
C HIS B 70 0.42 10.16 18.25
N ARG B 71 1.69 10.15 18.55
CA ARG B 71 2.21 9.23 19.62
C ARG B 71 1.74 9.66 21.03
N HIS B 72 1.07 10.78 21.16
CA HIS B 72 0.61 11.26 22.50
C HIS B 72 -0.40 10.30 23.17
N GLU B 73 -0.70 9.13 22.60
CA GLU B 73 -1.66 8.11 23.21
C GLU B 73 -3.09 8.28 22.63
N LYS B 74 -4.07 7.67 23.29
CA LYS B 74 -5.51 7.67 22.84
C LYS B 74 -5.71 6.51 21.85
N VAL B 75 -6.92 6.03 21.66
CA VAL B 75 -7.12 4.88 20.72
C VAL B 75 -8.10 5.25 19.59
N GLU B 76 -7.61 5.24 18.39
CA GLU B 76 -8.49 5.50 17.21
C GLU B 76 -8.84 4.14 16.60
N ALA B 77 -10.10 3.91 16.30
CA ALA B 77 -10.56 2.63 15.68
C ALA B 77 -11.86 2.95 14.95
N VAL B 78 -11.89 2.67 13.67
CA VAL B 78 -13.12 2.92 12.86
C VAL B 78 -14.12 1.77 13.00
N LEU B 79 -15.38 2.07 13.28
CA LEU B 79 -16.40 0.98 13.39
C LEU B 79 -16.60 0.32 12.02
N SER B 80 -17.07 -0.90 12.01
CA SER B 80 -17.35 -1.59 10.72
C SER B 80 -18.80 -2.12 10.79
N ARG B 81 -19.61 -1.93 9.79
CA ARG B 81 -21.04 -2.43 9.89
C ARG B 81 -21.11 -3.97 9.97
N SER B 82 -22.22 -4.46 10.50
CA SER B 82 -22.49 -5.95 10.67
C SER B 82 -21.88 -6.49 11.98
N ASN B 83 -20.77 -5.97 12.43
CA ASN B 83 -20.16 -6.49 13.69
C ASN B 83 -19.98 -5.39 14.73
N GLN B 84 -19.93 -4.12 14.36
CA GLN B 84 -19.61 -3.04 15.39
C GLN B 84 -18.15 -3.28 15.80
N GLY B 85 -17.42 -2.39 16.47
CA GLY B 85 -15.97 -2.73 16.78
C GLY B 85 -15.31 -3.09 15.45
N VAL B 86 -14.72 -4.27 15.35
CA VAL B 86 -14.03 -4.68 14.07
C VAL B 86 -13.05 -3.56 13.66
N ALA B 87 -11.80 -3.68 14.04
CA ALA B 87 -10.81 -2.61 13.69
C ALA B 87 -10.11 -2.93 12.37
N ARG B 88 -10.65 -2.47 11.27
CA ARG B 88 -9.95 -2.70 9.97
C ARG B 88 -8.97 -1.54 9.81
N VAL B 89 -9.42 -0.35 10.15
CA VAL B 89 -8.53 0.83 10.14
C VAL B 89 -8.20 1.12 11.60
N ASP B 90 -7.46 0.23 12.21
CA ASP B 90 -7.12 0.37 13.66
C ASP B 90 -5.86 1.21 13.85
N SER B 91 -5.92 2.13 14.78
CA SER B 91 -4.74 3.00 15.07
C SER B 91 -4.75 3.34 16.54
N GLY B 92 -3.86 2.76 17.30
CA GLY B 92 -3.79 3.04 18.75
C GLY B 92 -2.62 3.99 19.00
N GLY B 93 -2.87 5.26 18.85
CA GLY B 93 -1.81 6.27 19.06
C GLY B 93 -1.75 6.63 20.54
N THR B 113 -15.42 -13.39 16.33
CA THR B 113 -16.39 -12.48 15.64
C THR B 113 -15.73 -11.14 15.33
N LEU B 114 -14.77 -10.74 16.12
CA LEU B 114 -14.08 -9.44 15.87
C LEU B 114 -12.63 -9.68 15.42
N GLY B 115 -12.22 -9.04 14.36
CA GLY B 115 -10.83 -9.22 13.86
C GLY B 115 -10.39 -7.94 13.14
N VAL B 116 -9.12 -7.81 12.86
CA VAL B 116 -8.63 -6.58 12.15
C VAL B 116 -8.01 -6.92 10.79
N PHE B 117 -8.47 -6.27 9.75
CA PHE B 117 -7.92 -6.53 8.40
C PHE B 117 -7.64 -5.19 7.70
N SER B 118 -6.66 -5.13 6.85
CA SER B 118 -6.33 -3.84 6.17
C SER B 118 -6.42 -3.96 4.64
N LEU B 119 -5.78 -4.94 4.07
CA LEU B 119 -5.77 -5.08 2.57
C LEU B 119 -7.19 -5.25 1.99
N ILE B 120 -7.81 -6.40 2.15
CA ILE B 120 -9.16 -6.69 1.54
C ILE B 120 -10.26 -5.63 1.86
N LEU B 121 -11.50 -6.05 2.05
CA LEU B 121 -12.63 -5.09 2.37
C LEU B 121 -13.98 -5.83 2.36
N PRO B 122 -14.25 -6.61 3.39
CA PRO B 122 -15.54 -7.34 3.47
C PRO B 122 -16.66 -6.38 3.88
N LEU B 123 -17.39 -5.84 2.94
CA LEU B 123 -18.51 -4.90 3.27
C LEU B 123 -19.81 -5.38 2.61
N GLN B 124 -20.92 -5.07 3.23
CA GLN B 124 -22.25 -5.50 2.68
C GLN B 124 -22.73 -4.57 1.57
N ALA B 125 -23.51 -4.96 0.58
CA ALA B 125 -23.92 -3.94 -0.47
C ALA B 125 -24.87 -2.88 0.13
N GLY B 126 -24.46 -1.64 0.10
CA GLY B 126 -25.32 -0.53 0.63
C GLY B 126 -25.00 -0.24 2.10
N ASP B 127 -24.42 -1.19 2.79
CA ASP B 127 -24.08 -0.97 4.24
C ASP B 127 -23.26 0.32 4.40
N THR B 128 -23.00 0.77 5.60
CA THR B 128 -22.25 2.05 5.76
C THR B 128 -21.13 1.94 6.79
N VAL B 129 -19.99 2.52 6.50
CA VAL B 129 -18.85 2.46 7.46
C VAL B 129 -18.81 3.74 8.30
N CYS B 130 -18.46 3.62 9.56
CA CYS B 130 -18.42 4.83 10.44
C CYS B 130 -17.20 4.77 11.36
N VAL B 131 -16.59 5.89 11.67
CA VAL B 131 -15.39 5.89 12.55
C VAL B 131 -15.75 6.25 13.99
N ASP B 132 -15.19 5.52 14.93
CA ASP B 132 -15.36 5.87 16.37
C ASP B 132 -14.13 6.74 16.68
N LEU B 133 -14.37 7.89 17.24
CA LEU B 133 -13.24 8.80 17.64
C LEU B 133 -13.50 9.26 19.08
N VAL B 134 -13.53 8.32 20.00
CA VAL B 134 -13.76 8.64 21.44
C VAL B 134 -13.21 7.48 22.28
N MET B 135 -12.01 7.58 22.79
CA MET B 135 -11.45 6.47 23.63
C MET B 135 -10.63 7.09 24.76
N GLY B 136 -11.27 7.89 25.58
CA GLY B 136 -10.58 8.58 26.70
C GLY B 136 -11.07 10.04 26.70
N GLN B 137 -11.69 10.49 27.76
CA GLN B 137 -12.19 11.90 27.79
C GLN B 137 -11.06 12.86 28.15
N LEU B 138 -10.45 12.69 29.29
CA LEU B 138 -9.33 13.60 29.70
C LEU B 138 -8.20 13.54 28.67
N ALA B 139 -8.25 14.41 27.69
CA ALA B 139 -7.19 14.41 26.63
C ALA B 139 -6.85 15.85 26.23
N HIS B 140 -6.37 16.05 25.03
CA HIS B 140 -6.02 17.42 24.56
C HIS B 140 -6.85 17.79 23.32
N SER B 141 -6.78 19.02 22.89
CA SER B 141 -7.56 19.45 21.70
C SER B 141 -6.64 19.53 20.47
N GLU B 142 -7.04 18.93 19.38
CA GLU B 142 -6.19 18.96 18.15
C GLU B 142 -7.05 18.75 16.90
N GLU B 143 -6.55 19.17 15.76
CA GLU B 143 -7.32 19.00 14.48
C GLU B 143 -6.36 18.54 13.36
N PRO B 144 -6.15 17.25 13.27
CA PRO B 144 -5.24 16.71 12.23
C PRO B 144 -5.88 16.76 10.84
N LEU B 145 -5.22 16.18 9.87
CA LEU B 145 -5.75 16.12 8.48
C LEU B 145 -5.74 14.66 8.04
N THR B 146 -6.57 14.26 7.09
CA THR B 146 -6.56 12.83 6.66
C THR B 146 -6.97 12.69 5.20
N ILE B 147 -6.32 11.80 4.48
CA ILE B 147 -6.66 11.58 3.05
C ILE B 147 -7.40 10.25 2.90
N PHE B 148 -8.54 10.25 2.25
CA PHE B 148 -9.32 8.98 2.12
C PHE B 148 -9.54 8.58 0.65
N SER B 149 -8.71 7.71 0.13
CA SER B 149 -8.88 7.25 -1.28
C SER B 149 -9.37 5.80 -1.29
N GLY B 150 -9.99 5.36 -2.37
CA GLY B 150 -10.49 3.95 -2.44
C GLY B 150 -11.03 3.76 -3.86
N ALA B 151 -10.35 2.98 -4.67
CA ALA B 151 -10.78 2.85 -6.10
C ALA B 151 -11.39 1.49 -6.45
N LEU B 152 -12.28 1.42 -7.43
CA LEU B 152 -12.88 0.10 -7.78
C LEU B 152 -11.85 -0.79 -8.50
N LEU B 153 -11.74 -2.03 -8.11
CA LEU B 153 -10.76 -2.96 -8.76
C LEU B 153 -11.50 -3.95 -9.65
N TYR B 154 -12.44 -4.68 -9.10
CA TYR B 154 -13.23 -5.67 -9.88
C TYR B 154 -14.65 -5.68 -9.32
N GLY B 155 -15.67 -5.87 -10.13
CA GLY B 155 -17.07 -5.90 -9.60
C GLY B 155 -17.62 -7.31 -9.76
N ASP B 156 -18.67 -7.66 -9.06
CA ASP B 156 -19.24 -9.04 -9.21
C ASP B 156 -20.02 -9.12 -10.54
N PRO B 157 -19.51 -9.91 -11.47
CA PRO B 157 -20.17 -10.03 -12.79
C PRO B 157 -21.18 -11.20 -12.79
N GLU B 158 -22.28 -11.02 -12.10
CA GLU B 158 -23.33 -12.10 -11.98
C GLU B 158 -22.73 -13.25 -11.17
N LEU B 159 -21.86 -14.01 -11.77
CA LEU B 159 -21.21 -15.17 -11.07
C LEU B 159 -22.25 -16.10 -10.42
N GLU B 160 -23.50 -16.05 -10.85
CA GLU B 160 -24.53 -16.94 -10.24
C GLU B 160 -24.67 -18.23 -11.07
N HIS B 161 -25.15 -19.28 -10.47
CA HIS B 161 -25.30 -20.57 -11.22
C HIS B 161 -26.53 -21.34 -10.71
N ALA B 162 -27.68 -21.17 -11.32
CA ALA B 162 -28.91 -21.90 -10.86
C ALA B 162 -28.63 -23.40 -10.76
N PRO C 13 -7.28 -3.56 -26.75
CA PRO C 13 -5.88 -4.03 -26.83
C PRO C 13 -5.34 -4.31 -25.42
N VAL C 14 -4.13 -4.79 -25.33
CA VAL C 14 -3.55 -5.09 -23.98
C VAL C 14 -2.19 -4.40 -23.83
N PRO C 15 -2.15 -3.31 -23.07
CA PRO C 15 -0.87 -2.58 -22.87
C PRO C 15 0.10 -3.40 -22.00
N GLN C 16 -0.43 -4.32 -21.21
CA GLN C 16 0.43 -5.21 -20.32
C GLN C 16 1.77 -4.55 -19.91
N VAL C 17 1.73 -3.52 -19.11
CA VAL C 17 3.01 -2.84 -18.71
C VAL C 17 3.22 -2.89 -17.19
N ALA C 18 4.42 -3.22 -16.78
CA ALA C 18 4.73 -3.23 -15.32
C ALA C 18 6.05 -2.47 -15.18
N PHE C 19 6.36 -1.89 -14.04
CA PHE C 19 7.66 -1.18 -13.93
C PHE C 19 8.08 -1.17 -12.44
N SER C 20 9.32 -1.47 -12.16
CA SER C 20 9.78 -1.50 -10.74
C SER C 20 11.29 -1.72 -10.72
N ALA C 21 12.03 -0.93 -10.00
CA ALA C 21 13.51 -1.11 -9.95
C ALA C 21 13.97 -0.97 -8.50
N ALA C 22 15.03 -1.64 -8.15
CA ALA C 22 15.53 -1.57 -6.74
C ALA C 22 16.98 -1.06 -6.68
N LEU C 23 17.26 -0.23 -5.73
CA LEU C 23 18.65 0.30 -5.57
C LEU C 23 19.33 -0.38 -4.39
N SER C 24 20.58 -0.72 -4.53
CA SER C 24 21.31 -1.39 -3.41
C SER C 24 22.84 -1.16 -3.51
N LEU C 25 23.29 -0.19 -4.29
CA LEU C 25 24.77 0.10 -4.44
C LEU C 25 25.57 -0.17 -3.13
N PRO C 26 26.87 -0.39 -3.27
CA PRO C 26 27.71 -0.72 -2.09
C PRO C 26 27.73 0.38 -1.02
N ARG C 27 28.64 1.33 -1.09
CA ARG C 27 28.71 2.38 -0.02
C ARG C 27 28.66 3.81 -0.62
N SER C 28 29.42 4.75 -0.07
CA SER C 28 29.42 6.17 -0.56
C SER C 28 29.28 6.25 -2.09
N GLU C 29 28.25 6.90 -2.57
CA GLU C 29 28.07 7.06 -4.04
C GLU C 29 28.58 8.45 -4.44
N PRO C 30 28.93 8.61 -5.70
CA PRO C 30 29.42 9.92 -6.18
C PRO C 30 28.29 10.97 -6.21
N GLY C 31 27.06 10.52 -6.15
CA GLY C 31 25.92 11.49 -6.16
C GLY C 31 24.61 10.72 -6.01
N THR C 32 23.62 11.03 -6.80
CA THR C 32 22.31 10.33 -6.66
C THR C 32 22.43 8.88 -7.12
N VAL C 33 21.57 8.02 -6.62
CA VAL C 33 21.68 6.57 -6.93
C VAL C 33 20.90 6.15 -8.19
N PRO C 34 21.52 5.29 -9.00
CA PRO C 34 20.84 4.77 -10.20
C PRO C 34 20.06 3.51 -9.81
N PHE C 35 19.83 2.58 -10.70
CA PHE C 35 19.06 1.36 -10.31
C PHE C 35 19.54 0.16 -11.13
N ASP C 36 20.05 -0.88 -10.49
CA ASP C 36 20.54 -2.05 -11.28
C ASP C 36 19.67 -3.30 -11.03
N ARG C 37 18.67 -3.22 -10.18
CA ARG C 37 17.81 -4.41 -9.93
C ARG C 37 16.60 -4.44 -10.87
N VAL C 38 16.73 -5.01 -12.05
CA VAL C 38 15.57 -5.04 -12.99
C VAL C 38 14.56 -6.10 -12.51
N LEU C 39 13.55 -5.69 -11.79
CA LEU C 39 12.54 -6.67 -11.29
C LEU C 39 11.42 -6.90 -12.30
N LEU C 40 10.90 -5.85 -12.91
CA LEU C 40 9.82 -6.01 -13.93
C LEU C 40 9.57 -4.67 -14.62
N ASN C 41 10.08 -4.50 -15.82
CA ASN C 41 9.91 -3.21 -16.58
C ASN C 41 10.70 -3.30 -17.87
N ASP C 42 10.15 -3.88 -18.91
CA ASP C 42 10.92 -4.01 -20.18
C ASP C 42 11.19 -2.64 -20.83
N GLY C 43 10.19 -1.81 -20.95
CA GLY C 43 10.40 -0.47 -21.60
C GLY C 43 11.15 0.49 -20.68
N GLY C 44 11.09 0.31 -19.38
CA GLY C 44 11.79 1.27 -18.46
C GLY C 44 10.88 2.50 -18.30
N TYR C 45 10.68 3.21 -19.39
CA TYR C 45 9.78 4.42 -19.42
C TYR C 45 10.22 5.56 -18.48
N TYR C 46 10.36 5.30 -17.20
CA TYR C 46 10.70 6.42 -16.26
C TYR C 46 12.13 6.34 -15.65
N ASP C 47 12.99 7.23 -16.08
CA ASP C 47 14.38 7.25 -15.54
C ASP C 47 14.37 7.76 -14.09
N PRO C 48 14.71 6.90 -13.15
CA PRO C 48 14.72 7.30 -11.71
C PRO C 48 15.96 8.15 -11.36
N GLU C 49 16.83 8.41 -12.31
CA GLU C 49 18.02 9.27 -11.99
C GLU C 49 17.51 10.71 -11.92
N THR C 50 17.04 11.20 -13.02
CA THR C 50 16.45 12.57 -13.04
C THR C 50 14.95 12.45 -12.74
N GLY C 51 14.37 11.28 -12.92
CA GLY C 51 12.91 11.10 -12.61
C GLY C 51 12.05 11.54 -13.81
N VAL C 52 12.61 11.61 -14.98
CA VAL C 52 11.78 12.03 -16.14
C VAL C 52 10.86 10.88 -16.52
N PHE C 53 9.70 10.87 -15.90
CA PHE C 53 8.70 9.76 -16.14
C PHE C 53 7.79 10.08 -17.32
N THR C 54 7.97 9.44 -18.44
CA THR C 54 7.07 9.67 -19.61
C THR C 54 5.98 8.60 -19.59
N ALA C 55 4.80 8.93 -19.13
CA ALA C 55 3.71 7.90 -19.01
C ALA C 55 2.70 7.93 -20.19
N PRO C 56 2.78 6.95 -21.06
CA PRO C 56 1.81 6.82 -22.18
C PRO C 56 0.61 5.96 -21.72
N LEU C 57 0.73 5.28 -20.59
CA LEU C 57 -0.35 4.36 -20.09
C LEU C 57 -1.77 4.89 -20.34
N ALA C 58 -2.06 6.12 -19.97
CA ALA C 58 -3.45 6.68 -20.18
C ALA C 58 -4.50 5.73 -19.59
N GLY C 59 -4.96 6.00 -18.40
CA GLY C 59 -5.97 5.14 -17.74
C GLY C 59 -5.84 5.34 -16.24
N ARG C 60 -6.07 4.32 -15.48
CA ARG C 60 -5.91 4.40 -14.00
C ARG C 60 -4.64 3.64 -13.63
N TYR C 61 -3.75 4.22 -12.88
CA TYR C 61 -2.48 3.51 -12.54
C TYR C 61 -2.21 3.58 -11.02
N LEU C 62 -1.66 2.52 -10.47
CA LEU C 62 -1.35 2.52 -9.00
C LEU C 62 0.14 2.78 -8.79
N LEU C 63 0.48 3.86 -8.12
CA LEU C 63 1.90 4.19 -7.89
C LEU C 63 2.23 4.16 -6.39
N SER C 64 3.42 3.74 -6.04
CA SER C 64 3.83 3.67 -4.60
C SER C 64 5.31 4.02 -4.44
N ALA C 65 5.59 5.06 -3.69
CA ALA C 65 7.02 5.46 -3.46
C ALA C 65 7.40 5.11 -2.02
N VAL C 66 8.64 4.77 -1.78
CA VAL C 66 9.06 4.41 -0.39
C VAL C 66 9.58 5.65 0.36
N LEU C 67 8.96 5.99 1.47
CA LEU C 67 9.34 7.24 2.19
C LEU C 67 10.37 7.04 3.31
N THR C 68 11.57 7.51 3.09
CA THR C 68 12.62 7.41 4.15
C THR C 68 12.15 8.27 5.34
N GLY C 69 12.36 7.80 6.54
CA GLY C 69 11.92 8.56 7.74
C GLY C 69 12.65 9.90 7.82
N HIS C 70 13.95 9.88 8.02
CA HIS C 70 14.76 11.15 8.09
C HIS C 70 14.06 12.19 9.00
N ARG C 71 13.95 11.89 10.27
CA ARG C 71 13.27 12.84 11.21
C ARG C 71 14.10 14.12 11.42
N HIS C 72 15.31 14.18 10.92
CA HIS C 72 16.17 15.40 11.10
C HIS C 72 15.57 16.69 10.48
N GLU C 73 14.33 16.71 9.98
CA GLU C 73 13.68 17.95 9.38
C GLU C 73 13.88 18.04 7.86
N LYS C 74 13.63 19.20 7.29
CA LYS C 74 13.72 19.45 5.78
C LYS C 74 12.35 19.10 5.16
N VAL C 75 12.05 19.60 3.98
CA VAL C 75 10.71 19.28 3.37
C VAL C 75 10.89 18.63 1.99
N GLU C 76 10.46 17.41 1.87
CA GLU C 76 10.51 16.72 0.55
C GLU C 76 9.10 16.69 -0.03
N ALA C 77 8.95 17.06 -1.28
CA ALA C 77 7.63 17.05 -1.99
C ALA C 77 7.92 16.93 -3.48
N VAL C 78 7.39 15.91 -4.11
CA VAL C 78 7.62 15.72 -5.57
C VAL C 78 6.66 16.59 -6.40
N LEU C 79 7.18 17.30 -7.38
CA LEU C 79 6.31 18.15 -8.26
C LEU C 79 5.43 17.24 -9.11
N SER C 80 4.30 17.75 -9.57
CA SER C 80 3.43 16.93 -10.47
C SER C 80 3.18 17.74 -11.76
N ARG C 81 3.23 17.14 -12.92
CA ARG C 81 3.00 17.94 -14.17
C ARG C 81 1.57 18.51 -14.22
N SER C 82 1.39 19.60 -14.95
CA SER C 82 0.05 20.31 -15.12
C SER C 82 -0.25 21.27 -13.96
N ASN C 83 0.21 20.99 -12.76
CA ASN C 83 -0.08 21.92 -11.61
C ASN C 83 1.20 22.42 -10.96
N GLN C 84 2.33 21.75 -11.11
CA GLN C 84 3.57 22.19 -10.34
C GLN C 84 3.26 21.93 -8.85
N GLY C 85 4.18 21.92 -7.89
CA GLY C 85 3.74 21.59 -6.48
C GLY C 85 3.02 20.23 -6.54
N VAL C 86 1.81 20.15 -6.04
CA VAL C 86 1.07 18.83 -6.03
C VAL C 86 1.97 17.75 -5.42
N ALA C 87 1.85 17.50 -4.15
CA ALA C 87 2.71 16.46 -3.51
C ALA C 87 1.99 15.11 -3.50
N ARG C 88 2.21 14.28 -4.49
CA ARG C 88 1.58 12.93 -4.46
C ARG C 88 2.47 12.08 -3.54
N VAL C 89 3.76 12.23 -3.70
CA VAL C 89 4.72 11.55 -2.79
C VAL C 89 5.17 12.61 -1.78
N ASP C 90 4.33 12.90 -0.83
CA ASP C 90 4.65 13.98 0.16
C ASP C 90 5.43 13.45 1.36
N SER C 91 6.45 14.16 1.74
CA SER C 91 7.28 13.77 2.91
C SER C 91 7.76 15.04 3.60
N GLY C 92 7.15 15.39 4.70
CA GLY C 92 7.56 16.60 5.46
C GLY C 92 8.22 16.17 6.75
N GLY C 93 9.51 15.95 6.70
CA GLY C 93 10.24 15.51 7.93
C GLY C 93 10.61 16.74 8.77
N THR C 113 -6.08 24.60 -5.33
CA THR C 113 -5.45 24.20 -6.61
C THR C 113 -4.31 23.19 -6.36
N LEU C 114 -3.73 23.22 -5.18
CA LEU C 114 -2.62 22.27 -4.87
C LEU C 114 -3.05 21.30 -3.76
N GLY C 115 -2.87 20.03 -3.98
CA GLY C 115 -3.26 19.02 -2.94
C GLY C 115 -2.38 17.77 -3.08
N VAL C 116 -2.46 16.87 -2.14
CA VAL C 116 -1.64 15.64 -2.21
C VAL C 116 -2.52 14.38 -2.30
N PHE C 117 -2.15 13.46 -3.15
CA PHE C 117 -2.95 12.20 -3.29
C PHE C 117 -2.00 10.99 -3.34
N SER C 118 -2.47 9.84 -2.93
CA SER C 118 -1.58 8.64 -2.93
C SER C 118 -2.12 7.53 -3.85
N LEU C 119 -3.35 7.13 -3.65
CA LEU C 119 -3.93 6.03 -4.49
C LEU C 119 -4.08 6.47 -5.97
N ILE C 120 -5.09 7.24 -6.28
CA ILE C 120 -5.37 7.69 -7.70
C ILE C 120 -4.14 8.29 -8.45
N LEU C 121 -4.36 9.20 -9.38
CA LEU C 121 -3.23 9.84 -10.15
C LEU C 121 -3.73 10.67 -11.37
N PRO C 122 -4.00 11.94 -11.17
CA PRO C 122 -4.45 12.79 -12.30
C PRO C 122 -3.23 13.19 -13.14
N LEU C 123 -2.91 12.45 -14.17
CA LEU C 123 -1.73 12.79 -15.01
C LEU C 123 -2.12 12.89 -16.50
N GLN C 124 -1.45 13.74 -17.23
CA GLN C 124 -1.78 13.91 -18.68
C GLN C 124 -1.07 12.87 -19.55
N ALA C 125 -1.55 12.47 -20.71
CA ALA C 125 -0.79 11.41 -21.48
C ALA C 125 0.56 11.95 -22.00
N GLY C 126 1.65 11.33 -21.61
CA GLY C 126 3.01 11.75 -22.09
C GLY C 126 3.65 12.75 -21.13
N ASP C 127 2.86 13.41 -20.31
CA ASP C 127 3.43 14.41 -19.36
C ASP C 127 4.59 13.81 -18.56
N THR C 128 5.30 14.59 -17.78
CA THR C 128 6.46 14.02 -17.01
C THR C 128 6.45 14.47 -15.55
N VAL C 129 6.74 13.56 -14.65
CA VAL C 129 6.75 13.92 -13.20
C VAL C 129 8.20 14.15 -12.73
N CYS C 130 8.39 15.10 -11.84
CA CYS C 130 9.77 15.41 -11.36
C CYS C 130 9.75 15.70 -9.85
N VAL C 131 10.76 15.29 -9.13
CA VAL C 131 10.80 15.52 -7.65
C VAL C 131 11.54 16.82 -7.31
N ASP C 132 10.99 17.57 -6.40
CA ASP C 132 11.69 18.77 -5.87
C ASP C 132 12.38 18.27 -4.59
N LEU C 133 13.66 18.49 -4.50
CA LEU C 133 14.42 18.10 -3.28
C LEU C 133 15.30 19.29 -2.86
N VAL C 134 14.68 20.38 -2.51
CA VAL C 134 15.42 21.60 -2.06
C VAL C 134 14.48 22.46 -1.21
N MET C 135 14.52 22.37 0.09
CA MET C 135 13.62 23.20 0.94
C MET C 135 14.40 23.65 2.18
N GLY C 136 15.48 24.34 1.99
CA GLY C 136 16.34 24.80 3.11
C GLY C 136 17.80 24.53 2.69
N GLN C 137 18.62 25.54 2.60
CA GLN C 137 20.04 25.33 2.19
C GLN C 137 20.89 24.87 3.38
N LEU C 138 20.94 25.64 4.44
CA LEU C 138 21.75 25.26 5.63
C LEU C 138 21.27 23.91 6.18
N ALA C 139 21.84 22.83 5.71
CA ALA C 139 21.43 21.48 6.19
C ALA C 139 22.65 20.56 6.30
N HIS C 140 22.46 19.27 6.17
CA HIS C 140 23.60 18.32 6.26
C HIS C 140 23.73 17.52 4.95
N SER C 141 24.81 16.79 4.80
CA SER C 141 25.01 15.99 3.56
C SER C 141 24.66 14.52 3.82
N GLU C 142 23.86 13.92 2.98
CA GLU C 142 23.49 12.49 3.19
C GLU C 142 23.07 11.84 1.86
N GLU C 143 23.13 10.53 1.80
CA GLU C 143 22.74 9.82 0.54
C GLU C 143 21.92 8.57 0.89
N PRO C 144 20.62 8.74 1.04
CA PRO C 144 19.74 7.60 1.39
C PRO C 144 19.52 6.68 0.18
N LEU C 145 18.63 5.73 0.32
CA LEU C 145 18.29 4.80 -0.79
C LEU C 145 16.77 4.85 -0.98
N THR C 146 16.25 4.54 -2.14
CA THR C 146 14.78 4.60 -2.34
C THR C 146 14.30 3.58 -3.38
N ILE C 147 13.18 2.96 -3.14
CA ILE C 147 12.64 1.95 -4.12
C ILE C 147 11.43 2.57 -4.84
N PHE C 148 11.41 2.52 -6.14
CA PHE C 148 10.27 3.13 -6.88
C PHE C 148 9.49 2.10 -7.71
N SER C 149 8.43 1.57 -7.17
CA SER C 149 7.61 0.57 -7.91
C SER C 149 6.27 1.20 -8.31
N GLY C 150 5.61 0.67 -9.30
CA GLY C 150 4.29 1.21 -9.75
C GLY C 150 3.75 0.24 -10.79
N ALA C 151 2.64 -0.42 -10.52
CA ALA C 151 2.14 -1.45 -11.48
C ALA C 151 0.90 -1.02 -12.28
N LEU C 152 0.70 -1.55 -13.47
CA LEU C 152 -0.52 -1.16 -14.24
C LEU C 152 -1.75 -1.86 -13.67
N LEU C 153 -2.83 -1.13 -13.52
CA LEU C 153 -4.08 -1.75 -12.97
C LEU C 153 -5.11 -1.93 -14.09
N TYR C 154 -5.53 -0.85 -14.70
CA TYR C 154 -6.52 -0.93 -15.81
C TYR C 154 -6.16 0.14 -16.84
N GLY C 155 -6.37 -0.08 -18.11
CA GLY C 155 -6.03 0.97 -19.12
C GLY C 155 -7.34 1.51 -19.71
N ASP C 156 -7.31 2.64 -20.36
CA ASP C 156 -8.56 3.19 -20.96
C ASP C 156 -8.91 2.40 -22.24
N PRO C 157 -9.99 1.65 -22.21
CA PRO C 157 -10.37 0.85 -23.39
C PRO C 157 -11.29 1.62 -24.33
N GLU C 158 -10.73 2.61 -25.01
CA GLU C 158 -11.52 3.50 -25.93
C GLU C 158 -12.48 4.34 -25.09
N LEU C 159 -13.52 3.73 -24.59
CA LEU C 159 -14.53 4.46 -23.75
C LEU C 159 -15.02 5.74 -24.44
N GLU C 160 -14.88 5.85 -25.73
CA GLU C 160 -15.36 7.10 -26.43
C GLU C 160 -16.79 6.88 -26.95
N HIS C 161 -17.51 7.95 -27.16
CA HIS C 161 -18.91 7.81 -27.67
C HIS C 161 -19.25 8.99 -28.59
N ALA C 162 -19.07 8.85 -29.88
CA ALA C 162 -19.38 9.97 -30.83
C ALA C 162 -20.81 10.48 -30.60
N PRO A 13 -8.67 -19.85 -17.84
CA PRO A 13 -9.35 -20.38 -16.61
C PRO A 13 -9.31 -19.31 -15.52
N VAL A 14 -9.91 -19.59 -14.38
CA VAL A 14 -9.92 -18.60 -13.27
C VAL A 14 -9.54 -19.28 -11.95
N PRO A 15 -8.31 -19.06 -11.51
CA PRO A 15 -7.86 -19.69 -10.24
C PRO A 15 -8.56 -19.04 -9.02
N GLN A 16 -9.10 -17.84 -9.20
CA GLN A 16 -9.83 -17.11 -8.08
C GLN A 16 -9.33 -17.52 -6.67
N VAL A 17 -8.13 -17.14 -6.32
CA VAL A 17 -7.60 -17.53 -4.97
C VAL A 17 -7.25 -16.30 -4.12
N ALA A 18 -7.63 -16.32 -2.87
CA ALA A 18 -7.27 -15.22 -1.95
C ALA A 18 -6.59 -15.87 -0.75
N PHE A 19 -5.77 -15.20 0.01
CA PHE A 19 -5.13 -15.87 1.18
C PHE A 19 -4.65 -14.79 2.16
N SER A 20 -5.03 -14.90 3.40
CA SER A 20 -4.63 -13.88 4.43
C SER A 20 -5.15 -14.33 5.79
N ALA A 21 -4.35 -14.27 6.82
CA ALA A 21 -4.84 -14.70 8.17
C ALA A 21 -4.47 -13.64 9.21
N ALA A 22 -5.20 -13.58 10.29
CA ALA A 22 -4.92 -12.55 11.34
C ALA A 22 -4.62 -13.21 12.70
N LEU A 23 -3.72 -12.62 13.43
CA LEU A 23 -3.36 -13.19 14.77
C LEU A 23 -3.80 -12.23 15.88
N SER A 24 -4.41 -12.76 16.91
CA SER A 24 -4.84 -11.89 18.07
C SER A 24 -4.87 -12.70 19.37
N LEU A 25 -4.21 -13.86 19.41
CA LEU A 25 -4.18 -14.74 20.65
C LEU A 25 -4.21 -13.92 21.97
N PRO A 26 -4.66 -14.56 23.04
CA PRO A 26 -4.78 -13.87 24.35
C PRO A 26 -3.42 -13.39 24.91
N ARG A 27 -2.71 -14.20 25.65
CA ARG A 27 -1.42 -13.74 26.24
C ARG A 27 -0.27 -14.72 25.94
N SER A 28 0.65 -14.91 26.88
CA SER A 28 1.84 -15.82 26.67
C SER A 28 1.45 -17.11 25.92
N GLU A 29 2.15 -17.41 24.85
CA GLU A 29 1.89 -18.67 24.11
C GLU A 29 2.98 -19.68 24.50
N PRO A 30 2.71 -20.95 24.32
CA PRO A 30 3.73 -21.97 24.69
C PRO A 30 4.91 -21.98 23.71
N GLY A 31 4.77 -21.30 22.59
CA GLY A 31 5.90 -21.26 21.60
C GLY A 31 5.53 -20.35 20.42
N THR A 32 5.81 -20.75 19.22
CA THR A 32 5.50 -19.88 18.04
C THR A 32 3.99 -19.69 17.88
N VAL A 33 3.60 -18.61 17.25
CA VAL A 33 2.15 -18.29 17.15
C VAL A 33 1.48 -18.85 15.87
N PRO A 34 0.31 -19.43 16.03
CA PRO A 34 -0.46 -19.96 14.89
C PRO A 34 -1.38 -18.85 14.35
N PHE A 35 -2.49 -19.17 13.73
CA PHE A 35 -3.40 -18.10 13.24
C PHE A 35 -4.85 -18.61 13.23
N ASP A 36 -5.74 -17.93 13.91
CA ASP A 36 -7.16 -18.42 13.96
C ASP A 36 -8.15 -17.47 13.26
N ARG A 37 -7.69 -16.35 12.76
CA ARG A 37 -8.63 -15.40 12.07
C ARG A 37 -8.71 -15.70 10.58
N VAL A 38 -9.59 -16.57 10.16
CA VAL A 38 -9.70 -16.89 8.70
C VAL A 38 -10.35 -15.72 7.96
N LEU A 39 -9.56 -14.86 7.36
CA LEU A 39 -10.14 -13.70 6.63
C LEU A 39 -10.55 -14.12 5.22
N LEU A 40 -9.68 -14.82 4.52
CA LEU A 40 -10.02 -15.29 3.14
C LEU A 40 -8.87 -16.18 2.63
N ASN A 41 -9.07 -17.48 2.63
CA ASN A 41 -7.98 -18.42 2.17
C ASN A 41 -8.46 -19.86 2.32
N ASP A 42 -9.22 -20.34 1.36
CA ASP A 42 -9.72 -21.75 1.46
C ASP A 42 -8.56 -22.76 1.38
N GLY A 43 -7.68 -22.60 0.43
CA GLY A 43 -6.53 -23.55 0.29
C GLY A 43 -5.47 -23.34 1.37
N GLY A 44 -5.36 -22.16 1.94
CA GLY A 44 -4.29 -21.93 2.97
C GLY A 44 -3.01 -21.53 2.24
N TYR A 45 -2.54 -22.40 1.37
CA TYR A 45 -1.31 -22.13 0.54
C TYR A 45 -0.03 -21.91 1.37
N TYR A 46 0.07 -20.82 2.11
CA TYR A 46 1.35 -20.57 2.84
C TYR A 46 1.24 -20.66 4.38
N ASP A 47 1.86 -21.65 4.96
CA ASP A 47 1.82 -21.83 6.44
C ASP A 47 2.56 -20.67 7.14
N PRO A 48 1.87 -19.90 7.96
CA PRO A 48 2.51 -18.76 8.68
C PRO A 48 3.37 -19.23 9.87
N GLU A 49 3.45 -20.52 10.11
CA GLU A 49 4.30 -21.01 11.24
C GLU A 49 5.74 -20.88 10.78
N THR A 50 6.09 -21.64 9.79
CA THR A 50 7.46 -21.57 9.22
C THR A 50 7.44 -20.66 7.98
N GLY A 51 6.28 -20.36 7.43
CA GLY A 51 6.22 -19.47 6.24
C GLY A 51 6.46 -20.27 4.96
N VAL A 52 6.19 -21.54 4.99
CA VAL A 52 6.42 -22.35 3.75
C VAL A 52 5.34 -21.98 2.73
N PHE A 53 5.63 -20.96 1.96
CA PHE A 53 4.64 -20.44 0.96
C PHE A 53 4.78 -21.11 -0.40
N THR A 54 3.86 -21.99 -0.75
CA THR A 54 3.90 -22.62 -2.10
C THR A 54 2.97 -21.83 -3.01
N ALA A 55 3.50 -20.96 -3.83
CA ALA A 55 2.63 -20.10 -4.69
C ALA A 55 2.48 -20.61 -6.15
N PRO A 56 1.32 -21.15 -6.46
CA PRO A 56 1.04 -21.59 -7.85
C PRO A 56 0.41 -20.43 -8.64
N LEU A 57 0.00 -19.38 -7.96
CA LEU A 57 -0.67 -18.20 -8.62
C LEU A 57 -0.15 -17.89 -10.03
N ALA A 58 1.14 -17.75 -10.20
CA ALA A 58 1.70 -17.44 -11.57
C ALA A 58 0.97 -16.24 -12.19
N GLY A 59 1.53 -15.06 -12.04
CA GLY A 59 0.90 -13.84 -12.58
C GLY A 59 1.41 -12.66 -11.77
N ARG A 60 0.61 -11.66 -11.60
CA ARG A 60 1.00 -10.49 -10.77
C ARG A 60 0.19 -10.53 -9.48
N TYR A 61 0.81 -10.49 -8.34
CA TYR A 61 0.03 -10.55 -7.06
C TYR A 61 0.48 -9.42 -6.10
N LEU A 62 -0.44 -8.89 -5.35
CA LEU A 62 -0.09 -7.78 -4.40
C LEU A 62 0.07 -8.36 -2.98
N LEU A 63 1.25 -8.26 -2.43
CA LEU A 63 1.49 -8.80 -1.06
C LEU A 63 1.78 -7.66 -0.07
N SER A 64 1.36 -7.82 1.16
CA SER A 64 1.59 -6.76 2.19
C SER A 64 1.89 -7.38 3.56
N ALA A 65 3.05 -7.12 4.09
CA ALA A 65 3.41 -7.67 5.43
C ALA A 65 3.41 -6.54 6.47
N VAL A 66 3.05 -6.84 7.69
CA VAL A 66 3.01 -5.77 8.73
C VAL A 66 4.34 -5.72 9.51
N LEU A 67 5.02 -4.61 9.47
CA LEU A 67 6.38 -4.54 10.12
C LEU A 67 6.36 -4.01 11.56
N THR A 68 6.69 -4.87 12.49
CA THR A 68 6.76 -4.44 13.92
C THR A 68 7.95 -3.46 14.04
N GLY A 69 7.81 -2.43 14.82
CA GLY A 69 8.92 -1.44 14.98
C GLY A 69 10.13 -2.08 15.66
N HIS A 70 9.99 -2.49 16.90
CA HIS A 70 11.16 -3.13 17.63
C HIS A 70 12.45 -2.32 17.43
N ARG A 71 12.48 -1.11 17.94
CA ARG A 71 13.70 -0.24 17.78
C ARG A 71 14.88 -0.78 18.60
N HIS A 72 14.69 -1.78 19.42
CA HIS A 72 15.80 -2.33 20.27
C HIS A 72 16.96 -2.94 19.44
N GLU A 73 16.96 -2.83 18.11
CA GLU A 73 18.08 -3.38 17.22
C GLU A 73 17.74 -4.79 16.69
N LYS A 74 18.75 -5.49 16.18
CA LYS A 74 18.58 -6.87 15.55
C LYS A 74 18.21 -6.68 14.08
N VAL A 75 18.47 -7.65 13.23
CA VAL A 75 18.13 -7.48 11.78
C VAL A 75 17.20 -8.59 11.29
N GLU A 76 16.01 -8.22 10.91
CA GLU A 76 15.04 -9.21 10.35
C GLU A 76 15.04 -9.04 8.82
N ALA A 77 15.14 -10.12 8.09
CA ALA A 77 15.12 -10.09 6.60
C ALA A 77 14.61 -11.47 6.13
N VAL A 78 13.55 -11.47 5.36
CA VAL A 78 12.98 -12.76 4.87
C VAL A 78 13.74 -13.26 3.63
N LEU A 79 14.14 -14.50 3.61
CA LEU A 79 14.86 -15.06 2.42
C LEU A 79 13.88 -15.11 1.23
N SER A 80 14.40 -15.11 0.03
CA SER A 80 13.52 -15.22 -1.18
C SER A 80 14.01 -16.41 -2.02
N ARG A 81 13.14 -17.24 -2.52
CA ARG A 81 13.64 -18.41 -3.34
C ARG A 81 14.32 -17.95 -4.63
N SER A 82 15.21 -18.77 -5.16
CA SER A 82 15.99 -18.48 -6.44
C SER A 82 17.24 -17.63 -6.16
N ASN A 83 17.21 -16.76 -5.18
CA ASN A 83 18.42 -15.92 -4.90
C ASN A 83 18.89 -16.08 -3.45
N GLN A 84 18.08 -16.53 -2.52
CA GLN A 84 18.53 -16.56 -1.08
C GLN A 84 18.69 -15.09 -0.65
N GLY A 85 18.81 -14.69 0.61
CA GLY A 85 18.91 -13.20 0.90
C GLY A 85 17.68 -12.54 0.25
N VAL A 86 17.88 -11.55 -0.61
CA VAL A 86 16.73 -10.83 -1.25
C VAL A 86 15.75 -10.39 -0.16
N ALA A 87 15.87 -9.18 0.31
CA ALA A 87 14.94 -8.71 1.39
C ALA A 87 13.72 -8.01 0.79
N ARG A 88 12.66 -8.74 0.53
CA ARG A 88 11.43 -8.07 0.04
C ARG A 88 10.71 -7.54 1.29
N VAL A 89 10.69 -8.35 2.31
CA VAL A 89 10.11 -7.92 3.62
C VAL A 89 11.30 -7.50 4.48
N ASP A 90 11.80 -6.31 4.24
CA ASP A 90 12.99 -5.82 5.00
C ASP A 90 12.58 -5.16 6.31
N SER A 91 13.27 -5.51 7.37
CA SER A 91 12.97 -4.91 8.70
C SER A 91 14.27 -4.81 9.49
N GLY A 92 14.80 -3.63 9.61
CA GLY A 92 16.06 -3.44 10.37
C GLY A 92 15.71 -2.81 11.72
N GLY A 93 15.33 -3.63 12.66
CA GLY A 93 14.95 -3.11 14.00
C GLY A 93 16.20 -3.00 14.86
N THR A 113 22.90 -8.68 -8.14
CA THR A 113 22.11 -9.94 -8.08
C THR A 113 21.16 -9.92 -6.88
N LEU A 114 21.51 -9.19 -5.85
CA LEU A 114 20.63 -9.12 -4.65
C LEU A 114 19.99 -7.73 -4.54
N GLY A 115 18.69 -7.68 -4.37
CA GLY A 115 17.99 -6.37 -4.26
C GLY A 115 16.72 -6.55 -3.44
N VAL A 116 16.08 -5.47 -3.04
CA VAL A 116 14.83 -5.58 -2.24
C VAL A 116 13.65 -4.97 -2.99
N PHE A 117 12.54 -5.68 -3.02
CA PHE A 117 11.33 -5.16 -3.72
C PHE A 117 10.10 -5.29 -2.80
N SER A 118 9.17 -4.37 -2.89
CA SER A 118 7.98 -4.44 -2.00
C SER A 118 6.67 -4.56 -2.80
N LEU A 119 6.44 -3.66 -3.72
CA LEU A 119 5.16 -3.70 -4.51
C LEU A 119 5.00 -5.00 -5.30
N ILE A 120 5.70 -5.14 -6.42
CA ILE A 120 5.57 -6.35 -7.31
C ILE A 120 5.79 -7.71 -6.57
N LEU A 121 6.43 -8.67 -7.21
CA LEU A 121 6.70 -10.02 -6.56
C LEU A 121 7.33 -11.00 -7.56
N PRO A 122 8.63 -10.87 -7.80
CA PRO A 122 9.31 -11.79 -8.74
C PRO A 122 9.47 -13.16 -8.06
N LEU A 123 8.51 -14.04 -8.22
CA LEU A 123 8.61 -15.40 -7.59
C LEU A 123 8.43 -16.50 -8.65
N GLN A 124 9.05 -17.63 -8.43
CA GLN A 124 8.96 -18.76 -9.40
C GLN A 124 7.66 -19.58 -9.22
N ALA A 125 7.08 -20.24 -10.20
CA ALA A 125 5.80 -20.99 -9.90
C ALA A 125 6.06 -22.23 -9.02
N GLY A 126 5.47 -22.27 -7.85
CA GLY A 126 5.62 -23.44 -6.94
C GLY A 126 6.77 -23.21 -5.95
N ASP A 127 7.70 -22.35 -6.29
CA ASP A 127 8.86 -22.09 -5.37
C ASP A 127 8.36 -21.75 -3.96
N THR A 128 9.22 -21.66 -2.97
CA THR A 128 8.73 -21.37 -1.59
C THR A 128 9.55 -20.27 -0.90
N VAL A 129 8.88 -19.37 -0.22
CA VAL A 129 9.61 -18.27 0.49
C VAL A 129 9.79 -18.60 1.97
N CYS A 130 10.90 -18.22 2.55
CA CYS A 130 11.15 -18.53 3.99
C CYS A 130 11.75 -17.32 4.69
N VAL A 131 11.41 -17.09 5.94
CA VAL A 131 11.96 -15.91 6.67
C VAL A 131 13.19 -16.32 7.49
N ASP A 132 14.20 -15.48 7.43
CA ASP A 132 15.40 -15.68 8.30
C ASP A 132 15.11 -14.82 9.52
N LEU A 133 15.22 -15.42 10.67
CA LEU A 133 15.02 -14.68 11.95
C LEU A 133 16.18 -15.02 12.90
N VAL A 134 17.38 -14.71 12.49
CA VAL A 134 18.59 -14.99 13.32
C VAL A 134 19.72 -14.06 12.85
N MET A 135 19.93 -12.94 13.50
CA MET A 135 21.03 -12.02 13.07
C MET A 135 21.67 -11.41 14.32
N GLY A 136 22.19 -12.26 15.16
CA GLY A 136 22.81 -11.81 16.45
C GLY A 136 22.32 -12.76 17.54
N GLN A 137 23.20 -13.45 18.22
CA GLN A 137 22.75 -14.40 19.27
C GLN A 137 22.49 -13.65 20.59
N LEU A 138 23.48 -12.97 21.11
CA LEU A 138 23.30 -12.21 22.38
C LEU A 138 22.18 -11.17 22.23
N ALA A 139 20.97 -11.55 22.52
CA ALA A 139 19.82 -10.59 22.38
C ALA A 139 18.83 -10.79 23.54
N HIS A 140 17.58 -10.45 23.33
CA HIS A 140 16.56 -10.62 24.41
C HIS A 140 15.45 -11.56 23.95
N SER A 141 14.57 -11.93 24.84
CA SER A 141 13.45 -12.84 24.45
C SER A 141 12.16 -12.05 24.25
N GLU A 142 11.48 -12.25 23.15
CA GLU A 142 10.22 -11.50 22.89
C GLU A 142 9.33 -12.26 21.91
N GLU A 143 8.04 -12.00 21.95
CA GLU A 143 7.10 -12.70 21.02
C GLU A 143 6.07 -11.70 20.46
N PRO A 144 6.43 -11.00 19.40
CA PRO A 144 5.52 -10.00 18.81
C PRO A 144 4.36 -10.67 18.08
N LEU A 145 3.57 -9.89 17.39
CA LEU A 145 2.43 -10.42 16.58
C LEU A 145 2.57 -9.89 15.16
N THR A 146 2.04 -10.55 14.17
CA THR A 146 2.17 -10.03 12.78
C THR A 146 0.98 -10.44 11.90
N ILE A 147 0.53 -9.56 11.05
CA ILE A 147 -0.62 -9.88 10.16
C ILE A 147 -0.09 -10.10 8.74
N PHE A 148 -0.43 -11.21 8.13
CA PHE A 148 0.09 -11.49 6.74
C PHE A 148 -1.05 -11.67 5.74
N SER A 149 -1.34 -10.64 4.98
CA SER A 149 -2.42 -10.75 3.96
C SER A 149 -1.78 -10.77 2.56
N GLY A 150 -2.48 -11.25 1.56
CA GLY A 150 -1.90 -11.28 0.17
C GLY A 150 -3.04 -11.70 -0.77
N ALA A 151 -3.53 -10.80 -1.58
CA ALA A 151 -4.71 -11.14 -2.45
C ALA A 151 -4.38 -11.28 -3.94
N LEU A 152 -5.07 -12.13 -4.67
CA LEU A 152 -4.78 -12.26 -6.13
C LEU A 152 -5.20 -10.98 -6.87
N LEU A 153 -4.35 -10.49 -7.74
CA LEU A 153 -4.71 -9.26 -8.50
C LEU A 153 -5.00 -9.62 -9.96
N TYR A 154 -4.04 -10.20 -10.64
CA TYR A 154 -4.23 -10.62 -12.07
C TYR A 154 -3.46 -11.92 -12.27
N GLY A 155 -3.94 -12.84 -13.08
CA GLY A 155 -3.20 -14.12 -13.30
C GLY A 155 -2.71 -14.14 -14.75
N ASP A 156 -1.76 -14.98 -15.08
CA ASP A 156 -1.26 -15.04 -16.50
C ASP A 156 -2.31 -15.78 -17.36
N PRO A 157 -2.93 -15.06 -18.29
CA PRO A 157 -3.96 -15.69 -19.14
C PRO A 157 -3.33 -16.31 -20.41
N GLU A 158 -2.64 -17.42 -20.22
CA GLU A 158 -1.92 -18.10 -21.34
C GLU A 158 -0.78 -17.21 -21.82
N LEU A 159 -1.10 -16.15 -22.51
CA LEU A 159 -0.06 -15.20 -23.03
C LEU A 159 1.06 -15.93 -23.78
N GLU A 160 0.82 -17.14 -24.26
CA GLU A 160 1.89 -17.88 -25.00
C GLU A 160 1.75 -17.62 -26.51
N HIS A 161 2.81 -17.79 -27.24
CA HIS A 161 2.75 -17.55 -28.72
C HIS A 161 3.67 -18.54 -29.44
N ALA A 162 3.18 -19.68 -29.87
CA ALA A 162 4.04 -20.67 -30.59
C ALA A 162 4.78 -20.00 -31.75
N PRO B 13 -22.70 -5.70 -16.63
CA PRO B 13 -22.69 -4.21 -16.74
C PRO B 13 -21.36 -3.67 -16.19
N VAL B 14 -21.17 -2.38 -16.28
CA VAL B 14 -19.90 -1.78 -15.78
C VAL B 14 -20.20 -0.55 -14.90
N PRO B 15 -20.10 -0.71 -13.59
CA PRO B 15 -20.38 0.42 -12.67
C PRO B 15 -19.28 1.48 -12.76
N GLN B 16 -18.11 1.12 -13.26
CA GLN B 16 -16.94 2.08 -13.43
C GLN B 16 -16.98 3.25 -12.41
N VAL B 17 -16.77 2.96 -11.14
CA VAL B 17 -16.82 4.04 -10.11
C VAL B 17 -15.47 4.20 -9.38
N ALA B 18 -15.04 5.42 -9.20
CA ALA B 18 -13.79 5.67 -8.44
C ALA B 18 -14.17 6.67 -7.35
N PHE B 19 -13.45 6.76 -6.25
CA PHE B 19 -13.84 7.76 -5.21
C PHE B 19 -12.63 8.03 -4.31
N SER B 20 -12.28 9.27 -4.14
CA SER B 20 -11.09 9.63 -3.29
C SER B 20 -11.00 11.15 -3.22
N ALA B 21 -10.78 11.71 -2.05
CA ALA B 21 -10.67 13.19 -1.94
C ALA B 21 -9.43 13.56 -1.13
N ALA B 22 -8.92 14.75 -1.33
CA ALA B 22 -7.69 15.17 -0.58
C ALA B 22 -7.94 16.45 0.23
N LEU B 23 -7.34 16.53 1.39
CA LEU B 23 -7.52 17.73 2.25
C LEU B 23 -6.21 18.51 2.37
N SER B 24 -6.26 19.80 2.24
CA SER B 24 -5.03 20.64 2.37
C SER B 24 -5.39 22.06 2.85
N LEU B 25 -6.57 22.26 3.42
CA LEU B 25 -7.02 23.62 3.93
C LEU B 25 -5.85 24.47 4.49
N PRO B 26 -6.04 25.78 4.51
CA PRO B 26 -4.97 26.70 4.99
C PRO B 26 -4.61 26.48 6.47
N ARG B 27 -5.27 27.14 7.39
CA ARG B 27 -4.90 26.98 8.83
C ARG B 27 -6.13 26.63 9.71
N SER B 28 -6.20 27.15 10.92
CA SER B 28 -7.33 26.85 11.86
C SER B 28 -8.69 26.82 11.14
N GLU B 29 -9.42 25.74 11.30
CA GLU B 29 -10.78 25.66 10.69
C GLU B 29 -11.81 25.92 11.81
N PRO B 30 -13.00 26.35 11.44
CA PRO B 30 -14.03 26.63 12.47
C PRO B 30 -14.55 25.34 13.12
N GLY B 31 -14.25 24.20 12.54
CA GLY B 31 -14.72 22.91 13.14
C GLY B 31 -14.16 21.73 12.37
N THR B 32 -14.96 20.73 12.09
CA THR B 32 -14.44 19.54 11.36
C THR B 32 -14.03 19.91 9.93
N VAL B 33 -13.14 19.13 9.36
CA VAL B 33 -12.59 19.48 8.01
C VAL B 33 -13.38 18.85 6.84
N PRO B 34 -13.66 19.65 5.82
CA PRO B 34 -14.36 19.14 4.63
C PRO B 34 -13.32 18.64 3.62
N PHE B 35 -13.59 18.65 2.34
CA PHE B 35 -12.57 18.18 1.35
C PHE B 35 -12.77 18.91 0.01
N ASP B 36 -11.77 19.61 -0.48
CA ASP B 36 -11.95 20.35 -1.77
C ASP B 36 -11.08 19.78 -2.91
N ARG B 37 -10.27 18.78 -2.65
CA ARG B 37 -9.42 18.22 -3.75
C ARG B 37 -10.15 17.08 -4.47
N VAL B 38 -10.92 17.38 -5.49
CA VAL B 38 -11.64 16.28 -6.21
C VAL B 38 -10.65 15.48 -7.07
N LEU B 39 -10.18 14.37 -6.57
CA LEU B 39 -9.22 13.55 -7.34
C LEU B 39 -9.96 12.65 -8.33
N LEU B 40 -10.99 11.97 -7.87
CA LEU B 40 -11.79 11.09 -8.78
C LEU B 40 -12.99 10.54 -8.00
N ASN B 41 -14.16 11.07 -8.23
CA ASN B 41 -15.39 10.61 -7.48
C ASN B 41 -16.60 11.42 -7.93
N ASP B 42 -17.20 11.06 -9.04
CA ASP B 42 -18.38 11.83 -9.51
C ASP B 42 -19.56 11.69 -8.54
N GLY B 43 -19.87 10.48 -8.14
CA GLY B 43 -21.03 10.26 -7.21
C GLY B 43 -20.70 10.70 -5.78
N GLY B 44 -19.45 10.73 -5.38
CA GLY B 44 -19.12 11.13 -3.97
C GLY B 44 -19.21 9.87 -3.09
N TYR B 45 -20.37 9.26 -3.08
CA TYR B 45 -20.61 8.00 -2.31
C TYR B 45 -20.39 8.14 -0.79
N TYR B 46 -19.17 8.34 -0.33
CA TYR B 46 -18.94 8.39 1.16
C TYR B 46 -18.54 9.77 1.71
N ASP B 47 -19.42 10.39 2.45
CA ASP B 47 -19.11 11.73 3.03
C ASP B 47 -17.97 11.63 4.06
N PRO B 48 -16.86 12.31 3.81
CA PRO B 48 -15.70 12.28 4.75
C PRO B 48 -15.93 13.14 6.00
N GLU B 49 -17.08 13.78 6.12
CA GLU B 49 -17.36 14.59 7.34
C GLU B 49 -17.64 13.60 8.46
N THR B 50 -18.72 12.89 8.32
CA THR B 50 -19.09 11.87 9.33
C THR B 50 -18.61 10.49 8.83
N GLY B 51 -18.28 10.36 7.56
CA GLY B 51 -17.79 9.04 7.04
C GLY B 51 -18.97 8.14 6.68
N VAL B 52 -20.11 8.72 6.39
CA VAL B 52 -21.28 7.86 6.05
C VAL B 52 -21.04 7.28 4.65
N PHE B 53 -20.39 6.15 4.64
CA PHE B 53 -20.01 5.48 3.35
C PHE B 53 -21.08 4.51 2.86
N THR B 54 -21.84 4.87 1.85
CA THR B 54 -22.86 3.94 1.28
C THR B 54 -22.22 3.23 0.08
N ALA B 55 -21.76 2.02 0.27
CA ALA B 55 -21.06 1.30 -0.85
C ALA B 55 -21.94 0.30 -1.62
N PRO B 56 -22.33 0.66 -2.83
CA PRO B 56 -23.12 -0.26 -3.69
C PRO B 56 -22.15 -1.10 -4.55
N LEU B 57 -20.88 -0.75 -4.57
CA LEU B 57 -19.85 -1.46 -5.41
C LEU B 57 -20.10 -2.98 -5.52
N ALA B 58 -20.26 -3.67 -4.42
CA ALA B 58 -20.49 -5.15 -4.48
C ALA B 58 -19.42 -5.84 -5.34
N GLY B 59 -18.39 -6.35 -4.72
CA GLY B 59 -17.29 -7.00 -5.47
C GLY B 59 -16.04 -6.93 -4.60
N ARG B 60 -14.90 -6.83 -5.22
CA ARG B 60 -13.63 -6.69 -4.46
C ARG B 60 -13.13 -5.26 -4.65
N TYR B 61 -12.84 -4.53 -3.60
CA TYR B 61 -12.37 -3.13 -3.77
C TYR B 61 -11.11 -2.89 -2.92
N LEU B 62 -10.20 -2.08 -3.41
CA LEU B 62 -8.95 -1.79 -2.64
C LEU B 62 -9.08 -0.45 -1.93
N LEU B 63 -9.05 -0.45 -0.62
CA LEU B 63 -9.18 0.81 0.16
C LEU B 63 -7.88 1.14 0.88
N SER B 64 -7.56 2.41 1.02
CA SER B 64 -6.31 2.82 1.71
C SER B 64 -6.52 4.10 2.53
N ALA B 65 -6.33 4.02 3.82
CA ALA B 65 -6.51 5.22 4.70
C ALA B 65 -5.14 5.70 5.17
N VAL B 66 -4.97 6.98 5.35
CA VAL B 66 -3.64 7.50 5.81
C VAL B 66 -3.61 7.65 7.34
N LEU B 67 -2.71 6.97 8.00
CA LEU B 67 -2.71 6.98 9.49
C LEU B 67 -1.77 8.02 10.12
N THR B 68 -2.35 9.01 10.76
CA THR B 68 -1.52 10.04 11.46
C THR B 68 -0.81 9.34 12.62
N GLY B 69 0.42 9.70 12.87
CA GLY B 69 1.19 9.05 13.98
C GLY B 69 0.56 9.39 15.33
N HIS B 70 0.59 10.65 15.72
CA HIS B 70 0.00 11.07 17.05
C HIS B 70 0.46 10.12 18.17
N ARG B 71 1.73 10.11 18.47
CA ARG B 71 2.25 9.20 19.55
C ARG B 71 1.79 9.64 20.95
N HIS B 72 1.13 10.77 21.07
CA HIS B 72 0.67 11.27 22.41
C HIS B 72 -0.37 10.33 23.08
N GLU B 73 -0.68 9.16 22.53
CA GLU B 73 -1.67 8.17 23.14
C GLU B 73 -3.09 8.35 22.54
N LYS B 74 -4.09 7.78 23.21
CA LYS B 74 -5.53 7.80 22.73
C LYS B 74 -5.74 6.62 21.78
N VAL B 75 -6.95 6.14 21.62
CA VAL B 75 -7.16 4.97 20.71
C VAL B 75 -8.17 5.30 19.60
N GLU B 76 -7.72 5.30 18.39
CA GLU B 76 -8.63 5.54 17.23
C GLU B 76 -8.94 4.18 16.59
N ALA B 77 -10.20 3.91 16.32
CA ALA B 77 -10.63 2.63 15.67
C ALA B 77 -11.95 2.91 14.96
N VAL B 78 -11.98 2.66 13.67
CA VAL B 78 -13.24 2.91 12.89
C VAL B 78 -14.22 1.74 13.04
N LEU B 79 -15.46 2.03 13.33
CA LEU B 79 -16.49 0.93 13.44
C LEU B 79 -16.71 0.30 12.07
N SER B 80 -17.17 -0.92 12.02
CA SER B 80 -17.47 -1.57 10.71
C SER B 80 -18.93 -2.06 10.74
N ARG B 81 -19.70 -1.86 9.71
CA ARG B 81 -21.13 -2.33 9.76
C ARG B 81 -21.22 -3.86 9.86
N SER B 82 -22.33 -4.35 10.40
CA SER B 82 -22.60 -5.84 10.58
C SER B 82 -21.95 -6.39 11.86
N ASN B 83 -20.84 -5.85 12.29
CA ASN B 83 -20.19 -6.38 13.54
C ASN B 83 -19.99 -5.26 14.58
N GLN B 84 -19.97 -4.00 14.21
CA GLN B 84 -19.64 -2.92 15.23
C GLN B 84 -18.17 -3.13 15.62
N GLY B 85 -17.44 -2.24 16.28
CA GLY B 85 -15.98 -2.57 16.55
C GLY B 85 -15.33 -2.90 15.20
N VAL B 86 -14.70 -4.06 15.08
CA VAL B 86 -14.02 -4.42 13.79
C VAL B 86 -13.07 -3.28 13.38
N ALA B 87 -11.83 -3.35 13.74
CA ALA B 87 -10.89 -2.25 13.38
C ALA B 87 -10.20 -2.55 12.05
N ARG B 88 -10.74 -2.10 10.95
CA ARG B 88 -10.03 -2.29 9.65
C ARG B 88 -9.03 -1.15 9.55
N VAL B 89 -9.47 0.03 9.93
CA VAL B 89 -8.56 1.21 9.98
C VAL B 89 -8.12 1.34 11.43
N ASP B 90 -7.18 0.53 11.85
CA ASP B 90 -6.71 0.55 13.26
C ASP B 90 -5.62 1.59 13.48
N SER B 91 -5.75 2.35 14.53
CA SER B 91 -4.74 3.39 14.84
C SER B 91 -4.65 3.53 16.37
N GLY B 92 -3.61 3.02 16.95
CA GLY B 92 -3.44 3.11 18.42
C GLY B 92 -2.38 4.18 18.71
N GLY B 93 -2.78 5.42 18.71
CA GLY B 93 -1.80 6.52 18.97
C GLY B 93 -1.69 6.74 20.47
N THR B 113 -15.27 -13.43 16.55
CA THR B 113 -16.29 -12.62 15.82
C THR B 113 -15.71 -11.25 15.45
N LEU B 114 -14.79 -10.75 16.24
CA LEU B 114 -14.19 -9.41 15.95
C LEU B 114 -12.74 -9.58 15.47
N GLY B 115 -12.41 -8.96 14.37
CA GLY B 115 -11.02 -9.06 13.83
C GLY B 115 -10.70 -7.81 13.03
N VAL B 116 -9.45 -7.62 12.68
CA VAL B 116 -9.06 -6.41 11.89
C VAL B 116 -8.50 -6.81 10.51
N PHE B 117 -8.96 -6.17 9.48
CA PHE B 117 -8.45 -6.50 8.10
C PHE B 117 -8.06 -5.20 7.39
N SER B 118 -7.06 -5.25 6.55
CA SER B 118 -6.62 -4.00 5.83
C SER B 118 -6.73 -4.15 4.32
N LEU B 119 -6.13 -5.17 3.76
CA LEU B 119 -6.17 -5.34 2.26
C LEU B 119 -7.60 -5.51 1.73
N ILE B 120 -8.20 -6.67 1.88
CA ILE B 120 -9.57 -6.96 1.32
C ILE B 120 -10.66 -5.92 1.77
N LEU B 121 -11.88 -6.37 2.05
CA LEU B 121 -12.98 -5.43 2.50
C LEU B 121 -14.33 -6.18 2.61
N PRO B 122 -14.51 -6.92 3.68
CA PRO B 122 -15.79 -7.65 3.87
C PRO B 122 -16.90 -6.65 4.24
N LEU B 123 -17.59 -6.10 3.26
CA LEU B 123 -18.68 -5.12 3.56
C LEU B 123 -19.99 -5.55 2.89
N GLN B 124 -21.10 -5.20 3.49
CA GLN B 124 -22.44 -5.60 2.95
C GLN B 124 -22.89 -4.65 1.82
N ALA B 125 -23.69 -5.04 0.84
CA ALA B 125 -24.06 -4.03 -0.22
C ALA B 125 -25.00 -2.94 0.33
N GLY B 126 -24.58 -1.70 0.28
CA GLY B 126 -25.42 -0.56 0.77
C GLY B 126 -25.12 -0.23 2.23
N ASP B 127 -24.60 -1.18 2.96
CA ASP B 127 -24.29 -0.94 4.41
C ASP B 127 -23.45 0.34 4.57
N THR B 128 -23.22 0.81 5.77
CA THR B 128 -22.44 2.08 5.93
C THR B 128 -21.36 1.96 7.00
N VAL B 129 -20.18 2.49 6.73
CA VAL B 129 -19.08 2.41 7.73
C VAL B 129 -18.97 3.74 8.51
N CYS B 130 -18.64 3.67 9.76
CA CYS B 130 -18.54 4.91 10.59
C CYS B 130 -17.31 4.85 11.48
N VAL B 131 -16.66 5.96 11.73
CA VAL B 131 -15.43 5.97 12.58
C VAL B 131 -15.80 6.33 14.02
N ASP B 132 -15.22 5.60 14.95
CA ASP B 132 -15.38 5.96 16.39
C ASP B 132 -14.14 6.81 16.69
N LEU B 133 -14.37 7.98 17.25
CA LEU B 133 -13.25 8.87 17.64
C LEU B 133 -13.50 9.36 19.07
N VAL B 134 -13.56 8.44 20.00
CA VAL B 134 -13.79 8.79 21.43
C VAL B 134 -13.27 7.63 22.29
N MET B 135 -12.08 7.69 22.81
CA MET B 135 -11.55 6.59 23.66
C MET B 135 -10.73 7.19 24.80
N GLY B 136 -11.36 8.02 25.60
CA GLY B 136 -10.67 8.71 26.72
C GLY B 136 -11.13 10.17 26.70
N GLN B 137 -11.74 10.65 27.75
CA GLN B 137 -12.21 12.08 27.75
C GLN B 137 -11.06 13.02 28.09
N LEU B 138 -10.46 12.86 29.24
CA LEU B 138 -9.32 13.74 29.64
C LEU B 138 -8.20 13.66 28.61
N ALA B 139 -8.22 14.51 27.63
CA ALA B 139 -7.16 14.49 26.58
C ALA B 139 -6.80 15.92 26.15
N HIS B 140 -6.31 16.10 24.95
CA HIS B 140 -5.94 17.47 24.48
C HIS B 140 -6.76 17.83 23.22
N SER B 141 -6.66 19.06 22.78
CA SER B 141 -7.42 19.49 21.57
C SER B 141 -6.49 19.51 20.36
N GLU B 142 -6.89 18.91 19.27
CA GLU B 142 -6.03 18.89 18.05
C GLU B 142 -6.87 18.67 16.80
N GLU B 143 -6.38 19.10 15.66
CA GLU B 143 -7.14 18.90 14.38
C GLU B 143 -6.17 18.47 13.27
N PRO B 144 -5.92 17.18 13.18
CA PRO B 144 -4.99 16.66 12.15
C PRO B 144 -5.62 16.72 10.75
N LEU B 145 -4.96 16.14 9.79
CA LEU B 145 -5.48 16.09 8.39
C LEU B 145 -5.43 14.63 7.94
N THR B 146 -6.26 14.22 7.00
CA THR B 146 -6.23 12.79 6.56
C THR B 146 -6.66 12.66 5.10
N ILE B 147 -6.01 11.78 4.38
CA ILE B 147 -6.37 11.57 2.94
C ILE B 147 -7.11 10.23 2.80
N PHE B 148 -8.26 10.24 2.19
CA PHE B 148 -9.04 8.97 2.07
C PHE B 148 -9.30 8.60 0.61
N SER B 149 -8.52 7.70 0.06
CA SER B 149 -8.73 7.27 -1.35
C SER B 149 -9.29 5.85 -1.36
N GLY B 150 -9.92 5.43 -2.43
CA GLY B 150 -10.48 4.04 -2.50
C GLY B 150 -10.94 3.82 -3.94
N ALA B 151 -10.25 2.98 -4.69
CA ALA B 151 -10.61 2.82 -6.13
C ALA B 151 -11.26 1.46 -6.48
N LEU B 152 -12.14 1.42 -7.46
CA LEU B 152 -12.77 0.10 -7.81
C LEU B 152 -11.73 -0.82 -8.44
N LEU B 153 -11.69 -2.06 -8.02
CA LEU B 153 -10.71 -3.03 -8.60
C LEU B 153 -11.43 -4.04 -9.51
N TYR B 154 -12.37 -4.77 -8.95
CA TYR B 154 -13.16 -5.75 -9.75
C TYR B 154 -14.59 -5.76 -9.19
N GLY B 155 -15.60 -5.94 -10.01
CA GLY B 155 -16.99 -5.96 -9.49
C GLY B 155 -17.55 -7.38 -9.66
N ASP B 156 -18.62 -7.71 -8.99
CA ASP B 156 -19.21 -9.09 -9.15
C ASP B 156 -19.95 -9.17 -10.49
N PRO B 157 -19.45 -9.98 -11.40
CA PRO B 157 -20.10 -10.10 -12.72
C PRO B 157 -21.19 -11.18 -12.72
N GLU B 158 -22.29 -10.91 -12.06
CA GLU B 158 -23.42 -11.90 -11.92
C GLU B 158 -22.94 -13.05 -11.04
N LEU B 159 -22.10 -13.90 -11.58
CA LEU B 159 -21.57 -15.07 -10.81
C LEU B 159 -22.70 -15.87 -10.14
N GLU B 160 -23.92 -15.76 -10.62
CA GLU B 160 -25.03 -16.54 -10.00
C GLU B 160 -25.23 -17.85 -10.75
N HIS B 161 -25.81 -18.84 -10.10
CA HIS B 161 -26.04 -20.16 -10.77
C HIS B 161 -27.35 -20.78 -10.28
N ALA B 162 -28.45 -20.54 -10.97
CA ALA B 162 -29.76 -21.13 -10.53
C ALA B 162 -29.63 -22.65 -10.32
N PRO C 13 -6.94 -3.21 -27.41
CA PRO C 13 -5.52 -3.65 -27.44
C PRO C 13 -5.03 -3.92 -26.01
N VAL C 14 -3.84 -4.43 -25.87
CA VAL C 14 -3.31 -4.72 -24.50
C VAL C 14 -1.90 -4.14 -24.35
N PRO C 15 -1.79 -3.04 -23.63
CA PRO C 15 -0.46 -2.39 -23.42
C PRO C 15 0.44 -3.25 -22.53
N GLN C 16 -0.14 -4.12 -21.72
CA GLN C 16 0.63 -5.04 -20.80
C GLN C 16 2.00 -4.45 -20.37
N VAL C 17 2.00 -3.40 -19.57
CA VAL C 17 3.30 -2.77 -19.16
C VAL C 17 3.47 -2.82 -17.64
N ALA C 18 4.64 -3.17 -17.20
CA ALA C 18 4.93 -3.17 -15.73
C ALA C 18 6.24 -2.42 -15.56
N PHE C 19 6.52 -1.83 -14.42
CA PHE C 19 7.82 -1.10 -14.28
C PHE C 19 8.15 -0.97 -12.79
N SER C 20 9.35 -1.32 -12.42
CA SER C 20 9.77 -1.25 -10.99
C SER C 20 11.25 -1.62 -10.90
N ALA C 21 12.05 -0.87 -10.19
CA ALA C 21 13.50 -1.22 -10.08
C ALA C 21 13.93 -1.10 -8.61
N ALA C 22 15.01 -1.76 -8.26
CA ALA C 22 15.47 -1.71 -6.84
C ALA C 22 16.89 -1.16 -6.72
N LEU C 23 17.14 -0.37 -5.71
CA LEU C 23 18.49 0.20 -5.51
C LEU C 23 19.17 -0.50 -4.32
N SER C 24 20.41 -0.89 -4.49
CA SER C 24 21.14 -1.57 -3.37
C SER C 24 22.65 -1.33 -3.48
N LEU C 25 23.09 -0.36 -4.27
CA LEU C 25 24.57 -0.06 -4.43
C LEU C 25 25.37 -0.28 -3.11
N PRO C 26 26.66 -0.49 -3.25
CA PRO C 26 27.53 -0.77 -2.07
C PRO C 26 27.58 0.36 -1.03
N ARG C 27 28.50 1.30 -1.15
CA ARG C 27 28.60 2.37 -0.12
C ARG C 27 28.66 3.79 -0.76
N SER C 28 29.45 4.69 -0.19
CA SER C 28 29.56 6.10 -0.71
C SER C 28 29.45 6.18 -2.24
N GLU C 29 28.46 6.87 -2.74
CA GLU C 29 28.32 7.03 -4.21
C GLU C 29 28.81 8.44 -4.58
N PRO C 30 29.15 8.64 -5.83
CA PRO C 30 29.64 9.98 -6.27
C PRO C 30 28.49 11.00 -6.27
N GLY C 31 27.26 10.56 -6.21
CA GLY C 31 26.12 11.51 -6.20
C GLY C 31 24.80 10.74 -6.04
N THR C 32 23.81 11.06 -6.82
CA THR C 32 22.50 10.36 -6.69
C THR C 32 22.60 8.91 -7.16
N VAL C 33 21.70 8.07 -6.72
CA VAL C 33 21.80 6.61 -7.05
C VAL C 33 20.97 6.21 -8.28
N PRO C 34 21.56 5.36 -9.11
CA PRO C 34 20.84 4.84 -10.29
C PRO C 34 20.08 3.57 -9.89
N PHE C 35 19.84 2.63 -10.77
CA PHE C 35 19.11 1.39 -10.36
C PHE C 35 19.61 0.19 -11.18
N ASP C 36 20.11 -0.84 -10.53
CA ASP C 36 20.62 -2.01 -11.30
C ASP C 36 19.76 -3.26 -11.09
N ARG C 37 18.75 -3.21 -10.25
CA ARG C 37 17.89 -4.41 -10.03
C ARG C 37 16.72 -4.42 -10.99
N VAL C 38 16.86 -4.96 -12.17
CA VAL C 38 15.72 -4.98 -13.13
C VAL C 38 14.69 -6.04 -12.69
N LEU C 39 13.67 -5.63 -12.00
CA LEU C 39 12.65 -6.60 -11.52
C LEU C 39 11.59 -6.84 -12.60
N LEU C 40 11.09 -5.78 -13.22
CA LEU C 40 10.08 -5.95 -14.30
C LEU C 40 9.81 -4.58 -14.93
N ASN C 41 10.36 -4.34 -16.10
CA ASN C 41 10.17 -3.02 -16.79
C ASN C 41 10.96 -3.02 -18.10
N ASP C 42 10.41 -3.57 -19.15
CA ASP C 42 11.16 -3.61 -20.44
C ASP C 42 11.36 -2.20 -21.01
N GLY C 43 10.34 -1.39 -21.04
CA GLY C 43 10.46 -0.01 -21.61
C GLY C 43 11.22 0.92 -20.67
N GLY C 44 11.23 0.68 -19.38
CA GLY C 44 11.93 1.61 -18.44
C GLY C 44 11.01 2.81 -18.17
N TYR C 45 10.68 3.53 -19.22
CA TYR C 45 9.73 4.70 -19.12
C TYR C 45 10.21 5.84 -18.21
N TYR C 46 10.33 5.61 -16.92
CA TYR C 46 10.72 6.75 -16.02
C TYR C 46 12.12 6.63 -15.38
N ASP C 47 13.03 7.45 -15.83
CA ASP C 47 14.42 7.42 -15.28
C ASP C 47 14.42 7.83 -13.79
N PRO C 48 14.88 6.93 -12.92
CA PRO C 48 14.93 7.23 -11.45
C PRO C 48 16.10 8.17 -11.09
N GLU C 49 16.88 8.61 -12.05
CA GLU C 49 18.00 9.55 -11.72
C GLU C 49 17.35 10.91 -11.46
N THR C 50 16.79 11.47 -12.48
CA THR C 50 16.08 12.78 -12.32
C THR C 50 14.59 12.53 -12.15
N GLY C 51 14.10 11.34 -12.46
CA GLY C 51 12.64 11.06 -12.28
C GLY C 51 11.86 11.52 -13.51
N VAL C 52 12.50 11.60 -14.64
CA VAL C 52 11.76 12.06 -15.85
C VAL C 52 10.80 10.94 -16.27
N PHE C 53 9.62 10.97 -15.72
CA PHE C 53 8.61 9.89 -15.98
C PHE C 53 7.71 10.23 -17.17
N THR C 54 7.95 9.62 -18.31
CA THR C 54 7.06 9.87 -19.49
C THR C 54 6.04 8.74 -19.54
N ALA C 55 4.83 8.99 -19.08
CA ALA C 55 3.80 7.91 -19.03
C ALA C 55 2.80 7.94 -20.20
N PRO C 56 2.94 7.01 -21.14
CA PRO C 56 1.98 6.89 -22.25
C PRO C 56 0.82 5.98 -21.81
N LEU C 57 0.98 5.27 -20.71
CA LEU C 57 -0.07 4.31 -20.22
C LEU C 57 -1.51 4.80 -20.42
N ALA C 58 -1.82 6.02 -20.02
CA ALA C 58 -3.22 6.54 -20.19
C ALA C 58 -4.24 5.57 -19.60
N GLY C 59 -4.67 5.80 -18.40
CA GLY C 59 -5.64 4.91 -17.73
C GLY C 59 -5.48 5.11 -16.23
N ARG C 60 -5.71 4.08 -15.48
CA ARG C 60 -5.52 4.17 -14.00
C ARG C 60 -4.28 3.36 -13.63
N TYR C 61 -3.35 3.92 -12.89
CA TYR C 61 -2.11 3.16 -12.54
C TYR C 61 -1.85 3.25 -11.03
N LEU C 62 -1.30 2.20 -10.46
CA LEU C 62 -1.01 2.20 -8.99
C LEU C 62 0.47 2.55 -8.77
N LEU C 63 0.72 3.66 -8.12
CA LEU C 63 2.13 4.08 -7.87
C LEU C 63 2.48 3.95 -6.38
N SER C 64 3.71 3.62 -6.09
CA SER C 64 4.14 3.46 -4.67
C SER C 64 5.61 3.87 -4.49
N ALA C 65 5.85 4.93 -3.77
CA ALA C 65 7.25 5.38 -3.53
C ALA C 65 7.64 5.05 -2.09
N VAL C 66 8.89 4.74 -1.84
CA VAL C 66 9.30 4.40 -0.45
C VAL C 66 9.85 5.64 0.28
N LEU C 67 9.23 6.03 1.37
CA LEU C 67 9.65 7.28 2.07
C LEU C 67 10.66 7.06 3.20
N THR C 68 11.88 7.49 3.00
CA THR C 68 12.91 7.38 4.08
C THR C 68 12.44 8.24 5.25
N GLY C 69 12.59 7.77 6.46
CA GLY C 69 12.15 8.55 7.65
C GLY C 69 12.92 9.87 7.73
N HIS C 70 14.21 9.83 7.96
CA HIS C 70 15.02 11.08 8.05
C HIS C 70 14.33 12.13 8.95
N ARG C 71 14.21 11.84 10.23
CA ARG C 71 13.54 12.78 11.16
C ARG C 71 14.34 14.08 11.36
N HIS C 72 15.54 14.16 10.83
CA HIS C 72 16.37 15.41 10.99
C HIS C 72 15.71 16.68 10.41
N GLU C 73 14.46 16.64 9.91
CA GLU C 73 13.75 17.87 9.34
C GLU C 73 13.96 18.00 7.82
N LYS C 74 13.67 19.18 7.28
CA LYS C 74 13.74 19.46 5.79
C LYS C 74 12.40 19.08 5.17
N VAL C 75 12.07 19.58 4.00
CA VAL C 75 10.75 19.23 3.38
C VAL C 75 10.93 18.59 2.01
N GLU C 76 10.54 17.35 1.89
CA GLU C 76 10.61 16.66 0.56
C GLU C 76 9.19 16.68 -0.03
N ALA C 77 9.07 17.04 -1.27
CA ALA C 77 7.75 17.07 -1.98
C ALA C 77 8.04 16.96 -3.47
N VAL C 78 7.50 15.93 -4.09
CA VAL C 78 7.72 15.75 -5.56
C VAL C 78 6.84 16.72 -6.38
N LEU C 79 7.42 17.41 -7.34
CA LEU C 79 6.60 18.33 -8.19
C LEU C 79 5.63 17.49 -9.01
N SER C 80 4.53 18.05 -9.43
CA SER C 80 3.57 17.30 -10.29
C SER C 80 3.29 18.12 -11.55
N ARG C 81 3.35 17.55 -12.71
CA ARG C 81 3.08 18.37 -13.96
C ARG C 81 1.64 18.90 -13.97
N SER C 82 1.42 19.98 -14.70
CA SER C 82 0.06 20.65 -14.84
C SER C 82 -0.22 21.63 -13.67
N ASN C 83 0.27 21.35 -12.49
CA ASN C 83 0.00 22.27 -11.34
C ASN C 83 1.31 22.76 -10.69
N GLN C 84 2.42 22.07 -10.85
CA GLN C 84 3.67 22.48 -10.09
C GLN C 84 3.37 22.22 -8.60
N GLY C 85 4.30 22.19 -7.65
CA GLY C 85 3.87 21.86 -6.24
C GLY C 85 3.12 20.52 -6.29
N VAL C 86 1.89 20.46 -5.82
CA VAL C 86 1.13 19.16 -5.81
C VAL C 86 2.00 18.07 -5.18
N ALA C 87 1.85 17.84 -3.90
CA ALA C 87 2.68 16.79 -3.23
C ALA C 87 1.95 15.45 -3.22
N ARG C 88 2.18 14.61 -4.19
CA ARG C 88 1.55 13.25 -4.14
C ARG C 88 2.44 12.40 -3.23
N VAL C 89 3.73 12.54 -3.39
CA VAL C 89 4.69 11.85 -2.49
C VAL C 89 5.14 12.91 -1.47
N ASP C 90 4.29 13.17 -0.51
CA ASP C 90 4.59 14.25 0.50
C ASP C 90 5.33 13.69 1.72
N SER C 91 6.34 14.39 2.14
CA SER C 91 7.12 13.98 3.34
C SER C 91 7.60 15.25 4.05
N GLY C 92 6.99 15.60 5.14
CA GLY C 92 7.40 16.82 5.89
C GLY C 92 8.04 16.39 7.20
N GLY C 93 9.33 16.19 7.19
CA GLY C 93 10.02 15.77 8.44
C GLY C 93 10.36 17.00 9.27
N THR C 113 -6.39 24.59 -4.74
CA THR C 113 -5.72 24.29 -6.03
C THR C 113 -4.57 23.29 -5.82
N LEU C 114 -4.01 23.27 -4.63
CA LEU C 114 -2.88 22.32 -4.35
C LEU C 114 -3.30 21.29 -3.29
N GLY C 115 -3.11 20.03 -3.57
CA GLY C 115 -3.49 18.97 -2.59
C GLY C 115 -2.59 17.75 -2.79
N VAL C 116 -2.67 16.80 -1.89
CA VAL C 116 -1.80 15.58 -2.01
C VAL C 116 -2.66 14.32 -2.20
N PHE C 117 -2.25 13.45 -3.09
CA PHE C 117 -3.02 12.19 -3.32
C PHE C 117 -2.05 11.00 -3.37
N SER C 118 -2.48 9.84 -2.94
CA SER C 118 -1.56 8.66 -2.94
C SER C 118 -2.07 7.53 -3.84
N LEU C 119 -3.28 7.05 -3.61
CA LEU C 119 -3.81 5.92 -4.43
C LEU C 119 -3.97 6.32 -5.91
N ILE C 120 -4.99 7.06 -6.25
CA ILE C 120 -5.29 7.46 -7.69
C ILE C 120 -4.08 8.02 -8.46
N LEU C 121 -4.30 8.90 -9.44
CA LEU C 121 -3.16 9.51 -10.25
C LEU C 121 -3.68 10.28 -11.48
N PRO C 122 -3.94 11.57 -11.33
CA PRO C 122 -4.39 12.38 -12.48
C PRO C 122 -3.19 12.73 -13.35
N LEU C 123 -2.91 11.97 -14.39
CA LEU C 123 -1.73 12.27 -15.25
C LEU C 123 -2.15 12.39 -16.73
N GLN C 124 -1.58 13.35 -17.42
CA GLN C 124 -1.93 13.56 -18.87
C GLN C 124 -1.15 12.59 -19.76
N ALA C 125 -1.59 12.20 -20.94
CA ALA C 125 -0.76 11.24 -21.74
C ALA C 125 0.56 11.90 -22.21
N GLY C 126 1.68 11.36 -21.78
CA GLY C 126 3.01 11.91 -22.21
C GLY C 126 3.57 12.91 -21.18
N ASP C 127 2.73 13.43 -20.30
CA ASP C 127 3.23 14.42 -19.28
C ASP C 127 4.45 13.85 -18.52
N THR C 128 5.12 14.66 -17.73
CA THR C 128 6.33 14.15 -17.00
C THR C 128 6.35 14.61 -15.55
N VAL C 129 6.67 13.71 -14.63
CA VAL C 129 6.71 14.11 -13.18
C VAL C 129 8.16 14.35 -12.73
N CYS C 130 8.35 15.30 -11.85
CA CYS C 130 9.73 15.62 -11.36
C CYS C 130 9.73 15.85 -9.86
N VAL C 131 10.80 15.51 -9.18
CA VAL C 131 10.86 15.69 -7.70
C VAL C 131 11.60 16.97 -7.34
N ASP C 132 11.06 17.71 -6.40
CA ASP C 132 11.77 18.91 -5.86
C ASP C 132 12.49 18.38 -4.62
N LEU C 133 13.77 18.61 -4.56
CA LEU C 133 14.58 18.20 -3.38
C LEU C 133 15.41 19.41 -2.93
N VAL C 134 14.75 20.47 -2.54
CA VAL C 134 15.44 21.71 -2.07
C VAL C 134 14.46 22.50 -1.20
N MET C 135 14.53 22.38 0.10
CA MET C 135 13.60 23.17 0.98
C MET C 135 14.37 23.59 2.23
N GLY C 136 15.44 24.32 2.03
CA GLY C 136 16.31 24.77 3.16
C GLY C 136 17.75 24.52 2.74
N GLN C 137 18.57 25.53 2.67
CA GLN C 137 19.99 25.32 2.26
C GLN C 137 20.83 24.86 3.45
N LEU C 138 20.87 25.64 4.50
CA LEU C 138 21.67 25.25 5.71
C LEU C 138 21.18 23.90 6.26
N ALA C 139 21.76 22.82 5.79
CA ALA C 139 21.33 21.47 6.27
C ALA C 139 22.53 20.54 6.41
N HIS C 140 22.33 19.25 6.31
CA HIS C 140 23.46 18.29 6.43
C HIS C 140 23.62 17.48 5.13
N SER C 141 24.68 16.73 5.02
CA SER C 141 24.90 15.92 3.79
C SER C 141 24.52 14.46 4.03
N GLU C 142 23.72 13.88 3.17
CA GLU C 142 23.30 12.46 3.37
C GLU C 142 22.89 11.84 2.04
N GLU C 143 22.99 10.54 1.93
CA GLU C 143 22.60 9.84 0.66
C GLU C 143 21.84 8.55 0.99
N PRO C 144 20.55 8.66 1.16
CA PRO C 144 19.72 7.48 1.50
C PRO C 144 19.53 6.56 0.28
N LEU C 145 18.65 5.61 0.41
CA LEU C 145 18.33 4.68 -0.71
C LEU C 145 16.82 4.70 -0.92
N THR C 146 16.33 4.39 -2.09
CA THR C 146 14.85 4.43 -2.30
C THR C 146 14.41 3.41 -3.36
N ILE C 147 13.28 2.78 -3.14
CA ILE C 147 12.76 1.78 -4.12
C ILE C 147 11.58 2.39 -4.87
N PHE C 148 11.60 2.32 -6.18
CA PHE C 148 10.48 2.93 -6.97
C PHE C 148 9.74 1.89 -7.80
N SER C 149 8.63 1.39 -7.31
CA SER C 149 7.83 0.39 -8.07
C SER C 149 6.55 1.05 -8.59
N GLY C 150 5.94 0.53 -9.62
CA GLY C 150 4.68 1.14 -10.17
C GLY C 150 4.14 0.15 -11.20
N ALA C 151 3.01 -0.46 -10.94
CA ALA C 151 2.50 -1.50 -11.89
C ALA C 151 1.23 -1.08 -12.66
N LEU C 152 1.04 -1.55 -13.86
CA LEU C 152 -0.21 -1.15 -14.62
C LEU C 152 -1.42 -1.89 -14.04
N LEU C 153 -2.51 -1.20 -13.85
CA LEU C 153 -3.73 -1.86 -13.29
C LEU C 153 -4.78 -2.05 -14.38
N TYR C 154 -5.27 -0.97 -14.95
CA TYR C 154 -6.29 -1.05 -16.04
C TYR C 154 -6.01 0.09 -17.03
N GLY C 155 -6.26 -0.09 -18.30
CA GLY C 155 -6.02 1.02 -19.28
C GLY C 155 -7.38 1.48 -19.80
N ASP C 156 -7.45 2.64 -20.41
CA ASP C 156 -8.76 3.13 -20.96
C ASP C 156 -9.08 2.36 -22.26
N PRO C 157 -10.10 1.53 -22.25
CA PRO C 157 -10.45 0.76 -23.45
C PRO C 157 -11.47 1.49 -24.32
N GLU C 158 -11.04 2.55 -24.97
CA GLU C 158 -11.95 3.40 -25.82
C GLU C 158 -12.95 4.11 -24.90
N LEU C 159 -13.91 3.37 -24.39
CA LEU C 159 -14.94 3.97 -23.47
C LEU C 159 -15.58 5.22 -24.09
N GLU C 160 -15.52 5.41 -25.39
CA GLU C 160 -16.14 6.61 -26.01
C GLU C 160 -17.58 6.30 -26.41
N HIS C 161 -18.41 7.30 -26.54
CA HIS C 161 -19.84 7.08 -26.93
C HIS C 161 -20.36 8.25 -27.75
N ALA C 162 -20.23 8.21 -29.07
CA ALA C 162 -20.73 9.33 -29.92
C ALA C 162 -22.19 9.66 -29.58
#